data_9UEA
#
_entry.id   9UEA
#
_cell.length_a   1.00
_cell.length_b   1.00
_cell.length_c   1.00
_cell.angle_alpha   90.00
_cell.angle_beta   90.00
_cell.angle_gamma   90.00
#
_symmetry.space_group_name_H-M   'P 1'
#
loop_
_entity.id
_entity.type
_entity.pdbx_description
1 polymer 'Spike glycoprotein'
2 branched 2-acetamido-2-deoxy-beta-D-glucopyranose-(1-4)-2-acetamido-2-deoxy-beta-D-glucopyranose
3 branched alpha-L-fucopyranose-(1-6)-2-acetamido-2-deoxy-beta-D-glucopyranose-(1-4)-2-acetamido-2-deoxy-beta-D-glucopyranose
4 branched 2-acetamido-2-deoxy-beta-D-glucopyranose-(1-4)-2-acetamido-2-deoxy-beta-D-glucopyranose-(1-4)-2-acetamido-2-deoxy-beta-D-glucopyranose
5 non-polymer 2-acetamido-2-deoxy-beta-D-glucopyranose
#
_entity_poly.entity_id   1
_entity_poly.type   'polypeptide(L)'
_entity_poly.pdbx_seq_one_letter_code
;QFVDMSPASNNSECLDSQVDAAAFSKLMRPYPIDPAKVDGIIYPLGRTYSNITLAYTGLFPLQGDLGTQYLYSASHAVGN
DGDPTKAYISNYSLLVNDFDNGFVVRVGAAANSTGTIVISPSVQTKIKKAYPAFILGSSLTNTSAGQPLYANYSLTIIPD
GCGTVLHAFYCILKPRTGNRCPGGSGYNAYFIYETIHNDCNSAINKNASLNSFKSFFDLVNCTFFNSWDITADEVKEWFG
ITQDTQGVHLYSSRKGDLYGGNMFRFATLPVYEGIKYYTVIPRSFRSKANRREAWAAFYVYKLHQLTYLLDFSVDGYIRR
TIDCGHDDLSQLHCSYTSFEVDTGVYSVSSYEASAIGTFIEQPNATECDFSPMFKGVAPQVYNFKRLVFSNCNYNLTKLL
SLFAVDEFSCNGISPDAIARGCYSTLTVDYFAYPLSMKSYIRPGSAGNIPLYNYKQSFAHPTCRVLASVPPNVTITKPEA
YGYISKCSRLTGDYQHIETPLYINPGEYSICRDFAPLGFSEDGQVFKRTLTQFEGGGLLIGVGTRVPMTANLEMGFVISV
QYGAGTDSVCPMLDLGESSTITNRLGKCVDYSLYGVTGRGVFQNCTAVGVKQQRFVYDSFDNLVGYYSDDGNYYCVRPCV
SVPVSVIYDKSTNLHATLFGSVACEHVTTMMSQFSRLTQSNLRRRDSNAPLQTAVGCVIGLSNNSLVVSECKLPLGQSLC
AVPSVSLFRSYSASQFQLAVLNYTSPIVLTPINSSGFTAAIPTNFSFSVTQEYIETSIQKVTVDCKQYVCNGFTRCEKLL
VEYGQFCSKINQALHGANLRQDESVYSLYSNIKTTSTQTLEYGLNGDFNLTLLQVPQIGGSPSGYRSAIEDLLFDKVTIA
DPGYMQGYDDCMKQGPQSARDLICAQYVSGYKVLPPLYDPNMEAAYTSSLLGSIAGAGWTAGLSSFAAIPFAQSMFYRLN
GVGITQQVLSENQKLIANKFNQALGAMQTGFTTSNQAFSKVQDAVNANAQALSKLASELSNTFGAISSSISDILARLDTA
EQDAQIDRLINGRLTSLNAFVSQQLVRSETAARSAQLASDKVNECVKSQSKRNGFCGSGTHIVSFVVNAPNGFYFFHVGY
VPTNYTNVTAAYGLCNNNNPPLCIAPIDGYFITNQTTTYSVDTEWYYTGSSFFKPEPITQANSRYVSSDVKFEKLENNLP
PPLLE
;
_entity_poly.pdbx_strand_id   A,B,C
#
loop_
_chem_comp.id
_chem_comp.type
_chem_comp.name
_chem_comp.formula
FUC L-saccharide, alpha linking alpha-L-fucopyranose 'C6 H12 O5'
NAG D-saccharide, beta linking 2-acetamido-2-deoxy-beta-D-glucopyranose 'C8 H15 N O6'
#
# COMPACT_ATOMS: atom_id res chain seq x y z
CA GLN A 1 -52.68 -3.17 31.20
C GLN A 1 -52.45 -1.74 30.72
N PHE A 2 -53.44 -0.88 30.95
CA PHE A 2 -53.40 0.50 30.49
C PHE A 2 -53.55 1.43 31.68
N VAL A 3 -52.96 2.62 31.56
CA VAL A 3 -53.11 3.63 32.61
C VAL A 3 -54.56 4.09 32.68
N ASP A 4 -55.02 4.38 33.89
CA ASP A 4 -56.42 4.73 34.11
C ASP A 4 -56.59 6.25 34.14
N MET A 5 -57.57 6.74 33.39
CA MET A 5 -57.97 8.15 33.42
C MET A 5 -59.42 8.17 33.90
N SER A 6 -59.59 8.20 35.22
CA SER A 6 -60.91 8.04 35.82
C SER A 6 -61.78 9.29 35.73
N PRO A 7 -61.26 10.50 35.99
CA PRO A 7 -62.20 11.65 35.96
C PRO A 7 -62.53 12.09 34.54
N ALA A 8 -63.27 11.25 33.81
CA ALA A 8 -63.70 11.60 32.46
C ALA A 8 -64.65 12.79 32.52
N SER A 9 -64.43 13.75 31.63
CA SER A 9 -65.24 14.97 31.63
C SER A 9 -66.67 14.65 31.25
N ASN A 10 -67.62 15.18 32.03
CA ASN A 10 -69.04 14.97 31.81
C ASN A 10 -69.72 16.18 31.18
N ASN A 11 -68.94 17.14 30.68
CA ASN A 11 -69.52 18.35 30.10
C ASN A 11 -70.39 18.02 28.90
N SER A 12 -71.57 18.65 28.83
CA SER A 12 -72.49 18.36 27.76
C SER A 12 -71.99 18.89 26.41
N GLU A 13 -71.50 20.12 26.40
CA GLU A 13 -71.00 20.73 25.17
C GLU A 13 -69.64 21.38 25.43
N CYS A 14 -68.84 21.44 24.38
CA CYS A 14 -67.52 22.05 24.48
C CYS A 14 -67.63 23.58 24.51
N LEU A 15 -66.55 24.22 24.92
CA LEU A 15 -66.54 25.67 25.02
C LEU A 15 -66.55 26.32 23.64
N ASP A 16 -67.11 27.52 23.57
CA ASP A 16 -67.24 28.26 22.33
C ASP A 16 -66.07 29.23 22.15
N SER A 17 -65.69 29.45 20.89
CA SER A 17 -64.52 30.25 20.59
C SER A 17 -64.66 30.87 19.21
N GLN A 18 -63.81 31.86 18.94
CA GLN A 18 -63.77 32.57 17.67
C GLN A 18 -62.43 32.32 17.00
N VAL A 19 -62.47 31.96 15.72
CA VAL A 19 -61.26 31.69 14.94
C VAL A 19 -61.07 32.85 13.96
N ASP A 20 -60.03 33.64 14.17
CA ASP A 20 -59.66 34.74 13.27
C ASP A 20 -58.18 34.59 12.98
N ALA A 21 -57.86 33.80 11.96
CA ALA A 21 -56.46 33.50 11.66
C ALA A 21 -55.74 34.72 11.08
N ALA A 22 -56.44 35.53 10.29
CA ALA A 22 -55.80 36.65 9.62
C ALA A 22 -55.24 37.66 10.62
N ALA A 23 -55.98 37.91 11.72
CA ALA A 23 -55.48 38.82 12.74
C ALA A 23 -54.21 38.28 13.38
N PHE A 24 -54.15 36.98 13.62
CA PHE A 24 -52.96 36.38 14.22
C PHE A 24 -51.77 36.45 13.27
N SER A 25 -52.00 36.19 11.98
CA SER A 25 -50.90 36.10 11.04
C SER A 25 -50.19 37.43 10.85
N LYS A 26 -50.95 38.53 10.83
CA LYS A 26 -50.35 39.82 10.49
C LYS A 26 -49.31 40.27 11.51
N LEU A 27 -49.35 39.73 12.73
CA LEU A 27 -48.32 39.99 13.73
C LEU A 27 -47.13 39.07 13.49
N MET A 28 -46.47 39.28 12.36
CA MET A 28 -45.33 38.46 11.95
C MET A 28 -44.06 39.26 12.11
N ARG A 29 -43.13 38.74 12.90
CA ARG A 29 -41.84 39.40 13.13
C ARG A 29 -40.73 38.37 13.01
N PRO A 30 -39.95 38.40 11.94
CA PRO A 30 -38.99 37.31 11.68
C PRO A 30 -37.88 37.26 12.72
N TYR A 31 -37.38 36.05 12.97
CA TYR A 31 -36.29 35.85 13.93
C TYR A 31 -35.62 34.53 13.57
N PRO A 32 -34.61 34.57 12.71
CA PRO A 32 -34.11 33.34 12.08
C PRO A 32 -32.97 32.67 12.84
N ILE A 33 -32.59 31.49 12.34
CA ILE A 33 -31.56 30.68 12.98
C ILE A 33 -30.19 31.30 12.70
N ASP A 34 -29.40 31.50 13.75
CA ASP A 34 -28.07 32.10 13.64
C ASP A 34 -27.05 31.23 14.37
N PRO A 35 -26.22 30.46 13.65
CA PRO A 35 -25.21 29.63 14.33
C PRO A 35 -24.20 30.42 15.14
N ALA A 36 -23.97 31.70 14.82
CA ALA A 36 -23.02 32.48 15.60
C ALA A 36 -23.44 32.58 17.06
N LYS A 37 -24.73 32.81 17.30
CA LYS A 37 -25.32 32.72 18.64
C LYS A 37 -26.00 31.36 18.69
N VAL A 38 -25.35 30.40 19.36
CA VAL A 38 -25.71 28.99 19.24
C VAL A 38 -27.21 28.77 19.42
N ASP A 39 -27.86 28.25 18.38
CA ASP A 39 -29.32 28.21 18.30
C ASP A 39 -29.76 26.83 17.82
N GLY A 40 -30.59 26.17 18.61
CA GLY A 40 -31.17 24.90 18.19
C GLY A 40 -30.16 23.79 18.01
N ILE A 41 -29.20 23.67 18.93
CA ILE A 41 -28.16 22.66 18.83
C ILE A 41 -28.37 21.63 19.92
N ILE A 42 -28.47 20.36 19.53
CA ILE A 42 -28.65 19.26 20.46
C ILE A 42 -27.26 18.74 20.83
N TYR A 43 -26.97 18.70 22.12
CA TYR A 43 -25.65 18.31 22.57
C TYR A 43 -25.41 16.84 22.22
N PRO A 44 -24.18 16.46 21.89
CA PRO A 44 -23.90 15.06 21.55
C PRO A 44 -24.28 14.12 22.69
N LEU A 45 -24.78 12.95 22.32
CA LEU A 45 -25.42 12.04 23.27
C LEU A 45 -24.40 11.11 23.91
N GLY A 46 -24.42 11.04 25.23
CA GLY A 46 -23.61 10.11 25.97
C GLY A 46 -22.19 10.53 26.23
N ARG A 47 -21.71 11.60 25.60
CA ARG A 47 -20.33 12.01 25.73
C ARG A 47 -20.25 13.53 25.76
N THR A 48 -19.13 14.04 26.27
CA THR A 48 -18.86 15.46 26.34
C THR A 48 -17.43 15.73 25.90
N TYR A 49 -17.14 16.98 25.62
CA TYR A 49 -15.81 17.40 25.18
C TYR A 49 -15.41 18.65 25.96
N SER A 50 -14.16 19.06 25.79
CA SER A 50 -13.66 20.24 26.48
C SER A 50 -12.61 20.95 25.63
N ASN A 51 -12.84 22.24 25.38
CA ASN A 51 -11.83 23.11 24.76
C ASN A 51 -11.37 22.60 23.40
N ILE A 52 -12.29 22.10 22.59
CA ILE A 52 -11.90 21.57 21.28
C ILE A 52 -12.99 21.89 20.27
N THR A 53 -12.60 21.92 19.00
CA THR A 53 -13.53 22.13 17.89
C THR A 53 -13.59 20.86 17.05
N LEU A 54 -14.80 20.42 16.73
CA LEU A 54 -14.95 19.20 15.94
C LEU A 54 -16.19 19.28 15.07
N ALA A 55 -16.17 18.51 13.98
CA ALA A 55 -17.28 18.47 13.04
C ALA A 55 -18.19 17.30 13.38
N TYR A 56 -19.47 17.60 13.58
CA TYR A 56 -20.46 16.62 14.02
C TYR A 56 -21.57 16.54 12.99
N THR A 57 -21.89 15.32 12.56
CA THR A 57 -23.00 15.07 11.66
C THR A 57 -24.20 14.59 12.47
N GLY A 58 -25.34 15.21 12.26
CA GLY A 58 -26.53 14.85 13.00
C GLY A 58 -27.76 15.56 12.48
N LEU A 59 -28.69 15.89 13.37
CA LEU A 59 -29.91 16.59 13.01
C LEU A 59 -29.80 18.01 13.54
N PHE A 60 -29.74 18.97 12.63
CA PHE A 60 -29.55 20.37 12.96
C PHE A 60 -30.46 21.22 12.09
N PRO A 61 -30.88 22.38 12.56
CA PRO A 61 -31.70 23.26 11.74
C PRO A 61 -30.85 24.04 10.74
N LEU A 62 -31.48 24.37 9.62
CA LEU A 62 -30.78 25.11 8.57
C LEU A 62 -30.49 26.53 9.02
N GLN A 63 -29.34 27.05 8.58
CA GLN A 63 -29.04 28.44 8.85
C GLN A 63 -29.85 29.36 7.94
N GLY A 64 -30.30 30.48 8.51
CA GLY A 64 -31.15 31.40 7.80
C GLY A 64 -32.60 30.99 7.74
N ASP A 65 -32.92 29.77 8.18
CA ASP A 65 -34.31 29.35 8.25
C ASP A 65 -35.10 30.25 9.18
N LEU A 66 -36.30 30.61 8.74
CA LEU A 66 -37.20 31.39 9.58
C LEU A 66 -38.17 30.50 10.36
N GLY A 67 -38.34 29.25 9.94
CA GLY A 67 -39.27 28.37 10.61
C GLY A 67 -40.71 28.84 10.43
N THR A 68 -41.53 28.53 11.42
CA THR A 68 -42.90 29.01 11.44
C THR A 68 -43.17 29.61 12.81
N GLN A 69 -43.79 30.79 12.83
CA GLN A 69 -44.10 31.50 14.06
C GLN A 69 -45.53 31.19 14.47
N TYR A 70 -45.71 30.82 15.73
CA TYR A 70 -47.00 30.46 16.29
C TYR A 70 -47.30 31.39 17.45
N LEU A 71 -48.56 31.77 17.60
CA LEU A 71 -48.96 32.80 18.54
C LEU A 71 -50.10 32.31 19.42
N TYR A 72 -50.08 32.72 20.69
CA TYR A 72 -51.13 32.40 21.64
C TYR A 72 -51.72 33.70 22.17
N SER A 73 -53.05 33.76 22.24
CA SER A 73 -53.74 34.99 22.61
C SER A 73 -54.72 34.74 23.74
N ALA A 74 -55.07 35.82 24.43
CA ALA A 74 -56.03 35.78 25.52
C ALA A 74 -57.45 35.68 24.96
N SER A 75 -58.45 35.75 25.83
CA SER A 75 -59.84 35.54 25.45
C SER A 75 -60.66 36.80 25.71
N HIS A 76 -61.81 36.87 25.05
CA HIS A 76 -62.72 37.98 25.23
C HIS A 76 -63.29 38.00 26.65
N ALA A 77 -63.71 39.18 27.08
CA ALA A 77 -64.36 39.35 28.37
C ALA A 77 -65.49 40.34 28.24
N VAL A 78 -66.65 40.00 28.80
CA VAL A 78 -67.78 40.91 28.85
C VAL A 78 -67.61 41.77 30.11
N GLY A 79 -67.39 43.07 29.90
CA GLY A 79 -67.18 43.98 31.01
C GLY A 79 -65.72 44.08 31.40
N ASN A 80 -65.40 45.19 32.08
CA ASN A 80 -64.02 45.42 32.51
C ASN A 80 -63.58 44.37 33.51
N ASP A 81 -64.42 44.10 34.52
CA ASP A 81 -64.11 43.11 35.54
C ASP A 81 -64.97 41.85 35.41
N GLY A 82 -65.75 41.72 34.34
CA GLY A 82 -66.69 40.64 34.20
C GLY A 82 -66.02 39.32 33.83
N ASP A 83 -66.85 38.29 33.75
CA ASP A 83 -66.36 36.96 33.42
C ASP A 83 -65.85 36.92 31.98
N PRO A 84 -64.77 36.17 31.72
CA PRO A 84 -64.25 36.09 30.36
C PRO A 84 -65.26 35.44 29.40
N THR A 85 -65.24 35.92 28.16
CA THR A 85 -66.16 35.49 27.12
C THR A 85 -65.50 34.35 26.33
N LYS A 86 -66.01 34.03 25.15
CA LYS A 86 -65.49 32.99 24.28
C LYS A 86 -63.99 33.12 24.04
N ALA A 87 -63.34 32.02 23.68
CA ALA A 87 -61.91 32.03 23.45
C ALA A 87 -61.59 32.65 22.09
N TYR A 88 -60.35 33.14 21.97
CA TYR A 88 -59.86 33.75 20.74
C TYR A 88 -58.58 33.02 20.33
N ILE A 89 -58.65 32.26 19.24
CA ILE A 89 -57.56 31.40 18.81
C ILE A 89 -57.39 31.54 17.30
N SER A 90 -56.35 30.88 16.79
CA SER A 90 -56.09 30.78 15.36
C SER A 90 -56.50 29.39 14.87
N ASN A 91 -56.31 29.14 13.57
CA ASN A 91 -56.72 27.88 12.99
C ASN A 91 -55.64 26.80 13.05
N TYR A 92 -54.74 26.88 14.02
CA TYR A 92 -53.67 25.89 14.15
C TYR A 92 -54.21 24.46 14.15
N SER A 93 -55.31 24.23 14.86
CA SER A 93 -55.87 22.89 14.98
C SER A 93 -56.32 22.31 13.65
N LEU A 94 -56.54 23.16 12.64
CA LEU A 94 -57.04 22.72 11.34
C LEU A 94 -55.92 22.45 10.35
N LEU A 95 -54.67 22.54 10.78
CA LEU A 95 -53.51 22.38 9.91
C LEU A 95 -52.65 21.24 10.42
N VAL A 96 -52.14 20.44 9.50
CA VAL A 96 -51.31 19.29 9.82
C VAL A 96 -49.99 19.43 9.08
N ASN A 97 -48.89 19.47 9.83
CA ASN A 97 -47.55 19.60 9.28
C ASN A 97 -46.84 18.25 9.29
N ASP A 98 -45.60 18.24 8.82
CA ASP A 98 -44.83 17.01 8.67
C ASP A 98 -43.69 16.96 9.68
N PHE A 99 -43.47 15.76 10.23
CA PHE A 99 -42.50 15.53 11.28
C PHE A 99 -41.19 14.92 10.77
N ASP A 100 -40.99 14.89 9.45
CA ASP A 100 -40.09 13.94 8.79
C ASP A 100 -38.86 13.54 9.59
N ASN A 101 -38.09 14.48 10.14
CA ASN A 101 -36.93 14.15 10.96
C ASN A 101 -37.08 14.55 12.41
N GLY A 102 -37.69 15.69 12.67
CA GLY A 102 -37.87 16.19 14.01
C GLY A 102 -38.16 17.68 13.95
N PHE A 103 -38.12 18.32 15.11
CA PHE A 103 -38.21 19.77 15.08
C PHE A 103 -37.74 20.37 16.41
N VAL A 104 -37.26 21.59 16.32
CA VAL A 104 -36.81 22.35 17.48
C VAL A 104 -37.69 23.58 17.61
N VAL A 105 -37.80 24.08 18.84
CA VAL A 105 -38.73 25.16 19.14
C VAL A 105 -38.01 26.20 19.99
N ARG A 106 -38.06 27.45 19.55
CA ARG A 106 -37.62 28.60 20.32
C ARG A 106 -38.80 29.10 21.13
N VAL A 107 -38.65 29.11 22.46
CA VAL A 107 -39.73 29.46 23.39
C VAL A 107 -39.30 30.67 24.20
N GLY A 108 -40.19 31.65 24.30
CA GLY A 108 -39.96 32.80 25.17
C GLY A 108 -38.89 33.75 24.69
N ALA A 109 -38.71 33.87 23.38
CA ALA A 109 -37.67 34.75 22.86
C ALA A 109 -37.98 36.21 23.19
N ALA A 110 -39.24 36.62 23.07
CA ALA A 110 -39.65 38.00 23.30
C ALA A 110 -40.07 38.26 24.74
N ALA A 111 -39.54 37.49 25.69
CA ALA A 111 -39.86 37.71 27.10
C ALA A 111 -39.35 39.07 27.55
N ASN A 112 -40.09 39.68 28.49
CA ASN A 112 -39.76 40.95 29.11
C ASN A 112 -39.96 42.13 28.15
N SER A 113 -40.24 41.84 26.89
CA SER A 113 -40.38 42.89 25.89
C SER A 113 -41.80 43.45 25.92
N THR A 114 -41.92 44.78 25.83
CA THR A 114 -43.23 45.39 25.68
C THR A 114 -43.89 44.89 24.40
N GLY A 115 -45.17 44.54 24.49
CA GLY A 115 -45.87 44.02 23.33
C GLY A 115 -47.33 44.43 23.35
N THR A 116 -48.00 44.11 22.25
CA THR A 116 -49.40 44.46 22.06
C THR A 116 -50.26 43.22 22.25
N ILE A 117 -51.32 43.35 23.06
CA ILE A 117 -52.26 42.24 23.18
C ILE A 117 -52.99 42.06 21.85
N VAL A 118 -53.06 40.82 21.38
CA VAL A 118 -53.60 40.56 20.05
C VAL A 118 -55.08 40.89 19.98
N ILE A 119 -55.83 40.53 21.02
CA ILE A 119 -57.27 40.76 21.01
C ILE A 119 -57.59 42.25 21.08
N SER A 120 -56.78 43.02 21.80
CA SER A 120 -56.95 44.47 21.90
C SER A 120 -55.72 45.15 21.35
N PRO A 121 -55.72 45.58 20.08
CA PRO A 121 -54.49 46.13 19.49
C PRO A 121 -53.94 47.34 20.21
N SER A 122 -54.82 48.19 20.75
CA SER A 122 -54.36 49.41 21.43
C SER A 122 -53.57 49.07 22.69
N VAL A 123 -54.03 48.07 23.45
CA VAL A 123 -53.43 47.79 24.75
C VAL A 123 -52.07 47.14 24.58
N GLN A 124 -51.06 47.71 25.22
CA GLN A 124 -49.72 47.17 25.25
C GLN A 124 -49.32 46.93 26.70
N THR A 125 -48.66 45.80 26.95
CA THR A 125 -48.25 45.43 28.29
C THR A 125 -47.01 44.54 28.21
N LYS A 126 -46.61 44.02 29.36
CA LYS A 126 -45.48 43.10 29.43
C LYS A 126 -45.83 41.77 28.79
N ILE A 127 -44.86 41.17 28.11
CA ILE A 127 -45.02 39.86 27.49
C ILE A 127 -44.42 38.79 28.40
N LYS A 128 -45.08 37.64 28.45
CA LYS A 128 -44.67 36.54 29.30
C LYS A 128 -44.43 35.31 28.43
N LYS A 129 -43.67 34.36 28.97
CA LYS A 129 -43.36 33.15 28.21
C LYS A 129 -44.56 32.22 28.17
N ALA A 130 -44.88 31.71 26.98
CA ALA A 130 -45.98 30.78 26.79
C ALA A 130 -45.45 29.50 26.17
N TYR A 131 -45.63 28.38 26.89
CA TYR A 131 -45.13 27.10 26.41
C TYR A 131 -46.09 26.51 25.37
N PRO A 132 -45.55 25.80 24.38
CA PRO A 132 -46.39 25.22 23.33
C PRO A 132 -47.00 23.90 23.75
N ALA A 133 -47.99 23.46 22.97
CA ALA A 133 -48.63 22.17 23.14
C ALA A 133 -48.75 21.50 21.79
N PHE A 134 -48.40 20.22 21.70
CA PHE A 134 -48.38 19.51 20.44
C PHE A 134 -49.18 18.22 20.51
N ILE A 135 -49.75 17.84 19.38
CA ILE A 135 -50.27 16.50 19.17
C ILE A 135 -49.56 15.91 17.96
N LEU A 136 -48.89 14.79 18.18
CA LEU A 136 -48.14 14.11 17.13
C LEU A 136 -48.80 12.78 16.83
N GLY A 137 -48.80 12.39 15.56
CA GLY A 137 -49.49 11.17 15.20
C GLY A 137 -49.04 10.64 13.85
N SER A 138 -49.54 9.45 13.53
CA SER A 138 -49.22 8.78 12.28
C SER A 138 -50.43 8.43 11.45
N SER A 139 -51.62 8.33 12.05
CA SER A 139 -52.85 8.01 11.32
C SER A 139 -53.79 9.19 11.40
N LEU A 140 -54.24 9.67 10.24
CA LEU A 140 -55.06 10.86 10.14
C LEU A 140 -56.41 10.49 9.54
N THR A 141 -57.48 10.97 10.18
CA THR A 141 -58.81 10.91 9.61
C THR A 141 -59.33 12.34 9.51
N ASN A 142 -60.50 12.50 8.90
CA ASN A 142 -61.07 13.84 8.78
C ASN A 142 -62.55 13.81 9.14
N THR A 143 -63.01 14.91 9.72
CA THR A 143 -64.42 15.08 10.02
C THR A 143 -65.19 15.17 8.71
N SER A 144 -66.50 14.88 8.77
CA SER A 144 -67.34 14.95 7.59
C SER A 144 -67.26 16.32 6.93
N ALA A 145 -67.03 17.38 7.72
CA ALA A 145 -66.84 18.71 7.17
C ALA A 145 -65.49 18.87 6.47
N GLY A 146 -64.59 17.90 6.59
CA GLY A 146 -63.28 17.96 5.97
C GLY A 146 -62.16 18.39 6.87
N GLN A 147 -62.44 18.72 8.13
CA GLN A 147 -61.44 19.13 9.09
C GLN A 147 -60.70 17.92 9.65
N PRO A 148 -59.42 18.07 10.01
CA PRO A 148 -58.60 16.92 10.38
C PRO A 148 -58.72 16.51 11.84
N LEU A 149 -58.47 15.22 12.06
CA LEU A 149 -58.45 14.62 13.39
C LEU A 149 -57.45 13.47 13.37
N TYR A 150 -56.97 13.12 14.56
CA TYR A 150 -55.98 12.07 14.72
C TYR A 150 -56.66 10.76 15.12
N ALA A 151 -56.09 9.64 14.69
CA ALA A 151 -56.63 8.34 14.98
C ALA A 151 -55.50 7.39 15.35
N ASN A 152 -55.85 6.30 16.03
CA ASN A 152 -54.93 5.20 16.28
C ASN A 152 -53.69 5.66 17.07
N TYR A 153 -53.93 5.95 18.36
CA TYR A 153 -52.83 6.12 19.31
C TYR A 153 -51.93 7.31 19.01
N SER A 154 -52.41 8.51 19.27
CA SER A 154 -51.68 9.74 18.97
C SER A 154 -51.05 10.29 20.23
N LEU A 155 -49.75 10.62 20.15
CA LEU A 155 -49.03 11.19 21.28
C LEU A 155 -49.45 12.64 21.49
N THR A 156 -49.53 13.05 22.76
CA THR A 156 -49.97 14.39 23.13
C THR A 156 -49.05 14.93 24.20
N ILE A 157 -48.48 16.11 23.94
CA ILE A 157 -47.58 16.80 24.87
C ILE A 157 -48.24 18.12 25.23
N ILE A 158 -48.47 18.34 26.52
CA ILE A 158 -49.29 19.44 27.02
C ILE A 158 -48.63 20.09 28.24
N PRO A 159 -48.46 21.40 28.27
CA PRO A 159 -48.07 22.07 29.50
C PRO A 159 -49.28 22.31 30.40
N ASP A 160 -49.00 22.48 31.68
CA ASP A 160 -50.05 22.64 32.68
C ASP A 160 -49.40 23.17 33.96
N GLY A 161 -50.21 23.30 35.00
CA GLY A 161 -49.72 23.84 36.27
C GLY A 161 -49.28 25.28 36.18
N CYS A 162 -50.01 26.11 35.41
CA CYS A 162 -49.64 27.50 35.17
C CYS A 162 -48.20 27.58 34.64
N GLY A 163 -47.91 26.73 33.67
CA GLY A 163 -46.58 26.68 33.09
C GLY A 163 -45.50 26.16 34.01
N THR A 164 -45.81 25.12 34.80
CA THR A 164 -44.83 24.51 35.69
C THR A 164 -44.74 23.00 35.58
N VAL A 165 -45.64 22.34 34.85
CA VAL A 165 -45.65 20.89 34.73
C VAL A 165 -45.86 20.52 33.27
N LEU A 166 -45.17 19.48 32.81
CA LEU A 166 -45.31 18.99 31.46
C LEU A 166 -45.90 17.59 31.50
N HIS A 167 -46.88 17.32 30.63
CA HIS A 167 -47.53 16.01 30.55
C HIS A 167 -47.35 15.46 29.14
N ALA A 168 -47.11 14.16 29.04
CA ALA A 168 -47.04 13.51 27.74
C ALA A 168 -47.73 12.15 27.84
N PHE A 169 -48.73 11.92 27.00
CA PHE A 169 -49.42 10.65 27.02
C PHE A 169 -49.62 10.12 25.61
N TYR A 170 -49.58 8.79 25.48
CA TYR A 170 -49.66 8.11 24.19
C TYR A 170 -50.87 7.21 24.16
N CYS A 171 -52.00 7.73 23.70
CA CYS A 171 -53.21 6.94 23.72
C CYS A 171 -54.22 7.43 22.69
N ILE A 172 -55.42 6.83 22.73
CA ILE A 172 -56.35 6.93 21.61
C ILE A 172 -57.35 8.03 21.91
N LEU A 173 -57.38 9.02 21.03
CA LEU A 173 -58.33 10.12 21.13
C LEU A 173 -59.64 9.72 20.45
N LYS A 174 -60.74 9.86 21.18
CA LYS A 174 -62.06 9.55 20.65
C LYS A 174 -62.88 10.84 20.63
N PRO A 175 -63.39 11.25 19.47
CA PRO A 175 -64.12 12.53 19.40
C PRO A 175 -65.43 12.45 20.18
N ARG A 176 -65.55 13.30 21.20
CA ARG A 176 -66.78 13.35 21.97
C ARG A 176 -67.91 13.93 21.13
N THR A 177 -69.13 13.45 21.40
CA THR A 177 -70.28 13.77 20.57
C THR A 177 -71.09 14.94 21.09
N GLY A 178 -70.56 15.71 22.03
CA GLY A 178 -71.25 16.88 22.51
C GLY A 178 -71.28 17.99 21.49
N ASN A 179 -72.09 19.00 21.76
CA ASN A 179 -72.20 20.14 20.86
C ASN A 179 -70.89 20.92 20.83
N ARG A 180 -70.52 21.38 19.64
CA ARG A 180 -69.29 22.15 19.42
C ARG A 180 -68.05 21.33 19.80
N CYS A 181 -68.14 20.02 19.67
CA CYS A 181 -67.07 19.09 19.93
C CYS A 181 -66.75 18.32 18.66
N PRO A 182 -65.56 17.73 18.55
CA PRO A 182 -65.12 17.18 17.24
C PRO A 182 -66.07 16.14 16.66
N GLY A 183 -66.79 15.40 17.50
CA GLY A 183 -67.73 14.43 16.98
C GLY A 183 -69.15 14.93 16.80
N GLY A 184 -69.46 16.10 17.35
CA GLY A 184 -70.81 16.66 17.31
C GLY A 184 -70.97 17.67 16.20
N SER A 185 -71.80 18.68 16.46
CA SER A 185 -72.11 19.72 15.50
C SER A 185 -71.60 21.06 16.00
N GLY A 186 -71.36 21.97 15.05
CA GLY A 186 -70.80 23.27 15.37
C GLY A 186 -69.38 23.21 15.89
N TYR A 187 -68.57 22.30 15.36
CA TYR A 187 -67.20 22.11 15.80
C TYR A 187 -66.27 22.96 14.93
N ASN A 188 -65.73 24.03 15.51
CA ASN A 188 -64.78 24.87 14.79
C ASN A 188 -63.38 24.29 14.86
N ALA A 189 -62.84 24.16 16.07
CA ALA A 189 -61.50 23.64 16.28
C ALA A 189 -61.35 23.29 17.77
N TYR A 190 -60.35 22.48 18.07
CA TYR A 190 -60.07 22.11 19.46
C TYR A 190 -58.88 22.89 20.00
N PHE A 191 -58.89 23.10 21.30
CA PHE A 191 -57.91 23.95 21.96
C PHE A 191 -57.88 23.61 23.44
N ILE A 192 -56.94 24.23 24.14
CA ILE A 192 -56.84 24.12 25.59
C ILE A 192 -56.87 25.52 26.18
N TYR A 193 -57.26 25.60 27.45
CA TYR A 193 -57.44 26.89 28.10
C TYR A 193 -57.20 26.75 29.59
N GLU A 194 -56.86 27.88 30.22
CA GLU A 194 -56.68 27.95 31.65
C GLU A 194 -57.25 29.26 32.17
N THR A 195 -57.79 29.22 33.40
CA THR A 195 -58.40 30.38 34.03
C THR A 195 -57.49 30.87 35.16
N ILE A 196 -56.98 32.08 35.01
CA ILE A 196 -55.95 32.58 35.92
C ILE A 196 -56.50 32.72 37.33
N HIS A 197 -57.71 33.26 37.48
CA HIS A 197 -58.28 33.43 38.81
C HIS A 197 -58.57 32.09 39.47
N ASN A 198 -58.92 31.07 38.69
CA ASN A 198 -59.24 29.75 39.23
C ASN A 198 -58.03 28.82 39.22
N ASP A 199 -57.47 28.56 38.04
CA ASP A 199 -56.38 27.59 37.94
C ASP A 199 -55.10 28.11 38.57
N CYS A 200 -54.74 29.36 38.26
CA CYS A 200 -53.51 29.96 38.79
C CYS A 200 -53.82 30.53 40.17
N ASN A 201 -53.85 29.62 41.14
CA ASN A 201 -54.12 29.95 42.53
C ASN A 201 -53.15 29.17 43.41
N SER A 202 -53.10 29.53 44.69
CA SER A 202 -52.20 28.86 45.63
C SER A 202 -52.36 27.34 45.57
N ALA A 203 -53.60 26.87 45.48
CA ALA A 203 -53.89 25.46 45.22
C ALA A 203 -53.71 25.21 43.73
N ILE A 204 -52.46 24.92 43.34
CA ILE A 204 -52.13 24.70 41.93
C ILE A 204 -52.97 23.58 41.37
N ASN A 205 -53.69 23.86 40.28
CA ASN A 205 -54.54 22.88 39.63
C ASN A 205 -53.75 22.20 38.53
N LYS A 206 -53.17 21.04 38.84
CA LYS A 206 -52.40 20.31 37.83
C LYS A 206 -53.30 19.81 36.71
N ASN A 207 -54.54 19.44 37.02
CA ASN A 207 -55.49 18.97 36.02
C ASN A 207 -56.29 20.15 35.50
N ALA A 208 -55.61 21.03 34.77
CA ALA A 208 -56.27 22.20 34.18
C ALA A 208 -56.27 22.16 32.67
N SER A 209 -55.10 22.15 32.05
CA SER A 209 -55.03 21.98 30.60
C SER A 209 -55.49 20.59 30.19
N LEU A 210 -55.11 19.58 30.98
CA LEU A 210 -55.55 18.22 30.68
C LEU A 210 -57.06 18.08 30.83
N ASN A 211 -57.64 18.69 31.87
CA ASN A 211 -59.09 18.65 32.03
C ASN A 211 -59.79 19.37 30.89
N SER A 212 -59.26 20.52 30.47
CA SER A 212 -59.82 21.22 29.32
C SER A 212 -59.73 20.35 28.07
N PHE A 213 -58.62 19.63 27.91
CA PHE A 213 -58.46 18.74 26.77
C PHE A 213 -59.45 17.60 26.81
N LYS A 214 -59.72 17.05 27.99
CA LYS A 214 -60.69 15.97 28.11
C LYS A 214 -62.10 16.38 27.72
N SER A 215 -62.41 17.68 27.77
CA SER A 215 -63.71 18.14 27.32
C SER A 215 -63.89 17.83 25.84
N PHE A 216 -62.83 17.96 25.06
CA PHE A 216 -62.94 17.76 23.62
C PHE A 216 -62.82 16.30 23.23
N PHE A 217 -61.89 15.57 23.85
CA PHE A 217 -61.58 14.21 23.46
C PHE A 217 -61.73 13.27 24.65
N ASP A 218 -62.00 12.01 24.35
CA ASP A 218 -62.05 10.95 25.36
C ASP A 218 -60.83 10.05 25.16
N LEU A 219 -60.08 9.82 26.23
CA LEU A 219 -58.85 9.07 26.18
C LEU A 219 -59.15 7.59 26.42
N VAL A 220 -58.84 6.73 25.46
CA VAL A 220 -59.12 5.31 25.60
C VAL A 220 -57.87 4.49 25.32
N ASN A 221 -57.83 3.33 25.99
CA ASN A 221 -56.74 2.35 25.93
C ASN A 221 -55.38 3.03 26.04
N CYS A 222 -55.14 3.64 27.20
CA CYS A 222 -54.18 4.72 27.25
C CYS A 222 -52.86 4.17 27.79
N THR A 223 -51.86 4.08 26.89
CA THR A 223 -50.69 3.25 27.15
C THR A 223 -49.79 3.82 28.25
N PHE A 224 -49.31 5.05 28.08
CA PHE A 224 -48.50 5.64 29.12
C PHE A 224 -48.80 7.14 29.24
N PHE A 225 -48.49 7.64 30.44
CA PHE A 225 -48.76 9.02 30.85
C PHE A 225 -47.64 9.44 31.78
N ASN A 226 -46.80 10.36 31.33
CA ASN A 226 -45.65 10.83 32.09
C ASN A 226 -45.78 12.31 32.39
N SER A 227 -45.22 12.72 33.53
CA SER A 227 -45.21 14.10 33.93
C SER A 227 -43.83 14.51 34.41
N TRP A 228 -43.45 15.74 34.09
CA TRP A 228 -42.19 16.33 34.53
C TRP A 228 -42.48 17.66 35.20
N ASP A 229 -41.62 18.04 36.15
CA ASP A 229 -41.77 19.27 36.91
C ASP A 229 -40.83 20.33 36.34
N ILE A 230 -41.38 21.51 36.06
CA ILE A 230 -40.62 22.62 35.50
C ILE A 230 -40.65 23.78 36.49
N THR A 231 -39.47 24.28 36.85
CA THR A 231 -39.38 25.48 37.66
C THR A 231 -39.81 26.69 36.82
N ALA A 232 -40.52 27.61 37.47
CA ALA A 232 -41.08 28.78 36.78
C ALA A 232 -40.02 29.87 36.73
N ASP A 233 -39.75 30.37 35.52
CA ASP A 233 -38.83 31.49 35.33
C ASP A 233 -39.17 32.15 33.99
N GLU A 234 -38.37 33.15 33.62
CA GLU A 234 -38.61 33.92 32.41
C GLU A 234 -37.49 33.77 31.39
N VAL A 235 -36.64 32.75 31.56
CA VAL A 235 -35.54 32.54 30.64
C VAL A 235 -36.05 31.99 29.32
N LYS A 236 -35.53 32.53 28.21
CA LYS A 236 -35.81 31.95 26.91
C LYS A 236 -35.17 30.56 26.83
N GLU A 237 -35.85 29.65 26.13
CA GLU A 237 -35.38 28.27 26.13
C GLU A 237 -35.64 27.62 24.78
N TRP A 238 -35.16 26.39 24.65
CA TRP A 238 -35.26 25.61 23.43
C TRP A 238 -35.84 24.26 23.78
N PHE A 239 -36.65 23.70 22.88
CA PHE A 239 -37.26 22.39 23.13
C PHE A 239 -37.35 21.62 21.82
N GLY A 240 -36.82 20.41 21.79
CA GLY A 240 -36.74 19.65 20.56
C GLY A 240 -37.36 18.28 20.71
N ILE A 241 -37.86 17.76 19.58
CA ILE A 241 -38.45 16.43 19.52
C ILE A 241 -37.83 15.68 18.34
N THR A 242 -37.40 14.45 18.60
CA THR A 242 -36.81 13.58 17.59
C THR A 242 -37.37 12.18 17.76
N GLN A 243 -37.21 11.34 16.74
CA GLN A 243 -37.64 9.95 16.82
C GLN A 243 -36.63 9.02 16.16
N ASP A 244 -36.48 7.83 16.71
CA ASP A 244 -35.72 6.76 16.06
C ASP A 244 -36.25 5.43 16.59
N THR A 245 -35.51 4.35 16.32
CA THR A 245 -35.96 3.02 16.70
C THR A 245 -36.08 2.85 18.22
N GLN A 246 -35.40 3.67 19.00
CA GLN A 246 -35.54 3.60 20.45
C GLN A 246 -36.73 4.39 20.98
N GLY A 247 -37.44 5.13 20.13
CA GLY A 247 -38.63 5.82 20.58
C GLY A 247 -38.56 7.29 20.22
N VAL A 248 -39.29 8.09 20.99
CA VAL A 248 -39.40 9.53 20.78
C VAL A 248 -38.61 10.22 21.88
N HIS A 249 -37.65 11.05 21.50
CA HIS A 249 -36.77 11.72 22.45
C HIS A 249 -37.13 13.19 22.56
N LEU A 250 -37.23 13.66 23.79
CA LEU A 250 -37.50 15.06 24.09
C LEU A 250 -36.23 15.71 24.63
N TYR A 251 -35.90 16.88 24.10
CA TYR A 251 -34.71 17.63 24.48
C TYR A 251 -35.12 18.99 24.99
N SER A 252 -34.42 19.48 26.01
CA SER A 252 -34.69 20.82 26.51
C SER A 252 -33.40 21.43 27.05
N SER A 253 -33.26 22.74 26.87
CA SER A 253 -32.09 23.43 27.40
C SER A 253 -32.09 23.43 28.92
N ARG A 254 -33.27 23.39 29.53
CA ARG A 254 -33.35 23.41 31.00
C ARG A 254 -32.62 22.25 31.62
N LYS A 255 -32.46 21.15 30.89
CA LYS A 255 -31.78 19.96 31.40
C LYS A 255 -30.27 20.09 31.16
N GLY A 256 -29.67 21.02 31.90
CA GLY A 256 -28.21 21.08 31.95
C GLY A 256 -27.60 22.43 31.66
N ASP A 257 -28.15 23.17 30.70
CA ASP A 257 -27.65 24.51 30.37
C ASP A 257 -28.87 25.42 30.26
N LEU A 258 -29.29 25.98 31.39
CA LEU A 258 -30.50 26.80 31.39
C LEU A 258 -30.28 28.13 30.68
N TYR A 259 -29.08 28.70 30.81
CA TYR A 259 -28.80 30.04 30.30
C TYR A 259 -28.06 30.04 28.96
N GLY A 260 -27.73 28.88 28.41
CA GLY A 260 -26.97 28.84 27.17
C GLY A 260 -27.77 28.35 25.97
N GLY A 261 -28.85 27.63 26.22
CA GLY A 261 -29.68 27.16 25.14
C GLY A 261 -29.25 25.86 24.49
N ASN A 262 -28.28 25.15 25.07
CA ASN A 262 -27.88 23.84 24.56
C ASN A 262 -28.89 22.80 25.02
N MET A 263 -29.48 22.07 24.09
CA MET A 263 -30.54 21.13 24.40
C MET A 263 -29.96 19.76 24.72
N PHE A 264 -30.33 19.22 25.88
CA PHE A 264 -29.94 17.90 26.31
C PHE A 264 -31.19 17.03 26.41
N ARG A 265 -31.02 15.74 26.17
CA ARG A 265 -32.16 14.82 26.29
C ARG A 265 -32.58 14.69 27.74
N PHE A 266 -33.88 14.57 27.97
CA PHE A 266 -34.38 14.30 29.31
C PHE A 266 -35.51 13.28 29.34
N ALA A 267 -35.93 12.73 28.20
CA ALA A 267 -37.02 11.77 28.22
C ALA A 267 -37.02 10.98 26.92
N THR A 268 -37.11 9.66 27.04
CA THR A 268 -37.32 8.78 25.90
C THR A 268 -38.65 8.06 26.12
N LEU A 269 -39.55 8.20 25.15
CA LEU A 269 -40.91 7.71 25.23
C LEU A 269 -41.08 6.53 24.30
N PRO A 270 -41.72 5.45 24.74
CA PRO A 270 -41.92 4.24 23.93
C PRO A 270 -42.97 4.42 22.85
N VAL A 271 -42.67 5.27 21.88
CA VAL A 271 -43.52 5.46 20.71
C VAL A 271 -42.76 4.96 19.50
N TYR A 272 -42.96 3.69 19.15
CA TYR A 272 -42.14 3.02 18.14
C TYR A 272 -42.80 2.96 16.77
N GLU A 273 -43.81 3.79 16.54
CA GLU A 273 -44.43 3.91 15.23
C GLU A 273 -44.03 5.25 14.62
N GLY A 274 -43.67 5.22 13.34
CA GLY A 274 -43.20 6.40 12.67
C GLY A 274 -44.17 7.55 12.74
N ILE A 275 -43.82 8.59 13.49
CA ILE A 275 -44.64 9.78 13.59
C ILE A 275 -44.45 10.59 12.31
N LYS A 276 -45.55 10.88 11.63
CA LYS A 276 -45.49 11.54 10.34
C LYS A 276 -46.23 12.87 10.30
N TYR A 277 -47.04 13.19 11.31
CA TYR A 277 -47.79 14.43 11.32
C TYR A 277 -47.76 15.01 12.72
N TYR A 278 -47.86 16.33 12.80
CA TYR A 278 -47.99 16.97 14.10
C TYR A 278 -48.82 18.23 13.95
N THR A 279 -49.34 18.72 15.07
CA THR A 279 -50.27 19.83 15.06
C THR A 279 -50.14 20.59 16.37
N VAL A 280 -50.04 21.91 16.29
CA VAL A 280 -49.97 22.76 17.48
C VAL A 280 -51.39 23.00 17.97
N ILE A 281 -51.56 22.98 19.29
CA ILE A 281 -52.86 23.22 19.91
C ILE A 281 -52.91 24.69 20.33
N PRO A 282 -53.83 25.48 19.79
CA PRO A 282 -54.01 26.84 20.31
C PRO A 282 -54.37 26.82 21.77
N ARG A 283 -53.80 27.76 22.52
CA ARG A 283 -53.92 27.78 23.98
C ARG A 283 -54.37 29.17 24.40
N SER A 284 -55.68 29.34 24.57
CA SER A 284 -56.26 30.63 24.91
C SER A 284 -56.32 30.78 26.42
N PHE A 285 -55.66 31.82 26.93
CA PHE A 285 -55.62 32.06 28.37
C PHE A 285 -56.88 32.83 28.77
N ARG A 286 -57.94 32.08 29.04
CA ARG A 286 -59.18 32.65 29.56
C ARG A 286 -58.90 33.38 30.87
N SER A 287 -59.01 34.70 30.86
CA SER A 287 -58.57 35.48 32.02
C SER A 287 -59.37 36.77 32.10
N LYS A 288 -59.35 37.35 33.30
CA LYS A 288 -60.05 38.62 33.54
C LYS A 288 -59.38 39.74 32.75
N ALA A 289 -60.19 40.69 32.28
CA ALA A 289 -59.64 41.82 31.53
C ALA A 289 -58.73 42.68 32.38
N ASN A 290 -59.00 42.78 33.68
CA ASN A 290 -58.12 43.53 34.56
C ASN A 290 -56.74 42.90 34.66
N ARG A 291 -56.68 41.57 34.67
CA ARG A 291 -55.41 40.84 34.69
C ARG A 291 -55.02 40.32 33.32
N ARG A 292 -55.64 40.84 32.26
CA ARG A 292 -55.29 40.43 30.91
C ARG A 292 -53.86 40.84 30.59
N GLU A 293 -53.15 39.97 29.87
CA GLU A 293 -51.74 40.22 29.59
C GLU A 293 -51.34 39.42 28.35
N ALA A 294 -50.31 39.92 27.66
CA ALA A 294 -49.88 39.34 26.39
C ALA A 294 -48.99 38.11 26.63
N TRP A 295 -48.82 37.33 25.57
CA TRP A 295 -48.07 36.08 25.61
C TRP A 295 -47.12 36.02 24.43
N ALA A 296 -45.90 35.53 24.68
CA ALA A 296 -44.88 35.48 23.64
C ALA A 296 -45.21 34.45 22.59
N ALA A 297 -44.82 34.74 21.34
CA ALA A 297 -44.90 33.76 20.28
C ALA A 297 -43.73 32.80 20.38
N PHE A 298 -43.84 31.68 19.68
CA PHE A 298 -42.77 30.69 19.68
C PHE A 298 -42.56 30.18 18.25
N TYR A 299 -41.34 29.74 17.97
CA TYR A 299 -40.96 29.43 16.59
C TYR A 299 -40.56 27.96 16.47
N VAL A 300 -41.00 27.32 15.38
CA VAL A 300 -40.75 25.91 15.12
C VAL A 300 -39.88 25.79 13.88
N TYR A 301 -38.75 25.11 14.02
CA TYR A 301 -37.78 24.92 12.94
C TYR A 301 -37.62 23.43 12.68
N LYS A 302 -37.74 23.01 11.43
CA LYS A 302 -37.53 21.61 11.09
C LYS A 302 -36.05 21.26 11.15
N LEU A 303 -35.76 20.07 11.65
CA LEU A 303 -34.38 19.57 11.73
C LEU A 303 -34.04 18.82 10.46
N HIS A 304 -32.80 19.00 9.99
CA HIS A 304 -32.30 18.39 8.78
C HIS A 304 -31.05 17.58 9.07
N GLN A 305 -30.76 16.62 8.21
CA GLN A 305 -29.58 15.78 8.33
C GLN A 305 -28.39 16.58 7.83
N LEU A 306 -27.65 17.21 8.75
CA LEU A 306 -26.61 18.16 8.37
C LEU A 306 -25.39 17.99 9.25
N THR A 307 -24.27 18.53 8.78
CA THR A 307 -23.01 18.54 9.50
C THR A 307 -22.68 19.96 9.93
N TYR A 308 -22.44 20.16 11.23
CA TYR A 308 -21.97 21.44 11.72
C TYR A 308 -20.62 21.30 12.39
N LEU A 309 -19.83 22.37 12.29
CA LEU A 309 -18.64 22.50 13.12
C LEU A 309 -19.05 23.10 14.46
N LEU A 310 -18.63 22.47 15.56
CA LEU A 310 -19.02 22.86 16.90
C LEU A 310 -17.78 23.13 17.73
N ASP A 311 -17.84 24.18 18.56
CA ASP A 311 -16.74 24.55 19.45
C ASP A 311 -17.16 24.32 20.89
N PHE A 312 -16.41 23.49 21.61
CA PHE A 312 -16.69 23.15 23.00
C PHE A 312 -15.71 23.86 23.90
N SER A 313 -16.25 24.57 24.90
CA SER A 313 -15.46 25.38 25.81
C SER A 313 -14.80 24.50 26.86
N VAL A 314 -14.14 25.12 27.84
CA VAL A 314 -13.52 24.37 28.93
C VAL A 314 -14.57 23.67 29.76
N ASP A 315 -15.63 24.39 30.12
CA ASP A 315 -16.72 23.80 30.89
C ASP A 315 -17.55 22.81 30.08
N GLY A 316 -17.34 22.74 28.77
CA GLY A 316 -17.95 21.72 27.95
C GLY A 316 -19.16 22.14 27.16
N TYR A 317 -19.67 23.34 27.38
CA TYR A 317 -20.85 23.82 26.69
C TYR A 317 -20.47 24.43 25.35
N ILE A 318 -21.24 24.10 24.32
CA ILE A 318 -20.99 24.66 22.98
C ILE A 318 -21.24 26.15 23.01
N ARG A 319 -20.43 26.89 22.25
CA ARG A 319 -20.56 28.34 22.17
C ARG A 319 -20.53 28.89 20.75
N ARG A 320 -19.91 28.19 19.80
CA ARG A 320 -19.89 28.62 18.41
C ARG A 320 -20.18 27.44 17.51
N THR A 321 -20.82 27.73 16.38
CA THR A 321 -21.24 26.70 15.43
C THR A 321 -21.16 27.27 14.02
N ILE A 322 -20.84 26.41 13.07
CA ILE A 322 -20.77 26.78 11.65
C ILE A 322 -21.53 25.75 10.84
N ASP A 323 -22.46 26.22 10.01
CA ASP A 323 -23.18 25.37 9.07
C ASP A 323 -22.31 25.08 7.87
N CYS A 324 -21.87 23.83 7.73
CA CYS A 324 -20.88 23.46 6.73
C CYS A 324 -21.45 23.32 5.32
N GLY A 325 -22.66 23.80 5.09
CA GLY A 325 -23.25 23.72 3.76
C GLY A 325 -23.80 25.04 3.29
N HIS A 326 -23.71 26.07 4.13
CA HIS A 326 -24.32 27.35 3.81
C HIS A 326 -23.66 28.00 2.60
N ASP A 327 -22.34 28.11 2.61
CA ASP A 327 -21.61 28.82 1.57
C ASP A 327 -20.20 28.25 1.50
N ASP A 328 -19.35 28.92 0.72
CA ASP A 328 -18.00 28.41 0.47
C ASP A 328 -17.08 28.60 1.67
N LEU A 329 -17.17 29.75 2.34
CA LEU A 329 -16.33 29.97 3.51
C LEU A 329 -16.64 28.97 4.61
N SER A 330 -17.91 28.60 4.75
CA SER A 330 -18.28 27.59 5.73
C SER A 330 -17.67 26.24 5.39
N GLN A 331 -17.69 25.84 4.12
CA GLN A 331 -17.05 24.60 3.72
C GLN A 331 -15.56 24.66 3.98
N LEU A 332 -14.94 25.81 3.73
CA LEU A 332 -13.52 25.96 4.03
C LEU A 332 -13.24 25.78 5.51
N HIS A 333 -14.06 26.40 6.37
CA HIS A 333 -13.84 26.30 7.80
C HIS A 333 -14.03 24.87 8.29
N CYS A 334 -15.03 24.18 7.77
CA CYS A 334 -15.29 22.81 8.23
C CYS A 334 -14.28 21.82 7.66
N SER A 335 -13.70 22.11 6.49
CA SER A 335 -12.68 21.23 5.93
C SER A 335 -11.44 21.20 6.82
N TYR A 336 -11.05 22.36 7.36
CA TYR A 336 -9.92 22.44 8.27
C TYR A 336 -10.29 22.17 9.71
N THR A 337 -11.58 22.04 10.02
CA THR A 337 -12.06 21.83 11.39
C THR A 337 -11.48 22.91 12.30
N SER A 338 -11.46 24.14 11.79
CA SER A 338 -10.90 25.28 12.51
C SER A 338 -11.68 26.52 12.15
N PHE A 339 -11.90 27.38 13.14
CA PHE A 339 -12.58 28.64 12.90
C PHE A 339 -11.67 29.69 12.28
N GLU A 340 -10.36 29.46 12.26
CA GLU A 340 -9.41 30.33 11.60
C GLU A 340 -8.73 29.57 10.48
N VAL A 341 -8.67 30.19 9.30
CA VAL A 341 -8.00 29.61 8.14
C VAL A 341 -7.10 30.66 7.54
N ASP A 342 -5.88 30.25 7.14
CA ASP A 342 -4.90 31.19 6.63
C ASP A 342 -5.30 31.71 5.25
N THR A 343 -4.76 32.88 4.90
CA THR A 343 -5.04 33.49 3.61
C THR A 343 -4.51 32.61 2.49
N GLY A 344 -5.32 32.43 1.46
CA GLY A 344 -4.89 31.66 0.30
C GLY A 344 -6.08 31.28 -0.55
N VAL A 345 -5.77 30.61 -1.65
CA VAL A 345 -6.77 30.05 -2.55
C VAL A 345 -6.87 28.57 -2.27
N TYR A 346 -8.08 28.12 -1.91
CA TYR A 346 -8.30 26.77 -1.43
C TYR A 346 -9.26 26.05 -2.35
N SER A 347 -9.07 24.75 -2.52
CA SER A 347 -10.02 23.92 -3.24
C SER A 347 -11.01 23.30 -2.27
N VAL A 348 -12.29 23.34 -2.63
CA VAL A 348 -13.36 22.80 -1.80
C VAL A 348 -14.19 21.83 -2.62
N SER A 349 -15.17 21.23 -1.98
CA SER A 349 -16.02 20.24 -2.63
C SER A 349 -16.85 20.89 -3.74
N SER A 350 -17.17 20.09 -4.76
CA SER A 350 -17.93 20.58 -5.89
C SER A 350 -19.41 20.72 -5.57
N ALA A 355 -30.80 15.16 -7.43
CA ALA A 355 -31.39 13.84 -7.70
C ALA A 355 -30.94 13.45 -9.10
N ILE A 356 -30.42 12.22 -9.27
CA ILE A 356 -29.84 11.86 -10.59
C ILE A 356 -30.94 11.65 -11.63
N GLY A 357 -31.96 10.86 -11.36
CA GLY A 357 -32.93 10.52 -12.41
C GLY A 357 -32.68 9.14 -12.96
N THR A 358 -33.65 8.54 -13.67
CA THR A 358 -33.52 7.15 -14.16
C THR A 358 -33.96 7.04 -15.60
N PHE A 359 -33.32 6.17 -16.38
CA PHE A 359 -33.64 5.96 -17.79
C PHE A 359 -33.66 4.46 -18.04
N ILE A 360 -34.85 3.88 -18.18
CA ILE A 360 -35.04 2.45 -18.33
C ILE A 360 -35.62 2.20 -19.71
N GLU A 361 -34.88 1.45 -20.54
CA GLU A 361 -35.33 1.15 -21.90
C GLU A 361 -35.18 -0.34 -22.13
N GLN A 362 -36.31 -1.04 -22.19
CA GLN A 362 -36.37 -2.48 -22.33
C GLN A 362 -37.23 -2.85 -23.53
N PRO A 363 -37.06 -4.04 -24.08
CA PRO A 363 -37.89 -4.46 -25.21
C PRO A 363 -39.25 -4.96 -24.78
N ASN A 364 -40.16 -5.02 -25.75
CA ASN A 364 -41.47 -5.61 -25.55
C ASN A 364 -41.36 -7.10 -25.88
N ALA A 365 -41.40 -7.94 -24.86
CA ALA A 365 -41.13 -9.36 -25.02
C ALA A 365 -42.23 -10.20 -24.39
N THR A 366 -42.35 -11.43 -24.88
CA THR A 366 -43.34 -12.35 -24.36
C THR A 366 -42.92 -12.88 -23.00
N GLU A 367 -43.86 -13.53 -22.32
CA GLU A 367 -43.57 -14.09 -21.01
C GLU A 367 -42.61 -15.26 -21.12
N CYS A 368 -41.78 -15.44 -20.09
CA CYS A 368 -40.85 -16.56 -20.07
C CYS A 368 -41.61 -17.87 -19.96
N ASP A 369 -41.16 -18.86 -20.72
CA ASP A 369 -41.85 -20.15 -20.79
C ASP A 369 -41.29 -21.08 -19.71
N PHE A 370 -42.02 -21.21 -18.61
CA PHE A 370 -41.69 -22.16 -17.57
C PHE A 370 -42.43 -23.48 -17.73
N SER A 371 -43.18 -23.64 -18.81
CA SER A 371 -44.00 -24.83 -19.00
C SER A 371 -43.22 -26.14 -18.99
N PRO A 372 -42.04 -26.26 -19.62
CA PRO A 372 -41.35 -27.55 -19.62
C PRO A 372 -41.03 -28.08 -18.23
N MET A 373 -40.87 -27.18 -17.25
CA MET A 373 -40.57 -27.60 -15.89
C MET A 373 -41.76 -28.27 -15.22
N PHE A 374 -42.96 -28.12 -15.77
CA PHE A 374 -44.18 -28.61 -15.14
C PHE A 374 -44.81 -29.76 -15.92
N LYS A 375 -44.05 -30.41 -16.79
CA LYS A 375 -44.53 -31.52 -17.60
C LYS A 375 -43.66 -32.74 -17.35
N GLY A 376 -44.29 -33.87 -17.10
CA GLY A 376 -43.57 -35.12 -16.94
C GLY A 376 -42.94 -35.25 -15.56
N VAL A 377 -42.25 -36.37 -15.37
CA VAL A 377 -41.61 -36.66 -14.10
C VAL A 377 -40.42 -35.74 -13.87
N ALA A 378 -40.19 -35.40 -12.60
CA ALA A 378 -39.07 -34.54 -12.27
C ALA A 378 -37.75 -35.25 -12.58
N PRO A 379 -36.80 -34.56 -13.21
CA PRO A 379 -35.53 -35.20 -13.53
C PRO A 379 -34.66 -35.42 -12.31
N GLN A 380 -33.79 -36.41 -12.39
CA GLN A 380 -32.93 -36.78 -11.27
C GLN A 380 -31.72 -35.84 -11.21
N VAL A 381 -30.91 -36.00 -10.17
CA VAL A 381 -29.77 -35.11 -9.98
C VAL A 381 -28.75 -35.28 -11.10
N TYR A 382 -28.49 -36.51 -11.53
CA TYR A 382 -27.55 -36.72 -12.61
C TYR A 382 -28.17 -36.42 -13.97
N ASN A 383 -29.44 -36.73 -14.16
CA ASN A 383 -30.16 -36.37 -15.38
C ASN A 383 -30.91 -35.06 -15.24
N PHE A 384 -30.22 -34.02 -14.78
CA PHE A 384 -30.86 -32.74 -14.54
C PHE A 384 -31.26 -32.09 -15.87
N LYS A 385 -32.15 -31.11 -15.79
CA LYS A 385 -32.61 -30.43 -16.99
C LYS A 385 -32.24 -28.95 -16.90
N ARG A 386 -32.04 -28.33 -18.07
CA ARG A 386 -31.54 -26.97 -18.13
C ARG A 386 -32.41 -26.12 -19.04
N LEU A 387 -32.73 -24.91 -18.57
CA LEU A 387 -33.56 -23.95 -19.29
C LEU A 387 -32.79 -22.65 -19.42
N VAL A 388 -32.70 -22.12 -20.63
CA VAL A 388 -32.00 -20.87 -20.90
C VAL A 388 -33.02 -19.82 -21.30
N PHE A 389 -33.01 -18.70 -20.59
CA PHE A 389 -33.96 -17.62 -20.80
C PHE A 389 -33.22 -16.41 -21.37
N SER A 390 -33.70 -15.95 -22.53
CA SER A 390 -33.20 -14.74 -23.17
C SER A 390 -34.37 -14.10 -23.90
N ASN A 391 -34.53 -12.78 -23.74
CA ASN A 391 -35.63 -12.04 -24.36
C ASN A 391 -37.00 -12.54 -23.89
N CYS A 392 -37.24 -12.41 -22.58
CA CYS A 392 -38.54 -12.74 -22.03
C CYS A 392 -38.73 -12.03 -20.70
N ASN A 393 -39.95 -12.10 -20.19
CA ASN A 393 -40.34 -11.52 -18.92
C ASN A 393 -40.93 -12.62 -18.05
N TYR A 394 -40.64 -12.58 -16.75
CA TYR A 394 -41.15 -13.60 -15.85
C TYR A 394 -42.02 -12.98 -14.77
N ASN A 395 -43.09 -13.68 -14.41
CA ASN A 395 -44.04 -13.21 -13.41
C ASN A 395 -43.60 -13.69 -12.05
N LEU A 396 -43.16 -12.76 -11.19
CA LEU A 396 -42.65 -13.15 -9.88
C LEU A 396 -43.76 -13.60 -8.94
N THR A 397 -45.00 -13.12 -9.17
CA THR A 397 -46.11 -13.53 -8.31
C THR A 397 -46.28 -15.04 -8.35
N LYS A 398 -46.21 -15.63 -9.54
CA LYS A 398 -46.38 -17.07 -9.69
C LYS A 398 -45.24 -17.82 -9.02
N LEU A 399 -44.00 -17.43 -9.31
CA LEU A 399 -42.84 -18.15 -8.77
C LEU A 399 -42.80 -18.08 -7.26
N LEU A 400 -43.34 -17.00 -6.67
CA LEU A 400 -43.42 -16.95 -5.21
C LEU A 400 -44.33 -18.04 -4.66
N SER A 401 -45.36 -18.42 -5.40
CA SER A 401 -46.37 -19.34 -4.88
C SER A 401 -46.13 -20.80 -5.27
N LEU A 402 -45.53 -21.04 -6.44
CA LEU A 402 -45.39 -22.42 -6.91
C LEU A 402 -44.37 -23.24 -6.12
N PHE A 403 -43.56 -22.61 -5.28
CA PHE A 403 -42.53 -23.32 -4.54
C PHE A 403 -42.39 -22.72 -3.16
N ALA A 404 -41.94 -23.54 -2.21
CA ALA A 404 -41.64 -23.11 -0.85
C ALA A 404 -40.15 -23.29 -0.64
N VAL A 405 -39.42 -22.17 -0.60
CA VAL A 405 -37.97 -22.22 -0.55
C VAL A 405 -37.52 -22.65 0.85
N ASP A 406 -36.62 -23.63 0.90
CA ASP A 406 -36.03 -24.07 2.15
C ASP A 406 -34.61 -23.57 2.35
N GLU A 407 -33.89 -23.26 1.28
CA GLU A 407 -32.51 -22.82 1.43
C GLU A 407 -32.08 -21.99 0.24
N PHE A 408 -31.65 -20.75 0.51
CA PHE A 408 -30.91 -19.93 -0.45
C PHE A 408 -29.41 -20.07 -0.16
N SER A 409 -28.61 -20.10 -1.23
CA SER A 409 -27.15 -19.97 -1.06
C SER A 409 -26.60 -19.37 -2.35
N CYS A 410 -26.26 -18.08 -2.31
CA CYS A 410 -25.95 -17.33 -3.51
C CYS A 410 -24.51 -16.83 -3.47
N ASN A 411 -23.84 -16.92 -4.61
CA ASN A 411 -22.45 -16.50 -4.76
C ASN A 411 -22.37 -15.46 -5.87
N GLY A 412 -22.01 -14.23 -5.49
CA GLY A 412 -21.86 -13.13 -6.41
C GLY A 412 -23.10 -12.29 -6.61
N ILE A 413 -24.27 -12.83 -6.29
CA ILE A 413 -25.55 -12.19 -6.57
C ILE A 413 -26.45 -12.43 -5.36
N SER A 414 -27.56 -11.69 -5.31
CA SER A 414 -28.56 -11.90 -4.28
C SER A 414 -29.92 -12.14 -4.92
N PRO A 415 -30.83 -12.84 -4.25
CA PRO A 415 -32.16 -13.06 -4.85
C PRO A 415 -32.92 -11.79 -5.19
N ASP A 416 -32.85 -10.75 -4.36
CA ASP A 416 -33.47 -9.49 -4.77
C ASP A 416 -32.52 -8.61 -5.54
N ALA A 417 -31.83 -9.23 -6.50
CA ALA A 417 -31.23 -8.56 -7.63
C ALA A 417 -31.53 -9.29 -8.90
N ILE A 418 -31.78 -10.60 -8.84
CA ILE A 418 -32.45 -11.30 -9.93
C ILE A 418 -33.92 -10.93 -9.95
N ALA A 419 -34.50 -10.61 -8.80
CA ALA A 419 -35.92 -10.30 -8.70
C ALA A 419 -36.24 -8.82 -8.94
N ARG A 420 -35.23 -7.99 -9.18
CA ARG A 420 -35.48 -6.58 -9.45
C ARG A 420 -34.61 -6.00 -10.56
N GLY A 421 -33.80 -6.82 -11.23
CA GLY A 421 -32.93 -6.32 -12.28
C GLY A 421 -33.11 -7.12 -13.55
N CYS A 422 -32.65 -6.53 -14.65
CA CYS A 422 -32.77 -7.14 -15.97
C CYS A 422 -31.41 -7.65 -16.41
N TYR A 423 -31.38 -8.84 -17.00
CA TYR A 423 -30.15 -9.55 -17.25
C TYR A 423 -30.11 -10.01 -18.70
N SER A 424 -28.89 -10.18 -19.21
CA SER A 424 -28.73 -10.62 -20.59
C SER A 424 -29.19 -12.06 -20.78
N THR A 425 -28.93 -12.93 -19.80
CA THR A 425 -29.40 -14.31 -19.90
C THR A 425 -29.54 -14.91 -18.51
N LEU A 426 -30.57 -15.75 -18.34
CA LEU A 426 -30.70 -16.63 -17.19
C LEU A 426 -30.50 -18.07 -17.62
N THR A 427 -29.90 -18.88 -16.75
CA THR A 427 -29.77 -20.31 -16.97
C THR A 427 -30.14 -21.03 -15.68
N VAL A 428 -31.13 -21.91 -15.77
CA VAL A 428 -31.65 -22.63 -14.60
C VAL A 428 -31.42 -24.11 -14.83
N ASP A 429 -30.69 -24.75 -13.93
CA ASP A 429 -30.56 -26.20 -13.91
C ASP A 429 -31.43 -26.72 -12.76
N TYR A 430 -32.44 -27.53 -13.09
CA TYR A 430 -33.34 -28.03 -12.08
C TYR A 430 -33.32 -29.55 -12.05
N PHE A 431 -33.51 -30.09 -10.86
CA PHE A 431 -33.53 -31.53 -10.65
C PHE A 431 -34.32 -31.82 -9.38
N ALA A 432 -34.58 -33.10 -9.15
CA ALA A 432 -35.24 -33.57 -7.94
C ALA A 432 -34.17 -34.00 -6.94
N TYR A 433 -34.19 -33.41 -5.75
CA TYR A 433 -33.15 -33.64 -4.76
C TYR A 433 -33.77 -33.70 -3.37
N PRO A 434 -33.52 -34.76 -2.60
CA PRO A 434 -34.05 -34.80 -1.24
C PRO A 434 -33.46 -33.70 -0.39
N LEU A 435 -34.27 -33.14 0.51
CA LEU A 435 -33.78 -32.09 1.39
C LEU A 435 -32.79 -32.65 2.40
N SER A 436 -32.92 -33.93 2.75
CA SER A 436 -32.07 -34.52 3.78
C SER A 436 -30.60 -34.40 3.41
N MET A 437 -30.26 -34.60 2.14
CA MET A 437 -28.88 -34.42 1.71
C MET A 437 -28.58 -32.98 1.31
N LYS A 438 -29.06 -31.99 2.09
CA LYS A 438 -28.79 -30.61 1.72
C LYS A 438 -27.32 -30.26 1.87
N SER A 439 -26.57 -31.05 2.64
CA SER A 439 -25.13 -30.84 2.76
C SER A 439 -24.36 -31.49 1.62
N TYR A 440 -24.91 -32.50 0.96
CA TYR A 440 -24.13 -33.19 -0.05
C TYR A 440 -24.07 -32.44 -1.37
N ILE A 441 -24.83 -31.37 -1.52
CA ILE A 441 -24.80 -30.54 -2.72
C ILE A 441 -23.96 -29.28 -2.51
N ARG A 442 -23.42 -29.08 -1.31
CA ARG A 442 -22.67 -27.90 -0.97
C ARG A 442 -21.26 -27.96 -1.57
N PRO A 443 -20.68 -26.80 -1.88
CA PRO A 443 -19.29 -26.78 -2.34
C PRO A 443 -18.35 -27.32 -1.29
N GLY A 444 -17.47 -28.23 -1.69
CA GLY A 444 -16.51 -28.80 -0.78
C GLY A 444 -16.94 -30.07 -0.06
N SER A 445 -18.13 -30.57 -0.34
CA SER A 445 -18.57 -31.81 0.27
C SER A 445 -17.77 -32.99 -0.25
N ALA A 446 -17.70 -34.05 0.55
CA ALA A 446 -16.89 -35.21 0.26
C ALA A 446 -17.70 -36.40 -0.25
N GLY A 447 -18.94 -36.18 -0.66
CA GLY A 447 -19.78 -37.25 -1.15
C GLY A 447 -19.52 -37.58 -2.59
N ASN A 448 -20.49 -38.24 -3.22
CA ASN A 448 -20.41 -38.62 -4.62
C ASN A 448 -21.18 -37.68 -5.52
N ILE A 449 -21.93 -36.73 -4.97
CA ILE A 449 -22.74 -35.83 -5.79
C ILE A 449 -21.88 -35.01 -6.74
N PRO A 450 -20.84 -34.28 -6.29
CA PRO A 450 -20.03 -33.54 -7.25
C PRO A 450 -19.22 -34.43 -8.18
N LEU A 451 -18.84 -35.63 -7.73
CA LEU A 451 -17.96 -36.46 -8.53
C LEU A 451 -18.71 -37.11 -9.69
N TYR A 452 -19.92 -37.60 -9.46
CA TYR A 452 -20.61 -38.35 -10.51
C TYR A 452 -21.96 -37.79 -10.92
N ASN A 453 -22.54 -36.87 -10.16
CA ASN A 453 -23.91 -36.44 -10.42
C ASN A 453 -24.02 -34.99 -10.88
N TYR A 454 -23.54 -34.03 -10.09
CA TYR A 454 -23.72 -32.63 -10.45
C TYR A 454 -22.68 -31.78 -9.73
N LYS A 455 -21.87 -31.07 -10.50
CA LYS A 455 -20.89 -30.12 -9.97
C LYS A 455 -21.26 -28.72 -10.42
N GLN A 456 -21.35 -27.80 -9.48
CA GLN A 456 -21.78 -26.44 -9.77
C GLN A 456 -20.61 -25.61 -10.31
N SER A 457 -20.93 -24.72 -11.24
CA SER A 457 -19.95 -23.88 -11.90
C SER A 457 -20.02 -22.47 -11.34
N PHE A 458 -18.87 -21.93 -10.92
CA PHE A 458 -18.79 -20.61 -10.32
C PHE A 458 -18.16 -19.58 -11.25
N ALA A 459 -18.19 -19.83 -12.56
CA ALA A 459 -17.70 -18.83 -13.52
C ALA A 459 -18.56 -17.58 -13.51
N HIS A 460 -19.88 -17.74 -13.40
CA HIS A 460 -20.84 -16.66 -13.40
C HIS A 460 -21.55 -16.62 -12.05
N PRO A 461 -22.17 -15.49 -11.70
CA PRO A 461 -22.90 -15.44 -10.42
C PRO A 461 -23.98 -16.50 -10.36
N THR A 462 -24.11 -17.15 -9.21
CA THR A 462 -24.99 -18.30 -9.12
C THR A 462 -25.79 -18.26 -7.83
N CYS A 463 -26.84 -19.06 -7.80
CA CYS A 463 -27.65 -19.29 -6.61
C CYS A 463 -28.07 -20.76 -6.59
N ARG A 464 -27.96 -21.40 -5.44
CA ARG A 464 -28.62 -22.67 -5.19
C ARG A 464 -29.86 -22.41 -4.34
N VAL A 465 -30.99 -22.87 -4.83
CA VAL A 465 -32.25 -22.82 -4.09
C VAL A 465 -32.74 -24.24 -3.92
N LEU A 466 -32.94 -24.64 -2.67
CA LEU A 466 -33.53 -25.93 -2.35
C LEU A 466 -34.93 -25.68 -1.84
N ALA A 467 -35.93 -26.26 -2.51
CA ALA A 467 -37.32 -25.92 -2.25
C ALA A 467 -38.16 -27.19 -2.21
N SER A 468 -39.40 -27.03 -1.75
CA SER A 468 -40.37 -28.12 -1.67
C SER A 468 -41.58 -27.76 -2.52
N VAL A 469 -42.03 -28.69 -3.34
CA VAL A 469 -43.20 -28.46 -4.18
C VAL A 469 -44.46 -28.66 -3.35
N PRO A 470 -45.36 -27.67 -3.29
CA PRO A 470 -46.61 -27.84 -2.54
C PRO A 470 -47.48 -28.92 -3.15
N PRO A 471 -48.44 -29.46 -2.39
CA PRO A 471 -49.22 -30.60 -2.90
C PRO A 471 -49.96 -30.34 -4.20
N ASN A 472 -50.56 -29.16 -4.39
CA ASN A 472 -51.41 -28.93 -5.55
C ASN A 472 -50.64 -28.53 -6.80
N VAL A 473 -49.37 -28.16 -6.68
CA VAL A 473 -48.59 -27.83 -7.86
C VAL A 473 -48.40 -29.07 -8.72
N THR A 474 -48.57 -28.92 -10.03
CA THR A 474 -48.64 -30.05 -10.95
C THR A 474 -47.25 -30.42 -11.49
N ILE A 475 -46.39 -30.83 -10.57
CA ILE A 475 -45.11 -31.44 -10.91
C ILE A 475 -45.17 -32.89 -10.50
N THR A 476 -45.03 -33.79 -11.48
CA THR A 476 -45.20 -35.21 -11.21
C THR A 476 -44.06 -35.73 -10.34
N LYS A 477 -44.42 -36.45 -9.29
CA LYS A 477 -43.41 -37.06 -8.42
C LYS A 477 -42.87 -38.32 -9.07
N PRO A 478 -41.55 -38.44 -9.23
CA PRO A 478 -40.99 -39.69 -9.74
C PRO A 478 -41.07 -40.79 -8.69
N GLU A 479 -40.42 -41.91 -8.94
CA GLU A 479 -40.23 -42.90 -7.90
C GLU A 479 -39.12 -42.38 -6.98
N ALA A 480 -38.65 -43.24 -6.07
CA ALA A 480 -37.65 -42.82 -5.10
C ALA A 480 -36.45 -42.17 -5.79
N TYR A 481 -35.81 -41.25 -5.08
CA TYR A 481 -34.67 -40.54 -5.64
C TYR A 481 -33.53 -41.51 -5.88
N GLY A 482 -32.59 -41.09 -6.71
CA GLY A 482 -31.44 -41.93 -7.02
C GLY A 482 -30.26 -41.08 -7.40
N TYR A 483 -29.06 -41.60 -7.13
CA TYR A 483 -27.85 -40.91 -7.56
C TYR A 483 -26.74 -41.91 -7.83
N ILE A 484 -25.86 -41.56 -8.76
CA ILE A 484 -24.74 -42.42 -9.10
C ILE A 484 -23.68 -42.31 -8.01
N SER A 485 -23.30 -43.46 -7.44
CA SER A 485 -22.31 -43.49 -6.37
C SER A 485 -20.98 -44.06 -6.82
N LYS A 486 -20.90 -44.67 -8.01
CA LYS A 486 -19.64 -45.16 -8.53
C LYS A 486 -19.73 -45.21 -10.06
N CYS A 487 -18.77 -44.56 -10.72
CA CYS A 487 -18.71 -44.54 -12.19
C CYS A 487 -17.24 -44.56 -12.56
N SER A 488 -16.75 -45.72 -12.98
CA SER A 488 -15.33 -45.90 -13.23
C SER A 488 -15.13 -46.74 -14.48
N ARG A 489 -13.95 -46.59 -15.10
CA ARG A 489 -13.58 -47.32 -16.29
C ARG A 489 -12.65 -48.46 -15.92
N LEU A 490 -12.99 -49.66 -16.37
CA LEU A 490 -12.13 -50.83 -16.22
C LEU A 490 -11.22 -50.98 -17.43
N THR A 491 -9.93 -51.17 -17.17
CA THR A 491 -8.95 -51.49 -18.20
C THR A 491 -8.03 -52.58 -17.68
N GLY A 492 -7.29 -53.18 -18.61
CA GLY A 492 -6.34 -54.21 -18.28
C GLY A 492 -6.65 -55.56 -18.92
N ASP A 493 -5.60 -56.34 -19.20
CA ASP A 493 -5.81 -57.67 -19.76
C ASP A 493 -6.59 -58.56 -18.79
N TYR A 494 -6.29 -58.43 -17.50
CA TYR A 494 -7.04 -59.11 -16.46
C TYR A 494 -8.25 -58.30 -15.97
N GLN A 495 -8.47 -57.11 -16.54
CA GLN A 495 -9.51 -56.19 -16.10
C GLN A 495 -9.35 -55.88 -14.61
N HIS A 496 -8.16 -55.39 -14.27
CA HIS A 496 -7.79 -55.13 -12.89
C HIS A 496 -7.40 -53.69 -12.63
N ILE A 497 -7.71 -52.77 -13.55
CA ILE A 497 -7.37 -51.36 -13.38
C ILE A 497 -8.68 -50.56 -13.40
N GLU A 498 -8.96 -49.87 -12.31
CA GLU A 498 -10.12 -49.00 -12.20
C GLU A 498 -9.69 -47.55 -12.21
N THR A 499 -10.27 -46.77 -13.11
CA THR A 499 -10.03 -45.33 -13.15
C THR A 499 -11.35 -44.60 -12.87
N PRO A 500 -11.50 -43.94 -11.73
CA PRO A 500 -12.72 -43.19 -11.47
C PRO A 500 -12.88 -42.03 -12.45
N LEU A 501 -14.10 -41.85 -12.94
CA LEU A 501 -14.42 -40.81 -13.91
C LEU A 501 -15.17 -39.70 -13.20
N TYR A 502 -14.65 -38.49 -13.28
CA TYR A 502 -15.24 -37.34 -12.62
C TYR A 502 -15.74 -36.34 -13.65
N ILE A 503 -16.81 -35.64 -13.29
CA ILE A 503 -17.41 -34.66 -14.18
C ILE A 503 -16.82 -33.28 -13.91
N ASN A 504 -16.89 -32.43 -14.91
CA ASN A 504 -16.53 -31.01 -14.83
C ASN A 504 -17.75 -30.21 -14.44
N PRO A 505 -17.58 -28.96 -13.98
CA PRO A 505 -18.73 -28.17 -13.57
C PRO A 505 -19.74 -28.00 -14.69
N GLY A 506 -21.02 -28.11 -14.35
CA GLY A 506 -22.09 -27.96 -15.32
C GLY A 506 -22.02 -28.95 -16.47
N GLU A 507 -21.63 -30.19 -16.19
CA GLU A 507 -21.52 -31.22 -17.20
C GLU A 507 -22.28 -32.46 -16.75
N TYR A 508 -22.65 -33.29 -17.72
CA TYR A 508 -23.32 -34.55 -17.42
C TYR A 508 -22.26 -35.62 -17.15
N SER A 509 -22.72 -36.83 -16.86
CA SER A 509 -21.85 -37.94 -16.53
C SER A 509 -21.99 -39.03 -17.58
N ILE A 510 -20.89 -39.73 -17.84
CA ILE A 510 -20.93 -40.82 -18.81
C ILE A 510 -21.81 -41.96 -18.33
N CYS A 511 -22.05 -42.07 -17.03
CA CYS A 511 -22.93 -43.07 -16.47
C CYS A 511 -24.38 -42.61 -16.37
N ARG A 512 -24.71 -41.47 -16.99
CA ARG A 512 -26.09 -40.98 -16.96
C ARG A 512 -27.02 -41.94 -17.67
N ASP A 513 -26.60 -42.51 -18.79
CA ASP A 513 -27.46 -43.31 -19.65
C ASP A 513 -27.60 -44.75 -19.18
N PHE A 514 -26.98 -45.11 -18.06
CA PHE A 514 -27.17 -46.45 -17.51
C PHE A 514 -28.61 -46.66 -17.07
N ALA A 515 -29.15 -45.72 -16.30
CA ALA A 515 -30.55 -45.72 -15.88
C ALA A 515 -31.04 -44.28 -15.85
N PRO A 516 -31.45 -43.74 -16.99
CA PRO A 516 -31.83 -42.32 -17.04
C PRO A 516 -32.97 -41.96 -16.09
N LEU A 517 -33.95 -42.85 -15.93
CA LEU A 517 -35.11 -42.54 -15.11
C LEU A 517 -34.79 -42.69 -13.63
N GLY A 518 -34.39 -43.87 -13.21
CA GLY A 518 -34.08 -44.10 -11.81
C GLY A 518 -33.53 -45.49 -11.61
N PHE A 519 -33.12 -45.76 -10.37
CA PHE A 519 -32.55 -47.04 -9.99
C PHE A 519 -33.64 -47.89 -9.34
N SER A 520 -33.85 -49.08 -9.89
CA SER A 520 -34.92 -49.95 -9.40
C SER A 520 -34.59 -50.53 -8.03
N GLU A 521 -33.30 -50.68 -7.71
CA GLU A 521 -32.88 -51.21 -6.43
C GLU A 521 -31.66 -50.46 -5.93
N ASP A 522 -31.50 -50.41 -4.62
CA ASP A 522 -30.36 -49.73 -4.03
C ASP A 522 -29.07 -50.47 -4.36
N GLY A 523 -28.03 -49.71 -4.69
CA GLY A 523 -26.75 -50.31 -5.01
C GLY A 523 -26.71 -51.05 -6.32
N GLN A 524 -27.59 -50.72 -7.26
CA GLN A 524 -27.66 -51.47 -8.50
C GLN A 524 -26.41 -51.22 -9.35
N VAL A 525 -25.88 -52.27 -9.95
CA VAL A 525 -24.63 -52.20 -10.70
C VAL A 525 -24.91 -52.49 -12.16
N PHE A 526 -24.32 -51.68 -13.05
CA PHE A 526 -24.43 -51.86 -14.49
C PHE A 526 -23.05 -51.87 -15.13
N LYS A 527 -22.92 -52.66 -16.19
CA LYS A 527 -21.70 -52.73 -16.98
C LYS A 527 -22.04 -52.48 -18.44
N ARG A 528 -21.16 -51.77 -19.13
CA ARG A 528 -21.33 -51.52 -20.56
C ARG A 528 -19.96 -51.50 -21.23
N THR A 529 -19.92 -51.86 -22.50
CA THR A 529 -18.68 -51.88 -23.25
C THR A 529 -18.55 -50.59 -24.06
N LEU A 530 -17.34 -50.03 -24.10
CA LEU A 530 -17.07 -48.83 -24.87
C LEU A 530 -16.32 -49.19 -26.14
N THR A 531 -16.59 -48.46 -27.22
CA THR A 531 -15.93 -48.70 -28.49
C THR A 531 -14.52 -48.11 -28.46
N GLN A 532 -13.77 -48.38 -29.54
CA GLN A 532 -12.40 -47.89 -29.63
C GLN A 532 -12.34 -46.38 -29.76
N PHE A 533 -13.35 -45.76 -30.38
CA PHE A 533 -13.34 -44.31 -30.53
C PHE A 533 -13.39 -43.61 -29.19
N GLU A 534 -14.24 -44.08 -28.27
CA GLU A 534 -14.31 -43.47 -26.95
C GLU A 534 -13.10 -43.84 -26.09
N GLY A 535 -12.45 -44.95 -26.39
CA GLY A 535 -11.28 -45.37 -25.64
C GLY A 535 -11.26 -46.87 -25.37
N GLY A 536 -12.43 -47.47 -25.25
CA GLY A 536 -12.53 -48.91 -25.05
C GLY A 536 -12.45 -49.30 -23.58
N GLY A 537 -13.03 -50.45 -23.29
CA GLY A 537 -13.05 -51.00 -21.95
C GLY A 537 -14.46 -51.26 -21.46
N LEU A 538 -14.54 -51.61 -20.18
CA LEU A 538 -15.81 -51.90 -19.52
C LEU A 538 -16.13 -50.73 -18.57
N LEU A 539 -17.01 -49.85 -19.02
CA LEU A 539 -17.52 -48.80 -18.15
C LEU A 539 -18.47 -49.39 -17.12
N ILE A 540 -18.30 -48.96 -15.86
CA ILE A 540 -19.02 -49.55 -14.73
C ILE A 540 -19.76 -48.44 -14.00
N GLY A 541 -20.99 -48.70 -13.60
CA GLY A 541 -21.76 -47.74 -12.85
C GLY A 541 -22.48 -48.40 -11.69
N VAL A 542 -22.63 -47.64 -10.60
CA VAL A 542 -23.35 -48.10 -9.42
C VAL A 542 -24.31 -46.99 -9.00
N GLY A 543 -25.53 -47.37 -8.66
CA GLY A 543 -26.56 -46.41 -8.32
C GLY A 543 -27.17 -46.68 -6.96
N THR A 544 -27.46 -45.61 -6.23
CA THR A 544 -28.04 -45.65 -4.91
C THR A 544 -29.43 -45.02 -4.93
N ARG A 545 -30.31 -45.55 -4.09
CA ARG A 545 -31.73 -45.23 -4.08
C ARG A 545 -32.11 -44.68 -2.71
N VAL A 546 -32.84 -43.57 -2.69
CA VAL A 546 -33.24 -42.90 -1.46
C VAL A 546 -34.76 -42.79 -1.45
N PRO A 547 -35.43 -43.17 -0.37
CA PRO A 547 -36.90 -43.20 -0.36
C PRO A 547 -37.50 -41.83 -0.64
N MET A 548 -38.61 -41.84 -1.38
CA MET A 548 -39.31 -40.60 -1.68
C MET A 548 -40.05 -40.07 -0.45
N THR A 549 -40.04 -38.75 -0.30
CA THR A 549 -40.70 -38.10 0.81
C THR A 549 -42.16 -37.83 0.48
N ALA A 550 -42.88 -37.24 1.44
CA ALA A 550 -44.28 -36.90 1.22
C ALA A 550 -44.43 -35.86 0.12
N ASN A 551 -43.60 -34.82 0.16
CA ASN A 551 -43.65 -33.73 -0.80
C ASN A 551 -42.43 -33.77 -1.69
N LEU A 552 -42.64 -33.55 -2.99
CA LEU A 552 -41.52 -33.55 -3.93
C LEU A 552 -40.61 -32.38 -3.62
N GLU A 553 -39.34 -32.68 -3.37
CA GLU A 553 -38.34 -31.67 -3.02
C GLU A 553 -37.38 -31.52 -4.19
N MET A 554 -37.10 -30.28 -4.57
CA MET A 554 -36.38 -29.98 -5.80
C MET A 554 -35.20 -29.06 -5.52
N GLY A 555 -34.22 -29.13 -6.40
CA GLY A 555 -33.06 -28.26 -6.34
C GLY A 555 -32.92 -27.47 -7.64
N PHE A 556 -32.50 -26.21 -7.50
CA PHE A 556 -32.38 -25.29 -8.61
C PHE A 556 -31.05 -24.56 -8.52
N VAL A 557 -30.38 -24.43 -9.66
CA VAL A 557 -29.16 -23.65 -9.78
C VAL A 557 -29.42 -22.56 -10.81
N ILE A 558 -29.38 -21.31 -10.37
CA ILE A 558 -29.69 -20.14 -11.21
C ILE A 558 -28.39 -19.42 -11.49
N SER A 559 -28.16 -19.09 -12.76
CA SER A 559 -26.96 -18.39 -13.19
C SER A 559 -27.34 -17.21 -14.08
N VAL A 560 -26.69 -16.07 -13.86
CA VAL A 560 -26.97 -14.84 -14.60
C VAL A 560 -25.77 -14.53 -15.48
N GLN A 561 -26.02 -14.26 -16.76
CA GLN A 561 -24.98 -13.96 -17.72
C GLN A 561 -25.15 -12.55 -18.25
N TYR A 562 -24.05 -11.79 -18.26
CA TYR A 562 -24.02 -10.40 -18.70
C TYR A 562 -23.41 -10.29 -20.09
N GLY A 563 -23.93 -9.34 -20.87
CA GLY A 563 -23.34 -9.04 -22.16
C GLY A 563 -23.27 -10.22 -23.10
N ALA A 564 -24.30 -11.08 -23.09
CA ALA A 564 -24.36 -12.22 -23.98
C ALA A 564 -25.32 -12.00 -25.13
N GLY A 565 -25.60 -10.76 -25.46
CA GLY A 565 -26.50 -10.44 -26.55
C GLY A 565 -27.01 -9.02 -26.43
N THR A 566 -28.03 -8.74 -27.24
CA THR A 566 -28.66 -7.43 -27.26
C THR A 566 -30.13 -7.50 -26.84
N ASP A 567 -30.51 -8.56 -26.14
CA ASP A 567 -31.85 -8.69 -25.58
C ASP A 567 -31.72 -9.19 -24.15
N SER A 568 -32.75 -8.93 -23.35
CA SER A 568 -32.64 -9.08 -21.91
C SER A 568 -33.81 -9.90 -21.35
N VAL A 569 -33.59 -10.43 -20.15
CA VAL A 569 -34.61 -11.11 -19.37
C VAL A 569 -35.02 -10.18 -18.25
N CYS A 570 -36.31 -10.01 -18.04
CA CYS A 570 -36.78 -8.99 -17.12
C CYS A 570 -37.92 -9.53 -16.29
N PRO A 571 -38.16 -8.94 -15.11
CA PRO A 571 -39.42 -9.20 -14.40
C PRO A 571 -40.56 -8.44 -15.08
N MET A 572 -41.74 -9.05 -15.08
CA MET A 572 -42.90 -8.40 -15.66
C MET A 572 -43.20 -7.12 -14.90
N LEU A 573 -43.15 -6.00 -15.62
CA LEU A 573 -43.32 -4.68 -15.00
C LEU A 573 -43.78 -3.72 -16.07
N ASP A 574 -44.52 -2.69 -15.64
CA ASP A 574 -45.06 -1.71 -16.57
C ASP A 574 -43.96 -0.87 -17.19
N LEU A 575 -44.18 -0.46 -18.43
CA LEU A 575 -43.23 0.41 -19.12
C LEU A 575 -43.14 1.74 -18.37
N GLY A 576 -41.95 2.04 -17.88
CA GLY A 576 -41.77 3.23 -17.06
C GLY A 576 -41.88 4.50 -17.89
N GLU A 577 -42.49 5.53 -17.27
CA GLU A 577 -42.56 6.84 -17.90
C GLU A 577 -41.17 7.44 -18.08
N SER A 578 -40.17 6.90 -17.38
CA SER A 578 -38.78 7.25 -17.58
C SER A 578 -38.12 6.46 -18.68
N SER A 579 -38.91 5.94 -19.62
CA SER A 579 -38.41 5.13 -20.72
C SER A 579 -37.97 5.95 -21.92
N THR A 580 -38.00 7.28 -21.83
CA THR A 580 -37.57 8.16 -22.91
C THR A 580 -36.44 9.08 -22.44
N ILE A 581 -35.51 9.37 -23.34
CA ILE A 581 -34.37 10.24 -23.05
C ILE A 581 -34.27 11.40 -24.01
N THR A 582 -35.22 11.56 -24.92
CA THR A 582 -35.09 12.54 -25.99
C THR A 582 -35.04 13.97 -25.46
N ASN A 583 -35.60 14.22 -24.28
CA ASN A 583 -35.72 15.56 -23.74
C ASN A 583 -34.80 15.85 -22.54
N ARG A 584 -34.14 14.83 -21.99
CA ARG A 584 -33.26 15.02 -20.85
C ARG A 584 -31.78 14.89 -21.21
N LEU A 585 -31.43 15.19 -22.45
CA LEU A 585 -30.03 15.15 -22.87
C LEU A 585 -29.22 16.15 -22.07
N GLY A 586 -28.08 15.71 -21.56
CA GLY A 586 -27.18 16.57 -20.82
C GLY A 586 -27.26 16.46 -19.30
N LYS A 587 -28.05 15.52 -18.77
CA LYS A 587 -28.24 15.38 -17.35
C LYS A 587 -27.86 13.98 -16.89
N CYS A 588 -27.19 13.91 -15.74
CA CYS A 588 -26.80 12.64 -15.15
C CYS A 588 -28.04 11.79 -14.85
N VAL A 589 -28.04 10.54 -15.31
CA VAL A 589 -29.14 9.62 -15.07
C VAL A 589 -28.56 8.23 -14.81
N ASP A 590 -29.33 7.42 -14.06
CA ASP A 590 -29.00 6.01 -13.84
C ASP A 590 -29.72 5.20 -14.91
N TYR A 591 -28.97 4.72 -15.89
CA TYR A 591 -29.55 4.03 -17.03
C TYR A 591 -29.48 2.52 -16.83
N SER A 592 -30.57 1.84 -17.20
CA SER A 592 -30.66 0.38 -17.20
C SER A 592 -31.20 -0.01 -18.57
N LEU A 593 -30.30 -0.17 -19.53
CA LEU A 593 -30.64 -0.38 -20.92
C LEU A 593 -30.35 -1.83 -21.29
N TYR A 594 -31.41 -2.62 -21.51
CA TYR A 594 -31.30 -3.95 -22.10
C TYR A 594 -30.36 -4.86 -21.32
N GLY A 595 -30.23 -4.64 -20.02
CA GLY A 595 -29.40 -5.48 -19.19
C GLY A 595 -28.04 -4.90 -18.83
N VAL A 596 -27.64 -3.78 -19.43
CA VAL A 596 -26.44 -3.08 -19.04
C VAL A 596 -26.85 -1.88 -18.19
N THR A 597 -26.20 -1.71 -17.04
CA THR A 597 -26.60 -0.69 -16.09
C THR A 597 -25.42 0.23 -15.80
N GLY A 598 -25.74 1.45 -15.40
CA GLY A 598 -24.70 2.39 -15.04
C GLY A 598 -25.27 3.77 -14.82
N ARG A 599 -24.36 4.75 -14.78
CA ARG A 599 -24.70 6.15 -14.60
C ARG A 599 -24.03 6.93 -15.70
N GLY A 600 -24.75 7.89 -16.30
CA GLY A 600 -24.14 8.59 -17.41
C GLY A 600 -24.96 9.78 -17.87
N VAL A 601 -24.40 10.48 -18.85
CA VAL A 601 -25.02 11.63 -19.49
C VAL A 601 -25.09 11.35 -20.99
N PHE A 602 -26.27 11.51 -21.57
CA PHE A 602 -26.51 11.17 -22.96
C PHE A 602 -26.52 12.42 -23.84
N GLN A 603 -25.87 12.32 -24.99
CA GLN A 603 -25.82 13.38 -25.98
C GLN A 603 -26.12 12.77 -27.35
N ASN A 604 -26.34 13.63 -28.34
CA ASN A 604 -26.59 13.20 -29.70
C ASN A 604 -25.28 13.22 -30.48
N CYS A 605 -25.00 12.13 -31.19
CA CYS A 605 -23.73 11.96 -31.89
C CYS A 605 -23.96 11.31 -33.25
N THR A 606 -22.87 11.20 -34.01
CA THR A 606 -22.90 10.45 -35.26
C THR A 606 -22.64 8.98 -35.00
N ALA A 607 -23.27 8.13 -35.81
CA ALA A 607 -23.22 6.69 -35.58
C ALA A 607 -21.83 6.14 -35.86
N VAL A 608 -21.31 5.35 -34.91
CA VAL A 608 -20.06 4.64 -35.07
C VAL A 608 -20.24 3.21 -34.57
N GLY A 609 -19.31 2.34 -34.95
CA GLY A 609 -19.39 0.94 -34.58
C GLY A 609 -20.41 0.20 -35.42
N VAL A 610 -20.70 -1.02 -34.99
CA VAL A 610 -21.71 -1.85 -35.65
C VAL A 610 -23.05 -1.58 -35.00
N LYS A 611 -24.04 -1.17 -35.80
CA LYS A 611 -25.37 -0.89 -35.29
C LYS A 611 -26.03 -2.15 -34.74
N GLN A 612 -25.63 -3.31 -35.24
CA GLN A 612 -26.31 -4.55 -34.90
C GLN A 612 -26.20 -4.87 -33.41
N GLN A 613 -25.19 -4.34 -32.72
CA GLN A 613 -24.87 -4.79 -31.37
C GLN A 613 -25.17 -3.79 -30.26
N ARG A 614 -25.61 -2.58 -30.59
CA ARG A 614 -26.38 -1.73 -29.69
C ARG A 614 -25.56 -1.09 -28.56
N PHE A 615 -24.33 -1.54 -28.34
CA PHE A 615 -23.50 -0.90 -27.32
C PHE A 615 -22.08 -0.75 -27.84
N VAL A 616 -21.53 0.45 -27.71
CA VAL A 616 -20.15 0.75 -28.10
C VAL A 616 -19.35 0.96 -26.82
N TYR A 617 -18.23 0.27 -26.71
CA TYR A 617 -17.39 0.30 -25.53
C TYR A 617 -16.02 0.86 -25.87
N ASP A 618 -15.33 1.39 -24.86
CA ASP A 618 -13.97 1.85 -25.03
C ASP A 618 -13.00 0.73 -24.66
N SER A 619 -11.71 1.05 -24.54
CA SER A 619 -10.73 0.02 -24.20
C SER A 619 -10.92 -0.49 -22.77
N PHE A 620 -11.40 0.36 -21.86
CA PHE A 620 -11.47 0.02 -20.45
C PHE A 620 -12.83 -0.51 -20.05
N ASP A 621 -13.59 -1.05 -21.00
CA ASP A 621 -14.91 -1.63 -20.76
C ASP A 621 -15.85 -0.62 -20.09
N ASN A 622 -15.84 0.60 -20.62
CA ASN A 622 -16.83 1.61 -20.26
C ASN A 622 -17.71 1.91 -21.47
N LEU A 623 -19.00 2.09 -21.23
CA LEU A 623 -19.92 2.36 -22.31
C LEU A 623 -19.73 3.80 -22.81
N VAL A 624 -19.56 3.95 -24.12
CA VAL A 624 -19.40 5.27 -24.71
C VAL A 624 -20.46 5.59 -25.76
N GLY A 625 -21.13 4.60 -26.31
CA GLY A 625 -22.19 4.86 -27.27
C GLY A 625 -23.30 3.86 -27.13
N TYR A 626 -24.53 4.30 -27.41
CA TYR A 626 -25.71 3.45 -27.30
C TYR A 626 -26.58 3.65 -28.53
N TYR A 627 -27.03 2.55 -29.12
CA TYR A 627 -27.94 2.58 -30.27
C TYR A 627 -29.36 2.39 -29.74
N SER A 628 -30.04 3.51 -29.48
CA SER A 628 -31.36 3.46 -28.87
C SER A 628 -32.38 2.88 -29.85
N ASP A 629 -33.57 2.59 -29.31
CA ASP A 629 -34.67 2.05 -30.11
C ASP A 629 -35.42 3.10 -30.89
N ASP A 630 -35.11 4.38 -30.69
CA ASP A 630 -35.75 5.46 -31.44
C ASP A 630 -34.93 5.86 -32.68
N GLY A 631 -34.00 5.01 -33.10
CA GLY A 631 -33.23 5.26 -34.30
C GLY A 631 -32.09 6.23 -34.15
N ASN A 632 -31.75 6.62 -32.92
CA ASN A 632 -30.71 7.60 -32.66
C ASN A 632 -29.53 6.94 -31.96
N TYR A 633 -28.32 7.36 -32.32
CA TYR A 633 -27.11 6.97 -31.63
C TYR A 633 -26.77 8.04 -30.61
N TYR A 634 -26.61 7.64 -29.36
CA TYR A 634 -26.36 8.56 -28.26
C TYR A 634 -24.96 8.33 -27.70
N CYS A 635 -24.19 9.40 -27.59
CA CYS A 635 -22.95 9.36 -26.84
C CYS A 635 -23.27 9.30 -25.35
N VAL A 636 -22.49 8.51 -24.62
CA VAL A 636 -22.66 8.35 -23.19
C VAL A 636 -21.36 8.77 -22.52
N ARG A 637 -21.39 9.90 -21.83
CA ARG A 637 -20.23 10.37 -21.11
C ARG A 637 -20.43 10.20 -19.61
N PRO A 638 -19.36 10.13 -18.83
CA PRO A 638 -19.53 10.02 -17.38
C PRO A 638 -20.04 11.33 -16.79
N CYS A 639 -20.63 11.21 -15.60
CA CYS A 639 -21.21 12.39 -14.95
C CYS A 639 -20.10 13.26 -14.38
N VAL A 640 -20.20 14.57 -14.63
CA VAL A 640 -19.12 15.51 -14.35
C VAL A 640 -19.53 16.42 -13.20
N SER A 641 -18.53 17.06 -12.59
CA SER A 641 -18.74 17.99 -11.49
C SER A 641 -17.92 19.25 -11.74
N VAL A 642 -18.54 20.40 -11.51
CA VAL A 642 -17.87 21.69 -11.71
C VAL A 642 -16.89 21.95 -10.57
N PRO A 643 -15.64 22.31 -10.86
CA PRO A 643 -14.71 22.62 -9.76
C PRO A 643 -15.04 23.95 -9.10
N VAL A 644 -14.71 24.04 -7.81
CA VAL A 644 -14.95 25.24 -7.04
C VAL A 644 -13.76 25.49 -6.13
N SER A 645 -13.32 26.75 -6.06
CA SER A 645 -12.23 27.16 -5.19
C SER A 645 -12.63 28.42 -4.44
N VAL A 646 -12.04 28.61 -3.27
CA VAL A 646 -12.36 29.73 -2.40
C VAL A 646 -11.14 30.62 -2.28
N ILE A 647 -11.30 31.89 -2.62
CA ILE A 647 -10.27 32.91 -2.46
C ILE A 647 -10.56 33.64 -1.15
N TYR A 648 -9.65 33.52 -0.18
CA TYR A 648 -9.91 33.98 1.17
C TYR A 648 -8.81 34.91 1.63
N ASP A 649 -9.20 36.08 2.15
CA ASP A 649 -8.30 37.04 2.76
C ASP A 649 -8.65 37.12 4.25
N LYS A 650 -7.76 36.58 5.09
CA LYS A 650 -8.05 36.47 6.52
C LYS A 650 -8.04 37.83 7.20
N SER A 651 -7.10 38.70 6.82
CA SER A 651 -6.94 39.98 7.52
C SER A 651 -8.20 40.83 7.40
N THR A 652 -8.73 40.96 6.19
CA THR A 652 -9.96 41.68 5.98
C THR A 652 -11.20 40.80 6.10
N ASN A 653 -11.01 39.49 6.26
CA ASN A 653 -12.13 38.54 6.36
C ASN A 653 -13.04 38.65 5.15
N LEU A 654 -12.45 38.51 3.96
CA LEU A 654 -13.18 38.58 2.70
C LEU A 654 -13.02 37.28 1.94
N HIS A 655 -13.99 36.96 1.09
CA HIS A 655 -13.91 35.72 0.34
C HIS A 655 -14.59 35.89 -1.01
N ALA A 656 -14.23 35.00 -1.94
CA ALA A 656 -14.79 34.98 -3.27
C ALA A 656 -14.72 33.55 -3.81
N THR A 657 -15.46 33.29 -4.88
CA THR A 657 -15.56 31.96 -5.46
C THR A 657 -14.96 31.94 -6.86
N LEU A 658 -14.21 30.87 -7.14
CA LEU A 658 -13.52 30.71 -8.42
C LEU A 658 -13.91 29.35 -9.01
N PHE A 659 -14.60 29.38 -10.14
CA PHE A 659 -14.99 28.14 -10.84
C PHE A 659 -13.96 27.90 -11.93
N GLY A 660 -12.90 27.16 -11.58
CA GLY A 660 -11.76 26.98 -12.45
C GLY A 660 -12.09 26.41 -13.82
N SER A 661 -11.69 27.12 -14.86
CA SER A 661 -11.85 26.69 -16.25
C SER A 661 -13.31 26.45 -16.61
N VAL A 662 -14.22 27.23 -16.03
CA VAL A 662 -15.64 27.17 -16.34
C VAL A 662 -16.08 28.53 -16.86
N ALA A 663 -16.75 28.53 -18.01
CA ALA A 663 -17.27 29.76 -18.58
C ALA A 663 -18.37 30.32 -17.69
N CYS A 664 -18.47 31.65 -17.64
CA CYS A 664 -19.44 32.29 -16.76
C CYS A 664 -20.87 32.00 -17.20
N GLU A 665 -21.09 31.83 -18.50
CA GLU A 665 -22.44 31.55 -18.98
C GLU A 665 -22.96 30.23 -18.39
N HIS A 666 -22.09 29.22 -18.31
CA HIS A 666 -22.51 27.94 -17.75
C HIS A 666 -22.84 28.08 -16.28
N VAL A 667 -22.08 28.91 -15.54
CA VAL A 667 -22.37 29.12 -14.13
C VAL A 667 -23.72 29.81 -13.97
N THR A 668 -23.99 30.82 -14.79
CA THR A 668 -25.27 31.52 -14.70
C THR A 668 -26.44 30.59 -15.03
N THR A 669 -26.34 29.87 -16.15
CA THR A 669 -27.45 28.99 -16.56
C THR A 669 -27.67 27.87 -15.55
N MET A 670 -26.59 27.25 -15.07
CA MET A 670 -26.71 26.19 -14.08
C MET A 670 -25.99 26.57 -12.77
N ASN A 688 -23.03 38.14 -6.52
CA ASN A 688 -22.59 39.33 -7.25
C ASN A 688 -22.54 39.02 -8.74
N ALA A 689 -22.07 39.98 -9.52
CA ALA A 689 -21.94 39.78 -10.96
C ALA A 689 -20.76 38.88 -11.26
N PRO A 690 -20.95 37.80 -12.02
CA PRO A 690 -19.82 36.93 -12.36
C PRO A 690 -18.88 37.62 -13.35
N LEU A 691 -17.60 37.30 -13.22
CA LEU A 691 -16.54 37.93 -13.99
C LEU A 691 -15.69 36.86 -14.66
N GLN A 692 -15.31 37.10 -15.90
CA GLN A 692 -14.52 36.13 -16.66
C GLN A 692 -13.04 36.51 -16.60
N THR A 693 -12.20 35.54 -16.22
CA THR A 693 -10.76 35.73 -16.13
C THR A 693 -10.06 34.54 -16.78
N ALA A 694 -8.76 34.71 -17.01
CA ALA A 694 -7.98 33.67 -17.65
C ALA A 694 -7.97 32.37 -16.86
N VAL A 695 -8.32 32.41 -15.58
CA VAL A 695 -8.39 31.19 -14.78
C VAL A 695 -9.80 30.60 -14.73
N GLY A 696 -10.83 31.41 -14.99
CA GLY A 696 -12.18 30.88 -14.97
C GLY A 696 -13.17 31.97 -14.60
N CYS A 697 -14.34 31.54 -14.16
CA CYS A 697 -15.38 32.47 -13.71
C CYS A 697 -15.23 32.73 -12.22
N VAL A 698 -15.25 34.00 -11.85
CA VAL A 698 -15.04 34.45 -10.48
C VAL A 698 -16.25 35.23 -10.04
N ILE A 699 -16.81 34.88 -8.88
CA ILE A 699 -17.91 35.59 -8.26
C ILE A 699 -17.39 36.19 -6.96
N GLY A 700 -17.50 37.51 -6.83
CA GLY A 700 -17.02 38.22 -5.66
C GLY A 700 -15.90 39.20 -5.91
N LEU A 701 -15.34 39.26 -7.11
CA LEU A 701 -14.32 40.24 -7.46
C LEU A 701 -14.89 41.27 -8.43
N SER A 702 -14.49 42.52 -8.25
CA SER A 702 -14.92 43.60 -9.11
C SER A 702 -13.79 44.03 -10.02
N ASN A 703 -14.10 44.24 -11.30
CA ASN A 703 -13.11 44.63 -12.31
C ASN A 703 -13.02 46.15 -12.33
N ASN A 704 -11.95 46.68 -11.76
CA ASN A 704 -11.68 48.11 -11.79
C ASN A 704 -10.40 48.44 -12.55
N SER A 705 -9.90 47.49 -13.36
CA SER A 705 -8.71 47.68 -14.17
C SER A 705 -7.49 48.05 -13.34
N LEU A 706 -7.46 47.62 -12.08
CA LEU A 706 -6.32 47.91 -11.23
C LEU A 706 -5.14 47.04 -11.61
N VAL A 707 -3.94 47.63 -11.52
CA VAL A 707 -2.70 46.92 -11.82
C VAL A 707 -1.77 47.05 -10.63
N VAL A 708 -1.27 45.91 -10.16
CA VAL A 708 -0.29 45.89 -9.08
C VAL A 708 0.89 45.04 -9.53
N SER A 709 2.09 45.45 -9.11
CA SER A 709 3.30 44.72 -9.42
C SER A 709 3.71 43.72 -8.34
N GLU A 710 2.96 43.66 -7.24
CA GLU A 710 3.27 42.77 -6.13
C GLU A 710 2.00 42.55 -5.33
N CYS A 711 1.74 41.30 -4.95
CA CYS A 711 0.60 41.04 -4.06
C CYS A 711 0.77 39.69 -3.40
N LYS A 712 -0.02 39.50 -2.33
CA LYS A 712 0.11 38.35 -1.45
C LYS A 712 -0.85 37.21 -1.77
N LEU A 713 -1.77 37.38 -2.73
CA LEU A 713 -2.81 36.39 -2.99
C LEU A 713 -2.94 36.16 -4.48
N PRO A 714 -2.04 35.38 -5.07
CA PRO A 714 -2.10 35.13 -6.51
C PRO A 714 -3.18 34.13 -6.89
N LEU A 715 -3.81 34.36 -8.04
CA LEU A 715 -4.81 33.48 -8.58
C LEU A 715 -4.32 32.62 -9.73
N GLY A 716 -3.10 32.84 -10.20
CA GLY A 716 -2.58 32.08 -11.32
C GLY A 716 -2.73 32.82 -12.64
N GLN A 717 -1.82 32.54 -13.56
CA GLN A 717 -1.77 33.19 -14.85
C GLN A 717 -1.71 34.71 -14.71
N SER A 718 -0.87 35.17 -13.78
CA SER A 718 -0.61 36.59 -13.57
C SER A 718 -1.88 37.35 -13.20
N LEU A 719 -2.73 36.73 -12.40
CA LEU A 719 -3.93 37.37 -11.86
C LEU A 719 -3.84 37.40 -10.35
N CYS A 720 -4.51 38.35 -9.74
CA CYS A 720 -4.37 38.55 -8.31
C CYS A 720 -5.65 39.12 -7.74
N ALA A 721 -5.90 38.81 -6.47
CA ALA A 721 -7.01 39.36 -5.71
C ALA A 721 -6.44 40.22 -4.59
N VAL A 722 -6.80 41.49 -4.57
CA VAL A 722 -6.27 42.45 -3.62
C VAL A 722 -7.42 43.00 -2.79
N PRO A 723 -7.33 42.99 -1.46
CA PRO A 723 -8.42 43.49 -0.61
C PRO A 723 -8.29 44.99 -0.32
N SER A 724 -8.53 45.81 -1.34
CA SER A 724 -8.42 47.25 -1.17
C SER A 724 -9.44 47.73 -0.15
N VAL A 725 -8.95 48.36 0.92
CA VAL A 725 -9.79 48.83 2.01
C VAL A 725 -9.76 50.35 2.02
N SER A 726 -10.95 50.96 2.01
CA SER A 726 -11.07 52.41 2.01
C SER A 726 -12.44 52.83 2.52
N SER A 734 -13.35 47.41 2.01
CA SER A 734 -14.72 46.92 1.89
C SER A 734 -14.93 46.20 0.57
N GLN A 735 -14.04 46.45 -0.38
CA GLN A 735 -14.11 45.82 -1.69
C GLN A 735 -12.87 44.97 -1.92
N PHE A 736 -13.06 43.89 -2.68
CA PHE A 736 -12.06 42.85 -2.86
C PHE A 736 -11.91 42.66 -4.36
N GLN A 737 -10.84 43.20 -4.93
CA GLN A 737 -10.74 43.45 -6.36
C GLN A 737 -9.74 42.52 -7.06
N LEU A 738 -10.02 42.28 -8.34
CA LEU A 738 -9.08 41.59 -9.23
C LEU A 738 -8.03 42.56 -9.76
N ALA A 739 -6.78 42.09 -9.83
CA ALA A 739 -5.68 42.88 -10.34
C ALA A 739 -4.79 42.02 -11.22
N VAL A 740 -4.03 42.68 -12.09
CA VAL A 740 -3.11 42.02 -13.00
C VAL A 740 -1.70 42.54 -12.75
N LEU A 741 -0.71 41.68 -12.99
CA LEU A 741 0.69 42.00 -12.76
C LEU A 741 1.35 42.56 -14.02
N ASN A 742 2.25 43.52 -13.83
CA ASN A 742 3.24 43.86 -14.85
C ASN A 742 4.59 43.25 -14.53
N TYR A 743 5.38 43.11 -15.59
CA TYR A 743 6.82 42.92 -15.46
C TYR A 743 7.47 44.28 -15.22
N THR A 744 8.18 44.40 -14.11
CA THR A 744 8.87 45.66 -13.79
C THR A 744 10.10 45.79 -14.70
N SER A 745 9.99 46.65 -15.71
CA SER A 745 11.02 46.73 -16.73
C SER A 745 12.33 47.25 -16.13
N PRO A 746 13.46 46.64 -16.47
CA PRO A 746 14.75 47.16 -16.02
C PRO A 746 15.13 48.44 -16.73
N ILE A 747 16.08 49.16 -16.12
CA ILE A 747 16.54 50.42 -16.69
C ILE A 747 17.18 50.17 -18.05
N VAL A 748 16.87 51.03 -19.01
CA VAL A 748 17.40 50.93 -20.36
C VAL A 748 18.44 52.01 -20.56
N LEU A 749 19.68 51.60 -20.82
CA LEU A 749 20.76 52.54 -21.06
C LEU A 749 20.75 52.97 -22.53
N THR A 750 20.71 54.27 -22.78
CA THR A 750 20.75 54.79 -24.14
C THR A 750 22.19 55.13 -24.49
N PRO A 751 22.82 54.43 -25.42
CA PRO A 751 24.20 54.75 -25.78
C PRO A 751 24.30 56.10 -26.48
N ILE A 752 25.47 56.71 -26.37
CA ILE A 752 25.78 57.96 -27.04
C ILE A 752 26.65 57.67 -28.26
N ASN A 753 26.38 58.39 -29.35
CA ASN A 753 27.08 58.17 -30.62
C ASN A 753 28.45 58.85 -30.55
N SER A 754 29.36 58.21 -29.84
CA SER A 754 30.75 58.66 -29.75
C SER A 754 31.68 57.45 -29.90
N SER A 755 32.97 57.65 -29.65
CA SER A 755 33.93 56.57 -29.74
C SER A 755 34.03 55.76 -28.46
N GLY A 756 33.25 56.08 -27.44
CA GLY A 756 33.25 55.32 -26.21
C GLY A 756 31.93 54.62 -25.96
N PHE A 757 31.57 54.44 -24.69
CA PHE A 757 30.33 53.78 -24.33
C PHE A 757 29.82 54.34 -23.02
N THR A 758 28.51 54.59 -22.96
CA THR A 758 27.91 55.10 -21.73
C THR A 758 28.03 54.08 -20.61
N ALA A 759 28.43 54.54 -19.43
CA ALA A 759 28.61 53.67 -18.28
C ALA A 759 27.89 54.24 -17.07
N ALA A 760 27.22 53.38 -16.32
CA ALA A 760 26.53 53.76 -15.09
C ALA A 760 27.40 53.34 -13.91
N ILE A 761 27.89 54.31 -13.15
CA ILE A 761 28.82 54.07 -12.05
C ILE A 761 28.16 54.54 -10.76
N PRO A 762 28.18 53.74 -9.70
CA PRO A 762 27.51 54.14 -8.46
C PRO A 762 28.06 55.44 -7.90
N THR A 763 27.15 56.25 -7.37
CA THR A 763 27.50 57.44 -6.60
C THR A 763 27.15 57.31 -5.14
N ASN A 764 26.11 56.53 -4.82
CA ASN A 764 25.69 56.26 -3.46
C ASN A 764 25.46 54.76 -3.36
N PHE A 765 25.64 54.21 -2.16
CA PHE A 765 25.60 52.76 -2.00
C PHE A 765 24.88 52.40 -0.72
N SER A 766 24.84 51.10 -0.45
CA SER A 766 24.19 50.55 0.74
C SER A 766 24.66 49.11 0.89
N PHE A 767 24.20 48.46 1.96
CA PHE A 767 24.52 47.07 2.24
C PHE A 767 23.22 46.30 2.41
N SER A 768 23.12 45.15 1.73
CA SER A 768 21.93 44.31 1.81
C SER A 768 22.32 42.94 2.33
N VAL A 769 21.60 42.48 3.35
CA VAL A 769 21.83 41.17 3.94
C VAL A 769 20.83 40.19 3.35
N THR A 770 21.35 39.14 2.72
CA THR A 770 20.53 38.11 2.07
C THR A 770 20.59 36.86 2.93
N GLN A 771 19.57 36.65 3.75
CA GLN A 771 19.54 35.50 4.65
C GLN A 771 19.19 34.23 3.88
N GLU A 772 19.72 33.11 4.36
CA GLU A 772 19.55 31.83 3.69
C GLU A 772 19.60 30.72 4.73
N TYR A 773 18.88 29.64 4.45
CA TYR A 773 18.84 28.47 5.32
C TYR A 773 19.07 27.23 4.46
N ILE A 774 20.06 26.42 4.85
CA ILE A 774 20.32 25.14 4.19
C ILE A 774 20.14 24.04 5.22
N GLU A 775 19.23 23.12 4.94
CA GLU A 775 18.99 21.99 5.83
C GLU A 775 20.15 21.01 5.77
N THR A 776 20.42 20.34 6.89
CA THR A 776 21.52 19.39 6.97
C THR A 776 21.13 18.04 7.57
N SER A 777 19.95 17.90 8.16
CA SER A 777 19.60 16.66 8.82
C SER A 777 18.09 16.61 9.02
N ILE A 778 17.60 15.43 9.37
CA ILE A 778 16.20 15.20 9.69
C ILE A 778 16.14 14.54 11.06
N GLN A 779 14.99 14.68 11.71
CA GLN A 779 14.80 14.06 13.02
C GLN A 779 14.95 12.55 12.90
N LYS A 780 15.70 11.97 13.84
CA LYS A 780 15.94 10.54 13.84
C LYS A 780 14.83 9.85 14.62
N VAL A 781 14.11 8.96 13.96
CA VAL A 781 12.98 8.26 14.54
C VAL A 781 13.19 6.77 14.35
N THR A 782 13.00 5.99 15.41
CA THR A 782 13.01 4.54 15.35
C THR A 782 11.68 4.02 15.90
N VAL A 783 11.23 2.89 15.36
CA VAL A 783 9.91 2.36 15.67
C VAL A 783 10.05 0.94 16.18
N ASP A 784 9.33 0.63 17.26
CA ASP A 784 9.25 -0.71 17.82
C ASP A 784 8.12 -1.45 17.10
N CYS A 785 8.48 -2.39 16.22
CA CYS A 785 7.46 -3.04 15.40
C CYS A 785 6.47 -3.82 16.26
N LYS A 786 6.97 -4.54 17.26
CA LYS A 786 6.08 -5.35 18.09
C LYS A 786 5.09 -4.49 18.86
N GLN A 787 5.53 -3.34 19.35
CA GLN A 787 4.63 -2.46 20.09
C GLN A 787 3.68 -1.72 19.15
N TYR A 788 4.18 -1.28 18.00
CA TYR A 788 3.35 -0.50 17.08
C TYR A 788 2.21 -1.33 16.52
N VAL A 789 2.51 -2.54 16.04
CA VAL A 789 1.47 -3.36 15.42
C VAL A 789 0.50 -3.89 16.47
N CYS A 790 1.01 -4.38 17.60
CA CYS A 790 0.19 -4.94 18.67
C CYS A 790 0.45 -4.12 19.93
N ASN A 791 -0.48 -3.25 20.29
CA ASN A 791 -0.27 -2.28 21.36
C ASN A 791 -0.34 -2.95 22.73
N GLY A 792 0.55 -3.93 22.93
CA GLY A 792 0.66 -4.59 24.21
C GLY A 792 -0.36 -5.68 24.47
N PHE A 793 -1.11 -6.11 23.46
CA PHE A 793 -2.11 -7.15 23.63
C PHE A 793 -1.47 -8.51 23.35
N THR A 794 -1.53 -9.40 24.34
CA THR A 794 -0.91 -10.71 24.19
C THR A 794 -1.54 -11.51 23.05
N ARG A 795 -2.85 -11.33 22.83
CA ARG A 795 -3.52 -12.06 21.75
C ARG A 795 -2.95 -11.66 20.40
N CYS A 796 -2.65 -10.37 20.22
CA CYS A 796 -2.11 -9.92 18.93
C CYS A 796 -0.67 -10.37 18.76
N GLU A 797 0.11 -10.38 19.84
CA GLU A 797 1.54 -10.71 19.73
C GLU A 797 1.74 -12.15 19.25
N LYS A 798 0.90 -13.07 19.70
CA LYS A 798 1.01 -14.46 19.25
C LYS A 798 0.81 -14.56 17.74
N LEU A 799 -0.13 -13.80 17.20
CA LEU A 799 -0.32 -13.77 15.74
C LEU A 799 0.88 -13.13 15.06
N LEU A 800 1.46 -12.10 15.66
CA LEU A 800 2.56 -11.37 15.03
C LEU A 800 3.83 -12.21 14.98
N VAL A 801 3.94 -13.26 15.79
CA VAL A 801 5.12 -14.12 15.75
C VAL A 801 5.27 -14.77 14.37
N GLU A 802 4.16 -15.02 13.68
CA GLU A 802 4.24 -15.64 12.36
C GLU A 802 5.00 -14.76 11.39
N TYR A 803 4.70 -13.46 11.37
CA TYR A 803 5.38 -12.55 10.46
C TYR A 803 6.87 -12.44 10.80
N GLY A 804 7.20 -11.84 11.93
CA GLY A 804 8.54 -11.95 12.48
C GLY A 804 9.61 -11.27 11.64
N GLN A 805 9.74 -11.72 10.39
CA GLN A 805 10.78 -11.18 9.51
C GLN A 805 10.42 -9.78 9.01
N PHE A 806 9.14 -9.45 8.93
CA PHE A 806 8.75 -8.11 8.52
C PHE A 806 9.05 -7.10 9.61
N CYS A 807 8.94 -7.49 10.87
CA CYS A 807 9.33 -6.60 11.96
C CYS A 807 10.84 -6.39 11.97
N SER A 808 11.61 -7.43 11.66
CA SER A 808 13.06 -7.32 11.68
C SER A 808 13.57 -6.36 10.62
N LYS A 809 13.01 -6.42 9.42
CA LYS A 809 13.48 -5.55 8.34
C LYS A 809 13.22 -4.08 8.64
N ILE A 810 12.13 -3.77 9.34
CA ILE A 810 11.82 -2.39 9.67
C ILE A 810 12.80 -1.86 10.71
N ASN A 811 13.14 -2.68 11.71
CA ASN A 811 14.10 -2.25 12.71
C ASN A 811 15.48 -2.01 12.10
N GLN A 812 15.90 -2.89 11.20
CA GLN A 812 17.23 -2.77 10.61
C GLN A 812 17.31 -1.61 9.62
N ALA A 813 16.26 -1.40 8.82
CA ALA A 813 16.27 -0.31 7.86
C ALA A 813 16.31 1.04 8.57
N LEU A 814 15.54 1.19 9.65
CA LEU A 814 15.58 2.43 10.41
C LEU A 814 16.90 2.60 11.14
N HIS A 815 17.54 1.49 11.53
CA HIS A 815 18.85 1.59 12.14
C HIS A 815 19.90 2.04 11.13
N GLY A 816 19.90 1.43 9.96
CA GLY A 816 20.88 1.79 8.95
C GLY A 816 20.74 3.22 8.47
N ALA A 817 19.50 3.71 8.39
CA ALA A 817 19.28 5.08 7.97
C ALA A 817 19.80 6.08 8.99
N ASN A 818 19.75 5.73 10.28
CA ASN A 818 20.25 6.65 11.31
C ASN A 818 21.77 6.66 11.39
N LEU A 819 22.44 5.55 11.07
CA LEU A 819 23.90 5.58 11.02
C LEU A 819 24.39 6.50 9.92
N ARG A 820 23.80 6.42 8.74
CA ARG A 820 24.23 7.29 7.64
C ARG A 820 23.89 8.74 7.91
N GLN A 821 22.98 9.03 8.83
CA GLN A 821 22.77 10.40 9.28
C GLN A 821 23.78 10.82 10.33
N ASP A 822 24.49 9.88 10.95
CA ASP A 822 25.60 10.20 11.84
C ASP A 822 26.94 10.15 11.15
N GLU A 823 27.02 9.54 9.97
CA GLU A 823 28.21 9.57 9.15
C GLU A 823 28.23 10.77 8.22
N SER A 824 27.15 11.54 8.19
CA SER A 824 27.09 12.78 7.43
C SER A 824 27.15 14.01 8.31
N VAL A 825 26.64 13.95 9.54
CA VAL A 825 26.83 15.04 10.48
C VAL A 825 28.28 15.11 10.93
N TYR A 826 28.90 13.96 11.16
CA TYR A 826 30.33 13.94 11.48
C TYR A 826 31.15 14.48 10.32
N SER A 827 30.81 14.09 9.10
CA SER A 827 31.55 14.53 7.94
C SER A 827 31.31 16.00 7.63
N LEU A 828 30.16 16.54 8.04
CA LEU A 828 29.89 17.96 7.81
C LEU A 828 30.78 18.83 8.70
N TYR A 829 30.90 18.48 9.97
CA TYR A 829 31.68 19.28 10.90
C TYR A 829 33.18 19.07 10.76
N SER A 830 33.59 18.03 10.03
CA SER A 830 35.00 17.82 9.73
C SER A 830 35.41 18.47 8.43
N ASN A 831 34.50 19.21 7.80
CA ASN A 831 34.80 20.00 6.62
C ASN A 831 34.69 21.50 6.85
N ILE A 832 33.97 21.93 7.88
CA ILE A 832 33.82 23.35 8.18
C ILE A 832 34.65 23.74 9.40
N LYS A 833 35.45 22.81 9.94
CA LYS A 833 36.27 23.14 11.10
C LYS A 833 37.35 24.13 10.71
N THR A 834 37.62 25.07 11.61
CA THR A 834 38.64 26.09 11.37
C THR A 834 39.97 25.60 11.95
N THR A 835 41.01 25.66 11.12
CA THR A 835 42.35 25.26 11.57
C THR A 835 43.02 26.32 12.43
N SER A 836 42.75 27.60 12.19
CA SER A 836 43.35 28.66 12.99
C SER A 836 42.39 29.83 13.07
N THR A 837 42.40 30.52 14.21
CA THR A 837 41.51 31.62 14.48
C THR A 837 42.26 32.75 15.16
N GLN A 838 41.63 33.92 15.21
CA GLN A 838 42.14 35.06 15.94
C GLN A 838 41.07 35.55 16.91
N THR A 839 41.53 36.19 17.99
CA THR A 839 40.62 36.60 19.07
C THR A 839 40.01 37.94 18.72
N LEU A 840 38.74 37.91 18.32
CA LEU A 840 37.98 39.12 18.06
C LEU A 840 37.45 39.68 19.37
N GLU A 841 37.31 41.00 19.43
CA GLU A 841 36.73 41.64 20.61
C GLU A 841 35.22 41.44 20.63
N TYR A 842 34.63 41.69 21.79
CA TYR A 842 33.21 41.41 21.97
C TYR A 842 32.35 42.23 21.02
N GLY A 843 32.56 43.55 20.99
CA GLY A 843 31.76 44.41 20.15
C GLY A 843 32.58 45.57 19.63
N LEU A 844 32.11 46.11 18.51
CA LEU A 844 32.71 47.31 17.90
C LEU A 844 34.17 47.03 17.53
N ASN A 845 34.35 46.12 16.58
CA ASN A 845 35.67 45.76 16.07
C ASN A 845 36.06 46.77 15.00
N GLY A 846 36.91 47.73 15.35
CA GLY A 846 37.35 48.71 14.37
C GLY A 846 36.22 49.51 13.76
N ASP A 847 35.22 49.88 14.57
CA ASP A 847 34.01 50.59 14.15
C ASP A 847 33.05 49.72 13.36
N PHE A 848 33.20 48.40 13.45
CA PHE A 848 32.22 47.45 12.92
C PHE A 848 31.60 46.72 14.11
N ASN A 849 30.28 46.76 14.21
CA ASN A 849 29.57 46.25 15.38
C ASN A 849 29.12 44.82 15.10
N LEU A 850 29.72 43.85 15.79
CA LEU A 850 29.44 42.43 15.59
C LEU A 850 28.83 41.77 16.82
N THR A 851 28.16 42.54 17.68
CA THR A 851 27.66 41.97 18.93
C THR A 851 26.61 40.89 18.69
N LEU A 852 25.81 41.03 17.62
CA LEU A 852 24.76 40.05 17.36
C LEU A 852 25.33 38.68 17.03
N LEU A 853 26.54 38.61 16.49
CA LEU A 853 27.14 37.35 16.08
C LEU A 853 28.04 36.75 17.15
N GLN A 854 28.16 37.37 18.31
CA GLN A 854 29.02 36.90 19.38
C GLN A 854 28.17 36.55 20.60
N VAL A 855 28.65 35.58 21.36
CA VAL A 855 27.92 35.13 22.56
C VAL A 855 27.88 36.25 23.59
N PRO A 856 26.71 36.58 24.14
CA PRO A 856 26.64 37.71 25.07
C PRO A 856 27.40 37.43 26.35
N GLN A 857 28.05 38.47 26.87
CA GLN A 857 28.80 38.39 28.12
C GLN A 857 28.30 39.46 29.07
N ILE A 858 27.97 39.05 30.29
CA ILE A 858 27.39 39.97 31.27
C ILE A 858 28.48 40.68 32.07
N GLY A 859 29.46 39.92 32.56
CA GLY A 859 30.48 40.48 33.43
C GLY A 859 31.89 40.28 32.92
N GLY A 860 32.07 40.42 31.61
CA GLY A 860 33.34 40.14 30.98
C GLY A 860 33.58 38.67 30.68
N SER A 861 32.64 37.80 31.04
CA SER A 861 32.72 36.38 30.73
C SER A 861 31.47 35.98 29.97
N PRO A 862 31.59 35.22 28.88
CA PRO A 862 30.39 34.82 28.13
C PRO A 862 29.42 34.03 28.99
N SER A 863 28.14 34.36 28.85
CA SER A 863 27.07 33.67 29.57
C SER A 863 26.24 32.90 28.54
N GLY A 864 26.25 31.58 28.66
CA GLY A 864 25.63 30.75 27.66
C GLY A 864 26.57 30.40 26.54
N TYR A 865 25.98 29.82 25.49
CA TYR A 865 26.76 29.31 24.36
C TYR A 865 26.24 29.75 23.01
N ARG A 866 25.04 30.29 22.92
CA ARG A 866 24.45 30.69 21.65
C ARG A 866 24.66 32.18 21.42
N SER A 867 24.99 32.53 20.17
CA SER A 867 25.16 33.92 19.81
C SER A 867 23.84 34.66 19.93
N ALA A 868 23.92 35.99 19.95
CA ALA A 868 22.71 36.80 20.14
C ALA A 868 21.74 36.60 18.99
N ILE A 869 22.23 36.57 17.75
CA ILE A 869 21.32 36.39 16.61
C ILE A 869 20.82 34.95 16.55
N GLU A 870 21.64 33.98 16.95
CA GLU A 870 21.17 32.60 16.97
C GLU A 870 20.09 32.41 18.02
N ASP A 871 20.24 33.07 19.18
CA ASP A 871 19.23 32.98 20.23
C ASP A 871 17.89 33.56 19.77
N LEU A 872 17.93 34.70 19.08
CA LEU A 872 16.69 35.32 18.61
C LEU A 872 16.05 34.51 17.49
N LEU A 873 16.81 33.69 16.78
CA LEU A 873 16.24 32.88 15.73
C LEU A 873 15.48 31.69 16.29
N PHE A 874 15.98 31.11 17.39
CA PHE A 874 15.39 29.88 17.91
C PHE A 874 14.04 30.12 18.57
N ASP A 875 13.88 31.24 19.27
CA ASP A 875 12.62 31.43 20.00
C ASP A 875 11.47 31.74 19.06
N LYS A 876 11.75 32.36 17.91
CA LYS A 876 10.69 32.67 16.95
C LYS A 876 10.05 31.40 16.40
N VAL A 877 10.85 30.39 16.09
CA VAL A 877 10.32 29.15 15.55
C VAL A 877 9.67 28.35 16.68
N THR A 878 8.62 27.60 16.34
CA THR A 878 7.88 26.81 17.31
C THR A 878 8.26 25.34 17.16
N ILE A 879 8.98 24.81 18.15
CA ILE A 879 9.40 23.41 18.15
C ILE A 879 9.01 22.80 19.49
N ALA A 880 8.53 21.56 19.44
CA ALA A 880 8.21 20.84 20.67
C ALA A 880 9.47 20.23 21.25
N ASP A 881 9.70 20.45 22.54
CA ASP A 881 10.87 19.92 23.20
C ASP A 881 10.80 18.40 23.25
N PRO A 882 11.78 17.67 22.70
CA PRO A 882 11.72 16.20 22.73
C PRO A 882 12.08 15.59 24.06
N GLY A 883 12.54 16.38 25.03
CA GLY A 883 12.87 15.85 26.34
C GLY A 883 13.83 14.69 26.30
N TYR A 884 15.08 14.95 25.91
CA TYR A 884 16.06 13.88 25.77
C TYR A 884 16.42 13.25 27.11
N MET A 885 16.36 14.02 28.19
CA MET A 885 16.79 13.51 29.50
C MET A 885 15.64 12.92 30.30
N GLN A 886 14.60 13.72 30.58
CA GLN A 886 13.49 13.32 31.42
C GLN A 886 12.16 13.40 30.68
N GLY A 887 12.18 13.15 29.38
CA GLY A 887 10.96 13.27 28.59
C GLY A 887 9.89 12.28 29.00
N TYR A 888 10.28 11.09 29.44
CA TYR A 888 9.30 10.09 29.85
C TYR A 888 8.54 10.53 31.09
N ASP A 889 9.27 11.04 32.10
CA ASP A 889 8.63 11.42 33.35
C ASP A 889 7.68 12.59 33.16
N ASP A 890 8.14 13.64 32.46
CA ASP A 890 7.35 14.84 32.32
C ASP A 890 6.04 14.57 31.58
N CYS A 891 6.05 13.63 30.63
CA CYS A 891 4.83 13.29 29.93
C CYS A 891 3.78 12.70 30.87
N MET A 892 4.22 12.05 31.95
CA MET A 892 3.28 11.46 32.89
C MET A 892 2.54 12.53 33.68
N LYS A 893 3.22 13.61 34.06
CA LYS A 893 2.63 14.66 34.89
C LYS A 893 2.45 15.96 34.12
N GLN A 894 2.46 15.92 32.79
CA GLN A 894 2.32 17.13 32.01
C GLN A 894 0.92 17.73 32.13
N GLY A 895 -0.10 16.88 32.26
CA GLY A 895 -1.46 17.34 32.30
C GLY A 895 -2.35 16.34 31.59
N PRO A 896 -3.68 16.58 31.60
CA PRO A 896 -4.58 15.62 30.97
C PRO A 896 -4.26 15.42 29.50
N GLN A 897 -4.40 16.48 28.71
CA GLN A 897 -3.86 16.58 27.36
C GLN A 897 -4.25 17.95 26.81
N SER A 898 -3.64 18.42 25.73
CA SER A 898 -4.19 19.53 24.96
C SER A 898 -4.54 19.14 23.54
N ALA A 899 -3.57 18.68 22.75
CA ALA A 899 -3.74 18.09 21.43
C ALA A 899 -2.98 16.78 21.39
N ARG A 900 -3.01 16.10 20.25
CA ARG A 900 -2.05 15.02 20.08
C ARG A 900 -0.66 15.58 20.31
N ASP A 901 -0.02 15.22 21.41
CA ASP A 901 1.32 15.70 21.74
C ASP A 901 2.29 14.67 21.19
N LEU A 902 2.83 14.95 20.00
CA LEU A 902 3.62 13.95 19.30
C LEU A 902 4.89 13.59 20.05
N ILE A 903 5.29 14.39 21.03
CA ILE A 903 6.43 14.04 21.86
C ILE A 903 6.03 13.06 22.95
N CYS A 904 4.80 13.16 23.46
CA CYS A 904 4.32 12.22 24.47
C CYS A 904 3.63 11.00 23.84
N ALA A 905 3.40 11.01 22.54
CA ALA A 905 2.86 9.85 21.85
C ALA A 905 3.93 8.87 21.45
N GLN A 906 5.20 9.18 21.72
CA GLN A 906 6.27 8.21 21.52
C GLN A 906 6.01 6.95 22.31
N TYR A 907 5.72 7.10 23.59
CA TYR A 907 5.60 5.98 24.51
C TYR A 907 4.29 5.24 24.33
N VAL A 908 3.25 5.94 23.86
CA VAL A 908 1.98 5.29 23.58
C VAL A 908 2.08 4.42 22.33
N SER A 909 2.68 4.94 21.28
CA SER A 909 2.64 4.30 19.97
C SER A 909 3.83 3.40 19.68
N GLY A 910 4.93 3.55 20.41
CA GLY A 910 6.07 2.68 20.24
C GLY A 910 7.18 3.22 19.37
N TYR A 911 7.16 4.49 19.02
CA TYR A 911 8.25 5.11 18.27
C TYR A 911 9.06 6.02 19.20
N LYS A 912 10.27 6.34 18.78
CA LYS A 912 11.21 7.07 19.62
C LYS A 912 11.97 8.09 18.79
N VAL A 913 12.11 9.30 19.33
CA VAL A 913 12.89 10.35 18.68
C VAL A 913 14.28 10.33 19.29
N LEU A 914 15.28 9.99 18.48
CA LEU A 914 16.64 9.89 18.98
C LEU A 914 17.33 11.24 18.96
N PRO A 915 18.26 11.48 19.89
CA PRO A 915 18.95 12.76 19.94
C PRO A 915 20.07 12.83 18.92
N PRO A 916 20.44 14.03 18.49
CA PRO A 916 21.50 14.18 17.49
C PRO A 916 22.87 13.91 18.08
N LEU A 917 23.84 13.75 17.17
CA LEU A 917 25.18 13.33 17.56
C LEU A 917 25.85 14.35 18.46
N TYR A 918 25.72 15.64 18.13
CA TYR A 918 26.37 16.71 18.87
C TYR A 918 25.32 17.51 19.63
N ASP A 919 25.61 17.79 20.89
CA ASP A 919 24.67 18.57 21.68
C ASP A 919 24.70 20.03 21.21
N PRO A 920 23.66 20.79 21.53
CA PRO A 920 23.62 22.19 21.07
C PRO A 920 24.81 23.01 21.50
N ASN A 921 25.43 22.71 22.64
CA ASN A 921 26.55 23.52 23.11
C ASN A 921 27.78 23.31 22.24
N MET A 922 28.03 22.08 21.81
CA MET A 922 29.15 21.82 20.91
C MET A 922 28.85 22.25 19.48
N GLU A 923 27.58 22.17 19.08
CA GLU A 923 27.19 22.63 17.75
C GLU A 923 27.42 24.13 17.59
N ALA A 924 27.32 24.88 18.67
CA ALA A 924 27.49 26.33 18.63
C ALA A 924 28.91 26.77 18.92
N ALA A 925 29.82 25.82 19.15
CA ALA A 925 31.24 26.13 19.23
C ALA A 925 31.92 26.02 17.88
N TYR A 926 31.38 25.20 16.98
CA TYR A 926 31.90 25.13 15.63
C TYR A 926 31.65 26.43 14.88
N THR A 927 30.47 27.02 15.05
CA THR A 927 30.16 28.26 14.35
C THR A 927 30.74 29.48 15.04
N SER A 928 30.87 29.45 16.37
CA SER A 928 31.53 30.55 17.07
C SER A 928 33.01 30.63 16.69
N SER A 929 33.62 29.49 16.37
CA SER A 929 34.99 29.50 15.87
C SER A 929 35.08 30.05 14.46
N LEU A 930 34.02 29.86 13.65
CA LEU A 930 34.04 30.34 12.28
C LEU A 930 34.06 31.86 12.20
N LEU A 931 33.68 32.57 13.26
CA LEU A 931 33.68 34.02 13.21
C LEU A 931 35.10 34.57 13.19
N GLY A 932 36.00 33.96 13.97
CA GLY A 932 37.37 34.45 14.02
C GLY A 932 38.20 34.06 12.82
N SER A 933 37.90 32.92 12.22
CA SER A 933 38.77 32.37 11.18
C SER A 933 38.68 33.12 9.86
N ILE A 934 37.64 33.94 9.66
CA ILE A 934 37.42 34.54 8.34
C ILE A 934 38.60 35.43 7.95
N ALA A 935 39.00 36.32 8.85
CA ALA A 935 40.19 37.12 8.59
C ALA A 935 41.47 36.31 8.81
N GLY A 936 41.43 35.32 9.71
CA GLY A 936 42.57 34.47 9.96
C GLY A 936 42.68 33.33 8.98
N ALA A 937 42.65 33.66 7.68
CA ALA A 937 42.84 32.67 6.63
C ALA A 937 44.05 32.93 5.75
N GLY A 938 44.48 34.17 5.60
CA GLY A 938 45.69 34.47 4.87
C GLY A 938 45.43 34.79 3.41
N TRP A 939 45.65 36.04 3.00
CA TRP A 939 45.47 36.40 1.60
C TRP A 939 46.71 35.99 0.81
N THR A 940 46.58 34.91 0.05
CA THR A 940 47.56 34.40 -0.91
C THR A 940 46.83 33.43 -1.82
N ALA A 941 47.58 32.83 -2.74
CA ALA A 941 47.10 31.63 -3.41
C ALA A 941 47.28 30.43 -2.49
N GLY A 942 46.28 29.58 -2.42
CA GLY A 942 46.31 28.42 -1.55
C GLY A 942 45.81 28.73 -0.15
N LEU A 943 45.73 27.66 0.64
CA LEU A 943 45.23 27.73 2.01
C LEU A 943 46.33 27.58 3.05
N SER A 944 47.59 27.64 2.64
CA SER A 944 48.68 27.26 3.54
C SER A 944 48.85 28.27 4.67
N SER A 945 49.13 29.52 4.35
CA SER A 945 49.50 30.48 5.38
C SER A 945 48.27 31.02 6.10
N PHE A 946 48.52 31.73 7.20
CA PHE A 946 47.47 32.37 7.99
C PHE A 946 47.92 33.78 8.33
N ALA A 947 47.12 34.76 7.95
CA ALA A 947 47.40 36.17 8.26
C ALA A 947 46.45 36.61 9.37
N ALA A 948 47.02 37.12 10.46
CA ALA A 948 46.22 37.62 11.57
C ALA A 948 45.91 39.11 11.38
N ILE A 949 45.23 39.40 10.29
CA ILE A 949 44.80 40.77 10.00
C ILE A 949 43.53 41.05 10.78
N PRO A 950 43.45 42.16 11.52
CA PRO A 950 42.23 42.48 12.26
C PRO A 950 41.04 42.61 11.34
N PHE A 951 39.85 42.59 11.94
CA PHE A 951 38.61 42.56 11.16
C PHE A 951 38.46 43.81 10.30
N ALA A 952 38.79 44.98 10.86
CA ALA A 952 38.60 46.23 10.12
C ALA A 952 39.48 46.27 8.88
N GLN A 953 40.79 46.02 9.03
CA GLN A 953 41.66 46.01 7.87
C GLN A 953 41.35 44.85 6.93
N SER A 954 40.89 43.72 7.46
CA SER A 954 40.40 42.65 6.60
C SER A 954 39.17 43.10 5.84
N MET A 955 38.32 43.91 6.47
CA MET A 955 37.09 44.37 5.83
C MET A 955 37.39 45.23 4.60
N PHE A 956 38.32 46.17 4.75
CA PHE A 956 38.58 47.13 3.67
C PHE A 956 39.26 46.48 2.48
N TYR A 957 39.99 45.37 2.71
CA TYR A 957 40.60 44.67 1.59
C TYR A 957 39.55 44.10 0.66
N ARG A 958 38.46 43.56 1.21
CA ARG A 958 37.42 42.98 0.37
C ARG A 958 36.69 44.05 -0.43
N LEU A 959 36.45 45.22 0.18
CA LEU A 959 35.80 46.31 -0.55
C LEU A 959 36.69 46.82 -1.67
N ASN A 960 38.00 46.90 -1.42
CA ASN A 960 38.92 47.37 -2.45
C ASN A 960 38.92 46.45 -3.66
N GLY A 961 38.73 45.15 -3.43
CA GLY A 961 38.73 44.20 -4.54
C GLY A 961 37.58 44.40 -5.50
N VAL A 962 36.41 44.77 -4.99
CA VAL A 962 35.22 44.87 -5.84
C VAL A 962 35.15 46.15 -6.66
N GLY A 963 36.10 47.07 -6.51
CA GLY A 963 36.13 48.23 -7.36
C GLY A 963 36.44 49.55 -6.69
N ILE A 964 36.10 49.67 -5.41
CA ILE A 964 36.35 50.91 -4.68
C ILE A 964 37.86 51.17 -4.63
N THR A 965 38.29 52.28 -5.21
CA THR A 965 39.69 52.37 -5.64
C THR A 965 40.69 52.37 -4.50
N GLN A 966 40.90 53.50 -3.83
CA GLN A 966 41.59 53.49 -2.55
C GLN A 966 41.09 54.59 -1.62
N GLN A 967 40.71 55.73 -2.19
CA GLN A 967 40.41 56.90 -1.37
C GLN A 967 38.98 56.90 -0.89
N VAL A 968 38.09 56.20 -1.58
CA VAL A 968 36.73 56.05 -1.10
C VAL A 968 36.73 55.33 0.23
N LEU A 969 37.75 54.52 0.50
CA LEU A 969 37.95 53.94 1.82
C LEU A 969 38.73 54.87 2.74
N SER A 970 39.90 55.35 2.30
CA SER A 970 40.76 56.13 3.19
C SER A 970 40.07 57.41 3.65
N GLU A 971 39.57 58.19 2.69
CA GLU A 971 38.53 59.16 3.00
C GLU A 971 37.21 58.42 3.12
N ASN A 972 36.29 58.98 3.89
CA ASN A 972 34.93 58.46 3.98
C ASN A 972 34.91 56.99 4.40
N GLN A 973 35.45 56.74 5.59
CA GLN A 973 35.54 55.38 6.13
C GLN A 973 34.52 55.10 7.22
N LYS A 974 33.75 56.08 7.65
CA LYS A 974 32.75 55.88 8.69
C LYS A 974 31.33 55.80 8.15
N LEU A 975 31.05 56.45 7.02
CA LEU A 975 29.79 56.21 6.34
C LEU A 975 29.72 54.77 5.84
N ILE A 976 30.85 54.22 5.41
CA ILE A 976 30.90 52.81 5.02
C ILE A 976 30.65 51.92 6.22
N ALA A 977 31.30 52.22 7.36
CA ALA A 977 31.15 51.38 8.54
C ALA A 977 29.74 51.50 9.12
N ASN A 978 29.18 52.70 9.15
CA ASN A 978 27.85 52.88 9.71
C ASN A 978 26.80 52.12 8.92
N LYS A 979 26.90 52.13 7.59
CA LYS A 979 25.94 51.37 6.79
C LYS A 979 26.07 49.88 7.02
N PHE A 980 27.27 49.41 7.38
CA PHE A 980 27.43 48.01 7.74
C PHE A 980 26.68 47.69 9.03
N ASN A 981 26.76 48.56 10.02
CA ASN A 981 26.08 48.32 11.28
C ASN A 981 24.57 48.27 11.11
N GLN A 982 24.02 49.18 10.29
CA GLN A 982 22.57 49.20 10.08
C GLN A 982 22.10 47.92 9.42
N ALA A 983 22.86 47.41 8.44
CA ALA A 983 22.48 46.18 7.77
C ALA A 983 22.44 45.01 8.74
N LEU A 984 23.45 44.91 9.61
CA LEU A 984 23.48 43.84 10.60
C LEU A 984 22.43 44.05 11.69
N GLY A 985 22.08 45.30 11.98
CA GLY A 985 21.09 45.57 13.01
C GLY A 985 19.67 45.22 12.60
N ALA A 986 19.42 45.07 11.30
CA ALA A 986 18.08 44.80 10.79
C ALA A 986 17.83 43.32 10.54
N MET A 987 18.78 42.44 10.85
CA MET A 987 18.56 41.01 10.62
C MET A 987 17.51 40.43 11.55
N GLN A 988 17.26 41.05 12.70
CA GLN A 988 16.22 40.56 13.59
C GLN A 988 14.84 40.66 12.95
N THR A 989 14.60 41.74 12.19
CA THR A 989 13.29 41.96 11.59
C THR A 989 12.97 40.97 10.47
N GLY A 990 13.94 40.19 10.03
CA GLY A 990 13.70 39.20 9.00
C GLY A 990 13.20 37.87 9.50
N PHE A 991 12.91 37.75 10.78
CA PHE A 991 12.45 36.48 11.36
C PHE A 991 10.92 36.44 11.41
N THR A 992 10.32 36.58 10.23
CA THR A 992 8.87 36.55 10.08
C THR A 992 8.51 35.58 8.95
N THR A 993 7.23 35.28 8.84
CA THR A 993 6.77 34.38 7.78
C THR A 993 6.95 34.98 6.40
N SER A 994 7.09 36.30 6.30
CA SER A 994 7.32 36.93 5.01
C SER A 994 8.64 36.52 4.40
N ASN A 995 9.68 36.44 5.23
CA ASN A 995 11.03 36.14 4.73
C ASN A 995 11.10 34.73 4.18
N GLN A 996 11.71 34.59 2.99
CA GLN A 996 11.82 33.29 2.35
C GLN A 996 12.66 32.33 3.19
N ALA A 997 13.79 32.80 3.70
CA ALA A 997 14.70 31.92 4.43
C ALA A 997 14.06 31.43 5.72
N PHE A 998 13.42 32.33 6.49
CA PHE A 998 12.83 31.91 7.74
C PHE A 998 11.62 31.01 7.51
N SER A 999 10.85 31.26 6.47
CA SER A 999 9.74 30.38 6.14
C SER A 999 10.24 28.97 5.84
N LYS A 1000 11.44 28.85 5.26
CA LYS A 1000 12.00 27.54 4.99
C LYS A 1000 12.49 26.86 6.25
N VAL A 1001 12.86 27.63 7.28
CA VAL A 1001 13.20 27.04 8.56
C VAL A 1001 11.96 26.40 9.19
N GLN A 1002 10.83 27.10 9.14
CA GLN A 1002 9.61 26.56 9.72
C GLN A 1002 9.07 25.39 8.91
N ASP A 1003 9.28 25.40 7.59
CA ASP A 1003 8.87 24.27 6.77
C ASP A 1003 9.64 23.01 7.14
N ALA A 1004 10.94 23.16 7.44
CA ALA A 1004 11.73 22.02 7.87
C ALA A 1004 11.24 21.46 9.20
N VAL A 1005 10.90 22.35 10.13
CA VAL A 1005 10.37 21.92 11.42
C VAL A 1005 9.01 21.25 11.25
N ASN A 1006 8.13 21.85 10.44
CA ASN A 1006 6.82 21.27 10.22
C ASN A 1006 6.92 19.93 9.50
N ALA A 1007 7.93 19.74 8.67
CA ALA A 1007 8.11 18.46 7.98
C ALA A 1007 8.42 17.34 8.96
N ASN A 1008 9.19 17.64 10.01
CA ASN A 1008 9.51 16.63 11.00
C ASN A 1008 8.29 16.23 11.80
N ALA A 1009 7.42 17.19 12.13
CA ALA A 1009 6.23 16.88 12.91
C ALA A 1009 5.23 16.06 12.09
N GLN A 1010 5.14 16.32 10.79
CA GLN A 1010 4.19 15.59 9.96
C GLN A 1010 4.53 14.11 9.90
N ALA A 1011 5.81 13.76 9.89
CA ALA A 1011 6.20 12.35 9.89
C ALA A 1011 5.73 11.67 11.16
N LEU A 1012 5.88 12.33 12.30
CA LEU A 1012 5.37 11.77 13.55
C LEU A 1012 3.85 11.73 13.57
N SER A 1013 3.20 12.79 13.09
CA SER A 1013 1.74 12.84 13.09
C SER A 1013 1.16 11.80 12.13
N LYS A 1014 1.77 11.62 10.96
CA LYS A 1014 1.30 10.60 10.04
C LYS A 1014 1.52 9.21 10.57
N LEU A 1015 2.57 9.01 11.36
CA LEU A 1015 2.84 7.69 11.93
C LEU A 1015 1.80 7.32 12.98
N ALA A 1016 1.42 8.27 13.83
CA ALA A 1016 0.44 8.01 14.89
C ALA A 1016 -0.98 7.95 14.33
N SER A 1017 -1.28 8.76 13.32
CA SER A 1017 -2.64 8.81 12.79
C SER A 1017 -2.99 7.58 11.97
N GLU A 1018 -2.02 6.73 11.66
CA GLU A 1018 -2.27 5.48 10.96
C GLU A 1018 -2.55 4.33 11.90
N LEU A 1019 -2.59 4.59 13.21
CA LEU A 1019 -3.00 3.60 14.20
C LEU A 1019 -4.48 3.68 14.50
N SER A 1020 -5.20 4.62 13.89
CA SER A 1020 -6.64 4.75 14.05
C SER A 1020 -7.38 4.39 12.76
N ASN A 1021 -6.75 3.60 11.90
CA ASN A 1021 -7.33 3.18 10.64
C ASN A 1021 -7.88 1.77 10.80
N THR A 1022 -9.16 1.59 10.47
CA THR A 1022 -9.80 0.30 10.68
C THR A 1022 -9.21 -0.78 9.80
N PHE A 1023 -8.80 -0.42 8.58
CA PHE A 1023 -8.31 -1.38 7.58
C PHE A 1023 -9.36 -2.43 7.25
N GLY A 1024 -10.64 -2.06 7.33
CA GLY A 1024 -11.72 -2.97 7.07
C GLY A 1024 -12.22 -3.73 8.29
N ALA A 1025 -11.55 -3.62 9.42
CA ALA A 1025 -11.99 -4.28 10.63
C ALA A 1025 -13.21 -3.58 11.21
N ILE A 1026 -13.89 -4.26 12.13
CA ILE A 1026 -15.06 -3.65 12.76
C ILE A 1026 -14.67 -2.44 13.57
N SER A 1027 -13.47 -2.46 14.17
CA SER A 1027 -12.99 -1.35 14.97
C SER A 1027 -11.47 -1.28 14.86
N SER A 1028 -10.93 -0.09 15.08
CA SER A 1028 -9.48 0.06 15.06
C SER A 1028 -8.84 -0.53 16.31
N SER A 1029 -9.45 -0.32 17.46
CA SER A 1029 -8.89 -0.82 18.71
C SER A 1029 -8.96 -2.34 18.77
N ILE A 1030 -7.87 -2.96 19.24
CA ILE A 1030 -7.87 -4.40 19.44
C ILE A 1030 -8.78 -4.77 20.60
N SER A 1031 -8.95 -3.87 21.57
CA SER A 1031 -9.83 -4.14 22.70
C SER A 1031 -11.26 -4.30 22.24
N ASP A 1032 -11.71 -3.46 21.31
CA ASP A 1032 -13.07 -3.59 20.79
C ASP A 1032 -13.26 -4.89 20.02
N ILE A 1033 -12.25 -5.30 19.26
CA ILE A 1033 -12.35 -6.56 18.51
C ILE A 1033 -12.42 -7.74 19.46
N LEU A 1034 -11.69 -7.67 20.58
CA LEU A 1034 -11.71 -8.76 21.54
C LEU A 1034 -13.03 -8.83 22.30
N ALA A 1035 -13.69 -7.69 22.50
CA ALA A 1035 -14.87 -7.62 23.35
C ALA A 1035 -16.17 -7.78 22.59
N ARG A 1036 -16.13 -7.96 21.27
CA ARG A 1036 -17.36 -8.00 20.48
C ARG A 1036 -17.49 -9.22 19.58
N LEU A 1037 -16.46 -10.04 19.43
CA LEU A 1037 -16.49 -11.13 18.46
C LEU A 1037 -16.07 -12.43 19.12
N ASP A 1038 -16.28 -13.52 18.39
CA ASP A 1038 -15.91 -14.84 18.85
C ASP A 1038 -14.44 -15.12 18.55
N THR A 1039 -13.93 -16.19 19.15
CA THR A 1039 -12.52 -16.52 19.00
C THR A 1039 -12.17 -16.91 17.56
N ALA A 1040 -13.12 -17.48 16.82
CA ALA A 1040 -12.85 -17.83 15.43
C ALA A 1040 -12.61 -16.59 14.58
N GLU A 1041 -13.44 -15.56 14.74
CA GLU A 1041 -13.34 -14.35 13.94
C GLU A 1041 -12.46 -13.28 14.57
N GLN A 1042 -12.07 -13.44 15.83
CA GLN A 1042 -11.17 -12.46 16.44
C GLN A 1042 -9.82 -12.45 15.73
N ASP A 1043 -9.30 -13.62 15.38
CA ASP A 1043 -7.99 -13.73 14.77
C ASP A 1043 -8.01 -13.50 13.26
N ALA A 1044 -9.19 -13.27 12.69
CA ALA A 1044 -9.28 -12.91 11.28
C ALA A 1044 -9.33 -11.41 11.04
N GLN A 1045 -9.66 -10.62 12.07
CA GLN A 1045 -9.64 -9.17 11.97
C GLN A 1045 -8.48 -8.52 12.71
N ILE A 1046 -7.97 -9.14 13.77
CA ILE A 1046 -6.69 -8.70 14.31
C ILE A 1046 -5.60 -8.91 13.27
N ASP A 1047 -5.76 -9.90 12.40
CA ASP A 1047 -4.81 -10.11 11.32
C ASP A 1047 -4.94 -9.03 10.25
N ARG A 1048 -6.13 -8.46 10.07
CA ARG A 1048 -6.27 -7.32 9.17
C ARG A 1048 -5.48 -6.13 9.68
N LEU A 1049 -5.51 -5.91 11.00
CA LEU A 1049 -4.73 -4.84 11.60
C LEU A 1049 -3.24 -5.11 11.56
N ILE A 1050 -2.83 -6.35 11.31
CA ILE A 1050 -1.41 -6.67 11.25
C ILE A 1050 -0.87 -6.58 9.83
N ASN A 1051 -1.68 -6.93 8.83
CA ASN A 1051 -1.25 -6.70 7.45
C ASN A 1051 -1.19 -5.22 7.12
N GLY A 1052 -2.20 -4.46 7.54
CA GLY A 1052 -2.01 -3.04 7.73
C GLY A 1052 -1.16 -2.82 8.95
N ARG A 1053 -0.73 -1.57 9.16
CA ARG A 1053 0.13 -1.22 10.28
C ARG A 1053 1.54 -1.78 10.06
N LEU A 1054 1.68 -2.60 9.02
CA LEU A 1054 2.97 -3.10 8.55
C LEU A 1054 3.30 -2.60 7.15
N THR A 1055 2.30 -2.56 6.27
CA THR A 1055 2.44 -1.79 5.04
C THR A 1055 2.58 -0.30 5.36
N SER A 1056 1.83 0.17 6.36
CA SER A 1056 1.96 1.56 6.79
C SER A 1056 3.36 1.84 7.33
N LEU A 1057 3.92 0.91 8.10
CA LEU A 1057 5.27 1.08 8.60
C LEU A 1057 6.29 1.06 7.47
N ASN A 1058 6.06 0.22 6.45
CA ASN A 1058 6.98 0.17 5.32
C ASN A 1058 7.00 1.49 4.56
N ALA A 1059 5.82 2.10 4.39
CA ALA A 1059 5.76 3.39 3.72
C ALA A 1059 6.48 4.47 4.52
N PHE A 1060 6.48 4.34 5.85
CA PHE A 1060 7.28 5.25 6.69
C PHE A 1060 8.77 5.05 6.46
N VAL A 1061 9.21 3.80 6.34
CA VAL A 1061 10.63 3.53 6.13
C VAL A 1061 11.10 4.09 4.80
N SER A 1062 10.30 3.91 3.75
CA SER A 1062 10.66 4.48 2.46
C SER A 1062 10.70 6.00 2.50
N GLN A 1063 9.78 6.60 3.26
CA GLN A 1063 9.76 8.06 3.40
C GLN A 1063 11.01 8.55 4.11
N GLN A 1064 11.40 7.87 5.20
CA GLN A 1064 12.57 8.31 5.94
C GLN A 1064 13.85 8.12 5.14
N LEU A 1065 13.92 7.07 4.33
CA LEU A 1065 15.12 6.85 3.52
C LEU A 1065 15.28 7.96 2.50
N VAL A 1066 14.19 8.41 1.88
CA VAL A 1066 14.28 9.50 0.92
C VAL A 1066 14.59 10.81 1.62
N ARG A 1067 13.93 11.08 2.75
CA ARG A 1067 14.18 12.33 3.46
C ARG A 1067 15.58 12.36 4.05
N SER A 1068 16.09 11.23 4.50
CA SER A 1068 17.46 11.19 5.03
C SER A 1068 18.48 11.39 3.92
N GLU A 1069 18.25 10.78 2.75
CA GLU A 1069 19.18 10.93 1.65
C GLU A 1069 19.19 12.34 1.09
N THR A 1070 18.04 13.02 1.11
CA THR A 1070 17.97 14.39 0.63
C THR A 1070 18.79 15.32 1.52
N ALA A 1071 18.74 15.11 2.83
CA ALA A 1071 19.51 15.96 3.73
C ALA A 1071 21.00 15.68 3.64
N ALA A 1072 21.39 14.45 3.32
CA ALA A 1072 22.80 14.13 3.15
C ALA A 1072 23.40 14.91 1.99
N ARG A 1073 22.67 15.01 0.87
CA ARG A 1073 23.11 15.85 -0.23
C ARG A 1073 23.08 17.32 0.16
N SER A 1074 22.06 17.73 0.90
CA SER A 1074 21.96 19.10 1.35
C SER A 1074 23.03 19.46 2.39
N ALA A 1075 23.68 18.46 2.99
CA ALA A 1075 24.80 18.72 3.87
C ALA A 1075 26.07 19.05 3.09
N GLN A 1076 26.25 18.42 1.92
CA GLN A 1076 27.38 18.78 1.07
C GLN A 1076 27.23 20.18 0.50
N LEU A 1077 26.01 20.63 0.28
CA LEU A 1077 25.79 21.99 -0.18
C LEU A 1077 26.00 23.00 0.93
N ALA A 1078 25.77 22.59 2.18
CA ALA A 1078 25.98 23.51 3.30
C ALA A 1078 27.46 23.66 3.62
N SER A 1079 28.24 22.59 3.47
CA SER A 1079 29.67 22.70 3.67
C SER A 1079 30.32 23.45 2.51
N ASP A 1080 29.82 23.26 1.29
CA ASP A 1080 30.35 23.97 0.14
C ASP A 1080 30.17 25.48 0.29
N LYS A 1081 29.00 25.90 0.75
CA LYS A 1081 28.71 27.32 0.84
C LYS A 1081 29.41 27.99 2.01
N VAL A 1082 29.83 27.22 3.01
CA VAL A 1082 30.67 27.78 4.07
C VAL A 1082 32.04 28.14 3.52
N ASN A 1083 32.61 27.25 2.72
CA ASN A 1083 33.92 27.51 2.13
C ASN A 1083 33.85 28.66 1.12
N GLU A 1084 32.80 28.70 0.30
CA GLU A 1084 32.67 29.75 -0.70
C GLU A 1084 32.46 31.11 -0.07
N CYS A 1085 31.49 31.23 0.83
CA CYS A 1085 31.02 32.52 1.31
C CYS A 1085 31.55 32.90 2.68
N VAL A 1086 31.64 31.95 3.60
CA VAL A 1086 32.00 32.28 4.97
C VAL A 1086 33.52 32.40 5.12
N LYS A 1087 34.27 31.40 4.67
CA LYS A 1087 35.71 31.42 4.87
C LYS A 1087 36.39 32.39 3.91
N SER A 1088 35.91 32.51 2.68
CA SER A 1088 36.53 33.39 1.70
C SER A 1088 35.47 34.24 1.03
N GLN A 1089 35.93 35.24 0.28
CA GLN A 1089 35.04 36.06 -0.52
C GLN A 1089 34.77 35.39 -1.86
N SER A 1090 33.54 35.53 -2.36
CA SER A 1090 33.09 34.81 -3.55
C SER A 1090 33.02 35.76 -4.73
N LYS A 1091 33.64 35.35 -5.83
CA LYS A 1091 33.50 36.03 -7.11
C LYS A 1091 32.40 35.43 -7.97
N ARG A 1092 31.70 34.42 -7.47
CA ARG A 1092 30.61 33.78 -8.20
C ARG A 1092 29.35 34.62 -8.05
N ASN A 1093 28.81 35.11 -9.16
CA ASN A 1093 27.63 35.96 -9.12
C ASN A 1093 26.41 35.15 -8.70
N GLY A 1094 25.67 35.67 -7.73
CA GLY A 1094 24.41 35.10 -7.31
C GLY A 1094 24.50 34.00 -6.28
N PHE A 1095 25.68 33.43 -6.05
CA PHE A 1095 25.81 32.34 -5.10
C PHE A 1095 25.57 32.83 -3.67
N CYS A 1096 26.41 33.75 -3.20
CA CYS A 1096 26.31 34.25 -1.83
C CYS A 1096 25.48 35.54 -1.81
N GLY A 1097 24.20 35.37 -2.08
CA GLY A 1097 23.28 36.49 -2.04
C GLY A 1097 23.27 37.30 -3.32
N SER A 1098 22.83 38.56 -3.19
CA SER A 1098 22.68 39.47 -4.30
C SER A 1098 23.66 40.63 -4.19
N GLY A 1099 24.19 41.05 -5.33
CA GLY A 1099 25.24 42.05 -5.34
C GLY A 1099 26.61 41.43 -5.24
N THR A 1100 27.63 42.28 -5.20
CA THR A 1100 28.99 41.81 -5.01
C THR A 1100 29.13 41.30 -3.58
N HIS A 1101 29.53 40.05 -3.43
CA HIS A 1101 29.67 39.45 -2.11
C HIS A 1101 30.82 40.10 -1.35
N ILE A 1102 30.61 40.33 -0.05
CA ILE A 1102 31.66 40.92 0.78
C ILE A 1102 32.02 39.96 1.91
N VAL A 1103 31.05 39.64 2.77
CA VAL A 1103 31.30 38.76 3.91
C VAL A 1103 30.01 38.05 4.26
N SER A 1104 30.13 36.81 4.72
CA SER A 1104 28.98 36.03 5.13
C SER A 1104 29.20 35.48 6.53
N PHE A 1105 28.10 35.31 7.26
CA PHE A 1105 28.11 34.74 8.59
C PHE A 1105 27.15 33.57 8.64
N VAL A 1106 27.45 32.60 9.49
CA VAL A 1106 26.63 31.40 9.60
C VAL A 1106 26.35 31.14 11.07
N VAL A 1107 25.10 30.84 11.39
CA VAL A 1107 24.71 30.43 12.74
C VAL A 1107 23.99 29.09 12.62
N ASN A 1108 23.53 28.56 13.75
CA ASN A 1108 22.79 27.32 13.76
C ASN A 1108 21.29 27.59 13.74
N ALA A 1109 20.58 26.84 12.92
CA ALA A 1109 19.14 26.87 12.83
C ALA A 1109 18.65 25.45 13.03
N PRO A 1110 17.39 25.27 13.43
CA PRO A 1110 16.86 23.91 13.57
C PRO A 1110 17.05 23.08 12.32
N ASN A 1111 17.85 22.02 12.42
CA ASN A 1111 18.07 21.03 11.36
C ASN A 1111 18.91 21.60 10.21
N GLY A 1112 19.79 22.55 10.47
CA GLY A 1112 20.61 23.08 9.39
C GLY A 1112 21.35 24.32 9.82
N PHE A 1113 21.81 25.08 8.82
CA PHE A 1113 22.60 26.28 9.01
C PHE A 1113 21.84 27.49 8.49
N TYR A 1114 22.05 28.64 9.12
CA TYR A 1114 21.46 29.90 8.69
C TYR A 1114 22.57 30.85 8.29
N PHE A 1115 22.53 31.31 7.04
CA PHE A 1115 23.57 32.18 6.50
C PHE A 1115 23.07 33.62 6.42
N PHE A 1116 24.00 34.56 6.63
CA PHE A 1116 23.73 35.98 6.54
C PHE A 1116 24.69 36.58 5.52
N HIS A 1117 24.31 36.54 4.25
CA HIS A 1117 25.19 37.02 3.19
C HIS A 1117 25.07 38.53 3.06
N VAL A 1118 26.21 39.22 3.08
CA VAL A 1118 26.27 40.67 2.99
C VAL A 1118 26.84 41.03 1.62
N GLY A 1119 26.16 41.94 0.92
CA GLY A 1119 26.58 42.35 -0.40
C GLY A 1119 26.55 43.86 -0.55
N TYR A 1120 27.21 44.32 -1.61
CA TYR A 1120 27.32 45.74 -1.93
C TYR A 1120 26.33 46.06 -3.04
N VAL A 1121 25.23 46.71 -2.69
CA VAL A 1121 24.17 47.04 -3.65
C VAL A 1121 24.20 48.55 -3.89
N PRO A 1122 24.47 49.02 -5.10
CA PRO A 1122 24.38 50.44 -5.39
C PRO A 1122 22.95 50.95 -5.34
N THR A 1123 22.81 52.23 -5.02
CA THR A 1123 21.52 52.90 -4.99
C THR A 1123 21.34 53.94 -6.08
N ASN A 1124 22.35 54.77 -6.33
CA ASN A 1124 22.25 55.86 -7.28
C ASN A 1124 23.38 55.77 -8.28
N TYR A 1125 23.06 55.92 -9.57
CA TYR A 1125 24.01 55.81 -10.67
C TYR A 1125 24.24 57.16 -11.32
N THR A 1126 25.32 57.24 -12.09
CA THR A 1126 25.63 58.41 -12.91
C THR A 1126 26.24 57.94 -14.22
N ASN A 1127 25.93 58.65 -15.30
CA ASN A 1127 26.42 58.28 -16.62
C ASN A 1127 27.69 59.06 -16.97
N VAL A 1128 28.60 58.42 -17.70
CA VAL A 1128 29.88 59.01 -18.08
C VAL A 1128 30.24 58.56 -19.48
N THR A 1129 31.18 59.28 -20.10
CA THR A 1129 31.56 59.01 -21.48
C THR A 1129 32.24 57.65 -21.61
N ALA A 1130 33.27 57.40 -20.81
CA ALA A 1130 33.84 56.07 -20.61
C ALA A 1130 34.29 55.43 -21.93
N ALA A 1131 35.40 55.93 -22.45
CA ALA A 1131 35.98 55.35 -23.65
C ALA A 1131 36.71 54.05 -23.33
N TYR A 1132 36.83 53.19 -24.35
CA TYR A 1132 37.39 51.85 -24.18
C TYR A 1132 38.82 51.90 -23.69
N GLY A 1133 39.72 52.45 -24.50
CA GLY A 1133 41.11 52.62 -24.14
C GLY A 1133 41.61 54.04 -24.39
N LEU A 1134 42.87 54.24 -24.01
CA LEU A 1134 43.60 55.46 -24.31
C LEU A 1134 44.90 55.07 -24.97
N CYS A 1135 45.32 55.82 -25.98
CA CYS A 1135 46.53 55.42 -26.68
C CYS A 1135 47.26 56.67 -27.15
N ASN A 1136 48.58 56.55 -27.28
CA ASN A 1136 49.44 57.72 -27.40
C ASN A 1136 49.51 58.23 -28.84
N ASN A 1137 49.97 59.49 -28.96
CA ASN A 1137 50.21 60.08 -30.27
C ASN A 1137 51.36 59.38 -30.99
N ASN A 1138 52.37 58.94 -30.25
CA ASN A 1138 53.54 58.28 -30.83
C ASN A 1138 53.14 56.93 -31.42
N ASN A 1139 54.17 56.18 -31.82
CA ASN A 1139 54.03 54.85 -32.40
C ASN A 1139 52.99 54.04 -31.63
N PRO A 1140 51.95 53.54 -32.29
CA PRO A 1140 50.73 53.09 -31.58
C PRO A 1140 50.98 51.94 -30.60
N PRO A 1141 51.56 50.79 -31.04
CA PRO A 1141 51.34 49.53 -30.31
C PRO A 1141 51.38 49.60 -28.79
N LEU A 1142 52.34 50.31 -28.23
CA LEU A 1142 52.54 50.38 -26.77
C LEU A 1142 51.69 51.52 -26.22
N CYS A 1143 50.53 51.16 -25.66
CA CYS A 1143 49.60 52.12 -25.08
C CYS A 1143 48.56 51.33 -24.26
N ILE A 1144 47.78 52.06 -23.46
CA ILE A 1144 47.22 51.53 -22.21
C ILE A 1144 45.73 51.24 -22.33
N ALA A 1145 45.28 50.34 -21.46
CA ALA A 1145 43.88 50.04 -21.17
C ALA A 1145 43.67 50.00 -19.66
N PRO A 1146 42.49 50.36 -19.17
CA PRO A 1146 42.28 50.43 -17.72
C PRO A 1146 42.16 49.05 -17.09
N ILE A 1147 42.46 48.98 -15.79
CA ILE A 1147 42.22 47.79 -14.98
C ILE A 1147 41.40 48.17 -13.76
N ASP A 1148 40.38 47.34 -13.46
CA ASP A 1148 39.54 47.52 -12.27
C ASP A 1148 38.87 48.88 -12.25
N GLY A 1149 38.43 49.37 -13.41
CA GLY A 1149 37.79 50.66 -13.46
C GLY A 1149 37.61 51.11 -14.90
N TYR A 1150 37.27 52.40 -15.04
CA TYR A 1150 37.00 53.01 -16.33
C TYR A 1150 37.89 54.23 -16.51
N PHE A 1151 37.99 54.68 -17.76
CA PHE A 1151 38.58 55.97 -18.10
C PHE A 1151 37.46 56.90 -18.54
N ILE A 1152 37.37 58.08 -17.92
CA ILE A 1152 36.23 58.97 -18.09
C ILE A 1152 36.71 60.39 -18.37
N THR A 1153 35.76 61.22 -18.80
CA THR A 1153 35.97 62.65 -19.01
C THR A 1153 34.92 63.42 -18.22
N ASN A 1154 35.28 64.65 -17.83
CA ASN A 1154 34.36 65.49 -17.07
C ASN A 1154 33.10 65.79 -17.89
N GLN A 1155 33.27 66.13 -19.16
CA GLN A 1155 32.16 66.39 -20.08
C GLN A 1155 31.19 67.44 -19.53
N THR A 1163 40.72 67.80 -24.17
CA THR A 1163 40.03 67.06 -23.12
C THR A 1163 41.07 66.38 -22.25
N GLU A 1164 40.62 65.99 -21.05
CA GLU A 1164 41.47 65.28 -20.10
C GLU A 1164 40.74 64.03 -19.62
N TRP A 1165 41.51 63.00 -19.31
CA TRP A 1165 40.96 61.70 -18.97
C TRP A 1165 41.34 61.34 -17.54
N TYR A 1166 40.37 60.86 -16.78
CA TYR A 1166 40.56 60.49 -15.38
C TYR A 1166 40.11 59.04 -15.17
N TYR A 1167 40.79 58.36 -14.25
CA TYR A 1167 40.46 57.00 -13.88
C TYR A 1167 39.45 57.02 -12.74
N THR A 1168 38.41 56.20 -12.86
CA THR A 1168 37.41 56.06 -11.81
C THR A 1168 37.18 54.58 -11.51
N GLY A 1169 36.82 54.30 -10.26
CA GLY A 1169 36.57 52.95 -9.86
C GLY A 1169 35.26 52.42 -10.40
N SER A 1170 35.15 51.09 -10.39
CA SER A 1170 33.97 50.46 -10.96
C SER A 1170 32.76 50.59 -10.05
N SER A 1171 32.95 50.41 -8.74
CA SER A 1171 31.85 50.33 -7.80
C SER A 1171 31.53 51.65 -7.11
N PHE A 1172 32.33 52.69 -7.34
CA PHE A 1172 32.03 53.99 -6.76
C PHE A 1172 32.63 55.05 -7.66
N PHE A 1173 31.95 56.19 -7.79
CA PHE A 1173 32.33 57.21 -8.76
C PHE A 1173 33.20 58.26 -8.09
N LYS A 1174 34.48 58.29 -8.46
CA LYS A 1174 35.38 59.36 -8.08
C LYS A 1174 36.55 59.43 -9.04
N PRO A 1175 36.67 60.49 -9.83
CA PRO A 1175 37.78 60.59 -10.77
C PRO A 1175 39.11 60.69 -10.07
N GLU A 1176 40.12 60.04 -10.64
CA GLU A 1176 41.46 59.95 -10.07
C GLU A 1176 42.48 60.24 -11.15
N PRO A 1177 43.63 60.78 -10.78
CA PRO A 1177 44.73 60.87 -11.75
C PRO A 1177 45.14 59.49 -12.23
N ILE A 1178 45.45 59.40 -13.51
CA ILE A 1178 45.84 58.12 -14.11
C ILE A 1178 47.32 57.86 -13.79
N THR A 1179 47.64 56.60 -13.52
CA THR A 1179 49.00 56.22 -13.19
C THR A 1179 49.23 54.78 -13.62
N GLN A 1180 50.49 54.34 -13.55
CA GLN A 1180 50.84 53.00 -13.95
C GLN A 1180 50.26 51.94 -13.03
N ALA A 1181 49.83 52.33 -11.83
CA ALA A 1181 49.22 51.38 -10.91
C ALA A 1181 47.91 50.84 -11.46
N ASN A 1182 47.10 51.69 -12.10
CA ASN A 1182 45.77 51.33 -12.55
C ASN A 1182 45.65 51.23 -14.06
N SER A 1183 46.78 51.10 -14.77
CA SER A 1183 46.76 51.01 -16.22
C SER A 1183 47.50 49.77 -16.68
N ARG A 1184 47.05 49.21 -17.79
CA ARG A 1184 47.64 48.00 -18.38
C ARG A 1184 48.07 48.28 -19.79
N TYR A 1185 49.32 47.92 -20.12
CA TYR A 1185 49.80 48.02 -21.48
C TYR A 1185 49.17 46.93 -22.34
N VAL A 1186 48.57 47.34 -23.46
CA VAL A 1186 47.84 46.42 -24.34
C VAL A 1186 48.18 46.74 -25.78
N SER A 1187 47.88 45.78 -26.66
CA SER A 1187 48.06 46.00 -28.08
C SER A 1187 47.06 47.02 -28.60
N SER A 1188 47.51 47.91 -29.47
CA SER A 1188 46.69 49.01 -29.94
C SER A 1188 45.53 48.50 -30.79
N ASP A 1189 44.46 49.28 -30.81
CA ASP A 1189 43.24 48.92 -31.53
C ASP A 1189 42.59 50.21 -32.00
N VAL A 1190 41.78 50.11 -33.04
CA VAL A 1190 41.21 51.29 -33.70
C VAL A 1190 40.24 52.02 -32.77
N LYS A 1191 39.55 51.28 -31.90
CA LYS A 1191 38.51 51.91 -31.07
C LYS A 1191 39.11 52.80 -30.00
N PHE A 1192 40.38 52.61 -29.66
CA PHE A 1192 41.05 53.38 -28.62
C PHE A 1192 41.05 54.87 -28.96
N GLU A 1193 41.38 55.72 -27.99
CA GLU A 1193 41.40 57.16 -28.18
C GLU A 1193 42.80 57.59 -28.59
N LYS A 1194 42.89 58.29 -29.72
CA LYS A 1194 44.15 58.86 -30.18
C LYS A 1194 44.28 60.24 -29.55
N LEU A 1195 44.98 60.32 -28.43
CA LEU A 1195 45.08 61.54 -27.64
C LEU A 1195 46.38 62.23 -28.02
N GLU A 1196 46.27 63.29 -28.83
CA GLU A 1196 47.46 63.96 -29.34
C GLU A 1196 48.15 64.77 -28.23
N ASN A 1197 47.38 65.51 -27.44
CA ASN A 1197 47.90 66.33 -26.36
C ASN A 1197 47.44 65.79 -25.02
N ASN A 1198 47.93 66.42 -23.94
CA ASN A 1198 47.58 66.03 -22.57
C ASN A 1198 47.87 64.56 -22.32
N LEU A 1199 49.03 64.10 -22.79
CA LEU A 1199 49.33 62.67 -22.81
C LEU A 1199 49.37 62.12 -21.40
N PRO A 1200 48.67 61.04 -21.11
CA PRO A 1200 48.71 60.44 -19.77
C PRO A 1200 50.13 60.05 -19.38
N PRO A 1201 50.48 60.26 -18.11
CA PRO A 1201 51.88 60.00 -17.66
C PRO A 1201 52.37 58.59 -17.96
N PRO A 1202 51.55 57.53 -17.80
CA PRO A 1202 52.05 56.20 -18.19
C PRO A 1202 52.37 56.07 -19.66
N LEU A 1203 51.77 56.89 -20.52
CA LEU A 1203 52.03 56.82 -21.95
C LEU A 1203 53.31 57.53 -22.37
N LEU A 1204 53.86 58.40 -21.52
CA LEU A 1204 55.10 59.09 -21.86
C LEU A 1204 56.24 58.10 -22.03
N GLU A 1205 57.10 58.36 -23.00
CA GLU A 1205 58.25 57.51 -23.27
C GLU A 1205 59.52 58.06 -22.62
N GLN B 1 -10.63 -53.74 24.50
CA GLN B 1 -11.10 -52.97 25.64
C GLN B 1 -9.97 -52.67 26.61
N PHE B 2 -9.57 -53.69 27.39
CA PHE B 2 -8.59 -53.52 28.44
C PHE B 2 -7.53 -54.62 28.34
N VAL B 3 -6.34 -54.31 28.83
CA VAL B 3 -5.23 -55.26 28.86
C VAL B 3 -5.19 -55.96 30.20
N ASP B 4 -4.77 -57.22 30.20
CA ASP B 4 -4.54 -57.97 31.41
C ASP B 4 -3.05 -57.95 31.74
N MET B 5 -2.72 -57.55 32.97
CA MET B 5 -1.32 -57.39 33.32
C MET B 5 -0.66 -58.73 33.65
N SER B 6 -1.09 -59.34 34.75
CA SER B 6 -0.54 -60.58 35.29
C SER B 6 -1.36 -60.94 36.51
N PRO B 7 -1.23 -62.15 37.06
CA PRO B 7 -1.81 -62.39 38.39
C PRO B 7 -1.21 -61.44 39.41
N ALA B 8 -2.06 -60.93 40.29
CA ALA B 8 -1.65 -59.91 41.24
C ALA B 8 -0.60 -60.45 42.21
N SER B 9 0.11 -59.54 42.85
CA SER B 9 1.16 -59.91 43.79
C SER B 9 0.57 -60.65 44.98
N ASN B 10 1.21 -61.75 45.36
CA ASN B 10 0.79 -62.53 46.52
C ASN B 10 1.32 -61.97 47.83
N ASN B 11 2.14 -60.93 47.79
CA ASN B 11 2.74 -60.35 48.98
C ASN B 11 1.69 -60.05 50.04
N SER B 12 1.93 -60.55 51.26
CA SER B 12 0.97 -60.37 52.34
C SER B 12 0.88 -58.91 52.76
N GLU B 13 2.02 -58.23 52.90
CA GLU B 13 2.05 -56.85 53.36
C GLU B 13 3.14 -56.09 52.63
N CYS B 14 3.05 -54.76 52.71
CA CYS B 14 4.01 -53.90 52.04
C CYS B 14 5.31 -53.83 52.85
N LEU B 15 6.42 -53.71 52.12
CA LEU B 15 7.74 -53.73 52.74
C LEU B 15 7.96 -52.46 53.58
N ASP B 16 8.71 -52.64 54.68
CA ASP B 16 8.98 -51.53 55.59
C ASP B 16 10.18 -50.72 55.11
N SER B 17 10.19 -49.44 55.44
CA SER B 17 11.25 -48.55 55.01
C SER B 17 11.43 -47.43 56.02
N GLN B 18 12.59 -46.77 55.93
CA GLN B 18 12.93 -45.64 56.78
C GLN B 18 12.96 -44.36 55.95
N VAL B 19 12.25 -43.34 56.40
CA VAL B 19 12.15 -42.07 55.70
C VAL B 19 12.94 -41.03 56.50
N ASP B 20 14.04 -40.54 55.90
CA ASP B 20 14.84 -39.46 56.47
C ASP B 20 15.16 -38.49 55.33
N ALA B 21 14.28 -37.50 55.12
CA ALA B 21 14.46 -36.57 54.02
C ALA B 21 15.63 -35.63 54.26
N ALA B 22 15.99 -35.40 55.52
CA ALA B 22 17.05 -34.44 55.83
C ALA B 22 18.38 -34.86 55.21
N ALA B 23 18.70 -36.16 55.27
CA ALA B 23 19.97 -36.62 54.71
C ALA B 23 20.02 -36.38 53.20
N PHE B 24 18.92 -36.65 52.50
CA PHE B 24 18.90 -36.43 51.06
C PHE B 24 18.98 -34.95 50.73
N SER B 25 18.25 -34.11 51.46
CA SER B 25 18.24 -32.69 51.17
C SER B 25 19.52 -31.99 51.59
N LYS B 26 20.30 -32.59 52.49
CA LYS B 26 21.50 -31.93 53.00
C LYS B 26 22.55 -31.75 51.91
N LEU B 27 22.72 -32.75 51.06
CA LEU B 27 23.73 -32.71 50.00
C LEU B 27 23.06 -32.33 48.69
N MET B 28 23.50 -31.22 48.09
CA MET B 28 22.89 -30.71 46.87
C MET B 28 23.95 -30.03 46.01
N ARG B 29 24.16 -30.57 44.80
CA ARG B 29 25.08 -29.97 43.84
C ARG B 29 24.28 -29.29 42.75
N PRO B 30 24.41 -27.98 42.57
CA PRO B 30 23.54 -27.27 41.61
C PRO B 30 23.98 -27.45 40.17
N TYR B 31 22.98 -27.57 39.29
CA TYR B 31 23.16 -27.60 37.84
C TYR B 31 22.20 -26.63 37.17
N PRO B 32 22.56 -25.35 37.10
CA PRO B 32 21.70 -24.40 36.39
C PRO B 32 21.70 -24.67 34.90
N ILE B 33 20.60 -24.28 34.25
CA ILE B 33 20.48 -24.45 32.82
C ILE B 33 21.40 -23.46 32.11
N ASP B 34 22.23 -23.97 31.20
CA ASP B 34 23.21 -23.16 30.48
C ASP B 34 22.99 -23.32 28.99
N PRO B 35 22.30 -22.38 28.33
CA PRO B 35 22.02 -22.56 26.90
C PRO B 35 23.26 -22.69 26.03
N ALA B 36 24.38 -22.07 26.43
CA ALA B 36 25.61 -22.21 25.64
C ALA B 36 26.05 -23.66 25.56
N LYS B 37 26.06 -24.34 26.70
CA LYS B 37 26.25 -25.80 26.75
C LYS B 37 24.88 -26.40 26.60
N VAL B 38 24.45 -26.59 25.34
CA VAL B 38 23.04 -26.80 24.98
C VAL B 38 22.38 -27.79 25.92
N ASP B 39 21.29 -27.36 26.56
CA ASP B 39 20.69 -28.08 27.67
C ASP B 39 19.19 -28.14 27.51
N GLY B 40 18.64 -29.36 27.51
CA GLY B 40 17.21 -29.54 27.53
C GLY B 40 16.48 -29.04 26.30
N ILE B 41 17.12 -29.06 25.15
CA ILE B 41 16.53 -28.54 23.92
C ILE B 41 15.87 -29.68 23.17
N ILE B 42 14.55 -29.63 23.06
CA ILE B 42 13.80 -30.62 22.28
C ILE B 42 13.94 -30.26 20.81
N TYR B 43 14.44 -31.19 20.02
CA TYR B 43 14.66 -30.92 18.61
C TYR B 43 13.33 -30.69 17.91
N PRO B 44 13.27 -29.77 16.95
CA PRO B 44 12.00 -29.50 16.26
C PRO B 44 11.45 -30.75 15.58
N LEU B 45 10.14 -30.84 15.55
CA LEU B 45 9.44 -32.06 15.19
C LEU B 45 9.10 -32.09 13.70
N GLY B 46 9.46 -33.20 13.05
CA GLY B 46 9.12 -33.42 11.65
C GLY B 46 10.05 -32.78 10.66
N ARG B 47 10.94 -31.88 11.10
CA ARG B 47 11.81 -31.11 10.24
C ARG B 47 13.21 -31.08 10.84
N THR B 48 14.20 -30.91 9.97
CA THR B 48 15.58 -30.74 10.37
C THR B 48 16.19 -29.59 9.59
N TYR B 49 17.36 -29.16 10.02
CA TYR B 49 18.05 -28.03 9.41
C TYR B 49 19.53 -28.35 9.30
N SER B 50 20.22 -27.60 8.45
CA SER B 50 21.64 -27.84 8.21
C SER B 50 22.37 -26.51 8.03
N ASN B 51 23.32 -26.23 8.93
CA ASN B 51 24.22 -25.08 8.81
C ASN B 51 23.46 -23.75 8.72
N ILE B 52 22.47 -23.56 9.58
CA ILE B 52 21.75 -22.30 9.66
C ILE B 52 21.55 -21.94 11.13
N THR B 53 20.91 -20.80 11.36
CA THR B 53 20.59 -20.31 12.69
C THR B 53 19.20 -19.69 12.64
N LEU B 54 18.32 -20.11 13.55
CA LEU B 54 16.95 -19.62 13.49
C LEU B 54 16.36 -19.47 14.87
N ALA B 55 15.33 -18.62 14.96
CA ALA B 55 14.58 -18.42 16.19
C ALA B 55 13.38 -19.35 16.20
N TYR B 56 13.32 -20.22 17.21
CA TYR B 56 12.27 -21.21 17.35
C TYR B 56 11.47 -20.90 18.61
N THR B 57 10.15 -20.99 18.50
CA THR B 57 9.25 -20.80 19.62
C THR B 57 8.67 -22.15 20.03
N GLY B 58 8.78 -22.48 21.31
CA GLY B 58 8.30 -23.76 21.79
C GLY B 58 8.39 -23.87 23.29
N LEU B 59 8.58 -25.09 23.78
CA LEU B 59 8.72 -25.33 25.21
C LEU B 59 10.20 -25.52 25.52
N PHE B 60 10.73 -24.64 26.35
CA PHE B 60 12.14 -24.59 26.69
C PHE B 60 12.28 -24.26 28.17
N PRO B 61 13.34 -24.73 28.81
CA PRO B 61 13.58 -24.34 30.21
C PRO B 61 14.13 -22.92 30.28
N LEU B 62 14.16 -22.39 31.50
CA LEU B 62 14.64 -21.03 31.73
C LEU B 62 16.14 -21.08 32.01
N GLN B 63 16.89 -20.18 31.36
CA GLN B 63 18.32 -20.10 31.62
C GLN B 63 18.56 -19.71 33.07
N GLY B 64 19.50 -20.39 33.71
CA GLY B 64 19.75 -20.16 35.11
C GLY B 64 18.74 -20.78 36.05
N ASP B 65 18.01 -21.80 35.60
CA ASP B 65 17.04 -22.50 36.43
C ASP B 65 17.76 -23.61 37.20
N LEU B 66 17.74 -23.50 38.53
CA LEU B 66 18.37 -24.53 39.34
C LEU B 66 17.58 -25.84 39.29
N GLY B 67 16.27 -25.76 39.13
CA GLY B 67 15.45 -26.95 39.05
C GLY B 67 15.28 -27.61 40.40
N THR B 68 14.75 -28.83 40.36
CA THR B 68 14.57 -29.64 41.55
C THR B 68 15.48 -30.85 41.48
N GLN B 69 16.25 -31.07 42.55
CA GLN B 69 17.19 -32.16 42.63
C GLN B 69 16.57 -33.34 43.35
N TYR B 70 16.70 -34.54 42.80
CA TYR B 70 16.17 -35.74 43.41
C TYR B 70 17.29 -36.77 43.49
N LEU B 71 17.35 -37.46 44.62
CA LEU B 71 18.48 -38.34 44.95
C LEU B 71 17.97 -39.70 45.39
N TYR B 72 18.74 -40.74 45.04
CA TYR B 72 18.45 -42.11 45.44
C TYR B 72 19.57 -42.65 46.31
N SER B 73 19.23 -43.61 47.16
CA SER B 73 20.21 -44.17 48.10
C SER B 73 20.24 -45.70 48.03
N ALA B 74 20.94 -46.32 48.98
CA ALA B 74 21.01 -47.76 49.11
C ALA B 74 20.37 -48.19 50.43
N SER B 75 19.75 -49.36 50.42
CA SER B 75 19.02 -49.83 51.59
C SER B 75 19.96 -50.32 52.68
N HIS B 76 19.40 -50.47 53.89
CA HIS B 76 20.17 -50.93 55.02
C HIS B 76 20.55 -52.40 54.88
N ALA B 77 21.62 -52.79 55.57
CA ALA B 77 22.03 -54.18 55.63
C ALA B 77 22.55 -54.49 57.03
N VAL B 78 22.46 -55.75 57.42
CA VAL B 78 22.83 -56.18 58.78
C VAL B 78 24.28 -56.66 58.72
N GLY B 79 25.21 -55.75 59.02
CA GLY B 79 26.62 -56.08 59.06
C GLY B 79 27.33 -55.67 57.78
N ASN B 80 28.62 -56.01 57.74
CA ASN B 80 29.45 -55.63 56.60
C ASN B 80 29.01 -56.33 55.32
N ASP B 81 28.54 -57.57 55.42
CA ASP B 81 28.07 -58.34 54.29
C ASP B 81 26.64 -58.82 54.53
N GLY B 82 25.78 -57.91 54.99
CA GLY B 82 24.44 -58.28 55.38
C GLY B 82 23.46 -58.39 54.22
N ASP B 83 22.31 -58.98 54.52
CA ASP B 83 21.23 -59.12 53.57
C ASP B 83 20.42 -57.82 53.45
N PRO B 84 19.73 -57.63 52.33
CA PRO B 84 18.90 -56.43 52.19
C PRO B 84 17.82 -56.35 53.27
N THR B 85 17.54 -55.13 53.71
CA THR B 85 16.55 -54.87 54.75
C THR B 85 15.76 -53.64 54.35
N LYS B 86 15.11 -53.01 55.33
CA LYS B 86 14.27 -51.84 55.10
C LYS B 86 14.97 -50.81 54.20
N ALA B 87 14.18 -50.14 53.38
CA ALA B 87 14.71 -49.19 52.42
C ALA B 87 14.93 -47.82 53.05
N TYR B 88 15.89 -47.08 52.49
CA TYR B 88 16.21 -45.73 52.94
C TYR B 88 15.76 -44.77 51.84
N ILE B 89 14.64 -44.09 52.06
CA ILE B 89 14.02 -43.26 51.04
C ILE B 89 13.67 -41.90 51.64
N SER B 90 13.41 -40.93 50.75
CA SER B 90 12.95 -39.61 51.12
C SER B 90 11.42 -39.54 51.03
N ASN B 91 10.87 -38.37 51.33
CA ASN B 91 9.42 -38.21 51.36
C ASN B 91 8.83 -37.91 49.98
N TYR B 92 9.51 -38.30 48.90
CA TYR B 92 9.06 -37.97 47.55
C TYR B 92 7.61 -38.36 47.31
N SER B 93 7.19 -39.53 47.79
CA SER B 93 5.82 -39.97 47.57
C SER B 93 4.80 -39.10 48.28
N LEU B 94 5.22 -38.28 49.24
CA LEU B 94 4.31 -37.42 49.97
C LEU B 94 4.19 -36.03 49.35
N LEU B 95 4.91 -35.77 48.25
CA LEU B 95 4.93 -34.47 47.62
C LEU B 95 4.29 -34.55 46.23
N VAL B 96 3.46 -33.56 45.91
CA VAL B 96 2.78 -33.48 44.64
C VAL B 96 3.18 -32.18 43.95
N ASN B 97 3.69 -32.29 42.74
CA ASN B 97 4.13 -31.13 41.97
C ASN B 97 3.08 -30.80 40.91
N ASP B 98 3.39 -29.83 40.06
CA ASP B 98 2.47 -29.35 39.03
C ASP B 98 3.11 -29.56 37.66
N PHE B 99 2.36 -30.19 36.75
CA PHE B 99 2.88 -30.45 35.41
C PHE B 99 2.75 -29.24 34.51
N ASP B 100 1.53 -28.98 34.04
CA ASP B 100 1.05 -27.71 33.51
C ASP B 100 1.74 -27.23 32.23
N ASN B 101 2.93 -27.73 31.92
CA ASN B 101 3.47 -27.58 30.57
C ASN B 101 4.23 -28.84 30.14
N GLY B 102 4.87 -29.50 31.09
CA GLY B 102 5.79 -30.57 30.85
C GLY B 102 7.02 -30.37 31.71
N PHE B 103 8.03 -31.21 31.49
CA PHE B 103 9.29 -31.02 32.20
C PHE B 103 10.39 -31.80 31.53
N VAL B 104 11.63 -31.47 31.87
CA VAL B 104 12.82 -32.15 31.36
C VAL B 104 13.69 -32.58 32.52
N VAL B 105 14.34 -33.73 32.37
CA VAL B 105 15.14 -34.34 33.42
C VAL B 105 16.56 -34.48 32.91
N ARG B 106 17.51 -33.90 33.66
CA ARG B 106 18.92 -34.20 33.51
C ARG B 106 19.24 -35.45 34.31
N VAL B 107 19.70 -36.50 33.62
CA VAL B 107 19.88 -37.82 34.21
C VAL B 107 21.35 -38.20 34.12
N GLY B 108 21.92 -38.62 35.24
CA GLY B 108 23.27 -39.15 35.26
C GLY B 108 24.34 -38.16 34.87
N ALA B 109 24.24 -36.92 35.36
CA ALA B 109 25.25 -35.92 35.03
C ALA B 109 26.54 -36.13 35.82
N ALA B 110 26.45 -36.70 37.01
CA ALA B 110 27.61 -36.90 37.87
C ALA B 110 28.20 -38.30 37.76
N ALA B 111 28.00 -38.98 36.63
CA ALA B 111 28.55 -40.30 36.44
C ALA B 111 30.07 -40.24 36.31
N ASN B 112 30.71 -41.37 36.60
CA ASN B 112 32.16 -41.58 36.56
C ASN B 112 32.91 -40.81 37.64
N SER B 113 32.25 -40.00 38.45
CA SER B 113 32.92 -39.24 39.49
C SER B 113 32.93 -40.06 40.78
N THR B 114 33.38 -39.45 41.87
CA THR B 114 33.45 -40.11 43.17
C THR B 114 32.53 -39.37 44.14
N GLY B 115 31.70 -40.11 44.86
CA GLY B 115 30.79 -39.49 45.80
C GLY B 115 30.52 -40.38 46.99
N THR B 116 30.07 -39.75 48.06
CA THR B 116 29.75 -40.48 49.28
C THR B 116 28.42 -41.19 49.16
N ILE B 117 28.33 -42.35 49.80
CA ILE B 117 27.07 -43.08 49.89
C ILE B 117 26.18 -42.40 50.90
N VAL B 118 24.90 -42.26 50.56
CA VAL B 118 23.98 -41.48 51.40
C VAL B 118 23.76 -42.16 52.74
N ILE B 119 23.57 -43.48 52.74
CA ILE B 119 23.32 -44.18 53.99
C ILE B 119 24.57 -44.21 54.86
N SER B 120 25.74 -44.33 54.24
CA SER B 120 27.01 -44.34 54.95
C SER B 120 27.87 -43.19 54.43
N PRO B 121 27.81 -42.00 55.07
CA PRO B 121 28.53 -40.85 54.52
C PRO B 121 30.04 -41.03 54.45
N SER B 122 30.62 -41.84 55.33
CA SER B 122 32.07 -42.06 55.29
C SER B 122 32.48 -42.76 54.00
N VAL B 123 31.71 -43.74 53.55
CA VAL B 123 32.09 -44.54 52.39
C VAL B 123 31.96 -43.71 51.12
N GLN B 124 32.98 -43.77 50.28
CA GLN B 124 33.00 -43.07 49.00
C GLN B 124 33.22 -44.08 47.89
N THR B 125 32.49 -43.90 46.78
CA THR B 125 32.54 -44.86 45.68
C THR B 125 32.25 -44.11 44.38
N LYS B 126 32.65 -44.71 43.26
CA LYS B 126 32.31 -44.17 41.95
C LYS B 126 30.80 -44.16 41.78
N ILE B 127 30.29 -43.07 41.21
CA ILE B 127 28.85 -42.83 41.10
C ILE B 127 28.33 -43.46 39.81
N LYS B 128 27.15 -44.08 39.90
CA LYS B 128 26.51 -44.72 38.76
C LYS B 128 25.20 -44.01 38.43
N LYS B 129 24.83 -44.07 37.15
CA LYS B 129 23.60 -43.45 36.69
C LYS B 129 22.37 -44.19 37.22
N ALA B 130 21.38 -43.41 37.65
CA ALA B 130 20.11 -43.96 38.13
C ALA B 130 18.96 -43.25 37.44
N TYR B 131 18.07 -44.03 36.83
CA TYR B 131 16.90 -43.50 36.15
C TYR B 131 15.81 -43.11 37.14
N PRO B 132 15.01 -42.09 36.81
CA PRO B 132 13.87 -41.73 37.65
C PRO B 132 12.60 -42.49 37.27
N ALA B 133 11.63 -42.44 38.18
CA ALA B 133 10.31 -43.02 37.97
C ALA B 133 9.25 -42.00 38.36
N PHE B 134 8.19 -41.91 37.57
CA PHE B 134 7.16 -40.89 37.75
C PHE B 134 5.78 -41.51 37.73
N ILE B 135 4.88 -40.90 38.49
CA ILE B 135 3.44 -41.10 38.35
C ILE B 135 2.82 -39.75 37.98
N LEU B 136 2.16 -39.71 36.83
CA LEU B 136 1.50 -38.52 36.34
C LEU B 136 -0.01 -38.73 36.45
N GLY B 137 -0.71 -37.74 36.98
CA GLY B 137 -2.13 -37.89 37.21
C GLY B 137 -2.86 -36.58 37.03
N SER B 138 -4.19 -36.68 36.93
CA SER B 138 -5.03 -35.53 36.72
C SER B 138 -5.91 -35.20 37.92
N SER B 139 -6.16 -36.14 38.81
CA SER B 139 -6.99 -35.88 39.98
C SER B 139 -6.44 -36.64 41.19
N LEU B 140 -6.58 -36.01 42.36
CA LEU B 140 -5.92 -36.45 43.57
C LEU B 140 -6.93 -36.72 44.67
N THR B 141 -6.60 -37.67 45.54
CA THR B 141 -7.31 -37.92 46.78
C THR B 141 -6.29 -38.10 47.89
N ASN B 142 -6.75 -38.32 49.12
CA ASN B 142 -5.82 -38.60 50.19
C ASN B 142 -6.09 -39.98 50.78
N THR B 143 -5.19 -40.43 51.65
CA THR B 143 -5.48 -41.57 52.49
C THR B 143 -6.23 -41.11 53.74
N SER B 144 -6.49 -42.05 54.65
CA SER B 144 -7.16 -41.69 55.90
C SER B 144 -6.31 -40.72 56.71
N ALA B 145 -5.00 -40.90 56.72
CA ALA B 145 -4.09 -40.02 57.44
C ALA B 145 -3.88 -38.68 56.74
N GLY B 146 -4.36 -38.52 55.50
CA GLY B 146 -4.21 -37.29 54.76
C GLY B 146 -3.10 -37.30 53.72
N GLN B 147 -2.29 -38.36 53.67
CA GLN B 147 -1.23 -38.45 52.68
C GLN B 147 -1.84 -38.58 51.28
N PRO B 148 -1.16 -38.07 50.25
CA PRO B 148 -1.78 -37.99 48.93
C PRO B 148 -1.61 -39.24 48.07
N LEU B 149 -2.66 -39.54 47.31
CA LEU B 149 -2.66 -40.64 46.34
C LEU B 149 -3.38 -40.16 45.09
N TYR B 150 -3.16 -40.87 43.99
CA TYR B 150 -3.73 -40.48 42.70
C TYR B 150 -5.03 -41.25 42.44
N ALA B 151 -5.94 -40.58 41.74
CA ALA B 151 -7.29 -41.06 41.48
C ALA B 151 -7.40 -41.81 40.15
N ASN B 152 -8.62 -41.82 39.60
CA ASN B 152 -9.15 -42.83 38.69
C ASN B 152 -8.12 -43.45 37.74
N TYR B 153 -7.42 -42.64 36.95
CA TYR B 153 -6.40 -43.15 36.04
C TYR B 153 -5.08 -42.42 36.30
N SER B 154 -3.97 -43.16 36.25
CA SER B 154 -2.68 -42.49 36.37
C SER B 154 -1.68 -43.16 35.44
N LEU B 155 -0.86 -42.35 34.79
CA LEU B 155 0.22 -42.84 33.94
C LEU B 155 1.44 -43.11 34.81
N THR B 156 2.04 -44.28 34.64
CA THR B 156 3.19 -44.67 35.44
C THR B 156 4.36 -44.95 34.50
N ILE B 157 5.48 -44.30 34.74
CA ILE B 157 6.68 -44.46 33.93
C ILE B 157 7.80 -44.90 34.87
N ILE B 158 8.20 -46.16 34.77
CA ILE B 158 9.21 -46.69 35.67
C ILE B 158 10.31 -47.41 34.88
N PRO B 159 11.57 -47.21 35.22
CA PRO B 159 12.64 -48.04 34.65
C PRO B 159 12.68 -49.40 35.33
N ASP B 160 13.34 -50.34 34.67
CA ASP B 160 13.42 -51.69 35.20
C ASP B 160 14.51 -52.44 34.46
N GLY B 161 14.84 -53.62 34.97
CA GLY B 161 15.91 -54.43 34.40
C GLY B 161 17.28 -53.83 34.55
N CYS B 162 17.59 -53.27 35.73
CA CYS B 162 18.87 -52.62 36.01
C CYS B 162 19.14 -51.49 35.02
N GLY B 163 18.09 -50.82 34.56
CA GLY B 163 18.24 -49.74 33.61
C GLY B 163 18.24 -50.15 32.16
N THR B 164 17.63 -51.29 31.82
CA THR B 164 17.61 -51.77 30.45
C THR B 164 16.23 -51.69 29.79
N VAL B 165 15.16 -51.48 30.56
CA VAL B 165 13.83 -51.30 29.99
C VAL B 165 13.12 -50.16 30.69
N LEU B 166 12.14 -49.58 29.99
CA LEU B 166 11.25 -48.56 30.52
C LEU B 166 9.82 -49.03 30.30
N HIS B 167 9.00 -48.99 31.36
CA HIS B 167 7.61 -49.40 31.32
C HIS B 167 6.73 -48.19 31.55
N ALA B 168 5.85 -47.89 30.59
CA ALA B 168 4.88 -46.83 30.72
C ALA B 168 3.49 -47.40 30.55
N PHE B 169 2.62 -47.16 31.53
CA PHE B 169 1.30 -47.74 31.50
C PHE B 169 0.28 -46.82 32.17
N TYR B 170 -0.87 -46.66 31.51
CA TYR B 170 -1.95 -45.77 31.96
C TYR B 170 -3.01 -46.59 32.67
N CYS B 171 -2.94 -46.65 33.99
CA CYS B 171 -3.79 -47.60 34.71
C CYS B 171 -3.83 -47.29 36.19
N ILE B 172 -4.44 -48.22 36.96
CA ILE B 172 -4.07 -48.56 38.36
C ILE B 172 -5.40 -48.67 39.10
N LEU B 173 -5.41 -49.23 40.31
CA LEU B 173 -5.80 -48.47 41.52
C LEU B 173 -6.41 -49.38 42.57
N LYS B 174 -5.58 -50.11 43.31
CA LYS B 174 -5.72 -50.20 44.75
C LYS B 174 -5.86 -51.67 45.16
N PRO B 175 -7.09 -52.13 45.47
CA PRO B 175 -7.35 -52.95 46.66
C PRO B 175 -6.48 -54.18 46.85
N ARG B 176 -5.36 -54.01 47.56
CA ARG B 176 -5.20 -54.72 48.82
C ARG B 176 -4.90 -53.72 49.93
N THR B 177 -5.71 -53.78 50.98
CA THR B 177 -5.73 -52.77 52.03
C THR B 177 -4.97 -53.21 53.28
N GLY B 178 -4.09 -54.19 53.15
CA GLY B 178 -3.41 -54.76 54.29
C GLY B 178 -2.47 -53.77 54.96
N ASN B 179 -1.97 -54.20 56.12
CA ASN B 179 -1.23 -53.31 57.00
C ASN B 179 0.05 -52.81 56.33
N ARG B 180 0.38 -51.55 56.57
CA ARG B 180 1.56 -50.84 56.09
C ARG B 180 1.50 -50.50 54.60
N CYS B 181 0.46 -50.92 53.89
CA CYS B 181 0.20 -50.48 52.54
C CYS B 181 -0.59 -49.17 52.56
N PRO B 182 -0.74 -48.50 51.40
CA PRO B 182 -1.45 -47.20 51.40
C PRO B 182 -2.82 -47.23 52.04
N GLY B 183 -3.60 -48.29 51.80
CA GLY B 183 -4.89 -48.41 52.48
C GLY B 183 -4.75 -48.66 53.96
N GLY B 184 -3.78 -49.50 54.35
CA GLY B 184 -3.61 -49.86 55.74
C GLY B 184 -2.90 -48.81 56.57
N SER B 185 -2.97 -49.01 57.88
CA SER B 185 -2.32 -48.09 58.83
C SER B 185 -0.81 -48.33 58.84
N GLY B 186 -0.10 -47.37 59.44
CA GLY B 186 1.35 -47.44 59.45
C GLY B 186 1.98 -47.22 58.10
N TYR B 187 1.36 -46.41 57.25
CA TYR B 187 1.82 -46.20 55.90
C TYR B 187 2.83 -45.06 55.84
N ASN B 188 4.00 -45.34 55.26
CA ASN B 188 5.02 -44.32 55.07
C ASN B 188 4.99 -43.73 53.65
N ALA B 189 5.22 -44.57 52.64
CA ALA B 189 5.29 -44.11 51.24
C ALA B 189 5.45 -45.29 50.30
N TYR B 190 5.04 -45.13 49.03
CA TYR B 190 5.27 -46.17 48.04
C TYR B 190 6.63 -45.96 47.39
N PHE B 191 7.36 -47.06 47.19
CA PHE B 191 8.68 -46.99 46.59
C PHE B 191 8.92 -48.27 45.81
N ILE B 192 9.54 -48.13 44.64
CA ILE B 192 9.99 -49.30 43.89
C ILE B 192 11.35 -49.71 44.41
N TYR B 193 11.67 -50.99 44.28
CA TYR B 193 12.93 -51.51 44.78
C TYR B 193 13.35 -52.73 43.98
N GLU B 194 14.64 -53.04 44.05
CA GLU B 194 15.22 -54.15 43.30
C GLU B 194 16.32 -54.80 44.13
N THR B 195 16.60 -56.06 43.81
CA THR B 195 17.68 -56.81 44.44
C THR B 195 18.69 -57.19 43.37
N ILE B 196 19.96 -56.83 43.59
CA ILE B 196 20.98 -57.04 42.57
C ILE B 196 21.20 -58.52 42.31
N HIS B 197 21.27 -59.32 43.38
CA HIS B 197 21.59 -60.73 43.23
C HIS B 197 20.49 -61.48 42.48
N ASN B 198 19.23 -61.22 42.79
CA ASN B 198 18.13 -61.89 42.10
C ASN B 198 17.89 -61.32 40.71
N ASP B 199 18.02 -60.01 40.55
CA ASP B 199 17.64 -59.34 39.31
C ASP B 199 18.84 -58.92 38.46
N CYS B 200 19.78 -58.17 39.03
CA CYS B 200 20.93 -57.67 38.28
C CYS B 200 21.99 -58.78 38.18
N ASN B 201 21.62 -59.83 37.45
CA ASN B 201 22.50 -60.97 37.22
C ASN B 201 22.61 -61.25 35.73
N SER B 202 23.17 -62.41 35.36
CA SER B 202 23.29 -62.77 33.95
C SER B 202 21.93 -62.80 33.28
N ALA B 203 20.93 -63.38 33.95
CA ALA B 203 19.55 -63.40 33.45
C ALA B 203 18.79 -62.29 34.18
N ILE B 204 18.77 -61.10 33.58
CA ILE B 204 18.15 -59.94 34.21
C ILE B 204 16.64 -60.11 34.24
N ASN B 205 16.03 -59.73 35.36
CA ASN B 205 14.59 -59.80 35.52
C ASN B 205 13.97 -58.49 35.05
N LYS B 206 13.03 -58.58 34.10
CA LYS B 206 12.41 -57.41 33.50
C LYS B 206 11.13 -56.99 34.19
N ASN B 207 10.73 -57.65 35.27
CA ASN B 207 9.53 -57.28 36.01
C ASN B 207 9.79 -57.05 37.49
N ALA B 208 11.06 -56.89 37.88
CA ALA B 208 11.37 -56.69 39.30
C ALA B 208 10.75 -55.41 39.83
N SER B 209 10.99 -54.29 39.14
CA SER B 209 10.43 -53.02 39.58
C SER B 209 8.91 -53.04 39.49
N LEU B 210 8.37 -53.62 38.42
CA LEU B 210 6.92 -53.68 38.27
C LEU B 210 6.28 -54.50 39.38
N ASN B 211 6.86 -55.66 39.71
CA ASN B 211 6.33 -56.48 40.79
C ASN B 211 6.45 -55.76 42.13
N SER B 212 7.57 -55.06 42.35
CA SER B 212 7.72 -54.32 43.60
C SER B 212 6.66 -53.23 43.72
N PHE B 213 6.38 -52.53 42.61
CA PHE B 213 5.35 -51.50 42.63
C PHE B 213 3.96 -52.09 42.78
N LYS B 214 3.78 -53.33 42.32
CA LYS B 214 2.48 -54.01 42.45
C LYS B 214 2.16 -54.37 43.90
N SER B 215 3.15 -54.34 44.79
CA SER B 215 2.88 -54.63 46.19
C SER B 215 2.03 -53.55 46.84
N PHE B 216 2.22 -52.29 46.44
CA PHE B 216 1.45 -51.20 47.03
C PHE B 216 0.11 -51.02 46.34
N PHE B 217 0.07 -51.19 45.03
CA PHE B 217 -1.13 -50.95 44.23
C PHE B 217 -1.42 -52.15 43.35
N ASP B 218 -2.71 -52.39 43.11
CA ASP B 218 -3.13 -53.32 42.06
C ASP B 218 -3.73 -52.53 40.92
N LEU B 219 -3.38 -52.90 39.69
CA LEU B 219 -3.64 -52.11 38.50
C LEU B 219 -5.05 -52.39 38.00
N VAL B 220 -5.92 -51.38 37.95
CA VAL B 220 -7.29 -51.58 37.53
C VAL B 220 -7.43 -51.07 36.11
N ASN B 221 -7.93 -51.97 35.25
CA ASN B 221 -8.56 -51.86 33.93
C ASN B 221 -7.59 -51.40 32.86
N CYS B 222 -6.55 -50.75 33.32
CA CYS B 222 -5.20 -50.65 32.79
C CYS B 222 -5.12 -50.62 31.26
N THR B 223 -5.59 -49.51 30.69
CA THR B 223 -5.86 -49.40 29.26
C THR B 223 -4.66 -49.82 28.40
N PHE B 224 -3.48 -49.28 28.68
CA PHE B 224 -2.33 -49.70 27.89
C PHE B 224 -1.07 -49.81 28.74
N PHE B 225 -0.24 -50.75 28.33
CA PHE B 225 1.07 -51.06 28.91
C PHE B 225 2.08 -51.14 27.77
N ASN B 226 3.17 -50.39 27.88
CA ASN B 226 4.16 -50.30 26.81
C ASN B 226 5.55 -50.40 27.42
N SER B 227 6.48 -50.98 26.67
CA SER B 227 7.85 -51.16 27.14
C SER B 227 8.83 -50.82 26.03
N TRP B 228 9.93 -50.19 26.42
CA TRP B 228 11.03 -49.87 25.50
C TRP B 228 12.33 -50.43 26.04
N ASP B 229 13.14 -50.99 25.14
CA ASP B 229 14.40 -51.65 25.51
C ASP B 229 15.55 -50.67 25.31
N ILE B 230 15.84 -49.89 26.34
CA ILE B 230 16.96 -48.96 26.31
C ILE B 230 18.26 -49.71 26.57
N THR B 231 19.27 -49.41 25.75
CA THR B 231 20.58 -50.00 25.95
C THR B 231 21.25 -49.40 27.18
N ALA B 232 22.10 -50.19 27.84
CA ALA B 232 22.71 -49.79 29.11
C ALA B 232 24.06 -49.15 28.85
N ASP B 233 24.20 -47.90 29.29
CA ASP B 233 25.45 -47.14 29.20
C ASP B 233 25.61 -46.34 30.49
N GLU B 234 26.69 -45.57 30.57
CA GLU B 234 26.94 -44.67 31.69
C GLU B 234 27.00 -43.22 31.26
N VAL B 235 26.46 -42.90 30.08
CA VAL B 235 26.52 -41.55 29.54
C VAL B 235 25.44 -40.69 30.16
N LYS B 236 25.76 -39.43 30.44
CA LYS B 236 24.75 -38.48 30.88
C LYS B 236 23.74 -38.25 29.77
N GLU B 237 22.51 -37.93 30.15
CA GLU B 237 21.47 -37.83 29.14
C GLU B 237 20.33 -36.97 29.64
N TRP B 238 19.36 -36.75 28.75
CA TRP B 238 18.20 -35.92 29.02
C TRP B 238 16.94 -36.70 28.68
N PHE B 239 15.88 -36.44 29.43
CA PHE B 239 14.57 -37.05 29.21
C PHE B 239 13.54 -35.96 29.37
N GLY B 240 12.33 -36.17 28.88
CA GLY B 240 11.33 -35.13 28.96
C GLY B 240 9.94 -35.62 28.66
N ILE B 241 8.95 -34.95 29.25
CA ILE B 241 7.55 -35.28 29.05
C ILE B 241 6.78 -34.01 28.72
N THR B 242 5.88 -34.11 27.74
CA THR B 242 5.02 -33.01 27.34
C THR B 242 3.65 -33.57 27.00
N GLN B 243 2.63 -32.72 26.96
CA GLN B 243 1.31 -33.17 26.56
C GLN B 243 0.64 -32.15 25.65
N ASP B 244 -0.10 -32.63 24.65
CA ASP B 244 -0.98 -31.77 23.87
C ASP B 244 -2.20 -32.59 23.46
N THR B 245 -2.97 -32.07 22.51
CA THR B 245 -4.22 -32.72 22.12
C THR B 245 -4.00 -34.12 21.56
N GLN B 246 -2.83 -34.39 21.00
CA GLN B 246 -2.55 -35.71 20.47
C GLN B 246 -2.08 -36.70 21.52
N GLY B 247 -1.92 -36.29 22.77
CA GLY B 247 -1.57 -37.21 23.82
C GLY B 247 -0.34 -36.75 24.56
N VAL B 248 0.32 -37.71 25.21
CA VAL B 248 1.53 -37.45 25.98
C VAL B 248 2.73 -37.85 25.13
N HIS B 249 3.72 -36.96 25.02
CA HIS B 249 4.89 -37.19 24.20
C HIS B 249 6.11 -37.33 25.10
N LEU B 250 6.88 -38.38 24.87
CA LEU B 250 8.10 -38.66 25.61
C LEU B 250 9.30 -38.38 24.72
N TYR B 251 10.27 -37.64 25.26
CA TYR B 251 11.46 -37.23 24.51
C TYR B 251 12.69 -37.76 25.23
N SER B 252 13.62 -38.32 24.47
CA SER B 252 14.87 -38.80 25.05
C SER B 252 16.03 -38.41 24.15
N SER B 253 17.20 -38.24 24.75
CA SER B 253 18.39 -37.95 23.97
C SER B 253 19.00 -39.18 23.33
N ARG B 254 18.78 -40.36 23.91
CA ARG B 254 19.29 -41.59 23.31
C ARG B 254 18.72 -41.84 21.93
N LYS B 255 17.54 -41.28 21.63
CA LYS B 255 16.90 -41.46 20.32
C LYS B 255 17.53 -40.46 19.35
N GLY B 256 18.68 -40.85 18.81
CA GLY B 256 19.26 -40.09 17.71
C GLY B 256 20.55 -39.34 17.98
N ASP B 257 20.66 -38.67 19.13
CA ASP B 257 21.87 -37.92 19.47
C ASP B 257 22.25 -38.33 20.89
N LEU B 258 23.01 -39.42 21.00
CA LEU B 258 23.36 -39.94 22.32
C LEU B 258 24.41 -39.08 23.01
N TYR B 259 25.30 -38.45 22.24
CA TYR B 259 26.47 -37.81 22.80
C TYR B 259 26.42 -36.29 22.74
N GLY B 260 25.28 -35.71 22.38
CA GLY B 260 25.17 -34.27 22.30
C GLY B 260 24.12 -33.68 23.21
N GLY B 261 23.09 -34.45 23.52
CA GLY B 261 22.06 -34.01 24.44
C GLY B 261 20.79 -33.48 23.80
N ASN B 262 20.67 -33.53 22.47
CA ASN B 262 19.43 -33.12 21.83
C ASN B 262 18.36 -34.18 22.05
N MET B 263 17.13 -33.72 22.29
CA MET B 263 16.02 -34.59 22.64
C MET B 263 15.13 -34.81 21.44
N PHE B 264 14.82 -36.07 21.16
CA PHE B 264 13.93 -36.45 20.07
C PHE B 264 12.77 -37.25 20.64
N ARG B 265 11.60 -37.08 20.05
CA ARG B 265 10.43 -37.83 20.51
C ARG B 265 10.57 -39.30 20.14
N PHE B 266 10.26 -40.18 21.08
CA PHE B 266 10.26 -41.61 20.81
C PHE B 266 8.94 -42.30 21.13
N ALA B 267 7.99 -41.62 21.75
CA ALA B 267 6.75 -42.25 22.13
C ALA B 267 5.63 -41.23 22.22
N THR B 268 4.46 -41.61 21.71
CA THR B 268 3.24 -40.82 21.79
C THR B 268 2.17 -41.70 22.44
N LEU B 269 2.01 -41.54 23.74
CA LEU B 269 1.06 -42.30 24.54
C LEU B 269 -0.33 -41.69 24.42
N PRO B 270 -1.36 -42.53 24.23
CA PRO B 270 -2.75 -42.05 24.09
C PRO B 270 -3.39 -41.68 25.43
N VAL B 271 -2.90 -40.61 26.04
CA VAL B 271 -3.46 -40.05 27.25
C VAL B 271 -3.98 -38.66 26.89
N TYR B 272 -5.30 -38.46 26.97
CA TYR B 272 -5.91 -37.24 26.51
C TYR B 272 -6.51 -36.38 27.61
N GLU B 273 -6.68 -36.92 28.82
CA GLU B 273 -7.04 -36.10 29.96
C GLU B 273 -5.82 -35.32 30.41
N GLY B 274 -5.98 -34.02 30.62
CA GLY B 274 -4.86 -33.17 30.94
C GLY B 274 -4.15 -33.54 32.22
N ILE B 275 -2.88 -33.91 32.12
CA ILE B 275 -2.08 -34.16 33.30
C ILE B 275 -1.92 -32.87 34.08
N LYS B 276 -2.18 -32.93 35.38
CA LYS B 276 -2.07 -31.75 36.23
C LYS B 276 -1.12 -31.92 37.41
N TYR B 277 -0.73 -33.14 37.74
CA TYR B 277 0.22 -33.36 38.82
C TYR B 277 1.17 -34.49 38.44
N TYR B 278 2.37 -34.45 39.01
CA TYR B 278 3.32 -35.55 38.86
C TYR B 278 4.06 -35.76 40.17
N THR B 279 4.45 -37.00 40.42
CA THR B 279 5.15 -37.38 41.64
C THR B 279 6.32 -38.28 41.28
N VAL B 280 7.47 -37.98 41.87
CA VAL B 280 8.66 -38.81 41.69
C VAL B 280 8.58 -40.00 42.62
N ILE B 281 8.72 -41.20 42.06
CA ILE B 281 8.67 -42.42 42.86
C ILE B 281 10.04 -42.63 43.48
N PRO B 282 10.16 -42.63 44.81
CA PRO B 282 11.45 -42.96 45.43
C PRO B 282 11.85 -44.38 45.09
N ARG B 283 13.13 -44.56 44.76
CA ARG B 283 13.64 -45.82 44.29
C ARG B 283 14.70 -46.31 45.26
N SER B 284 14.74 -47.62 45.47
CA SER B 284 15.67 -48.24 46.41
C SER B 284 16.46 -49.33 45.71
N PHE B 285 17.73 -49.46 46.08
CA PHE B 285 18.61 -50.49 45.55
C PHE B 285 19.04 -51.40 46.70
N ARG B 286 18.41 -52.56 46.79
CA ARG B 286 18.63 -53.50 47.89
C ARG B 286 19.74 -54.46 47.49
N SER B 287 20.90 -54.33 48.13
CA SER B 287 22.05 -55.14 47.78
C SER B 287 22.87 -55.39 49.04
N LYS B 288 24.04 -56.00 48.87
CA LYS B 288 24.92 -56.27 49.99
C LYS B 288 25.57 -54.97 50.47
N ALA B 289 25.83 -54.91 51.79
CA ALA B 289 26.48 -53.73 52.35
C ALA B 289 27.87 -53.53 51.77
N ASN B 290 28.55 -54.61 51.39
CA ASN B 290 29.85 -54.49 50.76
C ASN B 290 29.75 -54.00 49.32
N ARG B 291 28.62 -54.27 48.66
CA ARG B 291 28.41 -53.90 47.28
C ARG B 291 27.70 -52.56 47.12
N ARG B 292 27.55 -51.80 48.20
CA ARG B 292 26.84 -50.52 48.13
C ARG B 292 27.57 -49.55 47.22
N GLU B 293 26.80 -48.77 46.47
CA GLU B 293 27.35 -47.83 45.50
C GLU B 293 26.60 -46.51 45.60
N ALA B 294 27.24 -45.46 45.10
CA ALA B 294 26.60 -44.16 45.01
C ALA B 294 25.78 -44.05 43.73
N TRP B 295 24.64 -43.38 43.82
CA TRP B 295 23.73 -43.22 42.69
C TRP B 295 23.57 -41.74 42.38
N ALA B 296 23.72 -41.39 41.11
CA ALA B 296 23.68 -40.00 40.70
C ALA B 296 22.29 -39.42 40.87
N ALA B 297 22.23 -38.16 41.28
CA ALA B 297 20.98 -37.44 41.36
C ALA B 297 20.51 -37.04 39.96
N PHE B 298 19.24 -36.71 39.85
CA PHE B 298 18.69 -36.21 38.61
C PHE B 298 17.92 -34.92 38.88
N TYR B 299 17.88 -34.05 37.89
CA TYR B 299 17.31 -32.73 38.06
C TYR B 299 16.12 -32.53 37.13
N VAL B 300 15.02 -32.05 37.69
CA VAL B 300 13.77 -31.84 36.95
C VAL B 300 13.56 -30.35 36.79
N TYR B 301 13.34 -29.93 35.54
CA TYR B 301 13.23 -28.53 35.16
C TYR B 301 11.90 -28.31 34.48
N LYS B 302 11.20 -27.26 34.90
CA LYS B 302 9.93 -26.90 34.28
C LYS B 302 10.13 -26.41 32.87
N LEU B 303 9.19 -26.74 31.98
CA LEU B 303 9.18 -26.24 30.62
C LEU B 303 8.28 -25.01 30.53
N HIS B 304 8.77 -23.97 29.87
CA HIS B 304 8.05 -22.72 29.70
C HIS B 304 7.92 -22.42 28.21
N GLN B 305 6.92 -21.61 27.88
CA GLN B 305 6.69 -21.24 26.48
C GLN B 305 7.61 -20.07 26.15
N LEU B 306 8.68 -20.35 25.42
CA LEU B 306 9.72 -19.37 25.17
C LEU B 306 10.26 -19.50 23.76
N THR B 307 11.05 -18.51 23.37
CA THR B 307 11.76 -18.51 22.09
C THR B 307 13.26 -18.62 22.34
N TYR B 308 13.91 -19.55 21.65
CA TYR B 308 15.36 -19.62 21.63
C TYR B 308 15.92 -19.43 20.23
N LEU B 309 17.12 -18.87 20.16
CA LEU B 309 17.91 -18.86 18.94
C LEU B 309 18.77 -20.11 18.92
N LEU B 310 18.55 -20.97 17.93
CA LEU B 310 19.24 -22.26 17.82
C LEU B 310 20.20 -22.22 16.63
N ASP B 311 21.36 -22.85 16.81
CA ASP B 311 22.36 -22.97 15.76
C ASP B 311 22.39 -24.42 15.28
N PHE B 312 21.87 -24.67 14.08
CA PHE B 312 21.86 -26.00 13.51
C PHE B 312 23.11 -26.18 12.66
N SER B 313 23.93 -27.15 13.03
CA SER B 313 25.22 -27.37 12.38
C SER B 313 25.02 -27.99 11.00
N VAL B 314 26.14 -28.33 10.36
CA VAL B 314 26.07 -29.01 9.07
C VAL B 314 25.48 -30.40 9.24
N ASP B 315 25.91 -31.12 10.27
CA ASP B 315 25.39 -32.45 10.53
C ASP B 315 23.96 -32.43 11.07
N GLY B 316 23.41 -31.26 11.34
CA GLY B 316 22.01 -31.11 11.67
C GLY B 316 21.72 -30.91 13.15
N TYR B 317 22.67 -31.21 14.02
CA TYR B 317 22.41 -31.11 15.45
C TYR B 317 22.57 -29.67 15.93
N ILE B 318 22.04 -29.40 17.12
CA ILE B 318 22.10 -28.10 17.74
C ILE B 318 23.28 -28.08 18.70
N ARG B 319 24.18 -27.12 18.53
CA ARG B 319 25.34 -27.00 19.39
C ARG B 319 25.41 -25.69 20.16
N ARG B 320 24.69 -24.65 19.73
CA ARG B 320 24.63 -23.39 20.47
C ARG B 320 23.18 -22.91 20.52
N THR B 321 22.84 -22.27 21.63
CA THR B 321 21.48 -21.82 21.89
C THR B 321 21.52 -20.55 22.73
N ILE B 322 20.58 -19.65 22.47
CA ILE B 322 20.46 -18.39 23.20
C ILE B 322 19.02 -18.23 23.66
N ASP B 323 18.84 -17.93 24.95
CA ASP B 323 17.52 -17.64 25.51
C ASP B 323 17.18 -16.18 25.24
N CYS B 324 16.23 -15.95 24.33
CA CYS B 324 15.93 -14.61 23.86
C CYS B 324 15.35 -13.71 24.95
N GLY B 325 14.93 -14.24 26.08
CA GLY B 325 14.33 -13.41 27.10
C GLY B 325 15.21 -13.23 28.32
N HIS B 326 16.41 -13.81 28.28
CA HIS B 326 17.26 -13.81 29.47
C HIS B 326 17.69 -12.40 29.85
N ASP B 327 18.20 -11.64 28.89
CA ASP B 327 18.69 -10.29 29.17
C ASP B 327 18.64 -9.48 27.88
N ASP B 328 19.26 -8.30 27.91
CA ASP B 328 19.19 -7.38 26.79
C ASP B 328 20.06 -7.83 25.62
N LEU B 329 21.26 -8.33 25.91
CA LEU B 329 22.14 -8.81 24.85
C LEU B 329 21.51 -9.98 24.11
N SER B 330 20.81 -10.85 24.84
CA SER B 330 20.12 -11.97 24.20
C SER B 330 19.01 -11.49 23.29
N GLN B 331 18.26 -10.47 23.72
CA GLN B 331 17.23 -9.89 22.86
C GLN B 331 17.86 -9.30 21.60
N LEU B 332 19.03 -8.66 21.74
CA LEU B 332 19.72 -8.14 20.57
C LEU B 332 20.12 -9.26 19.62
N HIS B 333 20.72 -10.33 20.15
CA HIS B 333 21.14 -11.43 19.29
C HIS B 333 19.96 -12.09 18.60
N CYS B 334 18.81 -12.13 19.25
CA CYS B 334 17.64 -12.74 18.62
C CYS B 334 17.02 -11.81 17.57
N SER B 335 17.00 -10.50 17.83
CA SER B 335 16.41 -9.58 16.86
C SER B 335 17.14 -9.60 15.53
N TYR B 336 18.44 -9.88 15.55
CA TYR B 336 19.22 -10.06 14.34
C TYR B 336 19.32 -11.51 13.91
N THR B 337 18.77 -12.44 14.69
CA THR B 337 18.79 -13.87 14.40
C THR B 337 20.21 -14.34 14.06
N SER B 338 21.19 -13.86 14.82
CA SER B 338 22.57 -14.27 14.63
C SER B 338 23.33 -14.11 15.94
N PHE B 339 24.37 -14.92 16.10
CA PHE B 339 25.20 -14.85 17.29
C PHE B 339 26.26 -13.77 17.20
N GLU B 340 26.51 -13.23 16.01
CA GLU B 340 27.48 -12.16 15.82
C GLU B 340 26.73 -10.90 15.40
N VAL B 341 26.86 -9.84 16.19
CA VAL B 341 26.24 -8.56 15.90
C VAL B 341 27.32 -7.49 16.00
N ASP B 342 27.26 -6.50 15.11
CA ASP B 342 28.26 -5.45 15.10
C ASP B 342 28.19 -4.59 16.36
N THR B 343 29.16 -3.69 16.48
CA THR B 343 29.18 -2.72 17.56
C THR B 343 28.22 -1.58 17.27
N GLY B 344 27.46 -1.16 18.27
CA GLY B 344 26.56 -0.04 18.08
C GLY B 344 25.56 0.07 19.21
N VAL B 345 24.62 0.99 19.02
CA VAL B 345 23.50 1.21 19.92
C VAL B 345 22.24 0.77 19.20
N TYR B 346 21.49 -0.15 19.80
CA TYR B 346 20.37 -0.81 19.15
C TYR B 346 19.12 -0.68 20.00
N SER B 347 18.04 -0.18 19.42
CA SER B 347 16.76 -0.15 20.14
C SER B 347 16.15 -1.53 20.12
N VAL B 348 15.84 -2.09 21.29
CA VAL B 348 15.44 -3.49 21.32
C VAL B 348 13.94 -3.68 21.53
N SER B 349 13.40 -3.27 22.68
CA SER B 349 12.00 -3.50 23.00
C SER B 349 11.66 -2.71 24.25
N SER B 354 -0.68 -6.40 36.15
CA SER B 354 -0.25 -5.82 34.84
C SER B 354 -1.46 -5.25 34.10
N ALA B 355 -1.49 -5.39 32.77
CA ALA B 355 -2.63 -4.93 31.95
C ALA B 355 -3.77 -5.84 32.32
N ILE B 356 -3.47 -6.87 33.10
CA ILE B 356 -4.50 -7.82 33.59
C ILE B 356 -5.48 -7.06 34.49
N GLY B 357 -5.05 -5.98 35.13
CA GLY B 357 -5.95 -5.30 36.08
C GLY B 357 -7.27 -4.94 35.43
N THR B 358 -8.38 -5.03 36.16
CA THR B 358 -9.72 -4.77 35.59
C THR B 358 -10.48 -3.81 36.50
N PHE B 359 -10.95 -2.68 35.98
CA PHE B 359 -11.75 -1.70 36.70
C PHE B 359 -13.15 -1.71 36.11
N ILE B 360 -14.14 -2.10 36.90
CA ILE B 360 -15.53 -2.21 36.44
C ILE B 360 -16.40 -1.38 37.37
N GLU B 361 -17.17 -0.46 36.79
CA GLU B 361 -18.17 0.31 37.53
C GLU B 361 -19.50 0.16 36.79
N GLN B 362 -20.48 -0.43 37.45
CA GLN B 362 -21.81 -0.56 36.89
C GLN B 362 -22.83 -0.07 37.89
N PRO B 363 -23.97 0.44 37.41
CA PRO B 363 -24.97 0.99 38.35
C PRO B 363 -25.63 -0.13 39.15
N ASN B 364 -26.08 0.23 40.35
CA ASN B 364 -26.91 -0.67 41.15
C ASN B 364 -28.32 -0.59 40.59
N ALA B 365 -28.61 -1.49 39.66
CA ALA B 365 -29.84 -1.41 38.88
C ALA B 365 -30.71 -2.63 39.13
N THR B 366 -32.00 -2.47 38.87
CA THR B 366 -32.97 -3.53 39.04
C THR B 366 -33.00 -4.44 37.82
N GLU B 367 -33.71 -5.55 37.95
CA GLU B 367 -33.83 -6.49 36.84
C GLU B 367 -34.71 -5.89 35.74
N CYS B 368 -34.50 -6.38 34.52
CA CYS B 368 -35.25 -5.88 33.37
C CYS B 368 -36.68 -6.43 33.45
N ASP B 369 -37.47 -6.17 32.42
CA ASP B 369 -38.89 -6.51 32.42
C ASP B 369 -39.24 -7.21 31.11
N PHE B 370 -39.27 -8.54 31.14
CA PHE B 370 -39.69 -9.35 30.01
C PHE B 370 -41.16 -9.71 30.06
N SER B 371 -41.88 -9.29 31.10
CA SER B 371 -43.28 -9.66 31.23
C SER B 371 -44.15 -9.25 30.04
N PRO B 372 -43.94 -8.10 29.37
CA PRO B 372 -44.75 -7.80 28.19
C PRO B 372 -44.69 -8.89 27.13
N MET B 373 -43.58 -9.62 27.05
CA MET B 373 -43.47 -10.70 26.07
C MET B 373 -44.35 -11.88 26.42
N PHE B 374 -44.63 -12.08 27.71
CA PHE B 374 -45.30 -13.28 28.19
C PHE B 374 -46.78 -13.07 28.49
N LYS B 375 -47.33 -11.91 28.15
CA LYS B 375 -48.75 -11.63 28.36
C LYS B 375 -49.41 -11.35 27.03
N GLY B 376 -50.49 -12.09 26.75
CA GLY B 376 -51.20 -11.92 25.50
C GLY B 376 -50.71 -12.84 24.42
N VAL B 377 -51.38 -12.76 23.26
CA VAL B 377 -50.98 -13.55 22.11
C VAL B 377 -49.72 -12.96 21.48
N ALA B 378 -48.89 -13.83 20.94
CA ALA B 378 -47.66 -13.39 20.31
C ALA B 378 -48.00 -12.58 19.05
N PRO B 379 -47.35 -11.43 18.85
CA PRO B 379 -47.70 -10.58 17.71
C PRO B 379 -47.17 -11.12 16.40
N GLN B 380 -47.93 -10.85 15.34
CA GLN B 380 -47.58 -11.35 14.02
C GLN B 380 -46.39 -10.59 13.45
N VAL B 381 -45.82 -11.13 12.37
CA VAL B 381 -44.59 -10.59 11.82
C VAL B 381 -44.78 -9.14 11.36
N TYR B 382 -45.91 -8.84 10.75
CA TYR B 382 -46.20 -7.48 10.30
C TYR B 382 -46.67 -6.59 11.44
N ASN B 383 -46.92 -7.15 12.61
CA ASN B 383 -47.36 -6.41 13.79
C ASN B 383 -46.38 -6.62 14.94
N PHE B 384 -45.10 -6.75 14.61
CA PHE B 384 -44.07 -7.08 15.59
C PHE B 384 -44.05 -6.06 16.72
N LYS B 385 -43.56 -6.49 17.88
CA LYS B 385 -43.47 -5.61 19.04
C LYS B 385 -42.02 -5.38 19.42
N ARG B 386 -41.79 -4.26 20.12
CA ARG B 386 -40.45 -3.79 20.44
C ARG B 386 -40.31 -3.52 21.93
N LEU B 387 -39.24 -4.04 22.51
CA LEU B 387 -38.84 -3.72 23.87
C LEU B 387 -37.48 -3.05 23.83
N VAL B 388 -37.32 -1.98 24.58
CA VAL B 388 -36.05 -1.26 24.67
C VAL B 388 -35.60 -1.29 26.12
N PHE B 389 -34.42 -1.84 26.36
CA PHE B 389 -33.87 -2.00 27.69
C PHE B 389 -32.74 -1.01 27.90
N SER B 390 -32.79 -0.32 29.04
CA SER B 390 -31.75 0.61 29.45
C SER B 390 -31.77 0.68 30.96
N ASN B 391 -30.58 0.67 31.57
CA ASN B 391 -30.43 0.75 33.02
C ASN B 391 -31.13 -0.42 33.72
N CYS B 392 -30.70 -1.64 33.37
CA CYS B 392 -31.27 -2.83 33.98
C CYS B 392 -30.29 -3.99 33.86
N ASN B 393 -30.56 -5.03 34.64
CA ASN B 393 -29.79 -6.27 34.61
C ASN B 393 -30.73 -7.42 34.27
N TYR B 394 -30.20 -8.45 33.63
CA TYR B 394 -31.01 -9.59 33.26
C TYR B 394 -30.34 -10.90 33.67
N ASN B 395 -31.18 -11.90 33.95
CA ASN B 395 -30.75 -13.23 34.37
C ASN B 395 -30.73 -14.13 33.14
N LEU B 396 -29.52 -14.48 32.67
CA LEU B 396 -29.41 -15.27 31.45
C LEU B 396 -29.90 -16.69 31.63
N THR B 397 -29.89 -17.21 32.87
CA THR B 397 -30.27 -18.60 33.08
C THR B 397 -31.73 -18.84 32.74
N LYS B 398 -32.62 -17.96 33.23
CA LYS B 398 -34.03 -18.16 32.90
C LYS B 398 -34.30 -17.94 31.42
N LEU B 399 -33.57 -17.01 30.78
CA LEU B 399 -33.72 -16.85 29.34
C LEU B 399 -33.34 -18.13 28.61
N LEU B 400 -32.24 -18.76 29.03
CA LEU B 400 -31.86 -20.04 28.45
C LEU B 400 -32.88 -21.14 28.76
N SER B 401 -33.62 -20.98 29.84
CA SER B 401 -34.64 -21.98 30.19
C SER B 401 -35.89 -21.83 29.34
N LEU B 402 -36.31 -20.61 29.03
CA LEU B 402 -37.62 -20.39 28.42
C LEU B 402 -37.66 -20.54 26.91
N PHE B 403 -36.55 -20.84 26.25
CA PHE B 403 -36.54 -20.91 24.79
C PHE B 403 -35.65 -22.03 24.32
N ALA B 404 -35.89 -22.46 23.09
CA ALA B 404 -35.04 -23.40 22.38
C ALA B 404 -34.70 -22.79 21.03
N VAL B 405 -33.42 -22.49 20.81
CA VAL B 405 -33.00 -21.73 19.64
C VAL B 405 -32.81 -22.68 18.47
N ASP B 406 -33.56 -22.48 17.40
CA ASP B 406 -33.36 -23.26 16.19
C ASP B 406 -32.28 -22.66 15.30
N GLU B 407 -32.20 -21.33 15.23
CA GLU B 407 -31.19 -20.71 14.39
C GLU B 407 -30.82 -19.35 14.95
N PHE B 408 -29.61 -18.89 14.65
CA PHE B 408 -29.24 -17.51 14.91
C PHE B 408 -28.21 -17.07 13.89
N SER B 409 -28.29 -15.81 13.49
CA SER B 409 -27.34 -15.21 12.56
C SER B 409 -27.00 -13.81 13.06
N CYS B 410 -25.71 -13.54 13.25
CA CYS B 410 -25.29 -12.28 13.86
C CYS B 410 -24.36 -11.51 12.94
N ASN B 411 -24.48 -10.18 12.99
CA ASN B 411 -23.64 -9.28 12.21
C ASN B 411 -23.05 -8.24 13.15
N GLY B 412 -21.72 -8.18 13.22
CA GLY B 412 -21.01 -7.20 14.00
C GLY B 412 -20.88 -7.52 15.47
N ILE B 413 -21.46 -8.62 15.93
CA ILE B 413 -21.47 -9.01 17.33
C ILE B 413 -21.59 -10.53 17.39
N SER B 414 -21.42 -11.09 18.57
CA SER B 414 -21.63 -12.52 18.79
C SER B 414 -22.46 -12.71 20.05
N PRO B 415 -23.24 -13.79 20.13
CA PRO B 415 -24.08 -14.00 21.32
C PRO B 415 -23.32 -14.08 22.63
N ASP B 416 -22.13 -14.67 22.65
CA ASP B 416 -21.39 -14.71 23.90
C ASP B 416 -20.85 -13.34 24.26
N ALA B 417 -20.59 -12.49 23.26
CA ALA B 417 -20.21 -11.11 23.54
C ALA B 417 -21.35 -10.35 24.19
N ILE B 418 -22.58 -10.58 23.73
CA ILE B 418 -23.72 -9.92 24.35
C ILE B 418 -24.00 -10.49 25.73
N ALA B 419 -23.68 -11.76 25.95
CA ALA B 419 -23.90 -12.37 27.25
C ALA B 419 -22.74 -12.15 28.22
N ARG B 420 -21.62 -11.61 27.75
CA ARG B 420 -20.43 -11.43 28.57
C ARG B 420 -20.13 -9.97 28.89
N GLY B 421 -20.61 -9.03 28.07
CA GLY B 421 -20.33 -7.63 28.26
C GLY B 421 -21.57 -6.82 28.58
N CYS B 422 -21.37 -5.51 28.69
CA CYS B 422 -22.42 -4.56 29.00
C CYS B 422 -22.53 -3.54 27.88
N TYR B 423 -23.76 -3.07 27.64
CA TYR B 423 -24.04 -2.20 26.51
C TYR B 423 -24.91 -1.03 26.95
N SER B 424 -24.79 0.07 26.22
CA SER B 424 -25.51 1.29 26.61
C SER B 424 -27.02 1.13 26.45
N THR B 425 -27.46 0.49 25.37
CA THR B 425 -28.89 0.28 25.18
C THR B 425 -29.11 -1.00 24.39
N LEU B 426 -30.18 -1.71 24.71
CA LEU B 426 -30.51 -2.97 24.06
C LEU B 426 -31.92 -2.87 23.47
N THR B 427 -32.12 -3.41 22.27
CA THR B 427 -33.40 -3.35 21.60
C THR B 427 -33.78 -4.73 21.08
N VAL B 428 -35.02 -5.14 21.31
CA VAL B 428 -35.52 -6.44 20.86
C VAL B 428 -36.81 -6.23 20.10
N ASP B 429 -36.90 -6.80 18.90
CA ASP B 429 -38.12 -6.81 18.11
C ASP B 429 -38.56 -8.27 17.98
N TYR B 430 -39.70 -8.61 18.58
CA TYR B 430 -40.15 -9.99 18.59
C TYR B 430 -41.49 -10.14 17.86
N PHE B 431 -41.67 -11.31 17.26
CA PHE B 431 -42.90 -11.62 16.55
C PHE B 431 -43.05 -13.14 16.49
N ALA B 432 -44.22 -13.57 16.04
CA ALA B 432 -44.54 -15.00 15.90
C ALA B 432 -44.29 -15.39 14.45
N TYR B 433 -43.26 -16.21 14.22
CA TYR B 433 -42.80 -16.49 12.88
C TYR B 433 -42.52 -17.98 12.72
N PRO B 434 -42.99 -18.61 11.65
CA PRO B 434 -42.74 -20.04 11.48
C PRO B 434 -41.29 -20.35 11.21
N LEU B 435 -40.87 -21.56 11.57
CA LEU B 435 -39.53 -22.03 11.26
C LEU B 435 -39.42 -22.62 9.86
N SER B 436 -40.54 -22.83 9.18
CA SER B 436 -40.51 -23.34 7.82
C SER B 436 -40.26 -22.24 6.78
N MET B 437 -40.28 -20.98 7.19
CA MET B 437 -40.03 -19.85 6.31
C MET B 437 -38.79 -19.08 6.72
N LYS B 438 -37.83 -19.76 7.35
CA LYS B 438 -36.62 -19.10 7.82
C LYS B 438 -35.89 -18.43 6.67
N SER B 439 -35.81 -19.09 5.52
CA SER B 439 -35.12 -18.52 4.37
C SER B 439 -35.73 -17.20 3.92
N TYR B 440 -36.97 -16.92 4.28
CA TYR B 440 -37.62 -15.69 3.86
C TYR B 440 -37.35 -14.53 4.80
N ILE B 441 -36.67 -14.76 5.93
CA ILE B 441 -36.30 -13.67 6.83
C ILE B 441 -34.83 -13.30 6.71
N ARG B 442 -34.07 -14.01 5.90
CA ARG B 442 -32.67 -13.73 5.72
C ARG B 442 -32.48 -12.40 4.98
N PRO B 443 -31.36 -11.71 5.21
CA PRO B 443 -31.04 -10.51 4.42
C PRO B 443 -30.78 -10.91 2.98
N GLY B 444 -31.54 -10.34 2.06
CA GLY B 444 -31.40 -10.67 0.67
C GLY B 444 -32.41 -11.64 0.11
N SER B 445 -33.47 -11.94 0.83
CA SER B 445 -34.49 -12.84 0.30
C SER B 445 -35.31 -12.13 -0.78
N ALA B 446 -36.04 -12.93 -1.56
CA ALA B 446 -36.86 -12.43 -2.66
C ALA B 446 -38.36 -12.60 -2.41
N GLY B 447 -38.76 -12.75 -1.16
CA GLY B 447 -40.15 -12.96 -0.81
C GLY B 447 -40.89 -11.67 -0.55
N ASN B 448 -41.95 -11.77 0.23
CA ASN B 448 -42.76 -10.62 0.62
C ASN B 448 -42.46 -10.13 2.03
N ILE B 449 -41.72 -10.92 2.81
CA ILE B 449 -41.41 -10.52 4.19
C ILE B 449 -40.60 -9.23 4.25
N PRO B 450 -39.50 -9.07 3.49
CA PRO B 450 -38.75 -7.82 3.58
C PRO B 450 -39.43 -6.64 2.92
N LEU B 451 -40.47 -6.88 2.11
CA LEU B 451 -41.15 -5.81 1.40
C LEU B 451 -42.31 -5.24 2.21
N TYR B 452 -43.19 -6.11 2.71
CA TYR B 452 -44.40 -5.64 3.38
C TYR B 452 -44.50 -6.08 4.83
N ASN B 453 -43.55 -6.85 5.35
CA ASN B 453 -43.68 -7.37 6.70
C ASN B 453 -42.61 -6.85 7.64
N TYR B 454 -41.33 -7.10 7.36
CA TYR B 454 -40.27 -6.73 8.30
C TYR B 454 -38.94 -6.67 7.56
N LYS B 455 -38.26 -5.53 7.66
CA LYS B 455 -36.93 -5.37 7.09
C LYS B 455 -35.98 -4.99 8.21
N GLN B 456 -34.82 -5.66 8.25
CA GLN B 456 -33.85 -5.49 9.32
C GLN B 456 -32.89 -4.35 8.98
N SER B 457 -32.53 -3.58 10.00
CA SER B 457 -31.60 -2.47 9.84
C SER B 457 -30.23 -2.89 10.34
N PHE B 458 -29.20 -2.62 9.54
CA PHE B 458 -27.84 -3.03 9.86
C PHE B 458 -26.97 -1.86 10.28
N ALA B 459 -27.57 -0.77 10.75
CA ALA B 459 -26.80 0.35 11.25
C ALA B 459 -26.05 0.00 12.52
N HIS B 460 -26.52 -1.01 13.25
CA HIS B 460 -25.99 -1.38 14.55
C HIS B 460 -25.68 -2.86 14.57
N PRO B 461 -24.84 -3.32 15.51
CA PRO B 461 -24.62 -4.75 15.65
C PRO B 461 -25.93 -5.46 15.97
N THR B 462 -26.20 -6.56 15.24
CA THR B 462 -27.51 -7.20 15.33
C THR B 462 -27.37 -8.71 15.37
N CYS B 463 -28.42 -9.35 15.87
CA CYS B 463 -28.57 -10.80 15.84
C CYS B 463 -30.02 -11.13 15.54
N ARG B 464 -30.24 -12.03 14.59
CA ARG B 464 -31.56 -12.54 14.25
C ARG B 464 -31.65 -13.97 14.77
N VAL B 465 -32.54 -14.20 15.73
CA VAL B 465 -32.67 -15.48 16.42
C VAL B 465 -34.05 -16.05 16.17
N LEU B 466 -34.10 -17.29 15.69
CA LEU B 466 -35.35 -18.02 15.52
C LEU B 466 -35.40 -19.13 16.55
N ALA B 467 -36.41 -19.10 17.42
CA ALA B 467 -36.49 -20.00 18.56
C ALA B 467 -37.88 -20.65 18.60
N SER B 468 -38.00 -21.67 19.43
CA SER B 468 -39.24 -22.40 19.63
C SER B 468 -39.64 -22.33 21.09
N VAL B 469 -40.89 -21.94 21.36
CA VAL B 469 -41.36 -21.82 22.74
C VAL B 469 -41.73 -23.21 23.25
N PRO B 470 -41.15 -23.64 24.37
CA PRO B 470 -41.46 -24.97 24.90
C PRO B 470 -42.91 -25.09 25.31
N PRO B 471 -43.42 -26.30 25.48
CA PRO B 471 -44.86 -26.47 25.76
C PRO B 471 -45.35 -25.73 27.01
N ASN B 472 -44.55 -25.70 28.07
CA ASN B 472 -45.01 -25.18 29.35
C ASN B 472 -44.79 -23.68 29.53
N VAL B 473 -44.15 -23.01 28.59
CA VAL B 473 -43.93 -21.58 28.71
C VAL B 473 -45.20 -20.84 28.31
N THR B 474 -45.54 -19.81 29.09
CA THR B 474 -46.83 -19.13 28.96
C THR B 474 -46.73 -18.00 27.94
N ILE B 475 -46.87 -18.38 26.66
CA ILE B 475 -47.02 -17.44 25.57
C ILE B 475 -48.12 -17.99 24.66
N THR B 476 -49.28 -17.34 24.67
CA THR B 476 -50.43 -17.86 23.94
C THR B 476 -50.19 -17.84 22.44
N LYS B 477 -50.52 -18.94 21.76
CA LYS B 477 -50.37 -19.02 20.32
C LYS B 477 -51.47 -18.23 19.63
N PRO B 478 -51.16 -17.60 18.50
CA PRO B 478 -52.22 -17.09 17.63
C PRO B 478 -52.94 -18.24 16.94
N GLU B 479 -54.06 -17.90 16.30
CA GLU B 479 -54.81 -18.93 15.58
C GLU B 479 -54.02 -19.50 14.42
N ALA B 480 -53.17 -18.68 13.79
CA ALA B 480 -52.30 -19.12 12.70
C ALA B 480 -51.25 -18.04 12.49
N TYR B 481 -50.37 -18.27 11.53
CA TYR B 481 -49.42 -17.24 11.14
C TYR B 481 -49.99 -16.43 10.00
N GLY B 482 -49.58 -15.18 9.89
CA GLY B 482 -50.06 -14.33 8.81
C GLY B 482 -48.99 -13.37 8.35
N TYR B 483 -49.02 -13.06 7.06
CA TYR B 483 -48.15 -12.02 6.55
C TYR B 483 -48.77 -11.36 5.33
N ILE B 484 -48.37 -10.12 5.08
CA ILE B 484 -48.91 -9.34 3.98
C ILE B 484 -48.19 -9.74 2.69
N SER B 485 -48.97 -10.09 1.67
CA SER B 485 -48.43 -10.45 0.37
C SER B 485 -48.69 -9.41 -0.70
N LYS B 486 -49.38 -8.31 -0.38
CA LYS B 486 -49.52 -7.19 -1.29
C LYS B 486 -49.90 -5.96 -0.50
N CYS B 487 -49.27 -4.83 -0.83
CA CYS B 487 -49.61 -3.54 -0.22
C CYS B 487 -49.31 -2.46 -1.27
N SER B 488 -50.33 -2.08 -2.02
CA SER B 488 -50.19 -1.16 -3.13
C SER B 488 -51.19 -0.03 -3.02
N ARG B 489 -50.81 1.13 -3.53
CA ARG B 489 -51.69 2.30 -3.62
C ARG B 489 -52.26 2.36 -5.03
N LEU B 490 -53.59 2.29 -5.14
CA LEU B 490 -54.26 2.52 -6.40
C LEU B 490 -54.65 3.98 -6.55
N THR B 491 -54.26 4.58 -7.67
CA THR B 491 -54.62 5.95 -8.01
C THR B 491 -55.02 5.99 -9.48
N GLY B 492 -55.53 7.15 -9.89
CA GLY B 492 -56.00 7.37 -11.23
C GLY B 492 -57.50 7.59 -11.28
N ASP B 493 -57.96 8.15 -12.40
CA ASP B 493 -59.39 8.38 -12.58
C ASP B 493 -60.16 7.08 -12.57
N TYR B 494 -59.65 6.06 -13.26
CA TYR B 494 -60.22 4.72 -13.24
C TYR B 494 -59.55 3.81 -12.22
N GLN B 495 -58.67 4.37 -11.37
CA GLN B 495 -57.86 3.60 -10.44
C GLN B 495 -57.06 2.52 -11.17
N HIS B 496 -56.50 2.91 -12.32
CA HIS B 496 -55.73 2.00 -13.16
C HIS B 496 -54.23 2.12 -12.93
N ILE B 497 -53.78 2.94 -12.00
CA ILE B 497 -52.38 3.05 -11.64
C ILE B 497 -52.18 2.37 -10.28
N GLU B 498 -51.23 1.47 -10.20
CA GLU B 498 -50.91 0.74 -8.97
C GLU B 498 -49.44 0.93 -8.65
N THR B 499 -49.15 1.44 -7.46
CA THR B 499 -47.76 1.61 -7.03
C THR B 499 -47.51 0.85 -5.73
N PRO B 500 -46.64 -0.15 -5.73
CA PRO B 500 -46.34 -0.88 -4.48
C PRO B 500 -45.72 0.03 -3.44
N LEU B 501 -46.05 -0.24 -2.17
CA LEU B 501 -45.49 0.49 -1.04
C LEU B 501 -44.55 -0.44 -0.29
N TYR B 502 -43.30 -0.04 -0.16
CA TYR B 502 -42.28 -0.84 0.51
C TYR B 502 -41.87 -0.18 1.81
N ILE B 503 -41.59 -0.98 2.82
CA ILE B 503 -41.28 -0.47 4.14
C ILE B 503 -39.79 -0.17 4.22
N ASN B 504 -39.42 0.59 5.25
CA ASN B 504 -38.03 0.88 5.55
C ASN B 504 -37.51 -0.09 6.60
N PRO B 505 -36.18 -0.20 6.73
CA PRO B 505 -35.62 -1.03 7.80
C PRO B 505 -36.17 -0.74 9.18
N GLY B 506 -36.79 -1.73 9.80
CA GLY B 506 -37.27 -1.57 11.16
C GLY B 506 -38.51 -0.73 11.31
N GLU B 507 -39.27 -0.54 10.24
CA GLU B 507 -40.49 0.26 10.27
C GLU B 507 -41.71 -0.63 10.07
N TYR B 508 -42.87 -0.05 10.33
CA TYR B 508 -44.14 -0.76 10.18
C TYR B 508 -44.70 -0.53 8.79
N SER B 509 -45.51 -1.48 8.33
CA SER B 509 -46.18 -1.34 7.05
C SER B 509 -47.49 -0.57 7.22
N ILE B 510 -47.93 0.05 6.13
CA ILE B 510 -49.17 0.82 6.17
C ILE B 510 -50.39 -0.08 6.01
N CYS B 511 -50.23 -1.29 5.48
CA CYS B 511 -51.30 -2.26 5.41
C CYS B 511 -51.45 -3.07 6.69
N ARG B 512 -50.81 -2.63 7.78
CA ARG B 512 -50.91 -3.34 9.04
C ARG B 512 -52.31 -3.25 9.62
N ASP B 513 -52.94 -2.07 9.53
CA ASP B 513 -54.18 -1.81 10.24
C ASP B 513 -55.35 -2.63 9.73
N PHE B 514 -55.24 -3.27 8.56
CA PHE B 514 -56.35 -4.04 8.03
C PHE B 514 -56.76 -5.15 8.99
N ALA B 515 -55.86 -6.09 9.23
CA ALA B 515 -56.10 -7.21 10.14
C ALA B 515 -54.91 -7.33 11.07
N PRO B 516 -54.82 -6.48 12.09
CA PRO B 516 -53.66 -6.54 12.99
C PRO B 516 -53.50 -7.84 13.72
N LEU B 517 -54.60 -8.56 14.00
CA LEU B 517 -54.56 -9.79 14.77
C LEU B 517 -54.62 -11.03 13.88
N GLY B 518 -54.05 -10.98 12.69
CA GLY B 518 -54.02 -12.13 11.82
C GLY B 518 -55.16 -12.12 10.81
N PHE B 519 -55.00 -12.95 9.77
CA PHE B 519 -55.93 -13.00 8.67
C PHE B 519 -56.77 -14.26 8.76
N SER B 520 -58.08 -14.10 8.52
CA SER B 520 -59.00 -15.22 8.70
C SER B 520 -58.86 -16.27 7.60
N GLU B 521 -58.74 -15.84 6.35
CA GLU B 521 -58.66 -16.77 5.22
C GLU B 521 -57.43 -16.44 4.38
N ASP B 522 -57.02 -17.43 3.58
CA ASP B 522 -55.84 -17.29 2.74
C ASP B 522 -56.16 -16.38 1.56
N GLY B 523 -55.32 -15.37 1.34
CA GLY B 523 -55.53 -14.45 0.25
C GLY B 523 -56.57 -13.40 0.52
N GLN B 524 -56.80 -13.04 1.78
CA GLN B 524 -57.90 -12.14 2.11
C GLN B 524 -57.56 -10.71 1.71
N VAL B 525 -58.50 -10.05 1.06
CA VAL B 525 -58.27 -8.76 0.42
C VAL B 525 -58.94 -7.66 1.22
N PHE B 526 -58.23 -6.55 1.45
CA PHE B 526 -58.74 -5.41 2.19
C PHE B 526 -58.50 -4.14 1.39
N LYS B 527 -59.44 -3.21 1.51
CA LYS B 527 -59.36 -1.92 0.81
C LYS B 527 -59.65 -0.79 1.79
N ARG B 528 -59.01 0.35 1.54
CA ARG B 528 -59.29 1.55 2.32
C ARG B 528 -59.07 2.76 1.43
N THR B 529 -59.67 3.88 1.82
CA THR B 529 -59.56 5.12 1.06
C THR B 529 -58.69 6.11 1.84
N LEU B 530 -57.58 6.53 1.22
CA LEU B 530 -56.70 7.48 1.89
C LEU B 530 -57.33 8.87 1.91
N THR B 531 -57.14 9.58 3.01
CA THR B 531 -57.69 10.92 3.14
C THR B 531 -56.85 11.90 2.33
N GLN B 532 -57.33 13.15 2.26
CA GLN B 532 -56.64 14.17 1.49
C GLN B 532 -55.30 14.55 2.11
N PHE B 533 -55.24 14.65 3.44
CA PHE B 533 -53.99 15.03 4.08
C PHE B 533 -52.92 13.95 3.90
N GLU B 534 -53.30 12.67 4.05
CA GLU B 534 -52.35 11.60 3.82
C GLU B 534 -51.92 11.53 2.37
N GLY B 535 -52.77 12.02 1.45
CA GLY B 535 -52.52 11.87 0.04
C GLY B 535 -53.82 11.68 -0.71
N GLY B 536 -53.91 10.59 -1.46
CA GLY B 536 -55.16 10.24 -2.11
C GLY B 536 -55.07 8.87 -2.73
N GLY B 537 -56.22 8.31 -3.00
CA GLY B 537 -56.31 7.04 -3.69
C GLY B 537 -56.78 5.91 -2.80
N LEU B 538 -56.65 4.70 -3.33
CA LEU B 538 -57.14 3.49 -2.71
C LEU B 538 -55.95 2.65 -2.25
N LEU B 539 -55.95 2.28 -0.98
CA LEU B 539 -54.93 1.41 -0.40
C LEU B 539 -55.45 -0.03 -0.41
N ILE B 540 -54.64 -0.93 -0.95
CA ILE B 540 -55.00 -2.33 -1.10
C ILE B 540 -54.05 -3.17 -0.27
N GLY B 541 -54.59 -4.20 0.39
CA GLY B 541 -53.75 -5.09 1.16
C GLY B 541 -54.22 -6.53 1.13
N VAL B 542 -53.35 -7.46 0.77
CA VAL B 542 -53.68 -8.87 0.69
C VAL B 542 -52.92 -9.61 1.78
N GLY B 543 -53.62 -10.50 2.47
CA GLY B 543 -53.04 -11.26 3.57
C GLY B 543 -53.02 -12.74 3.28
N THR B 544 -51.89 -13.38 3.59
CA THR B 544 -51.69 -14.81 3.41
C THR B 544 -51.52 -15.47 4.76
N ARG B 545 -52.13 -16.64 4.91
CA ARG B 545 -52.25 -17.33 6.18
C ARG B 545 -51.50 -18.66 6.13
N VAL B 546 -50.81 -18.98 7.23
CA VAL B 546 -49.98 -20.17 7.34
C VAL B 546 -50.45 -21.00 8.52
N PRO B 547 -50.56 -22.32 8.38
CA PRO B 547 -51.06 -23.14 9.48
C PRO B 547 -50.21 -23.04 10.73
N MET B 548 -50.86 -23.20 11.87
CA MET B 548 -50.17 -23.15 13.16
C MET B 548 -49.41 -24.45 13.40
N THR B 549 -48.23 -24.32 14.01
CA THR B 549 -47.39 -25.48 14.29
C THR B 549 -47.80 -26.12 15.61
N ALA B 550 -47.16 -27.25 15.93
CA ALA B 550 -47.41 -27.91 17.21
C ALA B 550 -46.96 -27.04 18.37
N ASN B 551 -45.74 -26.52 18.30
CA ASN B 551 -45.20 -25.61 19.30
C ASN B 551 -45.03 -24.23 18.67
N LEU B 552 -45.30 -23.19 19.46
CA LEU B 552 -45.16 -21.83 18.95
C LEU B 552 -43.72 -21.52 18.59
N GLU B 553 -43.54 -20.96 17.41
CA GLU B 553 -42.21 -20.62 16.89
C GLU B 553 -42.12 -19.11 16.77
N MET B 554 -41.06 -18.53 17.32
CA MET B 554 -40.96 -17.09 17.45
C MET B 554 -39.65 -16.59 16.85
N GLY B 555 -39.66 -15.33 16.48
CA GLY B 555 -38.46 -14.69 15.94
C GLY B 555 -38.15 -13.42 16.69
N PHE B 556 -36.85 -13.19 16.89
CA PHE B 556 -36.33 -12.07 17.66
C PHE B 556 -35.23 -11.39 16.86
N VAL B 557 -35.22 -10.06 16.89
CA VAL B 557 -34.13 -9.28 16.31
C VAL B 557 -33.57 -8.42 17.43
N ILE B 558 -32.32 -8.69 17.81
CA ILE B 558 -31.66 -8.01 18.93
C ILE B 558 -30.63 -7.06 18.36
N SER B 559 -30.58 -5.85 18.91
CA SER B 559 -29.65 -4.82 18.49
C SER B 559 -29.04 -4.18 19.72
N VAL B 560 -27.76 -3.82 19.63
CA VAL B 560 -27.04 -3.22 20.75
C VAL B 560 -26.51 -1.87 20.32
N GLN B 561 -26.50 -0.92 21.27
CA GLN B 561 -26.06 0.44 21.00
C GLN B 561 -25.06 0.87 22.06
N TYR B 562 -23.92 1.40 21.60
CA TYR B 562 -22.91 2.02 22.43
C TYR B 562 -23.05 3.54 22.36
N GLY B 563 -22.55 4.22 23.39
CA GLY B 563 -22.59 5.67 23.42
C GLY B 563 -23.98 6.23 23.29
N ALA B 564 -24.95 5.69 24.03
CA ALA B 564 -26.32 6.15 23.97
C ALA B 564 -26.84 6.56 25.34
N GLY B 565 -25.96 6.89 26.27
CA GLY B 565 -26.38 7.34 27.58
C GLY B 565 -25.28 7.15 28.60
N THR B 566 -25.62 7.41 29.85
CA THR B 566 -24.74 7.21 30.98
C THR B 566 -25.12 5.99 31.80
N ASP B 567 -25.88 5.06 31.20
CA ASP B 567 -26.37 3.86 31.84
C ASP B 567 -26.10 2.66 30.93
N SER B 568 -26.36 1.47 31.44
CA SER B 568 -26.02 0.26 30.70
C SER B 568 -26.99 -0.86 31.03
N VAL B 569 -27.06 -1.83 30.12
CA VAL B 569 -27.81 -3.06 30.31
C VAL B 569 -26.81 -4.18 30.54
N CYS B 570 -26.94 -4.88 31.66
CA CYS B 570 -25.91 -5.84 32.03
C CYS B 570 -26.51 -7.17 32.43
N PRO B 571 -25.75 -8.25 32.29
CA PRO B 571 -26.15 -9.51 32.93
C PRO B 571 -25.92 -9.44 34.42
N MET B 572 -26.65 -10.29 35.15
CA MET B 572 -26.48 -10.34 36.59
C MET B 572 -25.09 -10.88 36.93
N LEU B 573 -24.34 -10.11 37.71
CA LEU B 573 -22.98 -10.47 38.07
C LEU B 573 -22.59 -9.70 39.31
N ASP B 574 -21.56 -10.20 40.00
CA ASP B 574 -21.06 -9.57 41.22
C ASP B 574 -19.62 -9.14 40.99
N LEU B 575 -19.34 -7.86 41.26
CA LEU B 575 -18.02 -7.31 40.92
C LEU B 575 -16.93 -7.79 41.86
N GLY B 576 -17.18 -7.77 43.16
CA GLY B 576 -16.14 -8.09 44.13
C GLY B 576 -15.35 -6.85 44.48
N GLU B 577 -14.02 -6.96 44.40
CA GLU B 577 -13.12 -5.85 44.74
C GLU B 577 -12.62 -5.11 43.50
N SER B 578 -13.14 -5.44 42.32
CA SER B 578 -12.78 -4.72 41.10
C SER B 578 -13.56 -3.43 40.93
N SER B 579 -14.49 -3.14 41.83
CA SER B 579 -15.37 -1.98 41.67
C SER B 579 -14.65 -0.66 41.94
N THR B 580 -13.50 -0.69 42.59
CA THR B 580 -12.81 0.54 43.00
C THR B 580 -11.49 0.70 42.26
N ILE B 581 -11.04 1.95 42.14
CA ILE B 581 -9.80 2.28 41.45
C ILE B 581 -8.88 3.15 42.26
N THR B 582 -9.25 3.51 43.50
CA THR B 582 -8.40 4.39 44.29
C THR B 582 -7.08 3.71 44.65
N ASN B 583 -7.10 2.41 44.92
CA ASN B 583 -5.87 1.71 45.26
C ASN B 583 -4.97 1.50 44.05
N ARG B 584 -5.56 1.43 42.85
CA ARG B 584 -4.81 1.14 41.63
C ARG B 584 -4.56 2.39 40.79
N LEU B 585 -4.47 3.55 41.43
CA LEU B 585 -4.22 4.78 40.68
C LEU B 585 -2.85 4.74 40.03
N GLY B 586 -2.82 4.96 38.72
CA GLY B 586 -1.57 5.01 37.98
C GLY B 586 -1.18 3.74 37.28
N LYS B 587 -2.00 2.68 37.36
CA LYS B 587 -1.67 1.39 36.76
C LYS B 587 -2.49 1.17 35.50
N CYS B 588 -1.93 0.39 34.58
CA CYS B 588 -2.61 0.03 33.34
C CYS B 588 -3.65 -1.05 33.65
N VAL B 589 -4.92 -0.72 33.49
CA VAL B 589 -6.01 -1.64 33.80
C VAL B 589 -6.94 -1.73 32.60
N ASP B 590 -7.61 -2.88 32.48
CA ASP B 590 -8.60 -3.12 31.43
C ASP B 590 -9.97 -2.77 31.98
N TYR B 591 -10.40 -1.55 31.71
CA TYR B 591 -11.62 -1.03 32.31
C TYR B 591 -12.84 -1.33 31.44
N SER B 592 -13.99 -1.47 32.12
CA SER B 592 -15.29 -1.64 31.49
C SER B 592 -16.31 -0.89 32.35
N LEU B 593 -16.58 0.36 31.99
CA LEU B 593 -17.36 1.28 32.78
C LEU B 593 -18.62 1.66 32.00
N TYR B 594 -19.78 1.21 32.48
CA TYR B 594 -21.08 1.66 31.99
C TYR B 594 -21.25 1.42 30.49
N GLY B 595 -20.66 0.35 29.96
CA GLY B 595 -20.76 0.08 28.54
C GLY B 595 -19.62 0.61 27.69
N VAL B 596 -18.67 1.32 28.29
CA VAL B 596 -17.47 1.79 27.60
C VAL B 596 -16.30 0.92 28.06
N THR B 597 -15.65 0.24 27.12
CA THR B 597 -14.56 -0.67 27.46
C THR B 597 -13.26 -0.18 26.84
N GLY B 598 -12.15 -0.54 27.47
CA GLY B 598 -10.86 -0.17 26.94
C GLY B 598 -9.76 -0.53 27.92
N ARG B 599 -8.56 -0.03 27.62
CA ARG B 599 -7.38 -0.22 28.47
C ARG B 599 -6.74 1.13 28.72
N GLY B 600 -6.43 1.42 29.98
CA GLY B 600 -5.88 2.73 30.28
C GLY B 600 -5.42 2.86 31.71
N VAL B 601 -4.91 4.05 32.01
CA VAL B 601 -4.40 4.42 33.32
C VAL B 601 -5.23 5.56 33.85
N PHE B 602 -5.63 5.49 35.11
CA PHE B 602 -6.53 6.47 35.71
C PHE B 602 -5.75 7.30 36.72
N GLN B 603 -5.82 8.63 36.58
CA GLN B 603 -5.17 9.53 37.51
C GLN B 603 -6.14 10.61 37.97
N ASN B 604 -6.08 10.96 39.25
CA ASN B 604 -6.97 11.99 39.77
C ASN B 604 -6.67 13.34 39.12
N CYS B 605 -7.72 14.04 38.68
CA CYS B 605 -7.59 15.32 38.00
C CYS B 605 -8.67 16.26 38.48
N THR B 606 -8.68 17.48 37.93
CA THR B 606 -9.74 18.43 38.18
C THR B 606 -10.80 18.33 37.09
N ALA B 607 -12.04 18.68 37.45
CA ALA B 607 -13.19 18.41 36.60
C ALA B 607 -13.21 19.34 35.39
N VAL B 608 -13.45 18.74 34.21
CA VAL B 608 -13.68 19.48 32.98
C VAL B 608 -14.87 18.86 32.27
N GLY B 609 -15.44 19.62 31.33
CA GLY B 609 -16.53 19.13 30.53
C GLY B 609 -17.87 19.20 31.26
N VAL B 610 -18.89 18.66 30.59
CA VAL B 610 -20.23 18.59 31.17
C VAL B 610 -20.28 17.37 32.08
N LYS B 611 -20.53 17.61 33.37
CA LYS B 611 -20.45 16.53 34.35
C LYS B 611 -21.51 15.47 34.10
N GLN B 612 -22.73 15.89 33.74
CA GLN B 612 -23.82 14.94 33.59
C GLN B 612 -23.62 13.97 32.43
N GLN B 613 -22.67 14.25 31.54
CA GLN B 613 -22.40 13.34 30.43
C GLN B 613 -21.54 12.16 30.85
N ARG B 614 -20.68 12.34 31.86
CA ARG B 614 -19.95 11.30 32.56
C ARG B 614 -18.79 10.71 31.76
N PHE B 615 -18.70 11.01 30.47
CA PHE B 615 -17.57 10.53 29.66
C PHE B 615 -17.05 11.69 28.83
N VAL B 616 -15.78 12.05 29.05
CA VAL B 616 -15.12 13.09 28.29
C VAL B 616 -14.28 12.41 27.21
N TYR B 617 -14.43 12.89 25.98
CA TYR B 617 -13.72 12.34 24.83
C TYR B 617 -12.82 13.42 24.27
N ASP B 618 -12.01 13.03 23.29
CA ASP B 618 -11.13 13.97 22.60
C ASP B 618 -11.57 14.10 21.14
N SER B 619 -10.85 14.94 20.40
CA SER B 619 -11.20 15.17 19.01
C SER B 619 -11.02 13.94 18.14
N PHE B 620 -10.33 12.91 18.64
CA PHE B 620 -10.07 11.70 17.87
C PHE B 620 -10.85 10.51 18.39
N ASP B 621 -11.89 10.75 19.18
CA ASP B 621 -12.90 9.78 19.64
C ASP B 621 -12.35 8.88 20.74
N ASN B 622 -11.16 9.14 21.26
CA ASN B 622 -10.64 8.38 22.38
C ASN B 622 -11.12 8.97 23.70
N LEU B 623 -11.38 8.09 24.66
CA LEU B 623 -11.77 8.52 25.99
C LEU B 623 -10.60 9.18 26.70
N VAL B 624 -10.87 10.29 27.40
CA VAL B 624 -9.79 11.00 28.10
C VAL B 624 -10.21 11.33 29.52
N GLY B 625 -11.49 11.23 29.83
CA GLY B 625 -11.97 11.60 31.16
C GLY B 625 -13.12 10.73 31.59
N TYR B 626 -13.31 10.68 32.91
CA TYR B 626 -14.39 9.87 33.48
C TYR B 626 -14.82 10.46 34.81
N TYR B 627 -16.12 10.72 34.94
CA TYR B 627 -16.70 11.21 36.19
C TYR B 627 -17.13 10.01 37.01
N SER B 628 -16.30 9.60 37.96
CA SER B 628 -16.55 8.38 38.69
C SER B 628 -17.70 8.54 39.67
N ASP B 629 -18.26 7.40 40.10
CA ASP B 629 -19.35 7.41 41.07
C ASP B 629 -18.86 7.75 42.47
N ASP B 630 -17.56 7.65 42.72
CA ASP B 630 -17.02 7.99 44.03
C ASP B 630 -16.90 9.49 44.26
N GLY B 631 -17.34 10.31 43.30
CA GLY B 631 -17.28 11.75 43.44
C GLY B 631 -16.01 12.39 42.93
N ASN B 632 -15.24 11.69 42.10
CA ASN B 632 -13.97 12.19 41.61
C ASN B 632 -13.94 12.13 40.09
N TYR B 633 -13.23 13.07 39.48
CA TYR B 633 -12.98 13.07 38.05
C TYR B 633 -11.60 12.46 37.81
N TYR B 634 -11.53 11.55 36.85
CA TYR B 634 -10.30 10.82 36.56
C TYR B 634 -9.88 11.05 35.12
N CYS B 635 -8.63 11.48 34.95
CA CYS B 635 -8.01 11.48 33.64
C CYS B 635 -7.68 10.05 33.22
N VAL B 636 -7.98 9.73 31.96
CA VAL B 636 -7.68 8.42 31.39
C VAL B 636 -6.55 8.60 30.38
N ARG B 637 -5.50 7.81 30.54
CA ARG B 637 -4.33 7.91 29.70
C ARG B 637 -4.04 6.56 29.04
N PRO B 638 -3.59 6.54 27.80
CA PRO B 638 -3.15 5.28 27.20
C PRO B 638 -1.90 4.78 27.91
N CYS B 639 -1.75 3.45 27.93
CA CYS B 639 -0.68 2.82 28.68
C CYS B 639 0.66 3.00 27.96
N VAL B 640 1.67 3.46 28.70
CA VAL B 640 2.96 3.81 28.13
C VAL B 640 4.00 2.78 28.58
N SER B 641 5.02 2.60 27.73
CA SER B 641 6.06 1.60 27.96
C SER B 641 7.43 2.24 27.83
N VAL B 642 8.33 1.85 28.73
CA VAL B 642 9.67 2.46 28.81
C VAL B 642 10.52 1.98 27.64
N PRO B 643 11.26 2.86 26.97
CA PRO B 643 12.15 2.42 25.89
C PRO B 643 13.43 1.78 26.42
N VAL B 644 13.99 0.87 25.63
CA VAL B 644 15.23 0.19 25.99
C VAL B 644 16.14 0.10 24.77
N SER B 645 17.42 0.44 24.95
CA SER B 645 18.44 0.29 23.94
C SER B 645 19.64 -0.42 24.54
N VAL B 646 20.41 -1.08 23.67
CA VAL B 646 21.55 -1.88 24.06
C VAL B 646 22.80 -1.27 23.43
N ILE B 647 23.79 -0.99 24.25
CA ILE B 647 25.08 -0.44 23.83
C ILE B 647 26.06 -1.61 23.80
N TYR B 648 26.56 -1.95 22.62
CA TYR B 648 27.29 -3.21 22.45
C TYR B 648 28.62 -2.95 21.76
N ASP B 649 29.72 -3.30 22.44
CA ASP B 649 31.06 -3.30 21.87
C ASP B 649 31.44 -4.74 21.57
N LYS B 650 31.67 -5.03 20.28
CA LYS B 650 31.91 -6.40 19.85
C LYS B 650 33.25 -6.91 20.33
N SER B 651 34.30 -6.09 20.23
CA SER B 651 35.66 -6.59 20.47
C SER B 651 35.82 -7.08 21.90
N THR B 652 35.34 -6.31 22.87
CA THR B 652 35.38 -6.73 24.27
C THR B 652 34.14 -7.50 24.68
N ASN B 653 33.15 -7.63 23.78
CA ASN B 653 31.87 -8.27 24.10
C ASN B 653 31.23 -7.61 25.33
N LEU B 654 31.23 -6.29 25.35
CA LEU B 654 30.75 -5.53 26.51
C LEU B 654 29.44 -4.84 26.15
N HIS B 655 28.44 -5.02 27.00
CA HIS B 655 27.12 -4.49 26.72
C HIS B 655 26.60 -3.70 27.91
N ALA B 656 25.72 -2.75 27.62
CA ALA B 656 25.07 -1.94 28.64
C ALA B 656 23.68 -1.55 28.14
N THR B 657 22.87 -1.02 29.05
CA THR B 657 21.48 -0.71 28.77
C THR B 657 21.22 0.78 28.94
N LEU B 658 20.48 1.35 27.99
CA LEU B 658 20.09 2.75 28.01
C LEU B 658 18.57 2.86 27.99
N PHE B 659 18.02 3.60 28.96
CA PHE B 659 16.59 3.87 29.02
C PHE B 659 16.37 5.29 28.52
N GLY B 660 16.07 5.40 27.23
CA GLY B 660 15.99 6.70 26.58
C GLY B 660 14.98 7.64 27.20
N SER B 661 15.46 8.82 27.60
CA SER B 661 14.62 9.89 28.14
C SER B 661 13.88 9.47 29.41
N VAL B 662 14.46 8.55 30.17
CA VAL B 662 13.87 8.07 31.43
C VAL B 662 14.83 8.40 32.56
N ALA B 663 14.32 9.05 33.60
CA ALA B 663 15.13 9.31 34.78
C ALA B 663 15.34 8.02 35.57
N CYS B 664 16.46 7.96 36.30
CA CYS B 664 16.84 6.72 36.96
C CYS B 664 15.96 6.38 38.15
N GLU B 665 15.29 7.37 38.75
CA GLU B 665 14.41 7.08 39.87
C GLU B 665 13.26 6.18 39.43
N HIS B 666 12.71 6.41 38.23
CA HIS B 666 11.66 5.55 37.73
C HIS B 666 12.18 4.14 37.47
N VAL B 667 13.45 4.01 37.08
CA VAL B 667 14.02 2.68 36.90
C VAL B 667 14.14 1.97 38.24
N THR B 668 14.62 2.66 39.27
CA THR B 668 14.75 2.02 40.58
C THR B 668 13.40 1.63 41.15
N THR B 669 12.40 2.52 41.05
CA THR B 669 11.08 2.22 41.60
C THR B 669 10.41 1.07 40.85
N MET B 670 10.59 1.03 39.53
CA MET B 670 9.96 0.00 38.69
C MET B 670 10.93 -1.12 38.37
N ASN B 688 25.48 -2.62 38.33
CA ASN B 688 25.97 -1.31 38.74
C ASN B 688 24.80 -0.38 39.06
N ALA B 689 25.09 0.70 39.78
CA ALA B 689 24.08 1.71 40.05
C ALA B 689 23.70 2.42 38.76
N PRO B 690 22.41 2.68 38.53
CA PRO B 690 22.01 3.43 37.35
C PRO B 690 22.58 4.84 37.37
N LEU B 691 22.93 5.34 36.19
CA LEU B 691 23.62 6.62 36.04
C LEU B 691 22.81 7.50 35.11
N GLN B 692 22.42 8.68 35.59
CA GLN B 692 21.70 9.63 34.74
C GLN B 692 22.64 10.32 33.77
N THR B 693 22.23 10.40 32.51
CA THR B 693 23.00 11.05 31.48
C THR B 693 22.05 11.91 30.65
N ALA B 694 22.64 12.86 29.92
CA ALA B 694 21.84 13.79 29.12
C ALA B 694 20.96 13.10 28.09
N VAL B 695 21.13 11.79 27.89
CA VAL B 695 20.33 11.05 26.92
C VAL B 695 19.32 10.13 27.59
N GLY B 696 19.40 9.92 28.88
CA GLY B 696 18.47 9.05 29.58
C GLY B 696 19.09 8.52 30.87
N CYS B 697 18.84 7.24 31.15
CA CYS B 697 19.44 6.55 32.27
C CYS B 697 20.18 5.32 31.75
N VAL B 698 21.44 5.16 32.14
CA VAL B 698 22.31 4.14 31.60
C VAL B 698 22.72 3.22 32.74
N ILE B 699 22.60 1.91 32.52
CA ILE B 699 23.07 0.89 33.45
C ILE B 699 24.14 0.08 32.74
N GLY B 700 25.34 0.02 33.33
CA GLY B 700 26.45 -0.70 32.76
C GLY B 700 27.67 0.15 32.48
N LEU B 701 27.67 1.43 32.83
CA LEU B 701 28.81 2.32 32.65
C LEU B 701 29.14 3.00 33.95
N SER B 702 30.41 3.39 34.10
CA SER B 702 30.89 4.06 35.29
C SER B 702 31.41 5.44 34.92
N ASN B 703 31.19 6.39 35.82
CA ASN B 703 31.56 7.78 35.60
C ASN B 703 32.89 8.06 36.29
N ASN B 704 33.95 8.24 35.47
CA ASN B 704 35.26 8.64 35.97
C ASN B 704 35.72 9.96 35.38
N SER B 705 34.80 10.76 34.85
CA SER B 705 35.10 12.04 34.21
C SER B 705 36.11 11.88 33.09
N LEU B 706 35.96 10.82 32.30
CA LEU B 706 36.79 10.63 31.13
C LEU B 706 36.41 11.64 30.06
N VAL B 707 37.41 12.14 29.35
CA VAL B 707 37.22 13.08 28.25
C VAL B 707 37.98 12.56 27.04
N VAL B 708 37.30 12.45 25.91
CA VAL B 708 37.89 11.95 24.69
C VAL B 708 37.70 12.98 23.58
N SER B 709 38.29 12.70 22.42
CA SER B 709 38.18 13.55 21.25
C SER B 709 37.53 12.86 20.06
N GLU B 710 37.51 11.53 20.03
CA GLU B 710 36.92 10.77 18.94
C GLU B 710 36.20 9.57 19.54
N CYS B 711 35.12 9.15 18.88
CA CYS B 711 34.26 8.13 19.46
C CYS B 711 33.85 7.11 18.40
N LYS B 712 33.82 5.85 18.81
CA LYS B 712 33.27 4.77 17.99
C LYS B 712 31.86 4.40 18.39
N LEU B 713 31.48 4.62 19.65
CA LEU B 713 30.15 4.35 20.16
C LEU B 713 29.56 5.64 20.72
N PRO B 714 28.92 6.45 19.88
CA PRO B 714 28.30 7.68 20.40
C PRO B 714 26.88 7.44 20.90
N LEU B 715 26.63 7.78 22.16
CA LEU B 715 25.29 7.62 22.73
C LEU B 715 24.34 8.71 22.25
N GLY B 716 24.86 9.91 22.00
CA GLY B 716 24.04 11.04 21.60
C GLY B 716 24.33 12.21 22.50
N GLN B 717 24.16 13.42 21.94
CA GLN B 717 24.37 14.67 22.66
C GLN B 717 25.78 14.75 23.24
N SER B 718 26.77 14.40 22.40
CA SER B 718 28.18 14.53 22.71
C SER B 718 28.63 13.59 23.82
N LEU B 719 27.98 12.44 23.94
CA LEU B 719 28.37 11.43 24.91
C LEU B 719 28.83 10.18 24.17
N CYS B 720 29.75 9.44 24.78
CA CYS B 720 30.28 8.23 24.19
C CYS B 720 30.45 7.16 25.26
N ALA B 721 30.53 5.92 24.80
CA ALA B 721 30.80 4.76 25.65
C ALA B 721 32.13 4.17 25.22
N VAL B 722 33.15 4.35 26.04
CA VAL B 722 34.51 3.96 25.71
C VAL B 722 34.83 2.65 26.45
N PRO B 723 35.04 1.54 25.73
CA PRO B 723 35.35 0.25 26.39
C PRO B 723 36.79 0.18 26.88
N SER B 724 37.03 0.76 28.05
CA SER B 724 38.36 0.74 28.64
C SER B 724 38.81 -0.69 28.91
N VAL B 725 40.06 -0.97 28.55
CA VAL B 725 40.68 -2.27 28.82
C VAL B 725 41.97 -2.01 29.59
N SER B 726 42.01 -2.47 30.84
CA SER B 726 43.15 -2.23 31.71
C SER B 726 43.11 -3.15 32.93
N SER B 734 37.93 -3.97 29.99
CA SER B 734 37.43 -4.66 31.18
C SER B 734 36.36 -3.83 31.88
N GLN B 735 36.51 -2.51 31.82
CA GLN B 735 35.55 -1.57 32.39
C GLN B 735 34.96 -0.72 31.27
N PHE B 736 33.65 -0.58 31.27
CA PHE B 736 32.93 0.15 30.23
C PHE B 736 32.61 1.53 30.77
N GLN B 737 33.13 2.56 30.11
CA GLN B 737 33.15 3.91 30.68
C GLN B 737 32.32 4.88 29.86
N LEU B 738 31.76 5.87 30.56
CA LEU B 738 31.03 6.96 29.94
C LEU B 738 31.96 8.15 29.76
N ALA B 739 32.05 8.65 28.53
CA ALA B 739 32.96 9.73 28.19
C ALA B 739 32.19 10.85 27.51
N VAL B 740 32.70 12.07 27.66
CA VAL B 740 32.09 13.24 27.02
C VAL B 740 32.99 13.68 25.88
N LEU B 741 32.41 13.77 24.68
CA LEU B 741 33.12 14.31 23.55
C LEU B 741 33.44 15.78 23.79
N ASN B 742 34.64 16.20 23.41
CA ASN B 742 35.14 17.52 23.78
C ASN B 742 35.73 18.18 22.55
N TYR B 743 35.43 19.47 22.38
CA TYR B 743 35.75 20.19 21.16
C TYR B 743 37.21 20.63 21.16
N THR B 744 37.92 20.33 20.08
CA THR B 744 39.34 20.71 19.96
C THR B 744 39.43 22.14 19.45
N SER B 745 39.92 23.04 20.30
CA SER B 745 40.03 24.44 19.93
C SER B 745 41.13 24.63 18.91
N PRO B 746 40.89 25.37 17.82
CA PRO B 746 41.95 25.63 16.85
C PRO B 746 43.03 26.52 17.43
N ILE B 747 44.20 26.46 16.80
CA ILE B 747 45.33 27.28 17.23
C ILE B 747 45.00 28.75 17.05
N VAL B 748 45.23 29.54 18.09
CA VAL B 748 44.90 30.96 18.07
C VAL B 748 46.18 31.76 17.82
N LEU B 749 46.14 32.60 16.80
CA LEU B 749 47.25 33.51 16.50
C LEU B 749 47.00 34.83 17.21
N THR B 750 48.01 35.32 17.94
CA THR B 750 47.85 36.53 18.73
C THR B 750 48.40 37.71 17.95
N PRO B 751 47.56 38.63 17.49
CA PRO B 751 48.08 39.81 16.78
C PRO B 751 48.91 40.69 17.71
N ILE B 752 49.89 41.37 17.13
CA ILE B 752 50.83 42.18 17.88
C ILE B 752 50.55 43.65 17.61
N ASN B 753 50.99 44.50 18.54
CA ASN B 753 50.80 45.94 18.41
C ASN B 753 51.78 46.59 17.46
N SER B 754 52.79 45.86 17.00
CA SER B 754 53.68 46.37 15.97
C SER B 754 52.93 46.53 14.66
N SER B 755 53.44 47.40 13.79
CA SER B 755 52.80 47.63 12.51
C SER B 755 52.74 46.34 11.70
N GLY B 756 51.63 46.12 11.01
CA GLY B 756 51.45 44.93 10.21
C GLY B 756 50.81 43.80 10.98
N PHE B 757 50.69 42.66 10.29
CA PHE B 757 49.98 41.50 10.80
C PHE B 757 50.97 40.38 11.08
N THR B 758 50.74 39.64 12.17
CA THR B 758 51.49 38.44 12.43
C THR B 758 51.02 37.33 11.50
N ALA B 759 51.97 36.63 10.87
CA ALA B 759 51.64 35.63 9.86
C ALA B 759 52.26 34.29 10.25
N ALA B 760 51.51 33.22 10.01
CA ALA B 760 52.00 31.86 10.21
C ALA B 760 52.29 31.25 8.84
N ILE B 761 53.57 31.10 8.53
CA ILE B 761 54.02 30.60 7.24
C ILE B 761 54.65 29.23 7.45
N PRO B 762 54.25 28.21 6.71
CA PRO B 762 54.77 26.86 6.95
C PRO B 762 56.26 26.76 6.73
N THR B 763 56.92 25.96 7.57
CA THR B 763 58.32 25.61 7.39
C THR B 763 58.52 24.15 7.05
N ASN B 764 57.48 23.33 7.13
CA ASN B 764 57.55 21.92 6.76
C ASN B 764 56.17 21.51 6.28
N PHE B 765 56.12 20.48 5.44
CA PHE B 765 54.88 20.12 4.79
C PHE B 765 54.77 18.61 4.65
N SER B 766 53.70 18.18 4.00
CA SER B 766 53.44 16.79 3.67
C SER B 766 52.31 16.78 2.65
N PHE B 767 52.11 15.63 2.02
CA PHE B 767 51.02 15.45 1.08
C PHE B 767 49.97 14.54 1.69
N SER B 768 48.71 14.84 1.39
CA SER B 768 47.59 14.05 1.89
C SER B 768 46.69 13.69 0.71
N VAL B 769 46.36 12.42 0.58
CA VAL B 769 45.47 11.95 -0.47
C VAL B 769 44.09 11.75 0.15
N THR B 770 43.13 12.53 -0.31
CA THR B 770 41.75 12.43 0.14
C THR B 770 40.97 11.57 -0.84
N GLN B 771 40.23 10.60 -0.33
CA GLN B 771 39.49 9.68 -1.16
C GLN B 771 38.01 10.02 -1.13
N GLU B 772 37.34 9.83 -2.27
CA GLU B 772 35.95 10.21 -2.41
C GLU B 772 35.27 9.25 -3.39
N TYR B 773 33.99 9.00 -3.16
CA TYR B 773 33.20 8.11 -4.01
C TYR B 773 31.97 8.86 -4.52
N ILE B 774 31.72 8.78 -5.82
CA ILE B 774 30.55 9.38 -6.44
C ILE B 774 29.80 8.29 -7.20
N GLU B 775 28.55 8.05 -6.83
CA GLU B 775 27.74 7.05 -7.51
C GLU B 775 27.17 7.62 -8.81
N THR B 776 27.28 6.86 -9.89
CA THR B 776 26.78 7.29 -11.18
C THR B 776 25.66 6.43 -11.74
N SER B 777 25.38 5.27 -11.17
CA SER B 777 24.35 4.40 -11.71
C SER B 777 23.87 3.45 -10.62
N ILE B 778 22.72 2.85 -10.88
CA ILE B 778 22.16 1.81 -10.02
C ILE B 778 22.05 0.53 -10.86
N GLN B 779 21.87 -0.59 -10.17
CA GLN B 779 21.68 -1.85 -10.87
C GLN B 779 20.36 -1.84 -11.61
N LYS B 780 20.41 -2.16 -12.90
CA LYS B 780 19.21 -2.16 -13.74
C LYS B 780 18.49 -3.50 -13.56
N VAL B 781 17.29 -3.44 -13.00
CA VAL B 781 16.48 -4.61 -12.71
C VAL B 781 15.16 -4.46 -13.46
N THR B 782 14.74 -5.53 -14.14
CA THR B 782 13.44 -5.60 -14.76
C THR B 782 12.68 -6.78 -14.19
N VAL B 783 11.35 -6.72 -14.25
CA VAL B 783 10.50 -7.72 -13.64
C VAL B 783 9.51 -8.25 -14.66
N ASP B 784 9.17 -9.54 -14.53
CA ASP B 784 8.13 -10.17 -15.32
C ASP B 784 6.87 -10.24 -14.46
N CYS B 785 5.88 -9.42 -14.79
CA CYS B 785 4.72 -9.28 -13.92
C CYS B 785 3.89 -10.57 -13.85
N LYS B 786 3.92 -11.38 -14.90
CA LYS B 786 3.13 -12.60 -14.93
C LYS B 786 3.84 -13.80 -14.33
N GLN B 787 5.12 -13.64 -13.95
CA GLN B 787 5.87 -14.68 -13.26
C GLN B 787 6.07 -14.39 -11.79
N TYR B 788 6.27 -13.11 -11.44
CA TYR B 788 6.35 -12.73 -10.05
C TYR B 788 5.01 -12.94 -9.34
N VAL B 789 3.91 -12.59 -10.00
CA VAL B 789 2.61 -12.66 -9.35
C VAL B 789 2.10 -14.10 -9.30
N CYS B 790 2.12 -14.79 -10.43
CA CYS B 790 1.65 -16.16 -10.53
C CYS B 790 2.84 -17.04 -10.89
N ASN B 791 3.31 -17.85 -9.94
CA ASN B 791 4.56 -18.57 -10.10
C ASN B 791 4.39 -19.78 -11.03
N GLY B 792 3.91 -19.50 -12.23
CA GLY B 792 3.73 -20.56 -13.21
C GLY B 792 2.50 -21.41 -13.00
N PHE B 793 1.57 -20.99 -12.15
CA PHE B 793 0.34 -21.74 -11.91
C PHE B 793 -0.73 -21.25 -12.88
N THR B 794 -1.24 -22.16 -13.71
CA THR B 794 -2.26 -21.78 -14.68
C THR B 794 -3.58 -21.42 -14.03
N ARG B 795 -3.81 -21.87 -12.79
CA ARG B 795 -4.99 -21.43 -12.06
C ARG B 795 -4.89 -19.96 -11.68
N CYS B 796 -3.68 -19.49 -11.35
CA CYS B 796 -3.49 -18.10 -10.99
C CYS B 796 -3.48 -17.21 -12.22
N GLU B 797 -2.90 -17.67 -13.33
CA GLU B 797 -2.76 -16.83 -14.51
C GLU B 797 -4.12 -16.45 -15.09
N LYS B 798 -5.07 -17.38 -15.08
CA LYS B 798 -6.38 -17.11 -15.65
C LYS B 798 -7.09 -15.99 -14.88
N LEU B 799 -6.86 -15.89 -13.58
CA LEU B 799 -7.43 -14.79 -12.81
C LEU B 799 -6.68 -13.49 -13.04
N LEU B 800 -5.42 -13.57 -13.47
CA LEU B 800 -4.62 -12.39 -13.75
C LEU B 800 -4.93 -11.80 -15.13
N VAL B 801 -5.63 -12.53 -15.99
CA VAL B 801 -6.03 -12.00 -17.28
C VAL B 801 -7.05 -10.89 -17.12
N GLU B 802 -7.88 -10.94 -16.07
CA GLU B 802 -8.75 -9.82 -15.75
C GLU B 802 -7.93 -8.58 -15.44
N TYR B 803 -6.81 -8.76 -14.75
CA TYR B 803 -5.79 -7.74 -14.60
C TYR B 803 -4.94 -7.74 -15.86
N GLY B 804 -3.76 -7.15 -15.83
CA GLY B 804 -2.95 -7.08 -17.02
C GLY B 804 -2.97 -5.75 -17.74
N GLN B 805 -3.79 -4.80 -17.27
CA GLN B 805 -3.54 -3.40 -17.53
C GLN B 805 -2.67 -2.78 -16.45
N PHE B 806 -2.51 -3.48 -15.33
CA PHE B 806 -1.62 -3.10 -14.25
C PHE B 806 -0.26 -3.75 -14.38
N CYS B 807 -0.12 -4.79 -15.19
CA CYS B 807 1.15 -5.43 -15.46
C CYS B 807 1.93 -4.67 -16.54
N SER B 808 1.24 -4.28 -17.61
CA SER B 808 1.90 -3.51 -18.66
C SER B 808 2.47 -2.21 -18.10
N LYS B 809 1.74 -1.54 -17.21
CA LYS B 809 2.24 -0.31 -16.63
C LYS B 809 3.51 -0.54 -15.84
N ILE B 810 3.62 -1.69 -15.16
CA ILE B 810 4.85 -2.03 -14.47
C ILE B 810 5.96 -2.34 -15.47
N ASN B 811 5.64 -3.12 -16.50
CA ASN B 811 6.64 -3.47 -17.50
C ASN B 811 7.10 -2.24 -18.27
N GLN B 812 6.18 -1.35 -18.62
CA GLN B 812 6.55 -0.16 -19.38
C GLN B 812 7.30 0.84 -18.53
N ALA B 813 6.94 0.97 -17.25
CA ALA B 813 7.65 1.89 -16.38
C ALA B 813 9.09 1.46 -16.15
N LEU B 814 9.31 0.15 -15.96
CA LEU B 814 10.67 -0.34 -15.73
C LEU B 814 11.51 -0.24 -16.99
N HIS B 815 10.92 -0.44 -18.16
CA HIS B 815 11.65 -0.28 -19.39
C HIS B 815 12.15 1.15 -19.57
N GLY B 816 11.31 2.12 -19.22
CA GLY B 816 11.73 3.51 -19.31
C GLY B 816 12.83 3.87 -18.33
N ALA B 817 12.71 3.40 -17.09
CA ALA B 817 13.72 3.69 -16.08
C ALA B 817 15.08 3.11 -16.48
N ASN B 818 15.08 1.90 -17.01
CA ASN B 818 16.32 1.31 -17.49
C ASN B 818 16.82 2.00 -18.77
N LEU B 819 15.91 2.51 -19.58
CA LEU B 819 16.30 3.23 -20.79
C LEU B 819 16.97 4.55 -20.44
N ARG B 820 16.50 5.22 -19.38
CA ARG B 820 17.07 6.50 -18.99
C ARG B 820 18.47 6.35 -18.38
N GLN B 821 18.75 5.21 -17.74
CA GLN B 821 20.10 4.96 -17.25
C GLN B 821 21.09 4.88 -18.40
N ASP B 822 20.68 4.24 -19.50
CA ASP B 822 21.57 4.12 -20.65
C ASP B 822 21.91 5.50 -21.22
N GLU B 823 20.94 6.40 -21.25
CA GLU B 823 21.18 7.75 -21.76
C GLU B 823 21.98 8.58 -20.77
N SER B 824 21.88 8.28 -19.48
CA SER B 824 22.70 8.98 -18.50
C SER B 824 24.15 8.50 -18.54
N VAL B 825 24.35 7.20 -18.76
CA VAL B 825 25.71 6.67 -18.86
C VAL B 825 26.39 7.14 -20.14
N TYR B 826 25.64 7.15 -21.25
CA TYR B 826 26.20 7.66 -22.50
C TYR B 826 26.59 9.12 -22.37
N SER B 827 25.76 9.92 -21.69
CA SER B 827 26.07 11.33 -21.51
C SER B 827 27.29 11.51 -20.61
N LEU B 828 27.41 10.70 -19.57
CA LEU B 828 28.53 10.86 -18.64
C LEU B 828 29.87 10.62 -19.33
N TYR B 829 29.94 9.60 -20.18
CA TYR B 829 31.20 9.24 -20.81
C TYR B 829 31.53 10.10 -22.02
N SER B 830 30.63 10.99 -22.44
CA SER B 830 30.96 11.97 -23.46
C SER B 830 31.38 13.30 -22.86
N ASN B 831 31.11 13.54 -21.59
CA ASN B 831 31.57 14.73 -20.90
C ASN B 831 32.94 14.56 -20.27
N ILE B 832 33.46 13.34 -20.20
CA ILE B 832 34.76 13.07 -19.61
C ILE B 832 35.73 12.48 -20.63
N LYS B 833 35.37 12.48 -21.91
CA LYS B 833 36.33 12.04 -22.92
C LYS B 833 37.42 13.09 -23.08
N THR B 834 38.56 12.64 -23.59
CA THR B 834 39.75 13.48 -23.71
C THR B 834 40.04 13.75 -25.19
N THR B 835 40.34 15.01 -25.50
CA THR B 835 40.62 15.37 -26.89
C THR B 835 41.95 14.81 -27.36
N SER B 836 43.01 14.97 -26.56
CA SER B 836 44.32 14.46 -26.93
C SER B 836 45.08 14.12 -25.67
N THR B 837 46.04 13.20 -25.80
CA THR B 837 46.86 12.76 -24.68
C THR B 837 48.30 12.63 -25.13
N GLN B 838 49.14 12.36 -24.13
CA GLN B 838 50.60 12.15 -24.32
C GLN B 838 50.93 10.85 -23.61
N THR B 839 52.13 10.29 -23.80
CA THR B 839 52.46 8.95 -23.25
C THR B 839 53.30 9.02 -21.98
N LEU B 840 53.01 8.15 -21.00
CA LEU B 840 53.72 8.15 -19.70
C LEU B 840 54.49 6.84 -19.53
N GLU B 841 55.58 6.84 -18.76
CA GLU B 841 56.40 5.64 -18.52
C GLU B 841 55.70 4.74 -17.50
N TYR B 842 56.11 3.48 -17.36
CA TYR B 842 55.41 2.55 -16.44
C TYR B 842 55.50 3.02 -14.98
N GLY B 843 56.61 3.60 -14.55
CA GLY B 843 56.63 4.14 -13.19
C GLY B 843 57.68 5.19 -13.18
N LEU B 844 57.82 5.94 -12.11
CA LEU B 844 58.95 6.89 -12.09
C LEU B 844 58.89 7.73 -13.36
N ASN B 845 57.78 8.44 -13.53
CA ASN B 845 57.61 9.30 -14.73
C ASN B 845 58.71 10.36 -14.74
N GLY B 846 58.93 11.07 -13.66
CA GLY B 846 60.10 11.96 -13.59
C GLY B 846 60.87 11.49 -12.40
N ASP B 847 60.18 11.42 -11.27
CA ASP B 847 60.74 10.90 -10.02
C ASP B 847 59.47 10.53 -9.28
N PHE B 848 58.33 10.83 -9.89
CA PHE B 848 57.03 10.56 -9.27
C PHE B 848 56.61 9.19 -9.76
N ASN B 849 56.19 8.31 -8.86
CA ASN B 849 55.88 6.91 -9.22
C ASN B 849 54.37 6.77 -9.37
N LEU B 850 53.92 6.47 -10.58
CA LEU B 850 52.46 6.38 -10.87
C LEU B 850 52.05 4.93 -11.07
N THR B 851 52.88 3.96 -10.72
CA THR B 851 52.62 2.52 -10.97
C THR B 851 51.27 2.09 -10.41
N LEU B 852 50.92 2.51 -9.20
CA LEU B 852 49.63 2.15 -8.62
C LEU B 852 48.47 2.56 -9.51
N LEU B 853 48.69 3.50 -10.43
CA LEU B 853 47.62 4.04 -11.26
C LEU B 853 47.66 3.50 -12.68
N GLN B 854 48.56 2.57 -12.97
CA GLN B 854 48.78 2.07 -14.33
C GLN B 854 48.60 0.57 -14.35
N VAL B 855 48.11 0.07 -15.48
CA VAL B 855 47.90 -1.37 -15.64
C VAL B 855 49.25 -2.07 -15.63
N PRO B 856 49.40 -3.21 -14.95
CA PRO B 856 50.71 -3.86 -14.87
C PRO B 856 51.24 -4.27 -16.23
N GLN B 857 52.57 -4.23 -16.36
CA GLN B 857 53.23 -4.63 -17.59
C GLN B 857 54.51 -5.39 -17.25
N ILE B 858 54.70 -6.55 -17.88
CA ILE B 858 55.98 -7.24 -17.81
C ILE B 858 56.90 -6.73 -18.92
N GLY B 859 56.51 -6.94 -20.18
CA GLY B 859 57.13 -6.25 -21.30
C GLY B 859 56.31 -5.03 -21.70
N GLY B 860 55.12 -5.29 -22.24
CA GLY B 860 54.11 -4.27 -22.43
C GLY B 860 52.80 -4.79 -21.86
N SER B 861 51.91 -3.84 -21.57
CA SER B 861 50.81 -4.08 -20.63
C SER B 861 49.99 -5.31 -21.04
N PRO B 862 50.20 -6.46 -20.38
CA PRO B 862 49.35 -7.62 -20.61
C PRO B 862 48.28 -7.82 -19.56
N SER B 863 47.45 -8.84 -19.76
CA SER B 863 46.70 -9.48 -18.68
C SER B 863 45.73 -8.53 -17.99
N GLY B 864 45.09 -7.65 -18.76
CA GLY B 864 43.96 -6.94 -18.22
C GLY B 864 43.99 -5.48 -18.60
N TYR B 865 43.05 -4.74 -18.01
CA TYR B 865 42.76 -3.36 -18.38
C TYR B 865 42.77 -2.44 -17.17
N ARG B 866 42.28 -2.94 -16.05
CA ARG B 866 42.12 -2.10 -14.86
C ARG B 866 43.45 -1.92 -14.16
N SER B 867 43.69 -0.70 -13.67
CA SER B 867 44.97 -0.35 -13.06
C SER B 867 45.20 -1.14 -11.78
N ALA B 868 46.40 -1.00 -11.20
CA ALA B 868 46.74 -1.75 -10.00
C ALA B 868 45.83 -1.39 -8.83
N ILE B 869 45.49 -0.10 -8.71
CA ILE B 869 44.67 0.33 -7.58
C ILE B 869 43.19 0.01 -7.76
N GLU B 870 42.74 -0.32 -8.97
CA GLU B 870 41.39 -0.87 -9.10
C GLU B 870 41.34 -2.32 -8.63
N ASP B 871 42.43 -3.07 -8.80
CA ASP B 871 42.48 -4.43 -8.28
C ASP B 871 42.28 -4.44 -6.77
N LEU B 872 42.98 -3.54 -6.06
CA LEU B 872 42.88 -3.50 -4.61
C LEU B 872 41.52 -2.97 -4.17
N LEU B 873 40.92 -2.06 -4.93
CA LEU B 873 39.63 -1.51 -4.55
C LEU B 873 38.52 -2.54 -4.71
N PHE B 874 38.57 -3.34 -5.78
CA PHE B 874 37.51 -4.31 -6.03
C PHE B 874 37.63 -5.52 -5.12
N ASP B 875 38.85 -5.92 -4.76
CA ASP B 875 39.02 -7.11 -3.93
C ASP B 875 38.46 -6.91 -2.53
N LYS B 876 38.41 -5.67 -2.05
CA LYS B 876 37.90 -5.39 -0.72
C LYS B 876 36.41 -5.10 -0.70
N VAL B 877 35.72 -5.26 -1.82
CA VAL B 877 34.29 -5.00 -1.92
C VAL B 877 33.59 -6.33 -2.16
N THR B 878 32.58 -6.63 -1.35
CA THR B 878 31.84 -7.88 -1.45
C THR B 878 30.72 -7.70 -2.47
N ILE B 879 30.89 -8.30 -3.64
CA ILE B 879 29.93 -8.20 -4.73
C ILE B 879 29.58 -9.60 -5.21
N ALA B 880 28.29 -9.90 -5.27
CA ALA B 880 27.84 -11.16 -5.85
C ALA B 880 27.94 -11.08 -7.37
N ASP B 881 28.60 -12.06 -7.97
CA ASP B 881 28.77 -12.07 -9.42
C ASP B 881 27.42 -12.29 -10.08
N PRO B 882 26.95 -11.35 -10.91
CA PRO B 882 25.62 -11.53 -11.53
C PRO B 882 25.62 -12.46 -12.73
N GLY B 883 26.78 -12.91 -13.20
CA GLY B 883 26.86 -13.89 -14.26
C GLY B 883 26.09 -13.52 -15.50
N TYR B 884 26.52 -12.48 -16.21
CA TYR B 884 25.78 -12.02 -17.37
C TYR B 884 25.84 -12.98 -18.54
N MET B 885 26.81 -13.89 -18.57
CA MET B 885 26.99 -14.76 -19.72
C MET B 885 26.42 -16.16 -19.52
N GLN B 886 26.60 -16.76 -18.36
CA GLN B 886 26.12 -18.11 -18.10
C GLN B 886 25.50 -18.22 -16.71
N GLY B 887 24.80 -17.17 -16.28
CA GLY B 887 24.24 -17.17 -14.95
C GLY B 887 23.20 -18.26 -14.74
N TYR B 888 22.36 -18.50 -15.74
CA TYR B 888 21.33 -19.52 -15.61
C TYR B 888 21.93 -20.90 -15.42
N ASP B 889 22.99 -21.23 -16.16
CA ASP B 889 23.57 -22.56 -16.07
C ASP B 889 24.33 -22.76 -14.77
N ASP B 890 25.01 -21.72 -14.29
CA ASP B 890 25.75 -21.85 -13.04
C ASP B 890 24.81 -22.04 -11.85
N CYS B 891 23.73 -21.25 -11.79
CA CYS B 891 22.75 -21.46 -10.74
C CYS B 891 22.03 -22.79 -10.91
N MET B 892 22.00 -23.32 -12.14
CA MET B 892 21.33 -24.60 -12.38
C MET B 892 22.08 -25.74 -11.70
N LYS B 893 23.42 -25.73 -11.74
CA LYS B 893 24.19 -26.81 -11.14
C LYS B 893 24.46 -26.56 -9.66
N GLN B 894 25.29 -25.54 -9.40
CA GLN B 894 25.77 -25.29 -8.02
C GLN B 894 24.70 -24.77 -7.08
N GLY B 895 25.13 -24.29 -5.92
CA GLY B 895 24.18 -23.72 -4.96
C GLY B 895 23.05 -24.65 -4.55
N PRO B 896 23.32 -25.74 -3.81
CA PRO B 896 22.25 -26.67 -3.50
C PRO B 896 21.17 -25.91 -2.72
N GLN B 897 21.54 -25.06 -1.76
CA GLN B 897 20.52 -24.22 -1.05
C GLN B 897 20.77 -22.75 -1.43
N SER B 898 21.72 -22.49 -2.32
CA SER B 898 22.08 -21.11 -2.72
C SER B 898 21.29 -20.73 -3.96
N ALA B 899 20.28 -21.53 -4.31
CA ALA B 899 19.45 -21.26 -5.51
C ALA B 899 18.24 -20.39 -5.15
N ARG B 900 18.15 -19.88 -3.91
CA ARG B 900 17.39 -18.65 -3.61
C ARG B 900 18.31 -17.46 -3.26
N ASP B 901 19.63 -17.56 -3.46
CA ASP B 901 20.55 -16.39 -3.21
C ASP B 901 20.13 -15.29 -4.19
N LEU B 902 20.20 -14.02 -3.79
CA LEU B 902 19.64 -12.92 -4.62
C LEU B 902 20.01 -13.01 -6.10
N ILE B 903 21.14 -13.61 -6.48
CA ILE B 903 21.37 -13.68 -7.92
C ILE B 903 20.73 -14.91 -8.52
N CYS B 904 20.83 -16.05 -7.83
CA CYS B 904 20.18 -17.27 -8.28
C CYS B 904 18.70 -17.32 -7.93
N ALA B 905 18.19 -16.33 -7.19
CA ALA B 905 16.78 -16.22 -6.89
C ALA B 905 16.04 -15.34 -7.87
N GLN B 906 16.67 -15.01 -9.01
CA GLN B 906 16.04 -14.21 -10.03
C GLN B 906 15.41 -15.04 -11.15
N TYR B 907 15.86 -16.26 -11.36
CA TYR B 907 15.18 -17.17 -12.25
C TYR B 907 14.04 -17.89 -11.57
N VAL B 908 13.82 -17.62 -10.29
CA VAL B 908 12.72 -18.20 -9.53
C VAL B 908 11.61 -17.18 -9.33
N SER B 909 11.96 -15.96 -8.93
CA SER B 909 10.99 -14.93 -8.58
C SER B 909 10.53 -14.10 -9.77
N GLY B 910 11.06 -14.37 -10.96
CA GLY B 910 10.56 -13.72 -12.16
C GLY B 910 11.17 -12.38 -12.50
N TYR B 911 12.15 -11.90 -11.75
CA TYR B 911 12.84 -10.68 -12.11
C TYR B 911 14.18 -11.00 -12.77
N LYS B 912 14.89 -9.95 -13.19
CA LYS B 912 16.12 -10.12 -13.95
C LYS B 912 17.00 -8.90 -13.74
N VAL B 913 18.31 -9.11 -13.78
CA VAL B 913 19.28 -8.03 -13.61
C VAL B 913 19.97 -7.82 -14.95
N LEU B 914 19.83 -6.61 -15.49
CA LEU B 914 20.37 -6.31 -16.80
C LEU B 914 21.85 -5.92 -16.72
N PRO B 915 22.63 -6.25 -17.73
CA PRO B 915 24.04 -5.88 -17.74
C PRO B 915 24.21 -4.39 -17.96
N PRO B 916 25.30 -3.80 -17.48
CA PRO B 916 25.53 -2.36 -17.70
C PRO B 916 25.85 -2.07 -19.16
N LEU B 917 25.80 -0.77 -19.48
CA LEU B 917 25.92 -0.34 -20.87
C LEU B 917 27.29 -0.69 -21.45
N TYR B 918 28.35 -0.46 -20.70
CA TYR B 918 29.72 -0.67 -21.18
C TYR B 918 30.38 -1.78 -20.38
N ASP B 919 31.19 -2.59 -21.06
CA ASP B 919 31.94 -3.62 -20.39
C ASP B 919 33.03 -2.98 -19.54
N PRO B 920 33.53 -3.69 -18.53
CA PRO B 920 34.59 -3.09 -17.69
C PRO B 920 35.86 -2.77 -18.45
N ASN B 921 36.05 -3.36 -19.64
CA ASN B 921 37.23 -3.05 -20.43
C ASN B 921 37.17 -1.63 -21.00
N MET B 922 36.03 -1.25 -21.58
CA MET B 922 35.92 0.11 -22.11
C MET B 922 35.78 1.11 -20.97
N GLU B 923 35.08 0.75 -19.91
CA GLU B 923 34.99 1.64 -18.75
C GLU B 923 36.36 1.92 -18.16
N ALA B 924 37.31 0.99 -18.31
CA ALA B 924 38.67 1.22 -17.85
C ALA B 924 39.45 2.15 -18.79
N ALA B 925 39.18 2.06 -20.08
CA ALA B 925 39.91 2.90 -21.04
C ALA B 925 39.58 4.37 -20.88
N TYR B 926 38.35 4.69 -20.47
CA TYR B 926 37.98 6.09 -20.28
C TYR B 926 38.74 6.72 -19.12
N THR B 927 39.01 5.97 -18.07
CA THR B 927 39.78 6.50 -16.94
C THR B 927 41.28 6.42 -17.16
N SER B 928 41.75 5.45 -17.96
CA SER B 928 43.16 5.40 -18.28
C SER B 928 43.61 6.63 -19.05
N SER B 929 42.81 7.01 -20.04
CA SER B 929 43.17 8.16 -20.91
C SER B 929 43.22 9.42 -20.09
N LEU B 930 42.47 9.49 -19.00
CA LEU B 930 42.47 10.67 -18.11
C LEU B 930 43.84 10.80 -17.44
N LEU B 931 44.54 9.70 -17.21
CA LEU B 931 45.85 9.78 -16.51
C LEU B 931 46.86 10.50 -17.38
N GLY B 932 46.85 10.23 -18.68
CA GLY B 932 47.83 10.84 -19.60
C GLY B 932 47.26 12.02 -20.32
N SER B 933 46.11 12.51 -19.88
CA SER B 933 45.41 13.61 -20.58
C SER B 933 46.27 14.86 -20.61
N ILE B 934 46.25 15.60 -21.72
CA ILE B 934 47.10 16.80 -21.89
C ILE B 934 46.17 18.01 -22.00
N ALA B 935 46.61 19.15 -21.50
CA ALA B 935 45.79 20.40 -21.52
C ALA B 935 46.69 21.53 -21.97
N GLY B 936 46.16 22.74 -22.10
CA GLY B 936 46.98 23.81 -22.68
C GLY B 936 47.98 24.39 -21.71
N ALA B 937 49.23 23.98 -21.85
CA ALA B 937 50.34 24.51 -21.01
C ALA B 937 49.84 24.59 -19.60
N GLY B 938 49.99 25.77 -19.05
CA GLY B 938 49.49 25.97 -17.69
C GLY B 938 49.31 27.44 -17.48
N TRP B 939 49.75 28.24 -18.46
CA TRP B 939 49.52 29.65 -18.08
C TRP B 939 48.67 30.27 -19.18
N THR B 940 48.15 29.44 -20.09
CA THR B 940 47.44 29.94 -21.29
C THR B 940 45.94 29.82 -21.09
N ALA B 941 45.21 30.90 -21.40
CA ALA B 941 43.74 30.92 -21.24
C ALA B 941 43.06 30.15 -22.35
N GLY B 942 41.99 29.44 -22.01
CA GLY B 942 41.22 28.76 -23.06
C GLY B 942 41.39 27.26 -22.99
N LEU B 943 40.53 26.54 -23.71
CA LEU B 943 40.58 25.09 -23.71
C LEU B 943 40.76 24.56 -25.13
N SER B 944 41.58 25.24 -25.93
CA SER B 944 41.73 24.90 -27.33
C SER B 944 43.16 24.57 -27.74
N SER B 945 44.12 24.67 -26.82
CA SER B 945 45.49 24.24 -27.17
C SER B 945 45.85 23.07 -26.29
N PHE B 946 46.78 22.23 -26.72
CA PHE B 946 47.26 21.11 -25.87
C PHE B 946 48.79 21.18 -25.85
N ALA B 947 49.39 21.15 -24.67
CA ALA B 947 50.85 21.21 -24.56
C ALA B 947 51.34 19.86 -24.04
N ALA B 948 52.37 19.31 -24.68
CA ALA B 948 52.93 18.02 -24.25
C ALA B 948 53.99 18.29 -23.21
N ILE B 949 53.58 18.73 -22.03
CA ILE B 949 54.53 18.90 -20.93
C ILE B 949 54.67 17.56 -20.20
N PRO B 950 55.89 17.10 -19.93
CA PRO B 950 56.05 15.86 -19.17
C PRO B 950 55.43 15.96 -17.79
N PHE B 951 54.98 14.81 -17.28
CA PHE B 951 54.22 14.80 -16.03
C PHE B 951 55.01 15.41 -14.89
N ALA B 952 56.32 15.15 -14.83
CA ALA B 952 57.13 15.70 -13.76
C ALA B 952 57.14 17.22 -13.80
N GLN B 953 57.37 17.79 -14.99
CA GLN B 953 57.39 19.24 -15.12
C GLN B 953 56.00 19.84 -14.88
N SER B 954 54.94 19.10 -15.18
CA SER B 954 53.59 19.59 -14.92
C SER B 954 53.36 19.76 -13.43
N MET B 955 53.82 18.82 -12.62
CA MET B 955 53.61 18.90 -11.17
C MET B 955 54.28 20.12 -10.59
N PHE B 956 55.47 20.47 -11.07
CA PHE B 956 56.19 21.60 -10.52
C PHE B 956 55.46 22.92 -10.80
N TYR B 957 54.80 23.02 -11.96
CA TYR B 957 53.97 24.19 -12.22
C TYR B 957 52.82 24.27 -11.24
N ARG B 958 52.18 23.13 -10.94
CA ARG B 958 51.06 23.13 -10.01
C ARG B 958 51.51 23.53 -8.61
N LEU B 959 52.69 23.09 -8.19
CA LEU B 959 53.22 23.50 -6.90
C LEU B 959 53.66 24.95 -6.92
N ASN B 960 54.19 25.42 -8.05
CA ASN B 960 54.65 26.80 -8.14
C ASN B 960 53.48 27.77 -8.00
N GLY B 961 52.33 27.44 -8.58
CA GLY B 961 51.21 28.37 -8.56
C GLY B 961 50.66 28.62 -7.17
N VAL B 962 50.68 27.60 -6.30
CA VAL B 962 50.02 27.70 -5.01
C VAL B 962 50.84 28.43 -3.96
N GLY B 963 52.00 28.98 -4.33
CA GLY B 963 52.76 29.77 -3.39
C GLY B 963 54.20 29.35 -3.18
N ILE B 964 54.55 28.13 -3.60
CA ILE B 964 55.92 27.67 -3.44
C ILE B 964 56.80 28.35 -4.46
N THR B 965 57.90 28.94 -4.00
CA THR B 965 58.80 29.68 -4.87
C THR B 965 59.66 28.72 -5.67
N GLN B 966 60.16 29.14 -6.83
CA GLN B 966 60.98 28.25 -7.72
C GLN B 966 62.44 28.25 -7.28
N GLN B 967 62.77 28.95 -6.21
CA GLN B 967 64.15 28.97 -5.69
C GLN B 967 64.16 28.08 -4.46
N VAL B 968 63.14 27.25 -4.27
CA VAL B 968 63.14 26.45 -3.02
C VAL B 968 64.11 25.31 -3.26
N LEU B 969 65.43 25.59 -3.34
CA LEU B 969 66.50 24.56 -3.57
C LEU B 969 66.20 23.71 -4.80
N SER B 970 66.03 24.35 -5.97
CA SER B 970 65.64 23.65 -7.22
C SER B 970 64.27 23.09 -6.95
N GLU B 971 63.51 23.80 -6.13
CA GLU B 971 62.21 23.26 -5.67
C GLU B 971 62.46 21.88 -5.03
N ASN B 972 63.57 21.66 -4.29
CA ASN B 972 63.77 20.42 -3.47
C ASN B 972 63.21 19.19 -4.18
N GLN B 973 63.66 18.91 -5.40
CA GLN B 973 63.02 17.82 -6.16
C GLN B 973 63.14 16.49 -5.40
N LYS B 974 64.31 16.20 -4.86
CA LYS B 974 64.49 14.98 -4.04
C LYS B 974 64.05 15.33 -2.63
N LEU B 975 62.78 15.13 -2.30
CA LEU B 975 62.09 15.44 -1.05
C LEU B 975 60.68 15.95 -1.30
N ILE B 976 60.32 16.27 -2.53
CA ILE B 976 58.93 16.48 -2.91
C ILE B 976 58.36 15.25 -3.58
N ALA B 977 59.12 14.64 -4.49
CA ALA B 977 58.71 13.38 -5.09
C ALA B 977 58.62 12.29 -4.04
N ASN B 978 59.56 12.26 -3.10
CA ASN B 978 59.54 11.25 -2.06
C ASN B 978 58.30 11.38 -1.18
N LYS B 979 57.94 12.61 -0.81
CA LYS B 979 56.71 12.80 -0.04
C LYS B 979 55.47 12.55 -0.90
N PHE B 980 55.52 12.89 -2.18
CA PHE B 980 54.43 12.54 -3.08
C PHE B 980 54.32 11.02 -3.22
N ASN B 981 55.46 10.34 -3.34
CA ASN B 981 55.45 8.89 -3.50
C ASN B 981 55.00 8.20 -2.22
N GLN B 982 55.35 8.76 -1.06
CA GLN B 982 54.95 8.15 0.20
C GLN B 982 53.45 8.24 0.40
N ALA B 983 52.86 9.41 0.16
CA ALA B 983 51.42 9.58 0.36
C ALA B 983 50.63 8.83 -0.70
N LEU B 984 51.12 8.82 -1.94
CA LEU B 984 50.41 8.09 -2.99
C LEU B 984 50.53 6.59 -2.81
N GLY B 985 51.67 6.12 -2.28
CA GLY B 985 51.83 4.70 -2.04
C GLY B 985 51.10 4.18 -0.82
N ALA B 986 50.73 5.05 0.10
CA ALA B 986 50.08 4.66 1.34
C ALA B 986 48.57 4.65 1.27
N MET B 987 47.99 4.88 0.08
CA MET B 987 46.54 4.92 -0.06
C MET B 987 45.91 3.55 -0.10
N GLN B 988 46.71 2.48 -0.18
CA GLN B 988 46.14 1.13 -0.15
C GLN B 988 45.51 0.82 1.21
N THR B 989 46.06 1.39 2.28
CA THR B 989 45.53 1.10 3.61
C THR B 989 44.12 1.65 3.80
N GLY B 990 43.71 2.61 2.98
CA GLY B 990 42.43 3.26 3.14
C GLY B 990 41.22 2.46 2.72
N PHE B 991 41.40 1.23 2.25
CA PHE B 991 40.27 0.42 1.81
C PHE B 991 39.66 -0.38 2.95
N THR B 992 39.28 0.33 4.02
CA THR B 992 38.64 -0.28 5.18
C THR B 992 37.34 0.46 5.48
N THR B 993 36.45 -0.22 6.20
CA THR B 993 35.18 0.40 6.58
C THR B 993 35.37 1.59 7.50
N SER B 994 36.54 1.73 8.11
CA SER B 994 36.83 2.94 8.88
C SER B 994 36.92 4.16 7.99
N ASN B 995 37.34 3.98 6.73
CA ASN B 995 37.38 5.08 5.78
C ASN B 995 35.97 5.46 5.34
N GLN B 996 35.73 6.77 5.25
CA GLN B 996 34.41 7.24 4.84
C GLN B 996 34.12 6.91 3.38
N ALA B 997 35.06 7.22 2.48
CA ALA B 997 34.80 7.04 1.06
C ALA B 997 34.54 5.58 0.73
N PHE B 998 35.36 4.68 1.26
CA PHE B 998 35.17 3.26 0.98
C PHE B 998 33.91 2.72 1.65
N SER B 999 33.50 3.32 2.78
CA SER B 999 32.24 2.93 3.40
C SER B 999 31.08 3.19 2.45
N LYS B 1000 31.09 4.34 1.78
CA LYS B 1000 30.04 4.66 0.81
C LYS B 1000 30.06 3.73 -0.38
N VAL B 1001 31.22 3.17 -0.73
CA VAL B 1001 31.27 2.20 -1.83
C VAL B 1001 30.50 0.96 -1.47
N GLN B 1002 30.65 0.48 -0.22
CA GLN B 1002 29.94 -0.72 0.20
C GLN B 1002 28.45 -0.46 0.38
N ASP B 1003 28.08 0.74 0.83
CA ASP B 1003 26.66 1.05 0.98
C ASP B 1003 25.94 1.09 -0.37
N ALA B 1004 26.63 1.52 -1.42
CA ALA B 1004 26.03 1.47 -2.75
C ALA B 1004 25.77 0.04 -3.20
N VAL B 1005 26.69 -0.87 -2.89
CA VAL B 1005 26.48 -2.29 -3.21
C VAL B 1005 25.38 -2.88 -2.35
N ASN B 1006 25.35 -2.51 -1.06
CA ASN B 1006 24.34 -3.04 -0.16
C ASN B 1006 22.94 -2.61 -0.59
N ALA B 1007 22.80 -1.35 -1.04
CA ALA B 1007 21.50 -0.86 -1.47
C ALA B 1007 20.99 -1.61 -2.68
N ASN B 1008 21.87 -1.93 -3.63
CA ASN B 1008 21.44 -2.70 -4.80
C ASN B 1008 20.98 -4.08 -4.41
N ALA B 1009 21.68 -4.73 -3.48
CA ALA B 1009 21.26 -6.06 -3.02
C ALA B 1009 19.96 -5.98 -2.24
N GLN B 1010 19.79 -4.93 -1.44
CA GLN B 1010 18.59 -4.81 -0.62
C GLN B 1010 17.34 -4.59 -1.46
N ALA B 1011 17.47 -4.00 -2.64
CA ALA B 1011 16.32 -3.86 -3.53
C ALA B 1011 15.87 -5.22 -4.03
N LEU B 1012 16.81 -6.11 -4.33
CA LEU B 1012 16.45 -7.46 -4.76
C LEU B 1012 15.97 -8.30 -3.57
N SER B 1013 16.53 -8.07 -2.39
CA SER B 1013 16.10 -8.83 -1.22
C SER B 1013 14.66 -8.54 -0.87
N LYS B 1014 14.25 -7.26 -0.92
CA LYS B 1014 12.86 -6.92 -0.66
C LYS B 1014 11.93 -7.39 -1.78
N LEU B 1015 12.45 -7.55 -2.99
CA LEU B 1015 11.62 -8.09 -4.06
C LEU B 1015 11.30 -9.56 -3.82
N ALA B 1016 12.28 -10.33 -3.36
CA ALA B 1016 12.06 -11.74 -3.09
C ALA B 1016 11.28 -11.98 -1.81
N SER B 1017 11.46 -11.11 -0.80
CA SER B 1017 10.80 -11.32 0.47
C SER B 1017 9.31 -11.01 0.42
N GLU B 1018 8.85 -10.27 -0.58
CA GLU B 1018 7.43 -9.99 -0.69
C GLU B 1018 6.65 -11.15 -1.30
N LEU B 1019 7.32 -12.18 -1.77
CA LEU B 1019 6.65 -13.39 -2.21
C LEU B 1019 6.44 -14.38 -1.08
N SER B 1020 6.71 -13.97 0.16
CA SER B 1020 6.41 -14.78 1.34
C SER B 1020 5.34 -14.16 2.21
N ASN B 1021 4.79 -13.01 1.81
CA ASN B 1021 3.73 -12.37 2.56
C ASN B 1021 2.40 -13.03 2.20
N THR B 1022 1.62 -13.38 3.23
CA THR B 1022 0.34 -14.04 2.97
C THR B 1022 -0.71 -13.06 2.49
N PHE B 1023 -0.62 -11.79 2.90
CA PHE B 1023 -1.60 -10.76 2.58
C PHE B 1023 -3.00 -11.13 3.08
N GLY B 1024 -3.07 -11.85 4.19
CA GLY B 1024 -4.32 -12.27 4.76
C GLY B 1024 -4.81 -13.63 4.31
N ALA B 1025 -4.16 -14.27 3.35
CA ALA B 1025 -4.57 -15.58 2.89
C ALA B 1025 -4.07 -16.65 3.85
N ILE B 1026 -4.45 -17.90 3.57
CA ILE B 1026 -4.01 -19.00 4.44
C ILE B 1026 -2.51 -19.22 4.29
N SER B 1027 -1.95 -18.95 3.13
CA SER B 1027 -0.54 -19.20 2.89
C SER B 1027 -0.05 -18.26 1.80
N SER B 1028 1.27 -18.16 1.70
CA SER B 1028 1.91 -17.39 0.63
C SER B 1028 2.17 -18.24 -0.61
N SER B 1029 1.85 -19.52 -0.56
CA SER B 1029 2.07 -20.43 -1.68
C SER B 1029 0.74 -20.76 -2.34
N ILE B 1030 0.69 -20.63 -3.67
CA ILE B 1030 -0.52 -20.98 -4.39
C ILE B 1030 -0.70 -22.49 -4.45
N SER B 1031 0.36 -23.26 -4.25
CA SER B 1031 0.21 -24.71 -4.20
C SER B 1031 -0.58 -25.14 -2.97
N ASP B 1032 -0.30 -24.53 -1.82
CA ASP B 1032 -1.04 -24.86 -0.61
C ASP B 1032 -2.52 -24.47 -0.74
N ILE B 1033 -2.78 -23.30 -1.33
CA ILE B 1033 -4.16 -22.83 -1.45
C ILE B 1033 -4.96 -23.77 -2.33
N LEU B 1034 -4.36 -24.25 -3.43
CA LEU B 1034 -5.06 -25.15 -4.33
C LEU B 1034 -5.20 -26.55 -3.77
N ALA B 1035 -4.51 -26.89 -2.69
CA ALA B 1035 -4.52 -28.23 -2.15
C ALA B 1035 -5.32 -28.37 -0.86
N ARG B 1036 -5.74 -27.27 -0.26
CA ARG B 1036 -6.45 -27.31 1.02
C ARG B 1036 -7.82 -26.65 0.96
N LEU B 1037 -8.27 -26.23 -0.23
CA LEU B 1037 -9.48 -25.45 -0.33
C LEU B 1037 -10.28 -25.93 -1.54
N ASP B 1038 -11.56 -25.57 -1.56
CA ASP B 1038 -12.45 -25.92 -2.66
C ASP B 1038 -12.38 -24.89 -3.78
N THR B 1039 -12.92 -25.27 -4.94
CA THR B 1039 -12.74 -24.47 -6.15
C THR B 1039 -13.35 -23.08 -5.99
N ALA B 1040 -14.51 -22.97 -5.36
CA ALA B 1040 -15.19 -21.68 -5.24
C ALA B 1040 -14.37 -20.68 -4.44
N GLU B 1041 -13.74 -21.15 -3.36
CA GLU B 1041 -13.10 -20.25 -2.42
C GLU B 1041 -11.62 -20.07 -2.71
N GLN B 1042 -11.02 -20.99 -3.47
CA GLN B 1042 -9.62 -20.80 -3.90
C GLN B 1042 -9.45 -19.51 -4.66
N ASP B 1043 -10.40 -19.19 -5.55
CA ASP B 1043 -10.30 -17.96 -6.33
C ASP B 1043 -10.33 -16.73 -5.45
N ALA B 1044 -10.96 -16.82 -4.27
CA ALA B 1044 -10.95 -15.69 -3.35
C ALA B 1044 -9.59 -15.50 -2.70
N GLN B 1045 -8.93 -16.61 -2.34
CA GLN B 1045 -7.64 -16.51 -1.67
C GLN B 1045 -6.53 -16.15 -2.64
N ILE B 1046 -6.57 -16.69 -3.85
CA ILE B 1046 -5.57 -16.36 -4.85
C ILE B 1046 -5.62 -14.88 -5.19
N ASP B 1047 -6.83 -14.32 -5.28
CA ASP B 1047 -6.96 -12.92 -5.64
C ASP B 1047 -6.33 -12.00 -4.60
N ARG B 1048 -6.30 -12.42 -3.34
CA ARG B 1048 -5.58 -11.65 -2.33
C ARG B 1048 -4.08 -11.63 -2.62
N LEU B 1049 -3.58 -12.73 -3.17
CA LEU B 1049 -2.17 -12.78 -3.56
C LEU B 1049 -1.92 -12.01 -4.84
N ILE B 1050 -2.93 -11.85 -5.69
CA ILE B 1050 -2.78 -11.05 -6.90
C ILE B 1050 -2.98 -9.57 -6.61
N ASN B 1051 -3.87 -9.23 -5.69
CA ASN B 1051 -4.02 -7.84 -5.30
C ASN B 1051 -2.81 -7.35 -4.53
N GLY B 1052 -2.27 -8.18 -3.65
CA GLY B 1052 -0.90 -8.02 -3.24
C GLY B 1052 0.03 -8.49 -4.36
N ARG B 1053 1.32 -8.27 -4.18
CA ARG B 1053 2.33 -8.63 -5.18
C ARG B 1053 2.19 -7.78 -6.44
N LEU B 1054 1.13 -6.98 -6.49
CA LEU B 1054 0.94 -5.95 -7.51
C LEU B 1054 1.03 -4.57 -6.91
N THR B 1055 0.47 -4.38 -5.72
CA THR B 1055 0.74 -3.17 -4.95
C THR B 1055 2.21 -3.12 -4.54
N SER B 1056 2.78 -4.26 -4.17
CA SER B 1056 4.20 -4.30 -3.82
C SER B 1056 5.06 -3.96 -5.03
N LEU B 1057 4.71 -4.49 -6.19
CA LEU B 1057 5.43 -4.14 -7.41
C LEU B 1057 5.25 -2.68 -7.77
N ASN B 1058 4.11 -2.09 -7.40
CA ASN B 1058 3.93 -0.65 -7.59
C ASN B 1058 4.84 0.15 -6.67
N ALA B 1059 5.16 -0.39 -5.49
CA ALA B 1059 6.12 0.26 -4.61
C ALA B 1059 7.55 0.07 -5.09
N PHE B 1060 7.85 -1.07 -5.70
CA PHE B 1060 9.18 -1.29 -6.26
C PHE B 1060 9.48 -0.30 -7.39
N VAL B 1061 8.53 -0.14 -8.31
CA VAL B 1061 8.74 0.78 -9.43
C VAL B 1061 8.92 2.20 -8.92
N SER B 1062 8.12 2.61 -7.94
CA SER B 1062 8.27 3.94 -7.37
C SER B 1062 9.62 4.10 -6.68
N GLN B 1063 10.06 3.07 -5.95
CA GLN B 1063 11.36 3.15 -5.28
C GLN B 1063 12.50 3.24 -6.28
N GLN B 1064 12.47 2.41 -7.32
CA GLN B 1064 13.58 2.34 -8.26
C GLN B 1064 13.59 3.51 -9.23
N LEU B 1065 12.47 4.22 -9.40
CA LEU B 1065 12.49 5.45 -10.16
C LEU B 1065 13.25 6.55 -9.43
N VAL B 1066 13.03 6.67 -8.12
CA VAL B 1066 13.71 7.71 -7.35
C VAL B 1066 15.20 7.43 -7.27
N ARG B 1067 15.58 6.16 -7.12
CA ARG B 1067 17.00 5.81 -7.12
C ARG B 1067 17.62 6.05 -8.49
N SER B 1068 16.86 5.88 -9.56
CA SER B 1068 17.40 6.09 -10.89
C SER B 1068 17.64 7.57 -11.17
N GLU B 1069 16.75 8.44 -10.67
CA GLU B 1069 16.95 9.87 -10.83
C GLU B 1069 18.06 10.39 -9.92
N THR B 1070 18.13 9.86 -8.70
CA THR B 1070 19.17 10.31 -7.76
C THR B 1070 20.56 10.01 -8.29
N ALA B 1071 20.75 8.82 -8.86
CA ALA B 1071 22.04 8.50 -9.47
C ALA B 1071 22.33 9.41 -10.66
N ALA B 1072 21.30 9.69 -11.47
CA ALA B 1072 21.50 10.52 -12.66
C ALA B 1072 21.86 11.95 -12.30
N ARG B 1073 21.36 12.45 -11.17
CA ARG B 1073 21.76 13.77 -10.71
C ARG B 1073 23.10 13.76 -9.99
N SER B 1074 23.61 12.57 -9.64
CA SER B 1074 24.96 12.45 -9.10
C SER B 1074 25.98 12.13 -10.18
N ALA B 1075 25.54 11.62 -11.33
CA ALA B 1075 26.44 11.49 -12.48
C ALA B 1075 26.86 12.85 -13.01
N GLN B 1076 25.98 13.86 -12.88
CA GLN B 1076 26.38 15.22 -13.24
C GLN B 1076 27.46 15.72 -12.30
N LEU B 1077 27.34 15.42 -11.01
CA LEU B 1077 28.39 15.80 -10.07
C LEU B 1077 29.65 14.98 -10.31
N ALA B 1078 29.52 13.74 -10.76
CA ALA B 1078 30.68 12.95 -11.12
C ALA B 1078 31.45 13.58 -12.26
N SER B 1079 30.73 14.03 -13.30
CA SER B 1079 31.40 14.66 -14.42
C SER B 1079 32.00 16.00 -14.04
N ASP B 1080 31.43 16.68 -13.05
CA ASP B 1080 31.95 17.98 -12.64
C ASP B 1080 33.35 17.85 -12.07
N LYS B 1081 33.54 16.96 -11.10
CA LYS B 1081 34.86 16.84 -10.47
C LYS B 1081 35.91 16.30 -11.43
N VAL B 1082 35.50 15.55 -12.45
CA VAL B 1082 36.44 15.17 -13.49
C VAL B 1082 36.93 16.40 -14.23
N ASN B 1083 36.04 17.35 -14.49
CA ASN B 1083 36.41 18.55 -15.24
C ASN B 1083 36.99 19.65 -14.35
N GLU B 1084 36.60 19.71 -13.08
CA GLU B 1084 37.11 20.78 -12.22
C GLU B 1084 38.44 20.44 -11.59
N CYS B 1085 38.64 19.22 -11.12
CA CYS B 1085 39.91 18.89 -10.49
C CYS B 1085 40.42 17.51 -10.87
N VAL B 1086 40.25 17.11 -12.13
CA VAL B 1086 41.02 15.98 -12.65
C VAL B 1086 41.72 16.43 -13.92
N LYS B 1087 40.98 17.09 -14.80
CA LYS B 1087 41.53 17.60 -16.04
C LYS B 1087 42.25 18.92 -15.87
N SER B 1088 42.11 19.58 -14.70
CA SER B 1088 42.80 20.82 -14.43
C SER B 1088 42.84 21.03 -12.92
N GLN B 1089 43.82 21.81 -12.48
CA GLN B 1089 43.94 22.11 -11.05
C GLN B 1089 42.82 23.03 -10.62
N SER B 1090 42.33 22.82 -9.40
CA SER B 1090 41.20 23.56 -8.86
C SER B 1090 41.70 24.55 -7.81
N LYS B 1091 41.28 25.80 -7.93
CA LYS B 1091 41.57 26.83 -6.95
C LYS B 1091 40.48 26.94 -5.89
N ARG B 1092 39.49 26.06 -5.93
CA ARG B 1092 38.41 26.09 -4.97
C ARG B 1092 38.83 25.46 -3.65
N ASN B 1093 38.13 25.84 -2.59
CA ASN B 1093 38.45 25.40 -1.24
C ASN B 1093 37.50 24.28 -0.84
N GLY B 1094 38.07 23.15 -0.41
CA GLY B 1094 37.30 22.03 0.09
C GLY B 1094 36.57 21.24 -0.97
N PHE B 1095 36.41 21.78 -2.18
CA PHE B 1095 35.66 21.07 -3.21
C PHE B 1095 36.34 19.77 -3.60
N CYS B 1096 37.66 19.76 -3.65
CA CYS B 1096 38.44 18.62 -4.11
C CYS B 1096 39.48 18.22 -3.08
N GLY B 1097 39.05 18.05 -1.85
CA GLY B 1097 39.89 17.48 -0.83
C GLY B 1097 40.44 18.54 0.12
N SER B 1098 40.82 18.08 1.31
CA SER B 1098 41.42 18.95 2.31
C SER B 1098 42.78 19.47 1.84
N GLY B 1099 43.12 20.67 2.29
CA GLY B 1099 44.37 21.28 1.91
C GLY B 1099 44.32 21.86 0.51
N THR B 1100 45.42 22.51 0.14
CA THR B 1100 45.53 23.09 -1.19
C THR B 1100 45.62 21.98 -2.22
N HIS B 1101 44.85 22.09 -3.29
CA HIS B 1101 44.69 21.01 -4.26
C HIS B 1101 45.79 21.09 -5.31
N ILE B 1102 46.52 19.98 -5.49
CA ILE B 1102 47.57 19.90 -6.50
C ILE B 1102 47.07 19.10 -7.70
N VAL B 1103 46.75 17.83 -7.48
CA VAL B 1103 46.33 16.95 -8.57
C VAL B 1103 45.40 15.89 -7.99
N SER B 1104 44.51 15.39 -8.84
CA SER B 1104 43.59 14.33 -8.44
C SER B 1104 43.54 13.27 -9.53
N PHE B 1105 43.20 12.05 -9.12
CA PHE B 1105 43.09 10.92 -10.03
C PHE B 1105 41.75 10.25 -9.84
N VAL B 1106 41.24 9.65 -10.92
CA VAL B 1106 39.94 9.01 -10.91
C VAL B 1106 40.09 7.59 -11.43
N VAL B 1107 39.49 6.63 -10.72
CA VAL B 1107 39.42 5.25 -11.16
C VAL B 1107 37.98 4.80 -11.05
N ASN B 1108 37.72 3.59 -11.51
CA ASN B 1108 36.38 3.03 -11.52
C ASN B 1108 36.11 2.28 -10.23
N ALA B 1109 34.98 2.57 -9.60
CA ALA B 1109 34.51 1.85 -8.44
C ALA B 1109 33.23 1.14 -8.84
N PRO B 1110 32.72 0.19 -8.04
CA PRO B 1110 31.45 -0.46 -8.39
C PRO B 1110 30.32 0.55 -8.42
N ASN B 1111 29.72 0.73 -9.60
CA ASN B 1111 28.58 1.63 -9.79
C ASN B 1111 28.93 3.08 -9.46
N GLY B 1112 30.10 3.52 -9.90
CA GLY B 1112 30.50 4.89 -9.66
C GLY B 1112 31.98 5.10 -9.89
N PHE B 1113 32.46 6.24 -9.42
CA PHE B 1113 33.84 6.67 -9.60
C PHE B 1113 34.49 6.88 -8.24
N TYR B 1114 35.76 6.52 -8.14
CA TYR B 1114 36.54 6.70 -6.92
C TYR B 1114 37.66 7.70 -7.19
N PHE B 1115 37.75 8.74 -6.37
CA PHE B 1115 38.68 9.83 -6.59
C PHE B 1115 39.75 9.84 -5.50
N PHE B 1116 40.98 10.15 -5.90
CA PHE B 1116 42.10 10.36 -4.99
C PHE B 1116 42.58 11.78 -5.19
N HIS B 1117 42.33 12.66 -4.23
CA HIS B 1117 42.69 14.06 -4.34
C HIS B 1117 43.96 14.33 -3.54
N VAL B 1118 45.06 14.60 -4.23
CA VAL B 1118 46.31 14.95 -3.57
C VAL B 1118 46.26 16.39 -3.12
N GLY B 1119 46.68 16.65 -1.89
CA GLY B 1119 46.62 17.99 -1.36
C GLY B 1119 47.82 18.38 -0.52
N TYR B 1120 48.27 19.62 -0.65
CA TYR B 1120 49.43 20.12 0.07
C TYR B 1120 48.98 20.61 1.44
N VAL B 1121 49.35 19.89 2.49
CA VAL B 1121 49.02 20.27 3.86
C VAL B 1121 50.33 20.56 4.60
N PRO B 1122 50.47 21.72 5.23
CA PRO B 1122 51.66 21.97 6.06
C PRO B 1122 51.59 21.20 7.36
N THR B 1123 52.76 21.09 8.00
CA THR B 1123 52.88 20.42 9.30
C THR B 1123 53.36 21.36 10.40
N ASN B 1124 54.42 22.12 10.15
CA ASN B 1124 54.96 23.07 11.12
C ASN B 1124 54.93 24.47 10.57
N TYR B 1125 54.57 25.43 11.43
CA TYR B 1125 54.43 26.82 11.07
C TYR B 1125 55.47 27.66 11.80
N THR B 1126 55.66 28.88 11.35
CA THR B 1126 56.54 29.83 12.03
C THR B 1126 55.86 31.18 12.08
N ASN B 1127 56.19 31.95 13.12
CA ASN B 1127 55.66 33.29 13.28
C ASN B 1127 56.70 34.30 12.82
N VAL B 1128 56.29 35.16 11.88
CA VAL B 1128 57.15 36.20 11.34
C VAL B 1128 56.43 37.52 11.55
N THR B 1129 57.18 38.62 11.37
CA THR B 1129 56.66 39.90 11.85
C THR B 1129 55.47 40.36 11.01
N ALA B 1130 55.73 40.98 9.86
CA ALA B 1130 54.64 41.49 9.02
C ALA B 1130 55.11 42.17 7.75
N ALA B 1131 54.15 42.52 6.88
CA ALA B 1131 54.15 43.76 6.11
C ALA B 1131 52.85 43.88 5.31
N TYR B 1132 52.30 45.08 5.21
CA TYR B 1132 51.25 45.34 4.23
C TYR B 1132 51.86 45.69 2.88
N GLY B 1133 52.98 46.40 2.91
CA GLY B 1133 53.67 46.80 1.70
C GLY B 1133 54.84 47.69 2.09
N LEU B 1134 55.66 47.99 1.10
CA LEU B 1134 56.83 48.82 1.31
C LEU B 1134 56.79 49.99 0.35
N CYS B 1135 57.05 51.19 0.86
CA CYS B 1135 56.88 52.39 0.05
C CYS B 1135 57.96 53.39 0.40
N ASN B 1136 58.38 54.16 -0.60
CA ASN B 1136 59.56 55.01 -0.48
C ASN B 1136 59.21 56.44 -0.06
N ASN B 1137 60.22 57.16 0.39
CA ASN B 1137 60.09 58.57 0.79
C ASN B 1137 60.16 59.44 -0.46
N ASN B 1138 59.04 59.52 -1.16
CA ASN B 1138 58.93 60.34 -2.35
C ASN B 1138 57.67 61.21 -2.25
N ASN B 1139 57.78 62.43 -2.79
CA ASN B 1139 56.63 63.33 -2.77
C ASN B 1139 55.48 62.77 -3.61
N PRO B 1140 55.70 62.22 -4.81
CA PRO B 1140 54.77 61.22 -5.36
C PRO B 1140 55.10 59.83 -4.85
N PRO B 1141 54.58 59.43 -3.67
CA PRO B 1141 55.05 58.18 -3.06
C PRO B 1141 54.85 56.99 -3.98
N LEU B 1142 55.93 56.24 -4.20
CA LEU B 1142 55.86 55.00 -4.94
C LEU B 1142 55.80 53.83 -3.95
N CYS B 1143 54.75 53.02 -4.08
CA CYS B 1143 54.45 52.01 -3.07
C CYS B 1143 54.23 50.67 -3.79
N ILE B 1144 54.68 49.57 -3.18
CA ILE B 1144 54.60 48.26 -3.80
C ILE B 1144 53.97 47.26 -2.83
N ALA B 1145 53.40 46.19 -3.40
CA ALA B 1145 52.78 45.10 -2.67
C ALA B 1145 53.26 43.77 -3.22
N PRO B 1146 53.32 42.73 -2.37
CA PRO B 1146 53.83 41.44 -2.83
C PRO B 1146 52.88 40.73 -3.77
N ILE B 1147 53.46 39.85 -4.60
CA ILE B 1147 52.70 38.98 -5.51
C ILE B 1147 52.79 37.56 -4.99
N ASP B 1148 51.64 37.03 -4.55
CA ASP B 1148 51.53 35.63 -4.12
C ASP B 1148 52.57 35.30 -3.06
N GLY B 1149 52.70 36.19 -2.08
CA GLY B 1149 53.67 35.97 -1.03
C GLY B 1149 53.54 37.02 0.05
N TYR B 1150 54.58 37.11 0.87
CA TYR B 1150 54.61 38.04 1.99
C TYR B 1150 55.90 38.82 1.93
N PHE B 1151 55.92 39.94 2.65
CA PHE B 1151 57.15 40.70 2.90
C PHE B 1151 57.48 40.53 4.37
N ILE B 1152 58.61 39.89 4.66
CA ILE B 1152 58.98 39.53 6.03
C ILE B 1152 60.32 40.15 6.37
N THR B 1153 60.51 40.43 7.66
CA THR B 1153 61.78 40.94 8.14
C THR B 1153 62.76 39.79 8.37
N ASN B 1154 64.02 40.16 8.56
CA ASN B 1154 65.08 39.16 8.75
C ASN B 1154 64.88 38.38 10.03
N GLN B 1155 64.42 39.05 11.10
CA GLN B 1155 64.19 38.41 12.38
C GLN B 1155 63.17 37.27 12.27
N THR B 1163 66.72 48.70 8.80
CA THR B 1163 66.27 47.34 8.67
C THR B 1163 66.23 46.91 7.21
N GLU B 1164 66.21 45.60 7.00
CA GLU B 1164 66.22 44.99 5.67
C GLU B 1164 65.00 44.11 5.49
N TRP B 1165 64.40 44.18 4.31
CA TRP B 1165 63.15 43.50 4.00
C TRP B 1165 63.37 42.44 2.94
N TYR B 1166 62.76 41.27 3.13
CA TYR B 1166 62.89 40.17 2.19
C TYR B 1166 61.54 39.58 1.85
N TYR B 1167 61.36 39.24 0.57
CA TYR B 1167 60.19 38.53 0.11
C TYR B 1167 60.29 37.05 0.46
N THR B 1168 59.13 36.44 0.72
CA THR B 1168 59.06 35.01 1.00
C THR B 1168 57.91 34.40 0.20
N GLY B 1169 58.01 33.10 -0.03
CA GLY B 1169 56.91 32.39 -0.63
C GLY B 1169 55.73 32.28 0.32
N SER B 1170 54.58 31.94 -0.25
CA SER B 1170 53.38 31.81 0.58
C SER B 1170 53.37 30.49 1.34
N SER B 1171 53.52 29.38 0.63
CA SER B 1171 53.30 28.06 1.20
C SER B 1171 54.57 27.42 1.76
N PHE B 1172 55.72 28.07 1.61
CA PHE B 1172 56.95 27.59 2.23
C PHE B 1172 57.78 28.79 2.64
N PHE B 1173 58.58 28.62 3.69
CA PHE B 1173 59.34 29.71 4.29
C PHE B 1173 60.74 29.75 3.69
N LYS B 1174 61.01 30.75 2.86
CA LYS B 1174 62.34 30.98 2.31
C LYS B 1174 62.50 32.46 2.03
N PRO B 1175 63.21 33.19 2.89
CA PRO B 1175 63.45 34.62 2.65
C PRO B 1175 64.35 34.82 1.44
N GLU B 1176 63.91 35.67 0.52
CA GLU B 1176 64.60 35.90 -0.73
C GLU B 1176 64.62 37.40 -1.03
N PRO B 1177 65.60 37.86 -1.82
CA PRO B 1177 65.64 39.28 -2.18
C PRO B 1177 64.38 39.72 -2.91
N ILE B 1178 63.96 40.95 -2.66
CA ILE B 1178 62.80 41.53 -3.32
C ILE B 1178 63.20 41.97 -4.72
N THR B 1179 62.38 41.61 -5.71
CA THR B 1179 62.67 41.92 -7.10
C THR B 1179 61.39 42.35 -7.80
N GLN B 1180 61.53 42.70 -9.08
CA GLN B 1180 60.38 43.15 -9.86
C GLN B 1180 59.38 42.02 -10.10
N ALA B 1181 59.86 40.78 -10.21
CA ALA B 1181 58.97 39.66 -10.52
C ALA B 1181 57.95 39.42 -9.42
N ASN B 1182 58.36 39.53 -8.17
CA ASN B 1182 57.49 39.24 -7.04
C ASN B 1182 56.80 40.48 -6.48
N SER B 1183 56.97 41.65 -7.08
CA SER B 1183 56.42 42.89 -6.57
C SER B 1183 55.55 43.58 -7.62
N ARG B 1184 54.49 44.23 -7.16
CA ARG B 1184 53.58 44.97 -8.02
C ARG B 1184 53.41 46.38 -7.48
N TYR B 1185 53.37 47.35 -8.39
CA TYR B 1185 53.13 48.73 -7.99
C TYR B 1185 51.67 48.94 -7.65
N VAL B 1186 51.42 49.63 -6.53
CA VAL B 1186 50.07 49.82 -6.01
C VAL B 1186 49.96 51.25 -5.48
N SER B 1187 48.72 51.69 -5.26
CA SER B 1187 48.47 53.04 -4.78
C SER B 1187 49.01 53.21 -3.36
N SER B 1188 49.34 54.46 -3.02
CA SER B 1188 49.90 54.77 -1.72
C SER B 1188 48.87 54.57 -0.62
N ASP B 1189 49.36 54.20 0.56
CA ASP B 1189 48.49 53.93 1.70
C ASP B 1189 49.24 54.27 2.98
N VAL B 1190 48.48 54.59 4.03
CA VAL B 1190 49.08 55.01 5.30
C VAL B 1190 49.72 53.82 6.01
N LYS B 1191 49.09 52.64 5.95
CA LYS B 1191 49.59 51.50 6.72
C LYS B 1191 50.80 50.83 6.08
N PHE B 1192 51.15 51.19 4.85
CA PHE B 1192 52.37 50.66 4.24
C PHE B 1192 53.59 51.17 5.00
N GLU B 1193 54.59 50.31 5.14
CA GLU B 1193 55.83 50.71 5.79
C GLU B 1193 56.60 51.70 4.92
N LYS B 1194 57.27 52.64 5.59
CA LYS B 1194 58.08 53.64 4.90
C LYS B 1194 59.54 53.43 5.29
N LEU B 1195 60.39 53.20 4.30
CA LEU B 1195 61.79 52.86 4.52
C LEU B 1195 62.66 54.04 4.13
N GLU B 1196 63.49 54.50 5.07
CA GLU B 1196 64.41 55.59 4.77
C GLU B 1196 65.59 55.11 3.91
N ASN B 1197 66.07 53.90 4.17
CA ASN B 1197 67.23 53.35 3.45
C ASN B 1197 66.93 51.90 3.10
N ASN B 1198 67.92 51.26 2.47
CA ASN B 1198 67.79 49.87 2.00
C ASN B 1198 66.56 49.71 1.11
N LEU B 1199 66.34 50.70 0.25
CA LEU B 1199 65.17 50.68 -0.61
C LEU B 1199 65.25 49.50 -1.58
N PRO B 1200 64.18 48.74 -1.75
CA PRO B 1200 64.20 47.65 -2.72
C PRO B 1200 64.44 48.20 -4.11
N PRO B 1201 65.05 47.40 -5.03
CA PRO B 1201 65.20 47.83 -6.41
C PRO B 1201 63.94 48.46 -7.01
N PRO B 1202 62.71 47.87 -6.93
CA PRO B 1202 61.55 48.51 -7.59
C PRO B 1202 61.34 49.96 -7.11
N LEU B 1203 61.28 50.16 -5.79
CA LEU B 1203 61.09 51.53 -5.23
C LEU B 1203 62.30 52.41 -5.52
N LEU B 1204 63.52 51.87 -5.41
CA LEU B 1204 64.75 52.71 -5.54
C LEU B 1204 64.81 53.35 -6.94
N GLU B 1205 65.24 54.62 -7.03
CA GLU B 1205 65.41 55.31 -8.33
C GLU B 1205 66.51 56.37 -8.19
N GLN C 1 -43.77 -33.00 -26.86
CA GLN C 1 -42.68 -32.05 -26.85
C GLN C 1 -41.68 -32.34 -27.97
N PHE C 2 -42.15 -33.06 -28.98
CA PHE C 2 -41.32 -33.44 -30.12
C PHE C 2 -41.93 -32.86 -31.40
N VAL C 3 -41.09 -32.22 -32.20
CA VAL C 3 -41.48 -31.87 -33.56
C VAL C 3 -41.63 -33.15 -34.36
N ASP C 4 -42.60 -33.17 -35.27
CA ASP C 4 -42.91 -34.37 -36.04
C ASP C 4 -42.29 -34.29 -37.43
N MET C 5 -41.53 -35.31 -37.79
CA MET C 5 -40.99 -35.46 -39.13
C MET C 5 -41.88 -36.42 -39.93
N SER C 6 -43.07 -35.92 -40.25
CA SER C 6 -44.11 -36.78 -40.84
C SER C 6 -43.70 -37.37 -42.18
N PRO C 7 -43.15 -36.62 -43.15
CA PRO C 7 -42.80 -37.25 -44.44
C PRO C 7 -41.61 -38.19 -44.33
N ALA C 8 -41.82 -39.35 -43.70
CA ALA C 8 -40.78 -40.34 -43.58
C ALA C 8 -40.48 -40.98 -44.93
N SER C 9 -39.22 -41.33 -45.14
CA SER C 9 -38.81 -41.90 -46.42
C SER C 9 -39.30 -43.32 -46.56
N ASN C 10 -39.95 -43.62 -47.68
CA ASN C 10 -40.45 -44.95 -47.98
C ASN C 10 -39.53 -45.71 -48.92
N ASN C 11 -38.33 -45.20 -49.16
CA ASN C 11 -37.42 -45.81 -50.12
C ASN C 11 -37.10 -47.25 -49.73
N SER C 12 -37.08 -48.13 -50.73
CA SER C 12 -36.80 -49.53 -50.46
C SER C 12 -35.37 -49.73 -49.96
N GLU C 13 -34.41 -49.01 -50.55
CA GLU C 13 -33.01 -49.23 -50.21
C GLU C 13 -32.24 -47.94 -50.44
N CYS C 14 -31.07 -47.85 -49.79
CA CYS C 14 -30.20 -46.70 -49.94
C CYS C 14 -29.50 -46.74 -51.30
N LEU C 15 -29.17 -45.56 -51.80
CA LEU C 15 -28.56 -45.45 -53.13
C LEU C 15 -27.13 -45.99 -53.12
N ASP C 16 -26.78 -46.66 -54.20
CA ASP C 16 -25.43 -47.18 -54.37
C ASP C 16 -24.44 -46.07 -54.70
N SER C 17 -23.21 -46.25 -54.25
CA SER C 17 -22.15 -45.28 -54.49
C SER C 17 -20.79 -45.96 -54.42
N GLN C 18 -19.79 -45.31 -54.99
CA GLN C 18 -18.41 -45.79 -54.98
C GLN C 18 -17.55 -44.77 -54.25
N VAL C 19 -16.92 -45.21 -53.16
CA VAL C 19 -16.05 -44.35 -52.37
C VAL C 19 -14.62 -44.50 -52.87
N ASP C 20 -13.95 -43.37 -53.10
CA ASP C 20 -12.56 -43.35 -53.57
C ASP C 20 -11.83 -42.23 -52.82
N ALA C 21 -11.25 -42.59 -51.67
CA ALA C 21 -10.59 -41.58 -50.84
C ALA C 21 -9.30 -41.08 -51.47
N ALA C 22 -8.58 -41.95 -52.20
CA ALA C 22 -7.29 -41.57 -52.74
C ALA C 22 -7.40 -40.42 -53.74
N ALA C 23 -8.46 -40.43 -54.55
CA ALA C 23 -8.63 -39.38 -55.56
C ALA C 23 -8.74 -38.01 -54.91
N PHE C 24 -9.52 -37.90 -53.84
CA PHE C 24 -9.70 -36.61 -53.17
C PHE C 24 -8.47 -36.24 -52.35
N SER C 25 -7.82 -37.22 -51.73
CA SER C 25 -6.66 -36.92 -50.89
C SER C 25 -5.53 -36.30 -51.70
N LYS C 26 -5.46 -36.58 -53.00
CA LYS C 26 -4.38 -36.05 -53.82
C LYS C 26 -4.45 -34.52 -53.93
N LEU C 27 -5.65 -33.98 -54.09
CA LEU C 27 -5.79 -32.55 -54.30
C LEU C 27 -5.48 -31.77 -53.03
N MET C 28 -4.71 -30.69 -53.18
CA MET C 28 -4.29 -29.89 -52.04
C MET C 28 -3.95 -28.48 -52.52
N ARG C 29 -4.61 -27.48 -51.94
CA ARG C 29 -4.31 -26.08 -52.23
C ARG C 29 -4.32 -25.34 -50.90
N PRO C 30 -3.24 -25.44 -50.12
CA PRO C 30 -3.28 -25.09 -48.70
C PRO C 30 -3.68 -23.64 -48.44
N TYR C 31 -4.37 -23.43 -47.32
CA TYR C 31 -4.70 -22.10 -46.81
C TYR C 31 -4.27 -22.01 -45.35
N PRO C 32 -3.01 -21.70 -45.08
CA PRO C 32 -2.59 -21.48 -43.70
C PRO C 32 -3.31 -20.29 -43.09
N ILE C 33 -3.57 -20.38 -41.79
CA ILE C 33 -4.24 -19.29 -41.09
C ILE C 33 -3.28 -18.11 -40.98
N ASP C 34 -3.73 -16.95 -41.45
CA ASP C 34 -2.92 -15.73 -41.43
C ASP C 34 -3.64 -14.65 -40.65
N PRO C 35 -3.22 -14.31 -39.44
CA PRO C 35 -3.87 -13.23 -38.71
C PRO C 35 -3.88 -11.89 -39.44
N ALA C 36 -2.89 -11.63 -40.29
CA ALA C 36 -2.82 -10.35 -40.98
C ALA C 36 -4.07 -10.12 -41.82
N LYS C 37 -4.46 -11.11 -42.60
CA LYS C 37 -5.74 -11.10 -43.31
C LYS C 37 -6.75 -11.79 -42.41
N VAL C 38 -7.63 -11.00 -41.79
CA VAL C 38 -8.51 -11.47 -40.72
C VAL C 38 -9.21 -12.76 -41.15
N ASP C 39 -8.98 -13.83 -40.40
CA ASP C 39 -9.43 -15.17 -40.78
C ASP C 39 -10.04 -15.85 -39.57
N GLY C 40 -11.31 -16.23 -39.68
CA GLY C 40 -11.95 -17.02 -38.63
C GLY C 40 -12.00 -16.31 -37.29
N ILE C 41 -12.33 -15.03 -37.28
CA ILE C 41 -12.34 -14.23 -36.06
C ILE C 41 -13.79 -14.02 -35.64
N ILE C 42 -14.13 -14.51 -34.45
CA ILE C 42 -15.47 -14.34 -33.90
C ILE C 42 -15.55 -12.96 -33.27
N TYR C 43 -16.45 -12.13 -33.77
CA TYR C 43 -16.58 -10.77 -33.26
C TYR C 43 -17.07 -10.83 -31.82
N PRO C 44 -16.57 -9.94 -30.95
CA PRO C 44 -16.96 -9.99 -29.54
C PRO C 44 -18.47 -9.88 -29.35
N LEU C 45 -18.97 -10.60 -28.36
CA LEU C 45 -20.40 -10.81 -28.19
C LEU C 45 -21.04 -9.67 -27.42
N GLY C 46 -22.07 -9.07 -27.99
CA GLY C 46 -22.87 -8.10 -27.29
C GLY C 46 -22.23 -6.74 -27.08
N ARG C 47 -21.10 -6.47 -27.74
CA ARG C 47 -20.41 -5.20 -27.59
C ARG C 47 -19.58 -4.94 -28.84
N THR C 48 -19.45 -3.67 -29.20
CA THR C 48 -18.63 -3.28 -30.33
C THR C 48 -17.76 -2.11 -29.94
N TYR C 49 -16.69 -1.91 -30.70
CA TYR C 49 -15.77 -0.80 -30.51
C TYR C 49 -15.55 -0.11 -31.85
N SER C 50 -14.97 1.08 -31.79
CA SER C 50 -14.69 1.85 -33.00
C SER C 50 -13.32 2.50 -32.90
N ASN C 51 -12.47 2.26 -33.90
CA ASN C 51 -11.18 2.92 -34.02
C ASN C 51 -10.32 2.71 -32.77
N ILE C 52 -9.97 1.45 -32.52
CA ILE C 52 -9.22 1.13 -31.30
C ILE C 52 -8.61 -0.25 -31.39
N THR C 53 -7.48 -0.46 -30.71
CA THR C 53 -6.79 -1.74 -30.71
C THR C 53 -6.73 -2.28 -29.29
N LEU C 54 -7.15 -3.53 -29.10
CA LEU C 54 -7.13 -4.10 -27.76
C LEU C 54 -6.82 -5.58 -27.84
N ALA C 55 -6.72 -6.21 -26.67
CA ALA C 55 -6.36 -7.62 -26.56
C ALA C 55 -7.58 -8.40 -26.09
N TYR C 56 -7.98 -9.41 -26.87
CA TYR C 56 -9.15 -10.21 -26.58
C TYR C 56 -8.74 -11.66 -26.37
N THR C 57 -9.21 -12.26 -25.28
CA THR C 57 -8.98 -13.66 -24.99
C THR C 57 -10.25 -14.44 -25.31
N GLY C 58 -10.15 -15.36 -26.26
CA GLY C 58 -11.32 -16.10 -26.69
C GLY C 58 -10.93 -17.37 -27.40
N LEU C 59 -11.83 -17.83 -28.27
CA LEU C 59 -11.60 -19.00 -29.08
C LEU C 59 -11.17 -18.55 -30.47
N PHE C 60 -9.89 -18.81 -30.80
CA PHE C 60 -9.29 -18.36 -32.04
C PHE C 60 -8.48 -19.51 -32.62
N PRO C 61 -8.28 -19.52 -33.93
CA PRO C 61 -7.42 -20.54 -34.52
C PRO C 61 -5.94 -20.19 -34.38
N LEU C 62 -5.09 -21.20 -34.55
CA LEU C 62 -3.66 -21.01 -34.44
C LEU C 62 -3.10 -20.42 -35.72
N GLN C 63 -2.12 -19.54 -35.59
CA GLN C 63 -1.48 -18.95 -36.75
C GLN C 63 -0.72 -20.01 -37.53
N GLY C 64 -0.76 -19.90 -38.86
CA GLY C 64 -0.04 -20.83 -39.71
C GLY C 64 -0.48 -22.27 -39.51
N ASP C 65 -1.79 -22.49 -39.46
CA ASP C 65 -2.37 -23.81 -39.31
C ASP C 65 -2.98 -24.22 -40.65
N LEU C 66 -2.61 -25.41 -41.12
CA LEU C 66 -3.09 -25.85 -42.43
C LEU C 66 -4.56 -26.24 -42.39
N GLY C 67 -5.04 -26.71 -41.24
CA GLY C 67 -6.42 -27.14 -41.13
C GLY C 67 -6.66 -28.48 -41.79
N THR C 68 -7.91 -28.69 -42.20
CA THR C 68 -8.30 -29.89 -42.91
C THR C 68 -9.11 -29.49 -44.13
N GLN C 69 -8.81 -30.12 -45.26
CA GLN C 69 -9.34 -29.77 -46.58
C GLN C 69 -10.36 -30.81 -47.00
N TYR C 70 -11.56 -30.37 -47.36
CA TYR C 70 -12.61 -31.26 -47.83
C TYR C 70 -13.13 -30.83 -49.19
N LEU C 71 -13.38 -31.81 -50.05
CA LEU C 71 -13.85 -31.62 -51.41
C LEU C 71 -15.18 -32.32 -51.63
N TYR C 72 -16.04 -31.70 -52.42
CA TYR C 72 -17.29 -32.31 -52.86
C TYR C 72 -17.24 -32.51 -54.38
N SER C 73 -17.46 -33.73 -54.83
CA SER C 73 -17.29 -34.10 -56.22
C SER C 73 -18.62 -34.07 -56.97
N ALA C 74 -18.60 -34.56 -58.19
CA ALA C 74 -19.78 -34.78 -59.01
C ALA C 74 -20.18 -36.25 -58.89
N SER C 75 -21.14 -36.66 -59.72
CA SER C 75 -21.69 -38.02 -59.66
C SER C 75 -21.36 -38.77 -60.94
N HIS C 76 -21.21 -40.09 -60.80
CA HIS C 76 -21.01 -40.94 -61.97
C HIS C 76 -22.27 -40.96 -62.81
N ALA C 77 -22.12 -40.64 -64.10
CA ALA C 77 -23.21 -40.67 -65.05
C ALA C 77 -22.76 -41.42 -66.29
N VAL C 78 -23.63 -42.29 -66.80
CA VAL C 78 -23.35 -43.08 -67.99
C VAL C 78 -24.03 -42.41 -69.17
N GLY C 79 -23.26 -42.06 -70.18
CA GLY C 79 -23.77 -41.37 -71.35
C GLY C 79 -23.54 -39.86 -71.27
N ASN C 80 -23.40 -39.24 -72.44
CA ASN C 80 -23.17 -37.80 -72.47
C ASN C 80 -24.35 -37.03 -71.90
N ASP C 81 -25.57 -37.41 -72.30
CA ASP C 81 -26.79 -36.78 -71.79
C ASP C 81 -27.55 -37.70 -70.83
N GLY C 82 -26.95 -38.81 -70.43
CA GLY C 82 -27.63 -39.73 -69.53
C GLY C 82 -27.79 -39.15 -68.14
N ASP C 83 -28.79 -39.64 -67.43
CA ASP C 83 -29.00 -39.23 -66.04
C ASP C 83 -27.90 -39.79 -65.16
N PRO C 84 -27.59 -39.13 -64.04
CA PRO C 84 -26.56 -39.65 -63.13
C PRO C 84 -26.96 -41.02 -62.59
N THR C 85 -25.96 -41.89 -62.45
CA THR C 85 -26.19 -43.26 -62.01
C THR C 85 -25.86 -43.46 -60.53
N LYS C 86 -24.62 -43.19 -60.14
CA LYS C 86 -24.18 -43.45 -58.77
C LYS C 86 -23.30 -42.31 -58.30
N ALA C 87 -23.15 -42.22 -56.98
CA ALA C 87 -22.46 -41.11 -56.34
C ALA C 87 -20.98 -41.38 -56.20
N TYR C 88 -20.17 -40.33 -56.35
CA TYR C 88 -18.72 -40.38 -56.16
C TYR C 88 -18.39 -39.57 -54.92
N ILE C 89 -17.99 -40.25 -53.85
CA ILE C 89 -17.79 -39.62 -52.55
C ILE C 89 -16.47 -40.06 -51.96
N SER C 90 -16.00 -39.28 -50.99
CA SER C 90 -14.86 -39.64 -50.16
C SER C 90 -15.34 -40.37 -48.90
N ASN C 91 -14.39 -40.85 -48.11
CA ASN C 91 -14.71 -41.61 -46.92
C ASN C 91 -14.90 -40.73 -45.68
N TYR C 92 -15.31 -39.47 -45.87
CA TYR C 92 -15.52 -38.56 -44.75
C TYR C 92 -16.44 -39.17 -43.70
N SER C 93 -17.53 -39.81 -44.13
CA SER C 93 -18.55 -40.30 -43.20
C SER C 93 -18.02 -41.36 -42.25
N LEU C 94 -16.89 -42.01 -42.57
CA LEU C 94 -16.33 -43.05 -41.72
C LEU C 94 -15.26 -42.52 -40.77
N LEU C 95 -15.03 -41.22 -40.73
CA LEU C 95 -14.02 -40.62 -39.87
C LEU C 95 -14.66 -39.79 -38.78
N VAL C 96 -14.16 -39.93 -37.56
CA VAL C 96 -14.68 -39.24 -36.39
C VAL C 96 -13.61 -38.29 -35.86
N ASN C 97 -13.96 -37.02 -35.73
CA ASN C 97 -13.06 -35.99 -35.27
C ASN C 97 -13.38 -35.61 -33.82
N ASP C 98 -12.74 -34.56 -33.33
CA ASP C 98 -12.96 -34.05 -31.99
C ASP C 98 -13.47 -32.61 -32.07
N PHE C 99 -14.43 -32.30 -31.21
CA PHE C 99 -15.06 -30.99 -31.18
C PHE C 99 -14.53 -30.10 -30.05
N ASP C 100 -13.41 -30.49 -29.43
CA ASP C 100 -13.06 -30.07 -28.07
C ASP C 100 -13.49 -28.63 -27.72
N ASN C 101 -13.08 -27.65 -28.51
CA ASN C 101 -13.45 -26.27 -28.26
C ASN C 101 -14.45 -25.71 -29.27
N GLY C 102 -14.48 -26.23 -30.47
CA GLY C 102 -15.29 -25.70 -31.54
C GLY C 102 -14.46 -25.67 -32.81
N PHE C 103 -15.02 -25.12 -33.88
CA PHE C 103 -14.24 -25.08 -35.11
C PHE C 103 -14.83 -24.04 -36.07
N VAL C 104 -13.95 -23.48 -36.89
CA VAL C 104 -14.32 -22.52 -37.91
C VAL C 104 -14.06 -23.13 -39.27
N VAL C 105 -14.78 -22.65 -40.28
CA VAL C 105 -14.74 -23.21 -41.63
C VAL C 105 -14.59 -22.07 -42.62
N ARG C 106 -13.57 -22.18 -43.46
CA ARG C 106 -13.39 -21.33 -44.64
C ARG C 106 -14.21 -21.94 -45.77
N VAL C 107 -15.14 -21.17 -46.34
CA VAL C 107 -16.03 -21.62 -47.40
C VAL C 107 -15.87 -20.72 -48.61
N GLY C 108 -15.95 -21.33 -49.80
CA GLY C 108 -15.87 -20.60 -51.04
C GLY C 108 -14.51 -19.99 -51.33
N ALA C 109 -13.43 -20.71 -51.02
CA ALA C 109 -12.10 -20.16 -51.21
C ALA C 109 -11.76 -20.00 -52.69
N ALA C 110 -12.01 -21.04 -53.49
CA ALA C 110 -11.60 -21.07 -54.89
C ALA C 110 -12.70 -20.62 -55.83
N ALA C 111 -13.56 -19.71 -55.39
CA ALA C 111 -14.61 -19.20 -56.25
C ALA C 111 -14.03 -18.29 -57.34
N ASN C 112 -14.81 -18.12 -58.40
CA ASN C 112 -14.49 -17.24 -59.53
C ASN C 112 -13.23 -17.66 -60.27
N SER C 113 -12.79 -18.90 -60.12
CA SER C 113 -11.54 -19.34 -60.72
C SER C 113 -11.73 -20.71 -61.36
N THR C 114 -10.88 -21.01 -62.32
CA THR C 114 -10.94 -22.28 -63.00
C THR C 114 -10.33 -23.39 -62.15
N GLY C 115 -10.67 -24.62 -62.48
CA GLY C 115 -10.09 -25.76 -61.80
C GLY C 115 -10.59 -27.05 -62.42
N THR C 116 -9.86 -28.12 -62.13
CA THR C 116 -10.17 -29.41 -62.70
C THR C 116 -11.44 -29.99 -62.08
N ILE C 117 -12.03 -30.96 -62.77
CA ILE C 117 -13.16 -31.73 -62.24
C ILE C 117 -12.62 -33.02 -61.66
N VAL C 118 -13.06 -33.36 -60.45
CA VAL C 118 -12.51 -34.52 -59.76
C VAL C 118 -12.84 -35.80 -60.50
N ILE C 119 -14.11 -35.98 -60.90
CA ILE C 119 -14.52 -37.22 -61.54
C ILE C 119 -13.88 -37.34 -62.92
N SER C 120 -13.72 -36.23 -63.63
CA SER C 120 -13.11 -36.21 -64.96
C SER C 120 -11.88 -35.32 -64.94
N PRO C 121 -10.68 -35.89 -64.80
CA PRO C 121 -9.47 -35.05 -64.74
C PRO C 121 -9.28 -34.15 -65.94
N SER C 122 -9.72 -34.58 -67.12
CA SER C 122 -9.52 -33.79 -68.33
C SER C 122 -10.27 -32.47 -68.27
N VAL C 123 -11.51 -32.48 -67.78
CA VAL C 123 -12.38 -31.31 -67.85
C VAL C 123 -11.94 -30.27 -66.83
N GLN C 124 -11.82 -29.03 -67.26
CA GLN C 124 -11.53 -27.89 -66.41
C GLN C 124 -12.65 -26.87 -66.56
N THR C 125 -13.25 -26.47 -65.44
CA THR C 125 -14.39 -25.57 -65.44
C THR C 125 -14.28 -24.61 -64.27
N LYS C 126 -15.14 -23.59 -64.28
CA LYS C 126 -15.19 -22.64 -63.18
C LYS C 126 -15.77 -23.30 -61.94
N ILE C 127 -15.20 -22.98 -60.77
CA ILE C 127 -15.57 -23.61 -59.52
C ILE C 127 -16.71 -22.84 -58.86
N LYS C 128 -17.50 -23.53 -58.06
CA LYS C 128 -18.64 -22.93 -57.36
C LYS C 128 -18.56 -23.25 -55.88
N LYS C 129 -19.19 -22.39 -55.07
CA LYS C 129 -19.19 -22.56 -53.63
C LYS C 129 -20.04 -23.76 -53.22
N ALA C 130 -19.53 -24.54 -52.26
CA ALA C 130 -20.24 -25.70 -51.74
C ALA C 130 -20.22 -25.63 -50.22
N TYR C 131 -21.41 -25.56 -49.61
CA TYR C 131 -21.50 -25.49 -48.16
C TYR C 131 -21.31 -26.86 -47.52
N PRO C 132 -20.73 -26.91 -46.33
CA PRO C 132 -20.52 -28.19 -45.64
C PRO C 132 -21.77 -28.70 -44.96
N ALA C 133 -21.74 -30.00 -44.65
CA ALA C 133 -22.78 -30.67 -43.88
C ALA C 133 -22.14 -31.37 -42.70
N PHE C 134 -22.71 -31.21 -41.51
CA PHE C 134 -22.09 -31.72 -40.29
C PHE C 134 -23.06 -32.56 -39.48
N ILE C 135 -22.51 -33.56 -38.81
CA ILE C 135 -23.19 -34.28 -37.74
C ILE C 135 -22.33 -34.17 -36.48
N LEU C 136 -22.94 -33.75 -35.39
CA LEU C 136 -22.24 -33.56 -34.13
C LEU C 136 -22.94 -34.35 -33.04
N GLY C 137 -22.14 -35.02 -32.19
CA GLY C 137 -22.72 -35.89 -31.20
C GLY C 137 -21.79 -36.10 -30.02
N SER C 138 -22.30 -36.85 -29.04
CA SER C 138 -21.59 -37.09 -27.79
C SER C 138 -21.32 -38.56 -27.51
N SER C 139 -21.76 -39.48 -28.37
CA SER C 139 -21.51 -40.90 -28.16
C SER C 139 -21.69 -41.65 -29.47
N LEU C 140 -21.01 -42.78 -29.59
CA LEU C 140 -20.85 -43.45 -30.87
C LEU C 140 -21.06 -44.95 -30.71
N THR C 141 -21.15 -45.63 -31.86
CA THR C 141 -21.20 -47.09 -31.93
C THR C 141 -20.79 -47.49 -33.34
N ASN C 142 -20.80 -48.80 -33.60
CA ASN C 142 -20.50 -49.32 -34.93
C ASN C 142 -21.66 -50.17 -35.42
N THR C 143 -21.73 -50.38 -36.74
CA THR C 143 -22.70 -51.35 -37.23
C THR C 143 -22.32 -52.75 -36.76
N SER C 144 -21.29 -53.34 -37.38
CA SER C 144 -20.61 -54.51 -36.84
C SER C 144 -19.10 -54.48 -37.04
N ALA C 145 -18.58 -53.84 -38.07
CA ALA C 145 -17.18 -53.95 -38.46
C ALA C 145 -16.35 -52.72 -38.06
N GLY C 146 -16.95 -51.73 -37.42
CA GLY C 146 -16.23 -50.54 -37.01
C GLY C 146 -16.61 -49.28 -37.75
N GLN C 147 -17.55 -49.33 -38.68
CA GLN C 147 -18.05 -48.11 -39.29
C GLN C 147 -18.78 -47.28 -38.23
N PRO C 148 -18.49 -45.99 -38.13
CA PRO C 148 -19.00 -45.21 -37.00
C PRO C 148 -20.39 -44.63 -37.24
N LEU C 149 -21.29 -44.82 -36.27
CA LEU C 149 -22.63 -44.26 -36.31
C LEU C 149 -22.93 -43.61 -34.97
N TYR C 150 -23.61 -42.48 -35.03
CA TYR C 150 -23.83 -41.67 -33.83
C TYR C 150 -24.96 -42.26 -32.99
N ALA C 151 -24.88 -41.99 -31.69
CA ALA C 151 -25.75 -42.57 -30.69
C ALA C 151 -26.97 -41.67 -30.48
N ASN C 152 -27.60 -41.79 -29.30
CA ASN C 152 -28.98 -41.37 -29.04
C ASN C 152 -29.37 -40.07 -29.74
N TYR C 153 -28.72 -38.96 -29.39
CA TYR C 153 -29.12 -37.66 -29.89
C TYR C 153 -27.97 -37.03 -30.67
N SER C 154 -28.27 -36.48 -31.85
CA SER C 154 -27.25 -35.89 -32.69
C SER C 154 -27.78 -34.61 -33.30
N LEU C 155 -26.93 -33.58 -33.33
CA LEU C 155 -27.23 -32.35 -34.04
C LEU C 155 -26.80 -32.49 -35.49
N THR C 156 -27.73 -32.32 -36.42
CA THR C 156 -27.44 -32.47 -37.85
C THR C 156 -27.68 -31.14 -38.55
N ILE C 157 -26.65 -30.63 -39.22
CA ILE C 157 -26.70 -29.35 -39.91
C ILE C 157 -26.49 -29.62 -41.39
N ILE C 158 -27.51 -29.35 -42.20
CA ILE C 158 -27.49 -29.65 -43.63
C ILE C 158 -27.93 -28.43 -44.44
N PRO C 159 -27.17 -28.03 -45.45
CA PRO C 159 -27.70 -27.06 -46.41
C PRO C 159 -28.59 -27.72 -47.45
N ASP C 160 -29.59 -26.96 -47.90
CA ASP C 160 -30.54 -27.43 -48.89
C ASP C 160 -30.98 -26.24 -49.74
N GLY C 161 -31.90 -26.51 -50.66
CA GLY C 161 -32.40 -25.49 -51.55
C GLY C 161 -31.34 -24.98 -52.51
N CYS C 162 -30.48 -25.87 -53.03
CA CYS C 162 -29.41 -25.49 -53.94
C CYS C 162 -28.51 -24.43 -53.30
N GLY C 163 -28.27 -24.59 -52.00
CA GLY C 163 -27.46 -23.61 -51.27
C GLY C 163 -28.20 -22.35 -50.89
N THR C 164 -29.48 -22.46 -50.51
CA THR C 164 -30.26 -21.30 -50.11
C THR C 164 -30.91 -21.41 -48.74
N VAL C 165 -31.00 -22.60 -48.15
CA VAL C 165 -31.58 -22.77 -46.83
C VAL C 165 -30.65 -23.63 -45.99
N LEU C 166 -30.63 -23.35 -44.69
CA LEU C 166 -29.83 -24.13 -43.75
C LEU C 166 -30.76 -24.75 -42.71
N HIS C 167 -30.64 -26.07 -42.53
CA HIS C 167 -31.51 -26.82 -41.64
C HIS C 167 -30.67 -27.40 -40.50
N ALA C 168 -31.05 -27.12 -39.27
CA ALA C 168 -30.36 -27.67 -38.11
C ALA C 168 -31.37 -28.36 -37.22
N PHE C 169 -31.21 -29.66 -37.04
CA PHE C 169 -32.15 -30.41 -36.20
C PHE C 169 -31.42 -31.32 -35.23
N TYR C 170 -31.83 -31.22 -33.96
CA TYR C 170 -31.28 -32.03 -32.86
C TYR C 170 -32.16 -33.22 -32.58
N CYS C 171 -31.80 -34.38 -33.11
CA CYS C 171 -32.75 -35.46 -32.92
C CYS C 171 -32.09 -36.82 -33.10
N ILE C 172 -32.92 -37.88 -33.07
CA ILE C 172 -32.41 -39.24 -32.90
C ILE C 172 -32.32 -39.91 -34.25
N LEU C 173 -31.14 -40.42 -34.59
CA LEU C 173 -30.93 -41.12 -35.85
C LEU C 173 -31.02 -42.63 -35.59
N LYS C 174 -32.00 -43.28 -36.22
CA LYS C 174 -32.14 -44.72 -36.11
C LYS C 174 -31.72 -45.36 -37.42
N PRO C 175 -30.69 -46.19 -37.43
CA PRO C 175 -30.23 -46.77 -38.70
C PRO C 175 -31.32 -47.60 -39.36
N ARG C 176 -31.60 -47.30 -40.63
CA ARG C 176 -32.61 -48.03 -41.36
C ARG C 176 -32.09 -49.41 -41.76
N THR C 177 -33.01 -50.37 -41.83
CA THR C 177 -32.66 -51.75 -42.11
C THR C 177 -32.77 -52.10 -43.59
N GLY C 178 -32.89 -51.10 -44.45
CA GLY C 178 -33.02 -51.35 -45.88
C GLY C 178 -31.75 -51.94 -46.47
N ASN C 179 -31.84 -52.30 -47.74
CA ASN C 179 -30.70 -52.92 -48.41
C ASN C 179 -29.53 -51.94 -48.49
N ARG C 180 -28.35 -52.42 -48.15
CA ARG C 180 -27.07 -51.72 -48.17
C ARG C 180 -27.13 -50.38 -47.45
N CYS C 181 -28.15 -50.21 -46.61
CA CYS C 181 -28.22 -49.10 -45.67
C CYS C 181 -27.38 -49.43 -44.45
N PRO C 182 -27.15 -48.46 -43.55
CA PRO C 182 -26.30 -48.76 -42.38
C PRO C 182 -26.76 -49.96 -41.56
N GLY C 183 -28.07 -50.16 -41.43
CA GLY C 183 -28.57 -51.36 -40.82
C GLY C 183 -28.72 -52.54 -41.76
N GLY C 184 -28.31 -52.39 -43.01
CA GLY C 184 -28.42 -53.44 -44.00
C GLY C 184 -27.16 -54.29 -44.09
N SER C 185 -26.98 -54.91 -45.25
CA SER C 185 -25.87 -55.84 -45.41
C SER C 185 -24.57 -55.11 -45.74
N GLY C 186 -24.49 -54.52 -46.92
CA GLY C 186 -23.28 -53.82 -47.33
C GLY C 186 -23.35 -52.32 -47.14
N TYR C 187 -22.77 -51.81 -46.07
CA TYR C 187 -22.83 -50.39 -45.75
C TYR C 187 -21.49 -49.77 -46.13
N ASN C 188 -21.45 -49.13 -47.30
CA ASN C 188 -20.22 -48.48 -47.73
C ASN C 188 -20.06 -47.11 -47.09
N ALA C 189 -21.10 -46.27 -47.14
CA ALA C 189 -21.04 -44.91 -46.60
C ALA C 189 -22.42 -44.30 -46.69
N TYR C 190 -22.67 -43.30 -45.84
CA TYR C 190 -23.88 -42.51 -45.88
C TYR C 190 -23.56 -41.09 -46.34
N PHE C 191 -24.45 -40.52 -47.14
CA PHE C 191 -24.18 -39.24 -47.79
C PHE C 191 -25.51 -38.61 -48.16
N ILE C 192 -25.46 -37.35 -48.57
CA ILE C 192 -26.63 -36.64 -49.08
C ILE C 192 -26.45 -36.42 -50.57
N TYR C 193 -27.52 -36.66 -51.33
CA TYR C 193 -27.49 -36.59 -52.78
C TYR C 193 -28.75 -35.91 -53.29
N GLU C 194 -28.57 -34.96 -54.20
CA GLU C 194 -29.69 -34.22 -54.79
C GLU C 194 -29.51 -34.13 -56.29
N THR C 195 -30.62 -34.27 -57.02
CA THR C 195 -30.61 -34.10 -58.47
C THR C 195 -30.83 -32.63 -58.79
N ILE C 196 -29.94 -32.05 -59.61
CA ILE C 196 -30.02 -30.64 -59.94
C ILE C 196 -31.31 -30.34 -60.71
N HIS C 197 -31.72 -31.26 -61.58
CA HIS C 197 -32.90 -31.03 -62.40
C HIS C 197 -34.17 -30.91 -61.55
N ASN C 198 -34.20 -31.62 -60.42
CA ASN C 198 -35.42 -31.61 -59.60
C ASN C 198 -35.68 -30.23 -59.00
N ASP C 199 -34.64 -29.56 -58.51
CA ASP C 199 -34.83 -28.38 -57.67
C ASP C 199 -34.20 -27.11 -58.23
N CYS C 200 -32.92 -27.13 -58.61
CA CYS C 200 -32.22 -25.90 -58.93
C CYS C 200 -32.84 -25.18 -60.12
N ASN C 201 -33.03 -25.89 -61.23
CA ASN C 201 -33.61 -25.30 -62.44
C ASN C 201 -35.13 -25.48 -62.44
N SER C 202 -35.74 -25.09 -61.32
CA SER C 202 -37.17 -25.23 -61.08
C SER C 202 -37.53 -24.57 -59.77
N ALA C 203 -38.80 -24.65 -59.37
CA ALA C 203 -39.19 -24.25 -58.03
C ALA C 203 -38.34 -25.02 -57.02
N ILE C 204 -37.49 -24.31 -56.28
CA ILE C 204 -36.43 -24.96 -55.52
C ILE C 204 -37.04 -25.74 -54.37
N ASN C 205 -36.77 -27.04 -54.33
CA ASN C 205 -37.23 -27.91 -53.25
C ASN C 205 -36.28 -27.77 -52.07
N LYS C 206 -36.78 -27.21 -50.98
CA LYS C 206 -35.96 -26.96 -49.79
C LYS C 206 -35.81 -28.21 -48.92
N ASN C 207 -36.16 -29.39 -49.42
CA ASN C 207 -36.13 -30.60 -48.63
C ASN C 207 -35.34 -31.73 -49.27
N ALA C 208 -34.63 -31.47 -50.38
CA ALA C 208 -34.00 -32.54 -51.13
C ALA C 208 -32.93 -33.27 -50.31
N SER C 209 -31.99 -32.52 -49.72
CA SER C 209 -30.93 -33.17 -48.96
C SER C 209 -31.48 -33.82 -47.71
N LEU C 210 -32.48 -33.19 -47.08
CA LEU C 210 -33.13 -33.82 -45.93
C LEU C 210 -33.82 -35.12 -46.32
N ASN C 211 -34.47 -35.14 -47.49
CA ASN C 211 -35.08 -36.37 -47.97
C ASN C 211 -34.03 -37.44 -48.22
N SER C 212 -32.89 -37.06 -48.80
CA SER C 212 -31.81 -38.02 -48.99
C SER C 212 -31.29 -38.55 -47.66
N PHE C 213 -31.22 -37.66 -46.66
CA PHE C 213 -30.78 -38.07 -45.32
C PHE C 213 -31.75 -39.07 -44.71
N LYS C 214 -33.06 -38.85 -44.91
CA LYS C 214 -34.06 -39.74 -44.32
C LYS C 214 -33.95 -41.16 -44.87
N SER C 215 -33.33 -41.34 -46.03
CA SER C 215 -33.14 -42.69 -46.58
C SER C 215 -32.19 -43.50 -45.70
N PHE C 216 -31.21 -42.84 -45.09
CA PHE C 216 -30.20 -43.54 -44.30
C PHE C 216 -30.59 -43.68 -42.83
N PHE C 217 -31.30 -42.71 -42.27
CA PHE C 217 -31.68 -42.75 -40.86
C PHE C 217 -33.13 -42.32 -40.70
N ASP C 218 -33.79 -42.91 -39.71
CA ASP C 218 -35.13 -42.49 -39.30
C ASP C 218 -35.01 -41.49 -38.16
N LEU C 219 -35.81 -40.44 -38.22
CA LEU C 219 -35.73 -39.34 -37.26
C LEU C 219 -36.66 -39.63 -36.09
N VAL C 220 -36.13 -40.33 -35.09
CA VAL C 220 -36.84 -40.70 -33.88
C VAL C 220 -36.82 -39.50 -32.94
N ASN C 221 -37.63 -39.57 -31.88
CA ASN C 221 -38.59 -38.56 -31.39
C ASN C 221 -38.28 -37.12 -31.79
N CYS C 222 -37.02 -36.75 -31.75
CA CYS C 222 -36.54 -35.64 -32.58
C CYS C 222 -37.02 -34.26 -32.17
N THR C 223 -36.43 -33.76 -31.07
CA THR C 223 -36.90 -32.58 -30.34
C THR C 223 -37.15 -31.37 -31.25
N PHE C 224 -36.12 -30.80 -31.87
CA PHE C 224 -36.35 -29.53 -32.56
C PHE C 224 -35.65 -29.46 -33.91
N PHE C 225 -36.22 -28.58 -34.74
CA PHE C 225 -35.92 -28.41 -36.17
C PHE C 225 -35.96 -26.92 -36.47
N ASN C 226 -34.81 -26.34 -36.79
CA ASN C 226 -34.70 -24.91 -37.09
C ASN C 226 -34.23 -24.72 -38.52
N SER C 227 -34.64 -23.62 -39.13
CA SER C 227 -34.33 -23.35 -40.53
C SER C 227 -34.06 -21.88 -40.73
N TRP C 228 -32.95 -21.56 -41.38
CA TRP C 228 -32.62 -20.19 -41.75
C TRP C 228 -32.46 -20.08 -43.27
N ASP C 229 -32.62 -18.86 -43.77
CA ASP C 229 -32.57 -18.59 -45.20
C ASP C 229 -31.22 -18.01 -45.58
N ILE C 230 -30.68 -18.47 -46.71
CA ILE C 230 -29.37 -18.07 -47.20
C ILE C 230 -29.54 -17.40 -48.56
N THR C 231 -29.03 -16.17 -48.68
CA THR C 231 -29.03 -15.51 -49.97
C THR C 231 -27.98 -16.14 -50.88
N ALA C 232 -28.30 -16.25 -52.16
CA ALA C 232 -27.44 -16.95 -53.12
C ALA C 232 -26.43 -15.98 -53.70
N ASP C 233 -25.15 -16.29 -53.52
CA ASP C 233 -24.05 -15.52 -54.10
C ASP C 233 -22.83 -16.42 -54.17
N GLU C 234 -21.75 -15.90 -54.74
CA GLU C 234 -20.52 -16.65 -54.89
C GLU C 234 -19.37 -15.98 -54.13
N VAL C 235 -19.68 -15.24 -53.07
CA VAL C 235 -18.67 -14.61 -52.26
C VAL C 235 -18.09 -15.63 -51.29
N LYS C 236 -16.79 -15.48 -50.99
CA LYS C 236 -16.18 -16.29 -49.95
C LYS C 236 -16.76 -15.92 -48.59
N GLU C 237 -16.74 -16.86 -47.67
CA GLU C 237 -17.37 -16.61 -46.38
C GLU C 237 -16.78 -17.52 -45.33
N TRP C 238 -17.15 -17.23 -44.08
CA TRP C 238 -16.68 -17.96 -42.92
C TRP C 238 -17.87 -18.50 -42.14
N PHE C 239 -17.71 -19.68 -41.55
CA PHE C 239 -18.74 -20.30 -40.72
C PHE C 239 -18.06 -20.77 -39.45
N GLY C 240 -18.83 -20.92 -38.38
CA GLY C 240 -18.24 -21.31 -37.11
C GLY C 240 -19.23 -21.95 -36.18
N ILE C 241 -18.75 -22.93 -35.40
CA ILE C 241 -19.58 -23.65 -34.43
C ILE C 241 -18.85 -23.67 -33.10
N THR C 242 -19.56 -23.31 -32.04
CA THR C 242 -19.01 -23.27 -30.68
C THR C 242 -20.07 -23.84 -29.74
N GLN C 243 -19.65 -24.30 -28.57
CA GLN C 243 -20.58 -24.75 -27.55
C GLN C 243 -20.16 -24.26 -26.17
N ASP C 244 -21.12 -23.88 -25.36
CA ASP C 244 -20.88 -23.57 -23.96
C ASP C 244 -22.14 -23.93 -23.16
N THR C 245 -22.22 -23.45 -21.92
CA THR C 245 -23.32 -23.83 -21.05
C THR C 245 -24.68 -23.32 -21.53
N GLN C 246 -24.71 -22.27 -22.36
CA GLN C 246 -25.96 -21.85 -22.95
C GLN C 246 -26.41 -22.71 -24.13
N GLY C 247 -25.54 -23.57 -24.65
CA GLY C 247 -25.92 -24.41 -25.77
C GLY C 247 -24.90 -24.31 -26.88
N VAL C 248 -25.36 -24.58 -28.10
CA VAL C 248 -24.51 -24.61 -29.27
C VAL C 248 -24.73 -23.34 -30.07
N HIS C 249 -23.72 -22.50 -30.17
CA HIS C 249 -23.81 -21.24 -30.88
C HIS C 249 -23.26 -21.39 -32.30
N LEU C 250 -23.97 -20.78 -33.25
CA LEU C 250 -23.57 -20.80 -34.66
C LEU C 250 -23.21 -19.39 -35.09
N TYR C 251 -22.06 -19.24 -35.75
CA TYR C 251 -21.57 -17.95 -36.22
C TYR C 251 -21.41 -17.99 -37.73
N SER C 252 -21.68 -16.87 -38.38
CA SER C 252 -21.43 -16.75 -39.81
C SER C 252 -21.08 -15.31 -40.15
N SER C 253 -20.35 -15.16 -41.25
CA SER C 253 -20.02 -13.83 -41.76
C SER C 253 -21.21 -13.18 -42.44
N ARG C 254 -22.06 -13.98 -43.10
CA ARG C 254 -23.18 -13.42 -43.85
C ARG C 254 -24.10 -12.60 -42.97
N LYS C 255 -24.12 -12.89 -41.66
CA LYS C 255 -24.93 -12.13 -40.71
C LYS C 255 -24.09 -10.96 -40.21
N GLY C 256 -24.05 -9.89 -41.00
CA GLY C 256 -23.45 -8.65 -40.55
C GLY C 256 -22.24 -8.16 -41.31
N ASP C 257 -21.31 -9.07 -41.64
CA ASP C 257 -20.11 -8.71 -42.39
C ASP C 257 -19.93 -9.70 -43.54
N LEU C 258 -20.59 -9.41 -44.67
CA LEU C 258 -20.51 -10.32 -45.80
C LEU C 258 -19.16 -10.20 -46.50
N TYR C 259 -18.62 -8.99 -46.58
CA TYR C 259 -17.40 -8.73 -47.35
C TYR C 259 -16.15 -8.81 -46.50
N GLY C 260 -16.15 -8.18 -45.33
CA GLY C 260 -14.97 -8.19 -44.48
C GLY C 260 -14.62 -9.59 -43.99
N GLY C 261 -15.63 -10.36 -43.60
CA GLY C 261 -15.42 -11.74 -43.21
C GLY C 261 -15.47 -12.02 -41.72
N ASN C 262 -15.75 -11.02 -40.89
CA ASN C 262 -15.93 -11.28 -39.46
C ASN C 262 -17.19 -12.10 -39.22
N MET C 263 -17.11 -13.01 -38.26
CA MET C 263 -18.19 -13.94 -37.98
C MET C 263 -19.04 -13.42 -36.84
N PHE C 264 -20.35 -13.39 -37.05
CA PHE C 264 -21.32 -12.94 -36.06
C PHE C 264 -22.30 -14.05 -35.76
N ARG C 265 -22.69 -14.17 -34.49
CA ARG C 265 -23.62 -15.20 -34.07
C ARG C 265 -25.02 -14.91 -34.58
N PHE C 266 -25.74 -15.96 -35.00
CA PHE C 266 -27.13 -15.82 -35.38
C PHE C 266 -28.05 -16.84 -34.74
N ALA C 267 -27.52 -17.84 -34.04
CA ALA C 267 -28.36 -18.90 -33.48
C ALA C 267 -27.70 -19.48 -32.26
N THR C 268 -28.52 -19.82 -31.26
CA THR C 268 -28.09 -20.47 -30.02
C THR C 268 -29.02 -21.66 -29.81
N LEU C 269 -28.63 -22.81 -30.34
CA LEU C 269 -29.45 -24.00 -30.23
C LEU C 269 -29.36 -24.58 -28.81
N PRO C 270 -30.45 -25.15 -28.29
CA PRO C 270 -30.45 -25.76 -26.95
C PRO C 270 -29.95 -27.19 -26.93
N VAL C 271 -28.65 -27.36 -27.14
CA VAL C 271 -27.99 -28.65 -27.07
C VAL C 271 -27.00 -28.57 -25.92
N TYR C 272 -27.42 -29.03 -24.73
CA TYR C 272 -26.63 -28.89 -23.52
C TYR C 272 -25.90 -30.17 -23.12
N GLU C 273 -26.03 -31.26 -23.89
CA GLU C 273 -25.41 -32.51 -23.48
C GLU C 273 -23.89 -32.39 -23.48
N GLY C 274 -23.32 -31.72 -24.48
CA GLY C 274 -21.88 -31.62 -24.60
C GLY C 274 -21.37 -32.40 -25.79
N ILE C 275 -21.09 -31.71 -26.88
CA ILE C 275 -20.68 -32.36 -28.12
C ILE C 275 -19.21 -32.72 -28.03
N LYS C 276 -18.89 -33.97 -28.36
CA LYS C 276 -17.52 -34.46 -28.33
C LYS C 276 -16.97 -34.84 -29.70
N TYR C 277 -17.81 -35.25 -30.63
CA TYR C 277 -17.36 -35.69 -31.94
C TYR C 277 -18.17 -35.02 -33.03
N TYR C 278 -17.55 -34.84 -34.19
CA TYR C 278 -18.23 -34.30 -35.36
C TYR C 278 -17.74 -35.03 -36.59
N THR C 279 -18.53 -34.95 -37.66
CA THR C 279 -18.26 -35.67 -38.89
C THR C 279 -18.84 -34.89 -40.05
N VAL C 280 -18.08 -34.81 -41.14
CA VAL C 280 -18.54 -34.16 -42.36
C VAL C 280 -19.27 -35.18 -43.21
N ILE C 281 -20.48 -34.83 -43.65
CA ILE C 281 -21.28 -35.70 -44.50
C ILE C 281 -20.86 -35.44 -45.95
N PRO C 282 -20.45 -36.46 -46.70
CA PRO C 282 -20.20 -36.27 -48.13
C PRO C 282 -21.46 -35.80 -48.83
N ARG C 283 -21.29 -34.86 -49.77
CA ARG C 283 -22.40 -34.22 -50.47
C ARG C 283 -22.15 -34.29 -51.97
N SER C 284 -22.59 -35.38 -52.59
CA SER C 284 -22.41 -35.54 -54.03
C SER C 284 -23.42 -34.69 -54.79
N PHE C 285 -23.01 -34.22 -55.96
CA PHE C 285 -23.85 -33.44 -56.85
C PHE C 285 -24.17 -34.27 -58.08
N ARG C 286 -25.46 -34.35 -58.43
CA ARG C 286 -25.93 -35.26 -59.46
C ARG C 286 -26.47 -34.46 -60.65
N SER C 287 -25.90 -34.72 -61.83
CA SER C 287 -26.29 -34.07 -63.07
C SER C 287 -25.60 -34.80 -64.21
N LYS C 288 -25.81 -34.31 -65.44
CA LYS C 288 -25.17 -34.93 -66.59
C LYS C 288 -23.68 -34.63 -66.61
N ALA C 289 -22.95 -35.37 -67.44
CA ALA C 289 -21.50 -35.22 -67.51
C ALA C 289 -21.10 -33.83 -68.00
N ASN C 290 -21.79 -33.32 -69.02
CA ASN C 290 -21.44 -32.00 -69.55
C ASN C 290 -21.72 -30.90 -68.52
N ARG C 291 -22.82 -31.02 -67.78
CA ARG C 291 -23.15 -30.02 -66.77
C ARG C 291 -22.23 -30.09 -65.55
N ARG C 292 -21.43 -31.15 -65.43
CA ARG C 292 -20.56 -31.32 -64.27
C ARG C 292 -19.70 -30.10 -64.04
N GLU C 293 -19.70 -29.61 -62.81
CA GLU C 293 -18.88 -28.47 -62.41
C GLU C 293 -18.17 -28.81 -61.11
N ALA C 294 -16.94 -28.33 -60.98
CA ALA C 294 -16.20 -28.52 -59.74
C ALA C 294 -16.75 -27.61 -58.66
N TRP C 295 -16.71 -28.09 -57.42
CA TRP C 295 -17.20 -27.34 -56.28
C TRP C 295 -16.06 -27.05 -55.33
N ALA C 296 -16.05 -25.82 -54.79
CA ALA C 296 -14.92 -25.36 -54.00
C ALA C 296 -14.76 -26.17 -52.72
N ALA C 297 -13.52 -26.33 -52.30
CA ALA C 297 -13.22 -27.02 -51.05
C ALA C 297 -13.60 -26.15 -49.87
N PHE C 298 -13.67 -26.78 -48.69
CA PHE C 298 -13.82 -26.02 -47.47
C PHE C 298 -12.82 -26.52 -46.43
N TYR C 299 -12.39 -25.61 -45.56
CA TYR C 299 -11.31 -25.87 -44.63
C TYR C 299 -11.82 -25.76 -43.19
N VAL C 300 -11.61 -26.81 -42.42
CA VAL C 300 -12.11 -26.89 -41.04
C VAL C 300 -10.92 -26.66 -40.11
N TYR C 301 -10.74 -25.42 -39.68
CA TYR C 301 -9.75 -25.08 -38.69
C TYR C 301 -10.33 -25.28 -37.29
N LYS C 302 -9.45 -25.63 -36.35
CA LYS C 302 -9.84 -26.00 -35.00
C LYS C 302 -9.57 -24.86 -34.04
N LEU C 303 -10.57 -24.53 -33.22
CA LEU C 303 -10.46 -23.40 -32.31
C LEU C 303 -9.69 -23.77 -31.05
N HIS C 304 -8.88 -22.83 -30.57
CA HIS C 304 -8.13 -22.98 -29.34
C HIS C 304 -8.36 -21.77 -28.46
N GLN C 305 -8.17 -21.95 -27.16
CA GLN C 305 -8.28 -20.84 -26.22
C GLN C 305 -7.01 -20.00 -26.32
N LEU C 306 -7.11 -18.83 -26.94
CA LEU C 306 -5.96 -18.01 -27.25
C LEU C 306 -6.28 -16.56 -26.95
N THR C 307 -5.25 -15.72 -27.07
CA THR C 307 -5.39 -14.27 -27.03
C THR C 307 -4.92 -13.69 -28.35
N TYR C 308 -5.72 -12.78 -28.92
CA TYR C 308 -5.26 -11.99 -30.04
C TYR C 308 -5.26 -10.50 -29.72
N LEU C 309 -4.56 -9.76 -30.58
CA LEU C 309 -4.65 -8.32 -30.66
C LEU C 309 -5.56 -7.98 -31.83
N LEU C 310 -6.63 -7.23 -31.56
CA LEU C 310 -7.66 -6.90 -32.53
C LEU C 310 -7.62 -5.41 -32.80
N ASP C 311 -7.68 -5.04 -34.08
CA ASP C 311 -7.80 -3.64 -34.48
C ASP C 311 -9.19 -3.40 -35.06
N PHE C 312 -9.92 -2.46 -34.46
CA PHE C 312 -11.29 -2.12 -34.84
C PHE C 312 -11.28 -0.80 -35.58
N SER C 313 -11.86 -0.81 -36.78
CA SER C 313 -11.93 0.38 -37.62
C SER C 313 -12.95 1.34 -37.03
N VAL C 314 -13.21 2.44 -37.75
CA VAL C 314 -14.23 3.37 -37.29
C VAL C 314 -15.62 2.76 -37.45
N ASP C 315 -15.86 2.04 -38.54
CA ASP C 315 -17.15 1.39 -38.73
C ASP C 315 -17.37 0.24 -37.76
N GLY C 316 -16.34 -0.17 -37.01
CA GLY C 316 -16.48 -1.20 -36.02
C GLY C 316 -15.99 -2.57 -36.43
N TYR C 317 -15.57 -2.75 -37.67
CA TYR C 317 -15.11 -4.03 -38.16
C TYR C 317 -13.64 -4.20 -37.85
N ILE C 318 -13.19 -5.46 -37.91
CA ILE C 318 -11.81 -5.82 -37.61
C ILE C 318 -11.06 -6.00 -38.92
N ARG C 319 -9.90 -5.34 -39.03
CA ARG C 319 -9.09 -5.43 -40.24
C ARG C 319 -7.69 -5.95 -40.00
N ARG C 320 -7.17 -5.90 -38.77
CA ARG C 320 -5.87 -6.46 -38.46
C ARG C 320 -5.95 -7.23 -37.16
N THR C 321 -5.27 -8.38 -37.14
CA THR C 321 -5.18 -9.22 -35.95
C THR C 321 -3.74 -9.70 -35.79
N ILE C 322 -3.36 -9.93 -34.54
CA ILE C 322 -2.05 -10.49 -34.22
C ILE C 322 -2.24 -11.65 -33.25
N ASP C 323 -1.74 -12.83 -33.62
CA ASP C 323 -1.73 -13.95 -32.70
C ASP C 323 -0.64 -13.74 -31.65
N CYS C 324 -1.05 -13.58 -30.40
CA CYS C 324 -0.14 -13.10 -29.36
C CYS C 324 0.78 -14.19 -28.82
N GLY C 325 0.87 -15.34 -29.48
CA GLY C 325 1.73 -16.40 -28.99
C GLY C 325 2.50 -17.06 -30.11
N HIS C 326 2.37 -16.55 -31.33
CA HIS C 326 3.00 -17.18 -32.48
C HIS C 326 4.52 -17.05 -32.41
N ASP C 327 5.01 -15.85 -32.14
CA ASP C 327 6.45 -15.61 -32.07
C ASP C 327 6.70 -14.43 -31.15
N ASP C 328 7.98 -14.13 -30.94
CA ASP C 328 8.37 -13.15 -29.93
C ASP C 328 7.86 -11.76 -30.29
N LEU C 329 7.95 -11.37 -31.56
CA LEU C 329 7.49 -10.05 -31.96
C LEU C 329 5.99 -9.88 -31.73
N SER C 330 5.21 -10.93 -31.94
CA SER C 330 3.78 -10.87 -31.67
C SER C 330 3.51 -10.63 -30.19
N GLN C 331 4.22 -11.34 -29.33
CA GLN C 331 4.05 -11.16 -27.90
C GLN C 331 4.46 -9.75 -27.48
N LEU C 332 5.51 -9.22 -28.09
CA LEU C 332 5.90 -7.83 -27.82
C LEU C 332 4.80 -6.87 -28.23
N HIS C 333 4.21 -7.08 -29.41
CA HIS C 333 3.16 -6.18 -29.89
C HIS C 333 1.95 -6.22 -28.97
N CYS C 334 1.57 -7.41 -28.51
CA CYS C 334 0.44 -7.50 -27.60
C CYS C 334 0.76 -6.96 -26.21
N SER C 335 2.02 -7.05 -25.79
CA SER C 335 2.40 -6.54 -24.47
C SER C 335 2.20 -5.04 -24.39
N TYR C 336 2.52 -4.32 -25.46
CA TYR C 336 2.28 -2.89 -25.55
C TYR C 336 0.90 -2.57 -26.08
N THR C 337 0.05 -3.58 -26.28
CA THR C 337 -1.31 -3.50 -26.83
C THR C 337 -1.41 -2.51 -27.98
N SER C 338 -0.42 -2.51 -28.87
CA SER C 338 -0.44 -1.64 -30.04
C SER C 338 0.30 -2.33 -31.17
N PHE C 339 -0.07 -1.97 -32.41
CA PHE C 339 0.55 -2.53 -33.60
C PHE C 339 1.88 -1.88 -33.94
N GLU C 340 2.28 -0.82 -33.24
CA GLU C 340 3.53 -0.12 -33.52
C GLU C 340 4.29 0.08 -32.22
N VAL C 341 5.53 -0.39 -32.19
CA VAL C 341 6.38 -0.31 -31.02
C VAL C 341 7.73 0.29 -31.43
N ASP C 342 8.30 1.11 -30.56
CA ASP C 342 9.57 1.76 -30.86
C ASP C 342 10.69 0.72 -30.95
N THR C 343 11.88 1.21 -31.26
CA THR C 343 13.05 0.35 -31.47
C THR C 343 13.82 0.22 -30.16
N GLY C 344 14.03 -1.02 -29.72
CA GLY C 344 14.73 -1.24 -28.47
C GLY C 344 14.78 -2.72 -28.14
N VAL C 345 15.30 -3.00 -26.95
CA VAL C 345 15.38 -4.37 -26.42
C VAL C 345 14.33 -4.51 -25.34
N TYR C 346 13.43 -5.46 -25.50
CA TYR C 346 12.23 -5.57 -24.70
C TYR C 346 12.21 -6.92 -24.00
N SER C 347 11.91 -6.91 -22.70
CA SER C 347 11.89 -8.13 -21.90
C SER C 347 10.49 -8.72 -21.91
N VAL C 348 10.26 -9.69 -22.79
CA VAL C 348 8.98 -10.39 -22.87
C VAL C 348 8.94 -11.51 -21.84
N SER C 349 7.76 -12.10 -21.66
CA SER C 349 7.56 -13.16 -20.68
C SER C 349 8.32 -14.43 -21.08
N SER C 354 6.64 -26.67 -18.69
CA SER C 354 6.04 -27.58 -19.70
C SER C 354 5.30 -28.73 -19.02
N ALA C 355 3.98 -28.59 -18.78
CA ALA C 355 3.21 -29.74 -18.23
C ALA C 355 3.88 -30.32 -16.99
N ILE C 356 3.84 -29.60 -15.87
CA ILE C 356 4.43 -30.08 -14.59
C ILE C 356 3.78 -31.44 -14.29
N GLY C 357 4.57 -32.41 -13.82
CA GLY C 357 4.04 -33.74 -13.46
C GLY C 357 3.73 -33.93 -11.99
N THR C 358 3.86 -35.15 -11.46
CA THR C 358 3.50 -35.56 -10.10
C THR C 358 4.51 -36.55 -9.56
N PHE C 359 4.87 -36.39 -8.28
CA PHE C 359 5.75 -37.29 -7.56
C PHE C 359 5.14 -37.57 -6.20
N ILE C 360 4.87 -38.84 -5.92
CA ILE C 360 4.17 -39.26 -4.70
C ILE C 360 4.89 -40.46 -4.11
N GLU C 361 5.50 -40.27 -2.94
CA GLU C 361 5.98 -41.37 -2.11
C GLU C 361 5.13 -41.42 -0.85
N GLN C 362 4.30 -42.45 -0.74
CA GLN C 362 3.54 -42.65 0.48
C GLN C 362 3.84 -44.05 1.03
N PRO C 363 3.77 -44.23 2.34
CA PRO C 363 4.20 -45.49 2.93
C PRO C 363 3.18 -46.60 2.69
N ASN C 364 3.66 -47.84 2.87
CA ASN C 364 2.79 -49.01 2.85
C ASN C 364 2.29 -49.21 4.28
N ALA C 365 1.09 -48.72 4.57
CA ALA C 365 0.62 -48.61 5.93
C ALA C 365 -0.69 -49.38 6.12
N THR C 366 -0.93 -49.78 7.36
CA THR C 366 -2.10 -50.55 7.74
C THR C 366 -3.34 -49.66 7.76
N GLU C 367 -4.50 -50.31 7.65
CA GLU C 367 -5.76 -49.59 7.64
C GLU C 367 -6.02 -48.90 8.97
N CYS C 368 -6.50 -47.66 8.90
CA CYS C 368 -6.91 -46.96 10.12
C CYS C 368 -8.07 -47.71 10.75
N ASP C 369 -8.05 -47.85 12.08
CA ASP C 369 -9.07 -48.59 12.79
C ASP C 369 -10.05 -47.63 13.45
N PHE C 370 -11.32 -47.70 13.03
CA PHE C 370 -12.40 -46.97 13.68
C PHE C 370 -13.22 -47.87 14.59
N SER C 371 -12.75 -49.09 14.84
CA SER C 371 -13.49 -50.02 15.70
C SER C 371 -13.80 -49.47 17.08
N PRO C 372 -12.89 -48.76 17.77
CA PRO C 372 -13.25 -48.23 19.10
C PRO C 372 -14.49 -47.36 19.09
N MET C 373 -14.78 -46.69 17.99
CA MET C 373 -15.97 -45.85 17.92
C MET C 373 -17.24 -46.69 17.89
N PHE C 374 -17.18 -47.89 17.30
CA PHE C 374 -18.37 -48.69 17.08
C PHE C 374 -18.63 -49.71 18.18
N LYS C 375 -17.81 -49.78 19.21
CA LYS C 375 -18.00 -50.71 20.32
C LYS C 375 -18.27 -49.94 21.59
N GLY C 376 -19.46 -50.13 22.14
CA GLY C 376 -19.85 -49.49 23.38
C GLY C 376 -20.87 -48.38 23.17
N VAL C 377 -21.51 -48.00 24.28
CA VAL C 377 -22.45 -46.91 24.25
C VAL C 377 -21.74 -45.63 23.80
N ALA C 378 -22.38 -44.88 22.91
CA ALA C 378 -21.79 -43.64 22.42
C ALA C 378 -21.62 -42.66 23.59
N PRO C 379 -20.49 -41.98 23.68
CA PRO C 379 -20.24 -41.09 24.82
C PRO C 379 -21.02 -39.79 24.73
N GLN C 380 -21.16 -39.14 25.88
CA GLN C 380 -21.89 -37.89 25.96
C GLN C 380 -21.01 -36.73 25.48
N VAL C 381 -21.61 -35.54 25.40
CA VAL C 381 -20.89 -34.38 24.89
C VAL C 381 -19.76 -34.00 25.83
N TYR C 382 -20.01 -34.04 27.14
CA TYR C 382 -18.98 -33.69 28.11
C TYR C 382 -17.99 -34.84 28.34
N ASN C 383 -18.31 -36.03 27.87
CA ASN C 383 -17.47 -37.21 28.01
C ASN C 383 -17.02 -37.70 26.64
N PHE C 384 -16.70 -36.77 25.74
CA PHE C 384 -16.36 -37.11 24.37
C PHE C 384 -15.13 -38.01 24.33
N LYS C 385 -14.95 -38.69 23.20
CA LYS C 385 -13.84 -39.61 23.03
C LYS C 385 -13.01 -39.21 21.83
N ARG C 386 -11.69 -39.27 21.99
CA ARG C 386 -10.75 -38.79 20.99
C ARG C 386 -9.96 -39.94 20.39
N LEU C 387 -9.84 -39.92 19.07
CA LEU C 387 -9.04 -40.88 18.32
C LEU C 387 -8.00 -40.11 17.53
N VAL C 388 -6.73 -40.49 17.70
CA VAL C 388 -5.62 -39.89 16.99
C VAL C 388 -5.12 -40.89 15.96
N PHE C 389 -5.07 -40.46 14.70
CA PHE C 389 -4.69 -41.32 13.59
C PHE C 389 -3.38 -40.78 13.03
N SER C 390 -2.38 -41.66 12.96
CA SER C 390 -1.10 -41.35 12.34
C SER C 390 -0.56 -42.64 11.74
N ASN C 391 0.04 -42.53 10.57
CA ASN C 391 0.63 -43.67 9.86
C ASN C 391 -0.41 -44.76 9.63
N CYS C 392 -1.44 -44.42 8.85
CA CYS C 392 -2.47 -45.38 8.50
C CYS C 392 -3.24 -44.90 7.28
N ASN C 393 -4.10 -45.79 6.77
CA ASN C 393 -4.90 -45.54 5.58
C ASN C 393 -6.37 -45.75 5.90
N TYR C 394 -7.23 -44.91 5.34
CA TYR C 394 -8.66 -45.06 5.55
C TYR C 394 -9.38 -45.21 4.23
N ASN C 395 -10.53 -45.90 4.28
CA ASN C 395 -11.38 -46.15 3.13
C ASN C 395 -12.59 -45.24 3.22
N LEU C 396 -12.71 -44.29 2.27
CA LEU C 396 -13.78 -43.31 2.34
C LEU C 396 -15.16 -43.94 2.10
N THR C 397 -15.22 -45.01 1.31
CA THR C 397 -16.51 -45.62 0.99
C THR C 397 -17.21 -46.13 2.25
N LYS C 398 -16.47 -46.79 3.13
CA LYS C 398 -17.05 -47.26 4.38
C LYS C 398 -17.63 -46.10 5.17
N LEU C 399 -16.87 -45.03 5.33
CA LEU C 399 -17.35 -43.89 6.12
C LEU C 399 -18.57 -43.24 5.49
N LEU C 400 -18.59 -43.12 4.16
CA LEU C 400 -19.79 -42.58 3.52
C LEU C 400 -20.99 -43.46 3.78
N SER C 401 -20.82 -44.78 3.73
CA SER C 401 -21.95 -45.68 3.92
C SER C 401 -22.46 -45.65 5.36
N LEU C 402 -21.54 -45.54 6.33
CA LEU C 402 -21.93 -45.75 7.73
C LEU C 402 -22.60 -44.54 8.38
N PHE C 403 -22.49 -43.34 7.81
CA PHE C 403 -23.06 -42.15 8.42
C PHE C 403 -23.82 -41.33 7.40
N ALA C 404 -24.75 -40.51 7.90
CA ALA C 404 -25.51 -39.57 7.09
C ALA C 404 -25.28 -38.17 7.65
N VAL C 405 -24.50 -37.38 6.94
CA VAL C 405 -24.04 -36.09 7.44
C VAL C 405 -25.15 -35.06 7.31
N ASP C 406 -25.30 -34.22 8.34
CA ASP C 406 -26.32 -33.18 8.36
C ASP C 406 -25.75 -31.76 8.34
N GLU C 407 -24.58 -31.55 8.94
CA GLU C 407 -23.93 -30.25 8.92
C GLU C 407 -22.42 -30.46 8.93
N PHE C 408 -21.67 -29.69 8.15
CA PHE C 408 -20.22 -29.91 8.06
C PHE C 408 -19.44 -28.60 8.13
N SER C 409 -19.77 -27.75 9.10
CA SER C 409 -19.14 -26.43 9.16
C SER C 409 -17.64 -26.54 9.34
N CYS C 410 -16.87 -26.08 8.36
CA CYS C 410 -15.42 -26.24 8.33
C CYS C 410 -14.72 -24.88 8.37
N ASN C 411 -13.58 -24.85 9.03
CA ASN C 411 -12.79 -23.63 9.20
C ASN C 411 -11.33 -23.97 8.91
N GLY C 412 -10.80 -23.41 7.83
CA GLY C 412 -9.42 -23.58 7.44
C GLY C 412 -9.17 -24.63 6.37
N ILE C 413 -10.14 -25.51 6.13
CA ILE C 413 -9.99 -26.63 5.21
C ILE C 413 -11.38 -26.97 4.68
N SER C 414 -11.42 -27.85 3.68
CA SER C 414 -12.69 -28.35 3.19
C SER C 414 -12.72 -29.88 3.24
N PRO C 415 -13.90 -30.48 3.35
CA PRO C 415 -13.96 -31.95 3.39
C PRO C 415 -13.36 -32.62 2.17
N ASP C 416 -13.46 -32.01 0.99
CA ASP C 416 -12.87 -32.60 -0.20
C ASP C 416 -11.35 -32.64 -0.09
N ALA C 417 -10.75 -31.59 0.48
CA ALA C 417 -9.31 -31.59 0.67
C ALA C 417 -8.88 -32.73 1.59
N ILE C 418 -9.61 -32.93 2.70
CA ILE C 418 -9.33 -34.06 3.57
C ILE C 418 -9.55 -35.38 2.84
N ALA C 419 -10.41 -35.39 1.83
CA ALA C 419 -10.72 -36.63 1.13
C ALA C 419 -9.73 -36.98 0.04
N ARG C 420 -9.00 -36.00 -0.52
CA ARG C 420 -8.06 -36.28 -1.59
C ARG C 420 -6.63 -35.90 -1.24
N GLY C 421 -6.31 -35.72 0.04
CA GLY C 421 -4.99 -35.32 0.45
C GLY C 421 -4.47 -36.17 1.59
N CYS C 422 -3.15 -36.13 1.76
CA CYS C 422 -2.47 -36.88 2.80
C CYS C 422 -1.91 -35.92 3.84
N TYR C 423 -2.02 -36.30 5.12
CA TYR C 423 -1.73 -35.40 6.22
C TYR C 423 -0.91 -36.12 7.28
N SER C 424 -0.27 -35.33 8.14
CA SER C 424 0.56 -35.91 9.19
C SER C 424 -0.30 -36.54 10.29
N THR C 425 -1.22 -35.78 10.88
CA THR C 425 -2.01 -36.29 11.99
C THR C 425 -3.48 -35.94 11.82
N LEU C 426 -4.37 -36.89 12.15
CA LEU C 426 -5.81 -36.69 12.09
C LEU C 426 -6.41 -36.93 13.47
N THR C 427 -7.06 -35.92 14.04
CA THR C 427 -7.61 -36.03 15.38
C THR C 427 -9.12 -35.89 15.32
N VAL C 428 -9.83 -36.89 15.83
CA VAL C 428 -11.30 -36.91 15.78
C VAL C 428 -11.82 -36.93 17.21
N ASP C 429 -12.65 -35.95 17.55
CA ASP C 429 -13.36 -35.91 18.83
C ASP C 429 -14.82 -36.22 18.54
N TYR C 430 -15.30 -37.37 19.01
CA TYR C 430 -16.68 -37.75 18.71
C TYR C 430 -17.48 -37.90 19.99
N PHE C 431 -18.79 -37.66 19.86
CA PHE C 431 -19.71 -37.75 20.98
C PHE C 431 -21.13 -37.82 20.43
N ALA C 432 -22.10 -37.91 21.34
CA ALA C 432 -23.51 -37.94 20.99
C ALA C 432 -24.13 -36.58 21.28
N TYR C 433 -24.67 -35.94 20.26
CA TYR C 433 -25.20 -34.59 20.36
C TYR C 433 -26.53 -34.52 19.61
N PRO C 434 -27.61 -34.07 20.25
CA PRO C 434 -28.89 -33.96 19.54
C PRO C 434 -28.80 -32.98 18.38
N LEU C 435 -29.44 -33.33 17.26
CA LEU C 435 -29.48 -32.41 16.13
C LEU C 435 -30.29 -31.16 16.44
N SER C 436 -31.33 -31.30 17.29
CA SER C 436 -32.18 -30.18 17.63
C SER C 436 -31.45 -29.07 18.37
N MET C 437 -30.27 -29.34 18.91
CA MET C 437 -29.44 -28.33 19.54
C MET C 437 -28.23 -27.95 18.71
N LYS C 438 -28.31 -28.15 17.39
CA LYS C 438 -27.14 -27.94 16.54
C LYS C 438 -26.60 -26.52 16.61
N SER C 439 -27.42 -25.55 17.00
CA SER C 439 -26.95 -24.18 17.11
C SER C 439 -26.09 -23.95 18.35
N TYR C 440 -26.33 -24.71 19.42
CA TYR C 440 -25.64 -24.45 20.67
C TYR C 440 -24.18 -24.86 20.64
N ILE C 441 -23.74 -25.58 19.62
CA ILE C 441 -22.33 -25.97 19.49
C ILE C 441 -21.58 -25.09 18.50
N ARG C 442 -22.24 -24.12 17.88
CA ARG C 442 -21.57 -23.23 16.96
C ARG C 442 -20.60 -22.31 17.70
N PRO C 443 -19.56 -21.81 17.03
CA PRO C 443 -18.71 -20.79 17.64
C PRO C 443 -19.50 -19.51 17.82
N GLY C 444 -19.43 -18.96 19.02
CA GLY C 444 -20.24 -17.80 19.36
C GLY C 444 -21.50 -18.13 20.12
N SER C 445 -21.81 -19.40 20.32
CA SER C 445 -23.03 -19.77 21.03
C SER C 445 -23.01 -19.23 22.45
N ALA C 446 -24.19 -18.85 22.94
CA ALA C 446 -24.34 -18.28 24.26
C ALA C 446 -24.85 -19.27 25.28
N GLY C 447 -24.92 -20.56 24.92
CA GLY C 447 -25.44 -21.58 25.81
C GLY C 447 -24.40 -22.10 26.76
N ASN C 448 -24.64 -23.32 27.26
CA ASN C 448 -23.77 -23.98 28.21
C ASN C 448 -22.84 -25.01 27.58
N ILE C 449 -23.07 -25.39 26.32
CA ILE C 449 -22.20 -26.36 25.67
C ILE C 449 -20.77 -25.87 25.55
N PRO C 450 -20.50 -24.66 25.02
CA PRO C 450 -19.11 -24.20 24.97
C PRO C 450 -18.54 -23.82 26.32
N LEU C 451 -19.37 -23.71 27.36
CA LEU C 451 -18.89 -23.32 28.68
C LEU C 451 -18.46 -24.52 29.51
N TYR C 452 -19.31 -25.54 29.60
CA TYR C 452 -19.05 -26.66 30.49
C TYR C 452 -18.93 -28.00 29.79
N ASN C 453 -19.23 -28.10 28.50
CA ASN C 453 -19.32 -29.40 27.84
C ASN C 453 -18.24 -29.61 26.80
N TYR C 454 -18.14 -28.74 25.79
CA TYR C 454 -17.17 -28.93 24.72
C TYR C 454 -16.90 -27.61 24.02
N LYS C 455 -15.64 -27.18 24.03
CA LYS C 455 -15.22 -26.00 23.30
C LYS C 455 -14.24 -26.40 22.21
N GLN C 456 -14.53 -25.98 20.99
CA GLN C 456 -13.71 -26.35 19.84
C GLN C 456 -12.51 -25.41 19.73
N SER C 457 -11.37 -25.96 19.33
CA SER C 457 -10.13 -25.20 19.20
C SER C 457 -9.84 -24.94 17.73
N PHE C 458 -9.35 -23.72 17.44
CA PHE C 458 -9.15 -23.28 16.06
C PHE C 458 -7.69 -23.04 15.74
N ALA C 459 -6.77 -23.68 16.47
CA ALA C 459 -5.36 -23.55 16.15
C ALA C 459 -5.04 -24.17 14.80
N HIS C 460 -5.68 -25.30 14.48
CA HIS C 460 -5.42 -26.03 13.26
C HIS C 460 -6.66 -26.04 12.38
N PRO C 461 -6.57 -26.46 11.11
CA PRO C 461 -7.79 -26.62 10.31
C PRO C 461 -8.74 -27.63 10.95
N THR C 462 -10.02 -27.28 11.00
CA THR C 462 -10.99 -28.10 11.70
C THR C 462 -12.28 -28.20 10.89
N CYS C 463 -13.05 -29.25 11.16
CA CYS C 463 -14.37 -29.44 10.61
C CYS C 463 -15.29 -29.97 11.70
N ARG C 464 -16.45 -29.35 11.86
CA ARG C 464 -17.47 -29.80 12.79
C ARG C 464 -18.58 -30.45 11.98
N VAL C 465 -18.77 -31.75 12.20
CA VAL C 465 -19.72 -32.55 11.42
C VAL C 465 -20.77 -33.09 12.38
N LEU C 466 -22.01 -32.68 12.17
CA LEU C 466 -23.15 -33.26 12.87
C LEU C 466 -23.83 -34.22 11.92
N ALA C 467 -23.96 -35.49 12.34
CA ALA C 467 -24.44 -36.56 11.47
C ALA C 467 -25.40 -37.44 12.26
N SER C 468 -26.10 -38.31 11.54
CA SER C 468 -27.03 -39.25 12.15
C SER C 468 -26.70 -40.66 11.69
N VAL C 469 -26.71 -41.60 12.63
CA VAL C 469 -26.35 -42.99 12.36
C VAL C 469 -27.55 -43.77 11.86
N PRO C 470 -27.46 -44.43 10.72
CA PRO C 470 -28.58 -45.24 10.21
C PRO C 470 -28.89 -46.39 11.15
N PRO C 471 -30.13 -46.88 11.13
CA PRO C 471 -30.51 -47.97 12.05
C PRO C 471 -29.71 -49.25 11.88
N ASN C 472 -29.28 -49.57 10.65
CA ASN C 472 -28.55 -50.81 10.44
C ASN C 472 -27.16 -50.78 11.06
N VAL C 473 -26.52 -49.60 11.11
CA VAL C 473 -25.20 -49.48 11.70
C VAL C 473 -25.29 -49.77 13.20
N THR C 474 -24.33 -50.55 13.70
CA THR C 474 -24.37 -51.04 15.08
C THR C 474 -23.52 -50.15 15.99
N ILE C 475 -24.13 -49.06 16.42
CA ILE C 475 -23.61 -48.21 17.48
C ILE C 475 -24.68 -48.15 18.56
N THR C 476 -24.37 -48.70 19.73
CA THR C 476 -25.37 -48.76 20.80
C THR C 476 -25.78 -47.37 21.22
N LYS C 477 -27.06 -47.06 21.03
CA LYS C 477 -27.57 -45.75 21.41
C LYS C 477 -27.51 -45.59 22.93
N PRO C 478 -27.20 -44.40 23.41
CA PRO C 478 -27.29 -44.16 24.86
C PRO C 478 -28.73 -44.14 25.33
N GLU C 479 -28.93 -43.82 26.60
CA GLU C 479 -30.24 -43.38 27.07
C GLU C 479 -30.32 -41.92 26.66
N ALA C 480 -31.29 -41.17 27.17
CA ALA C 480 -31.46 -39.77 26.77
C ALA C 480 -30.16 -39.00 26.84
N TYR C 481 -30.03 -37.99 25.98
CA TYR C 481 -28.82 -37.19 25.92
C TYR C 481 -28.64 -36.41 27.22
N GLY C 482 -27.42 -35.97 27.47
CA GLY C 482 -27.14 -35.21 28.66
C GLY C 482 -26.12 -34.13 28.40
N TYR C 483 -26.19 -33.07 29.18
CA TYR C 483 -25.18 -32.01 29.09
C TYR C 483 -25.15 -31.24 30.39
N ILE C 484 -23.98 -30.68 30.70
CA ILE C 484 -23.76 -30.02 31.98
C ILE C 484 -24.28 -28.59 31.89
N SER C 485 -25.05 -28.17 32.89
CA SER C 485 -25.62 -26.83 32.94
C SER C 485 -24.98 -25.93 33.98
N LYS C 486 -24.27 -26.48 34.95
CA LYS C 486 -23.55 -25.68 35.93
C LYS C 486 -22.33 -26.46 36.41
N CYS C 487 -21.23 -25.74 36.62
CA CYS C 487 -20.00 -26.33 37.17
C CYS C 487 -19.26 -25.19 37.84
N SER C 488 -19.29 -25.16 39.17
CA SER C 488 -18.71 -24.04 39.90
C SER C 488 -18.15 -24.53 41.23
N ARG C 489 -17.19 -23.77 41.74
CA ARG C 489 -16.57 -24.04 43.03
C ARG C 489 -17.19 -23.12 44.08
N LEU C 490 -17.83 -23.73 45.07
CA LEU C 490 -18.40 -22.97 46.18
C LEU C 490 -17.36 -22.79 47.27
N THR C 491 -17.19 -21.55 47.72
CA THR C 491 -16.29 -21.27 48.83
C THR C 491 -16.82 -20.07 49.61
N GLY C 492 -16.08 -19.71 50.65
CA GLY C 492 -16.51 -18.77 51.67
C GLY C 492 -16.79 -19.48 52.98
N ASP C 493 -16.69 -18.72 54.08
CA ASP C 493 -16.93 -19.30 55.40
C ASP C 493 -18.36 -19.82 55.52
N TYR C 494 -19.33 -19.07 55.01
CA TYR C 494 -20.72 -19.50 54.95
C TYR C 494 -21.04 -20.27 53.69
N GLN C 495 -20.04 -20.57 52.86
CA GLN C 495 -20.25 -21.16 51.53
C GLN C 495 -21.19 -20.30 50.70
N HIS C 496 -20.84 -19.01 50.57
CA HIS C 496 -21.74 -18.04 49.99
C HIS C 496 -21.25 -17.46 48.67
N ILE C 497 -20.01 -17.72 48.27
CA ILE C 497 -19.51 -17.21 47.00
C ILE C 497 -19.24 -18.38 46.07
N GLU C 498 -19.58 -18.20 44.80
CA GLU C 498 -19.58 -19.28 43.81
C GLU C 498 -18.79 -18.84 42.60
N THR C 499 -17.76 -19.62 42.24
CA THR C 499 -16.89 -19.30 41.12
C THR C 499 -17.16 -20.26 39.97
N PRO C 500 -17.76 -19.80 38.87
CA PRO C 500 -17.96 -20.70 37.72
C PRO C 500 -16.64 -21.20 37.17
N LEU C 501 -16.65 -22.45 36.71
CA LEU C 501 -15.48 -23.10 36.12
C LEU C 501 -15.73 -23.35 34.64
N TYR C 502 -14.80 -22.94 33.80
CA TYR C 502 -14.97 -22.97 32.36
C TYR C 502 -13.85 -23.77 31.73
N ILE C 503 -14.17 -24.56 30.71
CA ILE C 503 -13.20 -25.43 30.08
C ILE C 503 -12.37 -24.64 29.07
N ASN C 504 -11.28 -25.22 28.63
CA ASN C 504 -10.39 -24.68 27.61
C ASN C 504 -10.59 -25.45 26.31
N PRO C 505 -10.29 -24.84 25.16
CA PRO C 505 -10.58 -25.49 23.88
C PRO C 505 -9.96 -26.88 23.74
N GLY C 506 -10.80 -27.90 23.64
CA GLY C 506 -10.37 -29.26 23.50
C GLY C 506 -10.26 -30.04 24.80
N GLU C 507 -10.31 -29.36 25.95
CA GLU C 507 -10.13 -30.04 27.23
C GLU C 507 -11.43 -30.64 27.72
N TYR C 508 -11.35 -31.32 28.86
CA TYR C 508 -12.50 -31.90 29.53
C TYR C 508 -12.92 -31.02 30.70
N SER C 509 -14.17 -31.17 31.09
CA SER C 509 -14.66 -30.44 32.26
C SER C 509 -14.21 -31.12 33.54
N ILE C 510 -14.25 -30.36 34.64
CA ILE C 510 -13.95 -30.92 35.95
C ILE C 510 -15.18 -31.52 36.60
N CYS C 511 -16.37 -31.26 36.06
CA CYS C 511 -17.61 -31.86 36.54
C CYS C 511 -17.98 -33.12 35.77
N ARG C 512 -17.04 -33.67 34.99
CA ARG C 512 -17.33 -34.87 34.22
C ARG C 512 -17.59 -36.08 35.13
N ASP C 513 -16.82 -36.20 36.21
CA ASP C 513 -16.82 -37.41 37.02
C ASP C 513 -18.11 -37.61 37.81
N PHE C 514 -18.99 -36.61 37.88
CA PHE C 514 -20.24 -36.77 38.62
C PHE C 514 -21.11 -37.86 37.99
N ALA C 515 -21.23 -37.88 36.67
CA ALA C 515 -22.04 -38.88 35.97
C ALA C 515 -21.49 -39.06 34.57
N PRO C 516 -20.46 -39.88 34.40
CA PRO C 516 -19.84 -40.01 33.07
C PRO C 516 -20.74 -40.62 32.02
N LEU C 517 -21.76 -41.38 32.40
CA LEU C 517 -22.61 -42.06 31.43
C LEU C 517 -23.95 -41.38 31.20
N GLY C 518 -24.32 -40.40 32.02
CA GLY C 518 -25.57 -39.71 31.82
C GLY C 518 -26.28 -39.35 33.11
N PHE C 519 -27.33 -38.52 33.00
CA PHE C 519 -28.06 -38.04 34.17
C PHE C 519 -29.39 -38.76 34.26
N SER C 520 -29.70 -39.27 35.45
CA SER C 520 -30.93 -40.03 35.64
C SER C 520 -32.17 -39.15 35.48
N GLU C 521 -32.13 -37.94 35.99
CA GLU C 521 -33.26 -37.03 35.94
C GLU C 521 -32.80 -35.65 35.50
N ASP C 522 -33.72 -34.89 34.92
CA ASP C 522 -33.39 -33.54 34.46
C ASP C 522 -33.01 -32.65 35.64
N GLY C 523 -31.98 -31.85 35.43
CA GLY C 523 -31.53 -30.96 36.47
C GLY C 523 -30.88 -31.64 37.65
N GLN C 524 -30.31 -32.83 37.45
CA GLN C 524 -29.72 -33.57 38.56
C GLN C 524 -28.54 -32.81 39.15
N VAL C 525 -28.48 -32.74 40.48
CA VAL C 525 -27.51 -31.93 41.19
C VAL C 525 -26.52 -32.84 41.91
N PHE C 526 -25.24 -32.47 41.84
CA PHE C 526 -24.17 -33.23 42.48
C PHE C 526 -23.28 -32.28 43.28
N LYS C 527 -22.78 -32.79 44.41
CA LYS C 527 -21.87 -32.06 45.28
C LYS C 527 -20.66 -32.93 45.58
N ARG C 528 -19.48 -32.33 45.55
CA ARG C 528 -18.26 -33.03 45.90
C ARG C 528 -17.36 -32.10 46.69
N THR C 529 -16.46 -32.67 47.49
CA THR C 529 -15.52 -31.89 48.28
C THR C 529 -14.13 -32.00 47.67
N LEU C 530 -13.55 -30.85 47.33
CA LEU C 530 -12.23 -30.84 46.71
C LEU C 530 -11.15 -31.03 47.76
N THR C 531 -10.12 -31.79 47.42
CA THR C 531 -9.01 -31.99 48.33
C THR C 531 -8.18 -30.72 48.44
N GLN C 532 -7.27 -30.71 49.41
CA GLN C 532 -6.47 -29.51 49.67
C GLN C 532 -5.56 -29.19 48.50
N PHE C 533 -4.95 -30.20 47.88
CA PHE C 533 -4.04 -29.96 46.77
C PHE C 533 -4.76 -29.40 45.56
N GLU C 534 -6.04 -29.74 45.38
CA GLU C 534 -6.82 -29.28 44.24
C GLU C 534 -7.45 -27.91 44.46
N GLY C 535 -7.18 -27.27 45.60
CA GLY C 535 -7.73 -25.95 45.85
C GLY C 535 -8.66 -25.92 47.05
N GLY C 536 -9.47 -26.96 47.19
CA GLY C 536 -10.40 -27.05 48.29
C GLY C 536 -11.72 -26.36 48.00
N GLY C 537 -12.72 -26.71 48.79
CA GLY C 537 -14.04 -26.14 48.65
C GLY C 537 -15.06 -27.16 48.20
N LEU C 538 -16.22 -26.65 47.80
CA LEU C 538 -17.37 -27.45 47.42
C LEU C 538 -17.59 -27.31 45.91
N LEU C 539 -17.36 -28.39 45.18
CA LEU C 539 -17.68 -28.43 43.76
C LEU C 539 -19.14 -28.79 43.58
N ILE C 540 -19.83 -28.02 42.75
CA ILE C 540 -21.27 -28.18 42.53
C ILE C 540 -21.50 -28.37 41.03
N GLY C 541 -22.31 -29.36 40.67
CA GLY C 541 -22.62 -29.60 39.28
C GLY C 541 -24.11 -29.84 39.09
N VAL C 542 -24.58 -29.50 37.90
CA VAL C 542 -25.97 -29.71 37.51
C VAL C 542 -26.00 -30.28 36.10
N GLY C 543 -26.88 -31.25 35.89
CA GLY C 543 -26.98 -31.90 34.60
C GLY C 543 -28.39 -31.81 34.05
N THR C 544 -28.47 -31.65 32.73
CA THR C 544 -29.71 -31.51 31.99
C THR C 544 -29.86 -32.71 31.06
N ARG C 545 -31.04 -33.29 31.06
CA ARG C 545 -31.37 -34.49 30.32
C ARG C 545 -32.29 -34.13 29.17
N VAL C 546 -31.89 -34.47 27.95
CA VAL C 546 -32.64 -34.16 26.73
C VAL C 546 -33.22 -35.48 26.20
N PRO C 547 -34.51 -35.53 25.89
CA PRO C 547 -35.11 -36.80 25.44
C PRO C 547 -34.41 -37.35 24.21
N MET C 548 -34.27 -38.68 24.18
CA MET C 548 -33.60 -39.35 23.08
C MET C 548 -34.43 -39.28 21.80
N THR C 549 -33.74 -39.26 20.67
CA THR C 549 -34.38 -39.14 19.38
C THR C 549 -34.67 -40.53 18.79
N ALA C 550 -35.23 -40.54 17.58
CA ALA C 550 -35.56 -41.80 16.93
C ALA C 550 -34.31 -42.53 16.46
N ASN C 551 -33.36 -41.81 15.87
CA ASN C 551 -32.08 -42.36 15.44
C ASN C 551 -30.96 -41.66 16.19
N LEU C 552 -29.86 -42.38 16.38
CA LEU C 552 -28.70 -41.80 17.03
C LEU C 552 -28.14 -40.65 16.20
N GLU C 553 -27.87 -39.53 16.87
CA GLU C 553 -27.26 -38.37 16.24
C GLU C 553 -25.97 -38.03 16.98
N MET C 554 -24.90 -37.85 16.24
CA MET C 554 -23.57 -37.70 16.80
C MET C 554 -22.88 -36.46 16.24
N GLY C 555 -21.90 -35.99 17.00
CA GLY C 555 -21.07 -34.89 16.57
C GLY C 555 -19.62 -35.31 16.50
N PHE C 556 -18.91 -34.79 15.51
CA PHE C 556 -17.51 -35.08 15.24
C PHE C 556 -16.77 -33.76 15.05
N VAL C 557 -15.58 -33.65 15.62
CA VAL C 557 -14.66 -32.56 15.31
C VAL C 557 -13.40 -33.18 14.76
N ILE C 558 -13.09 -32.87 13.50
CA ILE C 558 -11.97 -33.45 12.78
C ILE C 558 -10.92 -32.37 12.57
N SER C 559 -9.71 -32.63 13.02
CA SER C 559 -8.61 -31.67 12.94
C SER C 559 -7.43 -32.32 12.24
N VAL C 560 -6.75 -31.56 11.40
CA VAL C 560 -5.59 -32.04 10.66
C VAL C 560 -4.36 -31.26 11.12
N GLN C 561 -3.26 -31.98 11.28
CA GLN C 561 -1.97 -31.38 11.63
C GLN C 561 -0.97 -31.71 10.55
N TYR C 562 -0.31 -30.68 10.03
CA TYR C 562 0.81 -30.79 9.10
C TYR C 562 2.12 -30.64 9.85
N GLY C 563 3.16 -31.28 9.31
CA GLY C 563 4.50 -31.14 9.87
C GLY C 563 4.60 -31.56 11.31
N ALA C 564 3.91 -32.63 11.69
CA ALA C 564 3.93 -33.14 13.06
C ALA C 564 4.41 -34.58 13.10
N GLY C 565 5.34 -34.94 12.24
CA GLY C 565 5.88 -36.28 12.25
C GLY C 565 6.47 -36.63 10.90
N THR C 566 6.92 -37.88 10.81
CA THR C 566 7.53 -38.41 9.60
C THR C 566 6.67 -39.56 9.08
N ASP C 567 5.35 -39.34 9.09
CA ASP C 567 4.40 -40.36 8.68
C ASP C 567 3.11 -39.66 8.27
N SER C 568 2.24 -40.40 7.58
CA SER C 568 1.10 -39.79 6.92
C SER C 568 -0.15 -40.63 7.10
N VAL C 569 -1.30 -39.95 7.14
CA VAL C 569 -2.60 -40.58 7.13
C VAL C 569 -3.19 -40.36 5.75
N CYS C 570 -3.52 -41.45 5.06
CA CYS C 570 -3.86 -41.30 3.65
C CYS C 570 -5.14 -42.05 3.31
N PRO C 571 -5.87 -41.59 2.30
CA PRO C 571 -6.95 -42.40 1.75
C PRO C 571 -6.39 -43.55 0.93
N MET C 572 -7.10 -44.68 0.95
CA MET C 572 -6.68 -45.83 0.16
C MET C 572 -6.67 -45.47 -1.32
N LEU C 573 -5.59 -45.82 -2.01
CA LEU C 573 -5.44 -45.45 -3.41
C LEU C 573 -4.43 -46.39 -4.06
N ASP C 574 -4.41 -46.35 -5.39
CA ASP C 574 -3.46 -47.15 -6.16
C ASP C 574 -2.06 -46.56 -6.07
N LEU C 575 -1.06 -47.44 -6.10
CA LEU C 575 0.32 -46.97 -6.07
C LEU C 575 0.67 -46.18 -7.32
N GLY C 576 0.20 -46.63 -8.49
CA GLY C 576 0.40 -45.89 -9.71
C GLY C 576 1.82 -45.97 -10.24
N GLU C 577 2.17 -44.96 -11.05
CA GLU C 577 3.49 -44.89 -11.66
C GLU C 577 4.29 -43.68 -11.21
N SER C 578 3.66 -42.70 -10.56
CA SER C 578 4.34 -41.52 -10.06
C SER C 578 5.07 -41.77 -8.74
N SER C 579 5.31 -43.03 -8.40
CA SER C 579 5.92 -43.35 -7.11
C SER C 579 7.41 -43.03 -7.09
N THR C 580 8.08 -43.03 -8.24
CA THR C 580 9.52 -42.91 -8.31
C THR C 580 9.94 -41.62 -9.00
N ILE C 581 11.13 -41.13 -8.63
CA ILE C 581 11.67 -39.91 -9.21
C ILE C 581 13.01 -40.13 -9.89
N THR C 582 13.63 -41.31 -9.74
CA THR C 582 15.00 -41.52 -10.20
C THR C 582 15.16 -41.25 -11.68
N ASN C 583 14.12 -41.50 -12.48
CA ASN C 583 14.19 -41.22 -13.91
C ASN C 583 13.90 -39.76 -14.24
N ARG C 584 13.28 -39.02 -13.32
CA ARG C 584 12.74 -37.70 -13.63
C ARG C 584 13.53 -36.56 -12.98
N LEU C 585 14.78 -36.78 -12.60
CA LEU C 585 15.58 -35.70 -12.06
C LEU C 585 15.74 -34.60 -13.10
N GLY C 586 15.67 -33.35 -12.64
CA GLY C 586 15.73 -32.20 -13.52
C GLY C 586 14.41 -31.78 -14.12
N LYS C 587 13.29 -32.30 -13.63
CA LYS C 587 11.97 -32.00 -14.16
C LYS C 587 11.11 -31.41 -13.06
N CYS C 588 10.37 -30.36 -13.40
CA CYS C 588 9.49 -29.71 -12.44
C CYS C 588 8.25 -30.58 -12.19
N VAL C 589 8.01 -30.93 -10.94
CA VAL C 589 6.92 -31.84 -10.58
C VAL C 589 6.21 -31.31 -9.33
N ASP C 590 4.90 -31.51 -9.29
CA ASP C 590 4.12 -31.36 -8.08
C ASP C 590 4.35 -32.60 -7.21
N TYR C 591 4.85 -32.40 -6.00
CA TYR C 591 5.19 -33.53 -5.13
C TYR C 591 4.28 -33.55 -3.92
N SER C 592 3.96 -34.78 -3.49
CA SER C 592 3.16 -35.05 -2.30
C SER C 592 3.90 -36.14 -1.52
N LEU C 593 4.76 -35.74 -0.60
CA LEU C 593 5.67 -36.64 0.11
C LEU C 593 5.29 -36.66 1.59
N TYR C 594 4.71 -37.78 2.02
CA TYR C 594 4.52 -38.06 3.44
C TYR C 594 3.85 -36.92 4.19
N GLY C 595 2.92 -36.24 3.53
CA GLY C 595 2.15 -35.19 4.15
C GLY C 595 2.53 -33.77 3.76
N VAL C 596 3.65 -33.57 3.08
CA VAL C 596 4.05 -32.24 2.63
C VAL C 596 3.92 -32.17 1.11
N THR C 597 3.30 -31.11 0.62
CA THR C 597 3.03 -30.96 -0.81
C THR C 597 3.68 -29.68 -1.32
N GLY C 598 3.97 -29.67 -2.62
CA GLY C 598 4.57 -28.50 -3.23
C GLY C 598 4.94 -28.74 -4.67
N ARG C 599 5.81 -27.89 -5.19
CA ARG C 599 6.34 -27.98 -6.54
C ARG C 599 7.85 -27.84 -6.49
N GLY C 600 8.56 -28.63 -7.30
CA GLY C 600 10.00 -28.52 -7.25
C GLY C 600 10.70 -29.38 -8.29
N VAL C 601 12.03 -29.29 -8.27
CA VAL C 601 12.90 -30.08 -9.12
C VAL C 601 13.90 -30.80 -8.23
N PHE C 602 14.08 -32.09 -8.46
CA PHE C 602 14.90 -32.94 -7.59
C PHE C 602 16.23 -33.24 -8.25
N GLN C 603 17.31 -32.99 -7.52
CA GLN C 603 18.66 -33.35 -7.94
C GLN C 603 19.28 -34.23 -6.88
N ASN C 604 20.48 -34.73 -7.16
CA ASN C 604 21.14 -35.71 -6.31
C ASN C 604 22.33 -35.04 -5.63
N CYS C 605 22.34 -35.03 -4.30
CA CYS C 605 23.40 -34.38 -3.53
C CYS C 605 23.96 -35.29 -2.46
N THR C 606 24.79 -34.71 -1.58
CA THR C 606 25.27 -35.40 -0.39
C THR C 606 24.34 -35.11 0.78
N ALA C 607 24.28 -36.06 1.71
CA ALA C 607 23.34 -35.96 2.82
C ALA C 607 23.76 -34.86 3.80
N VAL C 608 22.78 -34.11 4.27
CA VAL C 608 22.96 -33.14 5.36
C VAL C 608 21.78 -33.28 6.30
N GLY C 609 21.94 -32.72 7.50
CA GLY C 609 20.88 -32.78 8.48
C GLY C 609 20.77 -34.14 9.14
N VAL C 610 19.64 -34.36 9.79
CA VAL C 610 19.38 -35.61 10.51
C VAL C 610 18.58 -36.53 9.59
N LYS C 611 19.04 -37.77 9.44
CA LYS C 611 18.37 -38.72 8.56
C LYS C 611 16.96 -39.04 9.05
N GLN C 612 16.74 -39.00 10.35
CA GLN C 612 15.44 -39.37 10.91
C GLN C 612 14.34 -38.44 10.44
N GLN C 613 14.63 -37.14 10.37
CA GLN C 613 13.57 -36.16 10.17
C GLN C 613 13.06 -36.14 8.73
N ARG C 614 13.90 -36.55 7.78
CA ARG C 614 13.50 -36.82 6.41
C ARG C 614 13.19 -35.56 5.60
N PHE C 615 13.16 -34.39 6.24
CA PHE C 615 12.85 -33.15 5.53
C PHE C 615 13.81 -32.07 6.02
N VAL C 616 14.68 -31.60 5.12
CA VAL C 616 15.61 -30.52 5.43
C VAL C 616 14.98 -29.22 4.97
N TYR C 617 14.99 -28.22 5.85
CA TYR C 617 14.36 -26.94 5.58
C TYR C 617 15.41 -25.84 5.67
N ASP C 618 15.18 -24.75 4.94
CA ASP C 618 16.07 -23.60 5.07
C ASP C 618 15.55 -22.66 6.15
N SER C 619 16.15 -21.49 6.26
CA SER C 619 15.75 -20.53 7.28
C SER C 619 14.36 -19.97 7.05
N PHE C 620 13.77 -20.18 5.88
CA PHE C 620 12.47 -19.60 5.54
C PHE C 620 11.38 -20.64 5.37
N ASP C 621 11.54 -21.82 5.97
CA ASP C 621 10.52 -22.87 5.96
C ASP C 621 10.17 -23.32 4.55
N ASN C 622 11.20 -23.55 3.73
CA ASN C 622 11.05 -24.13 2.41
C ASN C 622 11.81 -25.44 2.36
N LEU C 623 11.19 -26.47 1.78
CA LEU C 623 11.88 -27.74 1.66
C LEU C 623 13.08 -27.57 0.73
N VAL C 624 14.24 -28.08 1.16
CA VAL C 624 15.45 -27.97 0.34
C VAL C 624 16.11 -29.34 0.22
N GLY C 625 15.70 -30.28 1.06
CA GLY C 625 16.27 -31.61 1.02
C GLY C 625 15.22 -32.64 1.41
N TYR C 626 15.38 -33.85 0.87
CA TYR C 626 14.45 -34.92 1.14
C TYR C 626 15.21 -36.24 1.21
N TYR C 627 15.03 -36.97 2.30
CA TYR C 627 15.60 -38.31 2.45
C TYR C 627 14.62 -39.31 1.88
N SER C 628 14.80 -39.68 0.62
CA SER C 628 13.86 -40.59 -0.02
C SER C 628 13.98 -41.99 0.57
N ASP C 629 12.91 -42.77 0.41
CA ASP C 629 12.92 -44.14 0.90
C ASP C 629 13.90 -45.02 0.14
N ASP C 630 14.33 -44.61 -1.04
CA ASP C 630 15.30 -45.37 -1.82
C ASP C 630 16.73 -45.21 -1.30
N GLY C 631 16.92 -44.58 -0.15
CA GLY C 631 18.23 -44.44 0.43
C GLY C 631 19.06 -43.30 -0.11
N ASN C 632 18.48 -42.40 -0.89
CA ASN C 632 19.19 -41.27 -1.47
C ASN C 632 18.63 -39.97 -0.92
N TYR C 633 19.51 -38.98 -0.77
CA TYR C 633 19.12 -37.65 -0.35
C TYR C 633 19.03 -36.76 -1.58
N TYR C 634 17.85 -36.22 -1.84
CA TYR C 634 17.60 -35.40 -3.02
C TYR C 634 17.51 -33.93 -2.62
N CYS C 635 18.24 -33.10 -3.34
CA CYS C 635 18.10 -31.66 -3.21
C CYS C 635 16.83 -31.21 -3.93
N VAL C 636 16.05 -30.35 -3.27
CA VAL C 636 14.82 -29.82 -3.84
C VAL C 636 15.05 -28.35 -4.18
N ARG C 637 14.93 -28.01 -5.45
CA ARG C 637 15.09 -26.65 -5.91
C ARG C 637 13.76 -26.14 -6.46
N PRO C 638 13.50 -24.84 -6.35
CA PRO C 638 12.28 -24.30 -6.96
C PRO C 638 12.38 -24.32 -8.47
N CYS C 639 11.21 -24.38 -9.12
CA CYS C 639 11.18 -24.46 -10.57
C CYS C 639 11.54 -23.11 -11.18
N VAL C 640 12.39 -23.14 -12.21
CA VAL C 640 12.96 -21.92 -12.78
C VAL C 640 12.52 -21.79 -14.23
N SER C 641 12.58 -20.55 -14.73
CA SER C 641 12.16 -20.22 -16.08
C SER C 641 13.26 -19.42 -16.78
N VAL C 642 13.51 -19.75 -18.04
CA VAL C 642 14.54 -19.06 -18.82
C VAL C 642 14.05 -17.67 -19.20
N PRO C 643 14.86 -16.62 -19.04
CA PRO C 643 14.44 -15.28 -19.45
C PRO C 643 14.55 -15.09 -20.96
N VAL C 644 13.67 -14.26 -21.49
CA VAL C 644 13.62 -13.95 -22.91
C VAL C 644 13.50 -12.44 -23.09
N SER C 645 14.24 -11.89 -24.05
CA SER C 645 14.13 -10.50 -24.44
C SER C 645 14.08 -10.43 -25.96
N VAL C 646 13.50 -9.35 -26.48
CA VAL C 646 13.34 -9.17 -27.92
C VAL C 646 14.10 -7.93 -28.34
N ILE C 647 14.98 -8.08 -29.33
CA ILE C 647 15.69 -6.97 -29.95
C ILE C 647 14.93 -6.63 -31.23
N TYR C 648 14.41 -5.41 -31.32
CA TYR C 648 13.52 -5.03 -32.40
C TYR C 648 13.99 -3.74 -33.03
N ASP C 649 14.00 -3.71 -34.37
CA ASP C 649 14.31 -2.52 -35.16
C ASP C 649 13.10 -2.19 -36.01
N LYS C 650 12.50 -1.02 -35.74
CA LYS C 650 11.27 -0.63 -36.43
C LYS C 650 11.54 -0.21 -37.87
N SER C 651 12.64 0.51 -38.09
CA SER C 651 12.91 1.04 -39.43
C SER C 651 13.04 -0.09 -40.45
N THR C 652 13.73 -1.16 -40.10
CA THR C 652 13.89 -2.32 -40.96
C THR C 652 12.96 -3.48 -40.58
N ASN C 653 12.18 -3.32 -39.52
CA ASN C 653 11.23 -4.35 -39.06
C ASN C 653 11.94 -5.69 -38.84
N LEU C 654 13.07 -5.64 -38.14
CA LEU C 654 13.86 -6.82 -37.87
C LEU C 654 13.80 -7.18 -36.39
N HIS C 655 13.84 -8.47 -36.09
CA HIS C 655 13.72 -8.89 -34.70
C HIS C 655 14.61 -10.10 -34.44
N ALA C 656 15.17 -10.14 -33.23
CA ALA C 656 16.00 -11.22 -32.75
C ALA C 656 15.67 -11.47 -31.29
N THR C 657 16.09 -12.63 -30.79
CA THR C 657 15.74 -13.07 -29.44
C THR C 657 16.99 -13.24 -28.61
N LEU C 658 16.99 -12.66 -27.41
CA LEU C 658 18.11 -12.73 -26.48
C LEU C 658 17.71 -13.55 -25.27
N PHE C 659 18.44 -14.63 -25.02
CA PHE C 659 18.23 -15.47 -23.84
C PHE C 659 19.29 -15.06 -22.82
N GLY C 660 18.98 -14.04 -22.04
CA GLY C 660 19.95 -13.44 -21.16
C GLY C 660 20.59 -14.39 -20.16
N SER C 661 21.92 -14.43 -20.16
CA SER C 661 22.70 -15.24 -19.22
C SER C 661 22.37 -16.73 -19.32
N VAL C 662 22.12 -17.22 -20.54
CA VAL C 662 21.88 -18.63 -20.78
C VAL C 662 22.84 -19.10 -21.86
N ALA C 663 23.54 -20.20 -21.59
CA ALA C 663 24.45 -20.76 -22.58
C ALA C 663 23.66 -21.40 -23.72
N CYS C 664 24.23 -21.39 -24.92
CA CYS C 664 23.47 -21.89 -26.11
C CYS C 664 23.25 -23.38 -26.06
N GLU C 665 24.04 -24.11 -25.28
CA GLU C 665 23.88 -25.59 -25.15
C GLU C 665 22.51 -25.89 -24.54
N HIS C 666 22.11 -25.14 -23.51
CA HIS C 666 20.79 -25.33 -22.88
C HIS C 666 19.71 -24.96 -23.89
N VAL C 667 19.90 -23.90 -24.67
CA VAL C 667 18.78 -23.50 -25.56
C VAL C 667 18.52 -24.62 -26.57
N THR C 668 19.58 -25.19 -27.13
CA THR C 668 19.40 -26.27 -28.16
C THR C 668 18.74 -27.51 -27.54
N THR C 669 19.20 -27.94 -26.37
CA THR C 669 18.66 -29.16 -25.69
C THR C 669 17.20 -29.02 -25.24
N MET C 670 16.80 -27.87 -24.69
CA MET C 670 15.37 -27.68 -24.32
C MET C 670 14.73 -26.66 -25.26
N ASN C 688 17.94 -19.92 -38.16
CA ASN C 688 19.30 -19.41 -38.02
C ASN C 688 20.13 -20.36 -37.14
N ALA C 689 21.15 -19.81 -36.48
CA ALA C 689 22.02 -20.58 -35.61
C ALA C 689 22.21 -19.81 -34.31
N PRO C 690 22.03 -20.45 -33.16
CA PRO C 690 22.29 -19.76 -31.88
C PRO C 690 23.75 -19.33 -31.79
N LEU C 691 23.96 -18.16 -31.18
CA LEU C 691 25.27 -17.55 -31.07
C LEU C 691 25.50 -17.13 -29.63
N GLN C 692 26.65 -17.50 -29.08
CA GLN C 692 26.97 -17.15 -27.70
C GLN C 692 27.67 -15.79 -27.67
N THR C 693 27.11 -14.86 -26.91
CA THR C 693 27.65 -13.52 -26.76
C THR C 693 28.05 -13.31 -25.31
N ALA C 694 28.44 -12.08 -24.98
CA ALA C 694 28.86 -11.76 -23.63
C ALA C 694 27.70 -11.44 -22.70
N VAL C 695 26.45 -11.53 -23.19
CA VAL C 695 25.28 -11.22 -22.38
C VAL C 695 24.27 -12.35 -22.48
N GLY C 696 24.67 -13.47 -23.08
CA GLY C 696 23.78 -14.61 -23.16
C GLY C 696 23.85 -15.37 -24.46
N CYS C 697 22.75 -16.00 -24.85
CA CYS C 697 22.61 -16.66 -26.13
C CYS C 697 21.64 -15.87 -26.98
N VAL C 698 22.02 -15.62 -28.24
CA VAL C 698 21.24 -14.79 -29.14
C VAL C 698 20.90 -15.62 -30.37
N ILE C 699 19.64 -15.55 -30.80
CA ILE C 699 19.19 -16.14 -32.04
C ILE C 699 18.70 -15.02 -32.96
N GLY C 700 19.21 -14.99 -34.17
CA GLY C 700 18.83 -13.97 -35.14
C GLY C 700 19.90 -12.94 -35.44
N LEU C 701 21.07 -13.04 -34.81
CA LEU C 701 22.18 -12.13 -35.07
C LEU C 701 23.30 -12.93 -35.71
N SER C 702 24.03 -12.30 -36.62
CA SER C 702 25.15 -12.94 -37.30
C SER C 702 26.47 -12.31 -36.87
N ASN C 703 27.50 -13.14 -36.73
CA ASN C 703 28.83 -12.68 -36.34
C ASN C 703 29.68 -12.49 -37.58
N ASN C 704 29.74 -11.26 -38.06
CA ASN C 704 30.61 -10.89 -39.18
C ASN C 704 31.84 -10.12 -38.71
N SER C 705 32.15 -10.17 -37.41
CA SER C 705 33.27 -9.44 -36.82
C SER C 705 33.17 -7.95 -37.11
N LEU C 706 31.97 -7.40 -36.97
CA LEU C 706 31.74 -5.99 -37.22
C LEU C 706 32.09 -5.17 -35.99
N VAL C 707 32.63 -3.98 -36.22
CA VAL C 707 33.02 -3.06 -35.16
C VAL C 707 32.45 -1.69 -35.49
N VAL C 708 31.74 -1.09 -34.53
CA VAL C 708 31.09 0.19 -34.74
C VAL C 708 31.58 1.18 -33.69
N SER C 709 31.41 2.46 -34.01
CA SER C 709 31.79 3.54 -33.10
C SER C 709 30.64 3.99 -32.22
N GLU C 710 29.41 3.96 -32.74
CA GLU C 710 28.23 4.34 -31.98
C GLU C 710 27.02 3.77 -32.68
N CYS C 711 26.03 3.33 -31.92
CA CYS C 711 24.88 2.67 -32.52
C CYS C 711 23.65 2.82 -31.64
N LYS C 712 22.49 2.61 -32.27
CA LYS C 712 21.20 2.86 -31.62
C LYS C 712 20.85 1.77 -30.60
N LEU C 713 21.10 0.50 -30.91
CA LEU C 713 20.68 -0.58 -30.04
C LEU C 713 21.84 -1.11 -29.22
N PRO C 714 21.90 -0.83 -27.92
CA PRO C 714 22.88 -1.50 -27.07
C PRO C 714 22.32 -2.79 -26.49
N LEU C 715 23.14 -3.84 -26.53
CA LEU C 715 22.79 -5.09 -25.90
C LEU C 715 23.34 -5.20 -24.48
N GLY C 716 24.22 -4.31 -24.08
CA GLY C 716 24.90 -4.43 -22.82
C GLY C 716 26.28 -5.02 -22.97
N GLN C 717 27.17 -4.68 -22.05
CA GLN C 717 28.56 -5.15 -22.07
C GLN C 717 29.22 -4.85 -23.40
N SER C 718 29.02 -3.64 -23.90
CA SER C 718 29.69 -3.10 -25.09
C SER C 718 29.31 -3.85 -26.35
N LEU C 719 28.22 -4.60 -26.34
CA LEU C 719 27.73 -5.26 -27.53
C LEU C 719 26.68 -4.38 -28.21
N CYS C 720 26.49 -4.61 -29.50
CA CYS C 720 25.53 -3.84 -30.27
C CYS C 720 24.90 -4.71 -31.35
N ALA C 721 23.68 -4.35 -31.73
CA ALA C 721 22.98 -4.97 -32.84
C ALA C 721 22.66 -3.89 -33.86
N VAL C 722 23.27 -3.97 -35.03
CA VAL C 722 23.11 -2.96 -36.09
C VAL C 722 22.51 -3.64 -37.31
N PRO C 723 21.42 -3.12 -37.87
CA PRO C 723 20.78 -3.72 -39.06
C PRO C 723 21.46 -3.30 -40.36
N SER C 724 22.52 -4.02 -40.72
CA SER C 724 23.27 -3.71 -41.93
C SER C 724 22.36 -3.71 -43.15
N VAL C 725 22.42 -2.61 -43.92
CA VAL C 725 21.54 -2.47 -45.08
C VAL C 725 21.96 -3.41 -46.19
N SER C 726 20.98 -3.98 -46.87
CA SER C 726 21.21 -4.92 -47.98
C SER C 726 22.12 -6.07 -47.57
N SER C 734 19.09 -5.52 -44.34
CA SER C 734 18.19 -6.67 -44.43
C SER C 734 18.63 -7.77 -43.47
N GLN C 735 19.70 -7.51 -42.72
CA GLN C 735 20.23 -8.47 -41.77
C GLN C 735 20.74 -7.75 -40.53
N PHE C 736 20.31 -8.22 -39.36
CA PHE C 736 21.02 -7.86 -38.14
C PHE C 736 22.41 -8.48 -38.13
N GLN C 737 23.38 -7.70 -37.64
CA GLN C 737 24.72 -8.17 -37.40
C GLN C 737 25.13 -7.77 -35.99
N LEU C 738 25.72 -8.70 -35.25
CA LEU C 738 26.24 -8.38 -33.93
C LEU C 738 27.52 -7.58 -34.07
N ALA C 739 27.61 -6.48 -33.31
CA ALA C 739 28.74 -5.57 -33.41
C ALA C 739 29.24 -5.22 -32.01
N VAL C 740 30.50 -4.81 -31.94
CA VAL C 740 31.17 -4.49 -30.69
C VAL C 740 31.58 -3.03 -30.72
N LEU C 741 31.20 -2.28 -29.68
CA LEU C 741 31.65 -0.90 -29.57
C LEU C 741 33.15 -0.83 -29.35
N ASN C 742 33.79 0.09 -30.06
CA ASN C 742 35.23 0.27 -29.97
C ASN C 742 35.53 1.62 -29.35
N TYR C 743 36.47 1.64 -28.42
CA TYR C 743 36.87 2.90 -27.80
C TYR C 743 37.72 3.71 -28.76
N THR C 744 37.33 4.95 -29.00
CA THR C 744 38.08 5.83 -29.89
C THR C 744 39.23 6.47 -29.12
N SER C 745 40.45 6.03 -29.43
CA SER C 745 41.62 6.54 -28.73
C SER C 745 41.82 8.02 -29.06
N PRO C 746 42.04 8.86 -28.06
CA PRO C 746 42.30 10.27 -28.34
C PRO C 746 43.61 10.47 -29.09
N ILE C 747 43.84 11.71 -29.53
CA ILE C 747 45.02 12.02 -30.31
C ILE C 747 46.24 11.93 -29.42
N VAL C 748 47.12 10.98 -29.71
CA VAL C 748 48.33 10.79 -28.92
C VAL C 748 49.36 11.76 -29.47
N LEU C 749 49.52 12.90 -28.79
CA LEU C 749 50.37 13.96 -29.29
C LEU C 749 51.83 13.61 -29.00
N THR C 750 52.62 13.45 -30.05
CA THR C 750 53.98 12.94 -29.92
C THR C 750 54.90 14.02 -29.36
N PRO C 751 55.60 13.74 -28.25
CA PRO C 751 56.53 14.74 -27.70
C PRO C 751 57.86 14.75 -28.40
N ILE C 752 57.96 15.49 -29.52
CA ILE C 752 59.22 15.56 -30.26
C ILE C 752 60.31 16.15 -29.36
N ASN C 753 61.54 15.67 -29.57
CA ASN C 753 62.65 16.05 -28.71
C ASN C 753 63.11 17.47 -29.05
N SER C 754 63.26 18.29 -28.01
CA SER C 754 63.64 19.70 -28.15
C SER C 754 63.89 20.25 -26.75
N SER C 755 64.20 21.54 -26.69
CA SER C 755 64.37 22.24 -25.43
C SER C 755 63.07 22.80 -24.88
N GLY C 756 61.97 22.64 -25.59
CA GLY C 756 60.67 23.10 -25.13
C GLY C 756 59.62 22.02 -25.31
N PHE C 757 58.40 22.37 -24.94
CA PHE C 757 57.28 21.44 -25.00
C PHE C 757 56.55 21.62 -26.33
N THR C 758 56.40 20.54 -27.08
CA THR C 758 55.65 20.60 -28.31
C THR C 758 54.18 20.87 -28.02
N ALA C 759 53.59 21.80 -28.77
CA ALA C 759 52.25 22.29 -28.48
C ALA C 759 51.38 22.20 -29.72
N ALA C 760 50.08 22.06 -29.50
CA ALA C 760 49.09 22.01 -30.57
C ALA C 760 48.25 23.28 -30.52
N ILE C 761 48.27 24.06 -31.59
CA ILE C 761 47.55 25.33 -31.65
C ILE C 761 46.63 25.34 -32.86
N PRO C 762 45.38 25.75 -32.71
CA PRO C 762 44.44 25.66 -33.83
C PRO C 762 44.82 26.56 -34.99
N THR C 763 44.55 26.08 -36.21
CA THR C 763 44.67 26.87 -37.41
C THR C 763 43.34 27.09 -38.12
N ASN C 764 42.27 26.46 -37.64
CA ASN C 764 40.93 26.68 -38.15
C ASN C 764 39.95 26.35 -37.02
N PHE C 765 38.84 27.08 -36.98
CA PHE C 765 37.91 26.97 -35.87
C PHE C 765 36.48 26.89 -36.38
N SER C 766 35.59 26.50 -35.49
CA SER C 766 34.16 26.49 -35.75
C SER C 766 33.42 26.83 -34.47
N PHE C 767 32.15 27.18 -34.61
CA PHE C 767 31.29 27.47 -33.48
C PHE C 767 30.23 26.38 -33.38
N SER C 768 30.06 25.81 -32.19
CA SER C 768 29.05 24.79 -31.96
C SER C 768 28.16 25.24 -30.81
N VAL C 769 26.85 25.09 -30.99
CA VAL C 769 25.89 25.41 -29.94
C VAL C 769 25.52 24.13 -29.21
N THR C 770 25.65 24.16 -27.89
CA THR C 770 25.24 23.06 -27.03
C THR C 770 23.93 23.41 -26.37
N GLN C 771 22.93 22.55 -26.53
CA GLN C 771 21.59 22.82 -26.05
C GLN C 771 21.37 22.03 -24.77
N GLU C 772 20.85 22.70 -23.74
CA GLU C 772 20.61 22.06 -22.46
C GLU C 772 19.23 22.44 -21.94
N TYR C 773 18.60 21.50 -21.23
CA TYR C 773 17.27 21.70 -20.67
C TYR C 773 17.33 21.45 -19.17
N ILE C 774 16.87 22.41 -18.39
CA ILE C 774 16.79 22.28 -16.94
C ILE C 774 15.33 22.46 -16.54
N GLU C 775 14.74 21.43 -15.94
CA GLU C 775 13.37 21.52 -15.45
C GLU C 775 13.32 22.44 -14.23
N THR C 776 12.22 23.19 -14.11
CA THR C 776 12.05 24.12 -13.01
C THR C 776 10.78 23.92 -12.21
N SER C 777 9.79 23.19 -12.74
CA SER C 777 8.53 23.00 -12.03
C SER C 777 7.81 21.81 -12.64
N ILE C 778 6.68 21.45 -12.01
CA ILE C 778 5.79 20.41 -12.49
C ILE C 778 4.36 20.93 -12.40
N GLN C 779 3.43 20.23 -13.05
CA GLN C 779 2.03 20.62 -12.93
C GLN C 779 1.54 20.49 -11.50
N LYS C 780 0.64 21.39 -11.12
CA LYS C 780 0.03 21.39 -9.79
C LYS C 780 -1.34 20.74 -9.91
N VAL C 781 -1.45 19.51 -9.44
CA VAL C 781 -2.68 18.74 -9.50
C VAL C 781 -3.24 18.65 -8.09
N THR C 782 -4.48 19.09 -7.91
CA THR C 782 -5.19 18.97 -6.65
C THR C 782 -6.35 18.00 -6.83
N VAL C 783 -6.63 17.21 -5.80
CA VAL C 783 -7.58 16.11 -5.87
C VAL C 783 -8.70 16.36 -4.88
N ASP C 784 -9.94 16.20 -5.35
CA ASP C 784 -11.11 16.21 -4.48
C ASP C 784 -11.28 14.82 -3.88
N CYS C 785 -11.02 14.68 -2.58
CA CYS C 785 -11.04 13.36 -1.97
C CYS C 785 -12.43 12.75 -2.02
N LYS C 786 -13.47 13.56 -1.81
CA LYS C 786 -14.82 13.03 -1.76
C LYS C 786 -15.28 12.55 -3.12
N GLN C 787 -14.96 13.31 -4.18
CA GLN C 787 -15.41 12.92 -5.52
C GLN C 787 -14.57 11.77 -6.07
N TYR C 788 -13.28 11.74 -5.75
CA TYR C 788 -12.43 10.65 -6.22
C TYR C 788 -12.83 9.32 -5.60
N VAL C 789 -13.00 9.29 -4.27
CA VAL C 789 -13.30 8.03 -3.59
C VAL C 789 -14.71 7.57 -3.92
N CYS C 790 -15.70 8.44 -3.74
CA CYS C 790 -17.09 8.13 -4.02
C CYS C 790 -17.52 8.94 -5.24
N ASN C 791 -17.96 8.27 -6.30
CA ASN C 791 -18.19 8.96 -7.56
C ASN C 791 -19.54 9.66 -7.56
N GLY C 792 -19.80 10.48 -6.54
CA GLY C 792 -21.09 11.13 -6.45
C GLY C 792 -22.22 10.20 -6.06
N PHE C 793 -21.93 9.11 -5.36
CA PHE C 793 -22.95 8.18 -4.89
C PHE C 793 -23.23 8.48 -3.43
N THR C 794 -24.48 8.79 -3.12
CA THR C 794 -24.84 9.19 -1.76
C THR C 794 -24.64 8.04 -0.78
N ARG C 795 -24.75 6.80 -1.23
CA ARG C 795 -24.55 5.67 -0.32
C ARG C 795 -23.10 5.53 0.07
N CYS C 796 -22.17 5.81 -0.86
CA CYS C 796 -20.75 5.76 -0.53
C CYS C 796 -20.34 6.92 0.36
N GLU C 797 -20.88 8.11 0.10
CA GLU C 797 -20.55 9.28 0.90
C GLU C 797 -20.98 9.11 2.34
N LYS C 798 -22.09 8.39 2.58
CA LYS C 798 -22.53 8.15 3.95
C LYS C 798 -21.53 7.30 4.70
N LEU C 799 -20.91 6.32 4.04
CA LEU C 799 -19.90 5.51 4.70
C LEU C 799 -18.61 6.27 4.91
N LEU C 800 -18.32 7.25 4.05
CA LEU C 800 -17.07 7.97 4.08
C LEU C 800 -16.99 9.02 5.18
N VAL C 801 -18.12 9.37 5.80
CA VAL C 801 -18.07 10.35 6.88
C VAL C 801 -17.37 9.75 8.10
N GLU C 802 -17.34 8.43 8.22
CA GLU C 802 -16.51 7.79 9.23
C GLU C 802 -15.05 8.06 8.97
N TYR C 803 -14.67 8.22 7.72
CA TYR C 803 -13.37 8.76 7.34
C TYR C 803 -13.49 10.27 7.24
N GLY C 804 -12.52 10.93 6.60
CA GLY C 804 -12.48 12.36 6.48
C GLY C 804 -11.32 12.99 7.21
N GLN C 805 -10.91 12.38 8.33
CA GLN C 805 -9.60 12.69 8.89
C GLN C 805 -8.50 12.33 7.91
N PHE C 806 -8.74 11.33 7.06
CA PHE C 806 -7.77 10.97 6.03
C PHE C 806 -7.94 11.83 4.78
N CYS C 807 -9.19 12.18 4.43
CA CYS C 807 -9.39 13.10 3.32
C CYS C 807 -8.85 14.49 3.63
N SER C 808 -9.01 14.95 4.87
CA SER C 808 -8.53 16.28 5.23
C SER C 808 -7.02 16.36 5.19
N LYS C 809 -6.33 15.24 5.42
CA LYS C 809 -4.87 15.23 5.34
C LYS C 809 -4.39 15.21 3.89
N ILE C 810 -5.12 14.55 3.00
CA ILE C 810 -4.75 14.51 1.58
C ILE C 810 -4.98 15.87 0.93
N ASN C 811 -6.08 16.54 1.26
CA ASN C 811 -6.34 17.85 0.70
C ASN C 811 -5.31 18.87 1.15
N GLN C 812 -4.91 18.83 2.43
CA GLN C 812 -3.93 19.78 2.94
C GLN C 812 -2.51 19.45 2.48
N ALA C 813 -2.20 18.18 2.30
CA ALA C 813 -0.86 17.82 1.85
C ALA C 813 -0.60 18.31 0.44
N LEU C 814 -1.58 18.16 -0.46
CA LEU C 814 -1.41 18.66 -1.82
C LEU C 814 -1.46 20.18 -1.87
N HIS C 815 -2.13 20.81 -0.90
CA HIS C 815 -2.12 22.26 -0.85
C HIS C 815 -0.74 22.80 -0.51
N GLY C 816 -0.06 22.18 0.45
CA GLY C 816 1.27 22.63 0.81
C GLY C 816 2.28 22.42 -0.31
N ALA C 817 2.20 21.29 -1.00
CA ALA C 817 3.12 21.02 -2.10
C ALA C 817 2.95 22.03 -3.22
N ASN C 818 1.70 22.34 -3.58
CA ASN C 818 1.47 23.32 -4.63
C ASN C 818 1.81 24.73 -4.17
N LEU C 819 1.67 25.01 -2.87
CA LEU C 819 2.00 26.34 -2.36
C LEU C 819 3.51 26.58 -2.39
N ARG C 820 4.31 25.57 -2.04
CA ARG C 820 5.75 25.73 -2.10
C ARG C 820 6.26 25.75 -3.53
N GLN C 821 5.55 25.10 -4.45
CA GLN C 821 5.90 25.17 -5.86
C GLN C 821 5.74 26.58 -6.40
N ASP C 822 4.82 27.35 -5.83
CA ASP C 822 4.66 28.75 -6.23
C ASP C 822 5.72 29.66 -5.63
N GLU C 823 6.19 29.35 -4.42
CA GLU C 823 7.26 30.17 -3.84
C GLU C 823 8.60 29.90 -4.51
N SER C 824 8.85 28.67 -4.96
CA SER C 824 10.09 28.39 -5.67
C SER C 824 10.11 29.13 -7.01
N VAL C 825 8.97 29.19 -7.69
CA VAL C 825 8.91 29.90 -8.97
C VAL C 825 9.15 31.39 -8.76
N TYR C 826 8.58 31.95 -7.69
CA TYR C 826 8.83 33.35 -7.39
C TYR C 826 10.29 33.61 -7.11
N SER C 827 10.94 32.72 -6.35
CA SER C 827 12.35 32.90 -6.05
C SER C 827 13.22 32.71 -7.28
N LEU C 828 12.82 31.82 -8.19
CA LEU C 828 13.56 31.65 -9.44
C LEU C 828 13.58 32.93 -10.24
N TYR C 829 12.45 33.62 -10.33
CA TYR C 829 12.34 34.80 -11.17
C TYR C 829 12.82 36.08 -10.50
N SER C 830 13.19 36.02 -9.23
CA SER C 830 13.84 37.17 -8.59
C SER C 830 15.35 37.04 -8.57
N ASN C 831 15.89 35.86 -8.87
CA ASN C 831 17.32 35.66 -9.00
C ASN C 831 17.78 35.70 -10.44
N ILE C 832 16.86 35.84 -11.40
CA ILE C 832 17.23 35.95 -12.81
C ILE C 832 16.73 37.26 -13.41
N LYS C 833 16.40 38.23 -12.57
CA LYS C 833 15.92 39.51 -13.06
C LYS C 833 17.10 40.43 -13.34
N THR C 834 17.02 41.17 -14.43
CA THR C 834 18.10 42.06 -14.85
C THR C 834 17.89 43.43 -14.24
N THR C 835 18.96 44.01 -13.70
CA THR C 835 18.88 45.36 -13.17
C THR C 835 18.83 46.39 -14.29
N SER C 836 19.65 46.21 -15.33
CA SER C 836 19.70 47.15 -16.43
C SER C 836 19.92 46.40 -17.74
N THR C 837 19.29 46.89 -18.81
CA THR C 837 19.41 46.30 -20.13
C THR C 837 19.66 47.39 -21.16
N GLN C 838 19.76 46.98 -22.42
CA GLN C 838 19.92 47.87 -23.55
C GLN C 838 19.10 47.34 -24.72
N THR C 839 18.87 48.20 -25.70
CA THR C 839 18.04 47.85 -26.85
C THR C 839 18.91 47.34 -27.99
N LEU C 840 18.56 46.16 -28.50
CA LEU C 840 19.25 45.57 -29.63
C LEU C 840 18.72 46.17 -30.94
N GLU C 841 19.19 45.65 -32.07
CA GLU C 841 18.84 46.22 -33.37
C GLU C 841 18.11 45.23 -34.28
N TYR C 842 17.55 44.17 -33.71
CA TYR C 842 16.76 43.19 -34.47
C TYR C 842 17.51 42.65 -35.68
N GLY C 843 18.59 41.92 -35.39
CA GLY C 843 19.31 41.23 -36.44
C GLY C 843 20.77 41.60 -36.53
N LEU C 844 21.17 42.23 -37.63
CA LEU C 844 22.57 42.54 -37.89
C LEU C 844 23.05 43.65 -36.95
N ASN C 845 23.09 43.30 -35.66
CA ASN C 845 23.65 44.18 -34.64
C ASN C 845 25.03 44.70 -35.05
N GLY C 846 25.97 43.78 -35.19
CA GLY C 846 27.21 44.04 -35.89
C GLY C 846 27.13 43.33 -37.22
N ASP C 847 27.74 42.14 -37.28
CA ASP C 847 27.46 41.19 -38.34
C ASP C 847 26.81 39.92 -37.77
N PHE C 848 26.47 39.92 -36.49
CA PHE C 848 25.90 38.74 -35.83
C PHE C 848 24.39 38.80 -35.95
N ASN C 849 23.81 37.84 -36.66
CA ASN C 849 22.38 37.87 -36.96
C ASN C 849 21.62 37.24 -35.81
N LEU C 850 20.80 38.04 -35.12
CA LEU C 850 20.16 37.63 -33.87
C LEU C 850 18.64 37.55 -33.99
N THR C 851 18.10 37.51 -35.21
CA THR C 851 16.65 37.52 -35.37
C THR C 851 16.01 36.25 -34.81
N LEU C 852 16.73 35.14 -34.82
CA LEU C 852 16.18 33.86 -34.40
C LEU C 852 16.03 33.76 -32.89
N LEU C 853 16.55 34.73 -32.14
CA LEU C 853 16.44 34.77 -30.70
C LEU C 853 15.52 35.89 -30.22
N GLN C 854 14.71 36.45 -31.11
CA GLN C 854 13.90 37.61 -30.82
C GLN C 854 12.48 37.40 -31.35
N VAL C 855 11.58 38.28 -30.92
CA VAL C 855 10.18 38.17 -31.34
C VAL C 855 10.07 38.52 -32.83
N PRO C 856 9.27 37.78 -33.60
CA PRO C 856 9.07 38.16 -35.00
C PRO C 856 8.43 39.53 -35.09
N GLN C 857 8.82 40.28 -36.12
CA GLN C 857 8.33 41.65 -36.29
C GLN C 857 7.61 41.78 -37.62
N ILE C 858 6.40 42.34 -37.58
CA ILE C 858 5.73 42.80 -38.79
C ILE C 858 5.80 44.32 -38.82
N GLY C 859 5.16 44.98 -37.86
CA GLY C 859 5.37 46.41 -37.75
C GLY C 859 6.37 46.82 -36.70
N GLY C 860 6.11 46.51 -35.43
CA GLY C 860 7.16 46.66 -34.42
C GLY C 860 7.37 45.48 -33.49
N SER C 861 6.27 44.80 -33.12
CA SER C 861 6.33 43.64 -32.23
C SER C 861 5.00 42.90 -32.22
N PRO C 862 4.63 42.19 -33.29
CA PRO C 862 3.32 41.53 -33.32
C PRO C 862 3.17 40.45 -32.26
N SER C 863 4.07 39.47 -32.25
CA SER C 863 3.99 38.42 -31.24
C SER C 863 4.23 39.00 -29.85
N GLY C 864 5.31 39.76 -29.69
CA GLY C 864 5.58 40.51 -28.49
C GLY C 864 5.59 39.72 -27.19
N TYR C 865 5.51 38.39 -27.26
CA TYR C 865 5.53 37.60 -26.05
C TYR C 865 6.35 36.32 -26.16
N ARG C 866 7.05 36.08 -27.27
CA ARG C 866 7.96 34.95 -27.34
C ARG C 866 8.84 35.08 -28.56
N SER C 867 10.09 34.64 -28.44
CA SER C 867 11.05 34.72 -29.53
C SER C 867 10.69 33.73 -30.63
N ALA C 868 11.45 33.78 -31.72
CA ALA C 868 11.22 32.87 -32.83
C ALA C 868 11.59 31.44 -32.47
N ILE C 869 12.67 31.25 -31.72
CA ILE C 869 13.13 29.91 -31.41
C ILE C 869 12.22 29.22 -30.40
N GLU C 870 11.61 29.98 -29.47
CA GLU C 870 10.64 29.37 -28.57
C GLU C 870 9.45 28.83 -29.34
N ASP C 871 8.97 29.58 -30.33
CA ASP C 871 7.82 29.14 -31.11
C ASP C 871 8.13 27.85 -31.85
N LEU C 872 9.35 27.73 -32.41
CA LEU C 872 9.74 26.49 -33.06
C LEU C 872 9.85 25.34 -32.06
N LEU C 873 10.34 25.64 -30.84
CA LEU C 873 10.48 24.59 -29.83
C LEU C 873 9.12 24.09 -29.37
N PHE C 874 8.20 25.00 -29.04
CA PHE C 874 6.88 24.59 -28.59
C PHE C 874 6.09 23.88 -29.69
N ASP C 875 6.38 24.20 -30.96
CA ASP C 875 5.67 23.54 -32.06
C ASP C 875 6.03 22.07 -32.14
N LYS C 876 7.30 21.73 -31.91
CA LYS C 876 7.77 20.37 -32.08
C LYS C 876 7.52 19.46 -30.88
N VAL C 877 7.00 20.00 -29.78
CA VAL C 877 6.71 19.22 -28.59
C VAL C 877 5.20 19.09 -28.45
N THR C 878 4.73 17.89 -28.12
CA THR C 878 3.32 17.57 -28.09
C THR C 878 2.81 17.73 -26.65
N ILE C 879 2.06 18.80 -26.40
CA ILE C 879 1.42 19.02 -25.12
C ILE C 879 -0.08 19.15 -25.35
N ALA C 880 -0.86 18.75 -24.35
CA ALA C 880 -2.30 18.87 -24.39
C ALA C 880 -2.70 20.15 -23.66
N ASP C 881 -3.43 21.02 -24.35
CA ASP C 881 -3.81 22.30 -23.77
C ASP C 881 -4.76 22.06 -22.61
N PRO C 882 -4.43 22.51 -21.39
CA PRO C 882 -5.32 22.30 -20.25
C PRO C 882 -6.56 23.17 -20.25
N GLY C 883 -6.60 24.21 -21.07
CA GLY C 883 -7.73 25.12 -21.09
C GLY C 883 -8.02 25.73 -19.73
N TYR C 884 -7.10 26.57 -19.24
CA TYR C 884 -7.28 27.14 -17.92
C TYR C 884 -8.46 28.10 -17.84
N MET C 885 -8.92 28.64 -18.97
CA MET C 885 -9.97 29.64 -18.97
C MET C 885 -11.36 29.07 -19.24
N GLN C 886 -11.50 28.16 -20.20
CA GLN C 886 -12.79 27.55 -20.53
C GLN C 886 -12.65 26.05 -20.71
N GLY C 887 -11.88 25.40 -19.85
CA GLY C 887 -11.62 23.98 -20.04
C GLY C 887 -12.84 23.11 -19.85
N TYR C 888 -13.67 23.42 -18.86
CA TYR C 888 -14.82 22.57 -18.54
C TYR C 888 -15.84 22.57 -19.67
N ASP C 889 -16.04 23.71 -20.32
CA ASP C 889 -17.03 23.79 -21.39
C ASP C 889 -16.55 23.11 -22.66
N ASP C 890 -15.26 23.24 -22.98
CA ASP C 890 -14.74 22.61 -24.21
C ASP C 890 -14.81 21.10 -24.14
N CYS C 891 -14.60 20.52 -22.96
CA CYS C 891 -14.69 19.07 -22.83
C CYS C 891 -16.11 18.58 -23.00
N MET C 892 -17.11 19.46 -22.91
CA MET C 892 -18.50 19.07 -23.05
C MET C 892 -19.00 19.15 -24.48
N LYS C 893 -18.14 19.53 -25.43
CA LYS C 893 -18.55 19.64 -26.83
C LYS C 893 -17.59 18.91 -27.77
N GLN C 894 -16.89 17.88 -27.27
CA GLN C 894 -15.95 17.14 -28.09
C GLN C 894 -16.35 15.69 -28.33
N GLY C 895 -17.04 15.06 -27.37
CA GLY C 895 -17.59 13.74 -27.55
C GLY C 895 -16.56 12.66 -27.79
N PRO C 896 -16.56 12.09 -29.00
CA PRO C 896 -15.71 10.92 -29.28
C PRO C 896 -14.22 11.20 -29.16
N GLN C 897 -13.79 12.46 -29.21
CA GLN C 897 -12.37 12.75 -29.12
C GLN C 897 -11.78 12.39 -27.76
N SER C 898 -12.63 12.18 -26.76
CA SER C 898 -12.18 11.84 -25.39
C SER C 898 -11.88 10.34 -25.32
N ALA C 899 -10.82 9.95 -26.03
CA ALA C 899 -10.30 8.57 -25.97
C ALA C 899 -9.19 8.54 -24.93
N ARG C 900 -9.59 8.41 -23.66
CA ARG C 900 -8.71 8.59 -22.52
C ARG C 900 -7.97 9.93 -22.59
N ASP C 901 -8.77 10.99 -22.56
CA ASP C 901 -8.23 12.34 -22.47
C ASP C 901 -7.96 12.66 -21.01
N LEU C 902 -6.70 12.92 -20.68
CA LEU C 902 -6.34 13.23 -19.30
C LEU C 902 -6.82 14.61 -18.89
N ILE C 903 -6.94 15.53 -19.85
CA ILE C 903 -7.42 16.88 -19.54
C ILE C 903 -8.91 16.84 -19.24
N CYS C 904 -9.68 16.07 -20.00
CA CYS C 904 -11.12 15.99 -19.80
C CYS C 904 -11.52 14.93 -18.78
N ALA C 905 -10.56 14.23 -18.18
CA ALA C 905 -10.85 13.34 -17.07
C ALA C 905 -10.71 14.03 -15.72
N GLN C 906 -10.33 15.31 -15.71
CA GLN C 906 -10.31 16.05 -14.46
C GLN C 906 -11.70 16.14 -13.86
N TYR C 907 -12.69 16.39 -14.70
CA TYR C 907 -14.06 16.65 -14.28
C TYR C 907 -14.85 15.38 -14.07
N VAL C 908 -14.29 14.24 -14.46
CA VAL C 908 -14.91 12.94 -14.24
C VAL C 908 -14.37 12.26 -12.99
N SER C 909 -13.06 12.28 -12.80
CA SER C 909 -12.41 11.57 -11.70
C SER C 909 -12.18 12.45 -10.47
N GLY C 910 -12.36 13.76 -10.58
CA GLY C 910 -12.33 14.62 -9.42
C GLY C 910 -11.04 15.36 -9.14
N TYR C 911 -10.01 15.18 -9.95
CA TYR C 911 -8.80 15.97 -9.78
C TYR C 911 -8.84 17.21 -10.66
N LYS C 912 -7.92 18.13 -10.41
CA LYS C 912 -7.91 19.43 -11.09
C LYS C 912 -6.48 19.88 -11.29
N VAL C 913 -6.16 20.29 -12.52
CA VAL C 913 -4.84 20.81 -12.85
C VAL C 913 -4.88 22.32 -12.71
N LEU C 914 -4.11 22.86 -11.77
CA LEU C 914 -4.07 24.28 -11.53
C LEU C 914 -3.18 24.99 -12.55
N PRO C 915 -3.45 26.26 -12.84
CA PRO C 915 -2.61 27.01 -13.77
C PRO C 915 -1.32 27.46 -13.11
N PRO C 916 -0.27 27.69 -13.88
CA PRO C 916 1.00 28.16 -13.31
C PRO C 916 0.89 29.58 -12.78
N LEU C 917 1.92 29.97 -12.02
CA LEU C 917 1.91 31.28 -11.38
C LEU C 917 1.91 32.42 -12.40
N TYR C 918 2.66 32.27 -13.48
CA TYR C 918 2.84 33.32 -14.47
C TYR C 918 2.33 32.86 -15.82
N ASP C 919 1.71 33.77 -16.56
CA ASP C 919 1.25 33.45 -17.90
C ASP C 919 2.43 33.46 -18.87
N PRO C 920 2.28 32.84 -20.04
CA PRO C 920 3.39 32.80 -21.00
C PRO C 920 3.91 34.17 -21.39
N ASN C 921 3.05 35.18 -21.41
CA ASN C 921 3.47 36.53 -21.77
C ASN C 921 4.46 37.09 -20.75
N MET C 922 4.19 36.89 -19.47
CA MET C 922 5.10 37.39 -18.43
C MET C 922 6.27 36.46 -18.21
N GLU C 923 6.10 35.17 -18.47
CA GLU C 923 7.22 34.23 -18.36
C GLU C 923 8.33 34.56 -19.35
N ALA C 924 7.96 35.00 -20.55
CA ALA C 924 8.94 35.30 -21.59
C ALA C 924 9.41 36.75 -21.55
N ALA C 925 8.81 37.60 -20.73
CA ALA C 925 9.36 38.94 -20.52
C ALA C 925 10.70 38.87 -19.82
N TYR C 926 10.84 37.97 -18.84
CA TYR C 926 12.09 37.84 -18.12
C TYR C 926 13.21 37.34 -19.03
N THR C 927 12.92 36.35 -19.87
CA THR C 927 13.95 35.79 -20.74
C THR C 927 14.24 36.70 -21.92
N SER C 928 13.25 37.44 -22.41
CA SER C 928 13.52 38.41 -23.47
C SER C 928 14.41 39.53 -22.97
N SER C 929 14.26 39.91 -21.70
CA SER C 929 15.10 40.95 -21.12
C SER C 929 16.51 40.46 -20.82
N LEU C 930 16.73 39.15 -20.78
CA LEU C 930 18.07 38.62 -20.56
C LEU C 930 18.94 38.75 -21.80
N LEU C 931 18.33 38.71 -22.99
CA LEU C 931 19.11 38.84 -24.22
C LEU C 931 19.77 40.21 -24.31
N GLY C 932 19.06 41.25 -23.88
CA GLY C 932 19.57 42.60 -23.93
C GLY C 932 20.26 43.10 -22.69
N SER C 933 20.57 42.21 -21.75
CA SER C 933 21.21 42.61 -20.50
C SER C 933 22.72 42.75 -20.63
N ILE C 934 23.25 42.84 -21.85
CA ILE C 934 24.68 43.05 -22.02
C ILE C 934 25.10 44.36 -21.36
N ALA C 935 24.24 45.38 -21.42
CA ALA C 935 24.48 46.59 -20.65
C ALA C 935 24.48 46.29 -19.16
N GLY C 936 23.78 45.24 -18.74
CA GLY C 936 23.81 44.84 -17.34
C GLY C 936 25.10 44.19 -16.92
N ALA C 937 25.90 43.70 -17.88
CA ALA C 937 27.18 43.09 -17.53
C ALA C 937 28.14 44.12 -16.97
N GLY C 938 28.43 45.16 -17.76
CA GLY C 938 29.38 46.17 -17.34
C GLY C 938 30.74 45.58 -17.02
N TRP C 939 31.50 45.19 -18.05
CA TRP C 939 32.77 44.52 -17.82
C TRP C 939 33.73 45.36 -16.98
N THR C 940 33.97 44.90 -15.76
CA THR C 940 34.91 45.48 -14.80
C THR C 940 35.25 44.41 -13.77
N ALA C 941 35.89 44.82 -12.68
CA ALA C 941 35.99 44.01 -11.48
C ALA C 941 34.82 44.37 -10.59
N GLY C 942 33.87 43.45 -10.45
CA GLY C 942 32.66 43.73 -9.70
C GLY C 942 31.41 43.70 -10.55
N LEU C 943 30.25 43.64 -9.88
CA LEU C 943 28.96 43.49 -10.54
C LEU C 943 28.04 44.68 -10.29
N SER C 944 28.57 45.78 -9.79
CA SER C 944 27.77 46.92 -9.37
C SER C 944 27.78 48.08 -10.36
N SER C 945 28.32 47.89 -11.56
CA SER C 945 28.38 48.92 -12.57
C SER C 945 27.94 48.36 -13.90
N PHE C 946 27.46 49.25 -14.78
CA PHE C 946 26.90 48.85 -16.07
C PHE C 946 27.57 49.65 -17.18
N ALA C 947 27.87 48.97 -18.29
CA ALA C 947 28.50 49.60 -19.44
C ALA C 947 27.69 49.28 -20.68
N ALA C 948 27.30 50.32 -21.42
CA ALA C 948 26.48 50.15 -22.62
C ALA C 948 27.38 49.87 -23.81
N ILE C 949 28.01 48.70 -23.76
CA ILE C 949 28.84 48.22 -24.87
C ILE C 949 27.96 47.43 -25.83
N PRO C 950 27.98 47.73 -27.13
CA PRO C 950 27.15 46.99 -28.08
C PRO C 950 27.44 45.50 -28.05
N PHE C 951 26.52 44.73 -28.62
CA PHE C 951 26.68 43.28 -28.65
C PHE C 951 27.90 42.88 -29.48
N ALA C 952 28.13 43.56 -30.61
CA ALA C 952 29.24 43.20 -31.48
C ALA C 952 30.57 43.37 -30.78
N GLN C 953 30.73 44.44 -30.01
CA GLN C 953 31.99 44.66 -29.32
C GLN C 953 32.18 43.69 -28.17
N SER C 954 31.10 43.28 -27.52
CA SER C 954 31.23 42.34 -26.41
C SER C 954 31.76 40.99 -26.88
N MET C 955 31.30 40.53 -28.05
CA MET C 955 31.76 39.25 -28.57
C MET C 955 33.26 39.27 -28.86
N PHE C 956 33.77 40.39 -29.37
CA PHE C 956 35.20 40.49 -29.64
C PHE C 956 36.01 40.53 -28.35
N TYR C 957 35.47 41.11 -27.28
CA TYR C 957 36.12 40.99 -25.98
C TYR C 957 36.00 39.59 -25.42
N ARG C 958 34.87 38.92 -25.66
CA ARG C 958 34.72 37.53 -25.23
C ARG C 958 35.70 36.62 -25.97
N LEU C 959 35.87 36.83 -27.27
CA LEU C 959 36.80 36.02 -28.04
C LEU C 959 38.24 36.39 -27.74
N ASN C 960 38.50 37.64 -27.35
CA ASN C 960 39.86 38.05 -27.02
C ASN C 960 40.34 37.44 -25.71
N GLY C 961 39.43 37.24 -24.76
CA GLY C 961 39.82 36.64 -23.49
C GLY C 961 40.25 35.19 -23.62
N VAL C 962 39.57 34.43 -24.49
CA VAL C 962 39.81 32.99 -24.58
C VAL C 962 41.07 32.64 -25.36
N GLY C 963 41.85 33.63 -25.79
CA GLY C 963 43.13 33.32 -26.39
C GLY C 963 43.38 33.96 -27.74
N ILE C 964 42.31 34.24 -28.50
CA ILE C 964 42.47 34.81 -29.82
C ILE C 964 43.10 36.19 -29.71
N THR C 965 44.13 36.44 -30.51
CA THR C 965 44.96 37.62 -30.38
C THR C 965 44.30 38.82 -31.05
N GLN C 966 44.91 39.99 -30.85
CA GLN C 966 44.40 41.24 -31.42
C GLN C 966 44.63 41.31 -32.92
N GLN C 967 45.78 40.83 -33.40
CA GLN C 967 46.09 40.86 -34.84
C GLN C 967 45.39 39.70 -35.54
N VAL C 968 44.21 39.39 -35.01
CA VAL C 968 43.25 38.39 -35.46
C VAL C 968 41.98 38.94 -34.81
N LEU C 969 40.81 38.60 -35.33
CA LEU C 969 39.52 39.16 -34.94
C LEU C 969 39.33 40.53 -35.59
N SER C 970 40.37 41.09 -36.20
CA SER C 970 40.27 42.30 -37.02
C SER C 970 40.39 42.00 -38.51
N GLU C 971 41.26 41.07 -38.86
CA GLU C 971 41.38 40.59 -40.24
C GLU C 971 40.45 39.42 -40.53
N ASN C 972 39.75 38.89 -39.52
CA ASN C 972 38.85 37.76 -39.69
C ASN C 972 37.46 38.04 -39.16
N GLN C 973 37.13 39.29 -38.85
CA GLN C 973 35.84 39.59 -38.22
C GLN C 973 34.68 39.22 -39.13
N LYS C 974 34.84 39.39 -40.44
CA LYS C 974 33.82 38.93 -41.37
C LYS C 974 33.69 37.41 -41.29
N LEU C 975 34.81 36.70 -41.23
CA LEU C 975 34.76 35.24 -41.11
C LEU C 975 34.26 34.81 -39.74
N ILE C 976 34.59 35.58 -38.70
CA ILE C 976 34.14 35.25 -37.35
C ILE C 976 32.62 35.22 -37.30
N ALA C 977 31.98 36.26 -37.83
CA ALA C 977 30.53 36.36 -37.74
C ALA C 977 29.83 35.35 -38.64
N ASN C 978 30.40 35.06 -39.81
CA ASN C 978 29.78 34.10 -40.72
C ASN C 978 29.73 32.70 -40.09
N LYS C 979 30.80 32.30 -39.40
CA LYS C 979 30.78 31.01 -38.71
C LYS C 979 29.90 31.06 -37.47
N PHE C 980 29.75 32.24 -36.86
CA PHE C 980 28.82 32.38 -35.74
C PHE C 980 27.38 32.23 -36.19
N ASN C 981 27.00 32.95 -37.26
CA ASN C 981 25.62 32.88 -37.75
C ASN C 981 25.28 31.49 -38.27
N GLN C 982 26.27 30.77 -38.80
CA GLN C 982 26.02 29.42 -39.27
C GLN C 982 25.62 28.50 -38.13
N ALA C 983 26.30 28.63 -36.98
CA ALA C 983 25.95 27.82 -35.81
C ALA C 983 24.56 28.15 -35.31
N LEU C 984 24.20 29.44 -35.26
CA LEU C 984 22.87 29.82 -34.81
C LEU C 984 21.79 29.43 -35.82
N GLY C 985 22.14 29.32 -37.10
CA GLY C 985 21.15 28.92 -38.08
C GLY C 985 20.74 27.47 -37.99
N ALA C 986 21.56 26.63 -37.34
CA ALA C 986 21.36 25.19 -37.35
C ALA C 986 20.71 24.64 -36.09
N MET C 987 20.33 25.49 -35.13
CA MET C 987 19.69 24.97 -33.94
C MET C 987 18.25 24.51 -34.21
N GLN C 988 17.67 24.95 -35.33
CA GLN C 988 16.32 24.49 -35.68
C GLN C 988 16.29 22.99 -35.88
N THR C 989 17.32 22.44 -36.53
CA THR C 989 17.38 21.00 -36.77
C THR C 989 17.58 20.20 -35.49
N GLY C 990 18.05 20.84 -34.42
CA GLY C 990 18.32 20.13 -33.18
C GLY C 990 17.08 19.69 -32.43
N PHE C 991 15.90 20.13 -32.85
CA PHE C 991 14.65 19.78 -32.16
C PHE C 991 14.12 18.45 -32.70
N THR C 992 14.83 17.38 -32.32
CA THR C 992 14.43 16.02 -32.66
C THR C 992 14.64 15.14 -31.43
N THR C 993 14.16 13.90 -31.51
CA THR C 993 14.32 12.97 -30.40
C THR C 993 15.71 12.37 -30.33
N SER C 994 16.54 12.56 -31.36
CA SER C 994 17.94 12.14 -31.26
C SER C 994 18.73 13.08 -30.36
N ASN C 995 18.33 14.35 -30.29
CA ASN C 995 19.02 15.33 -29.45
C ASN C 995 18.88 14.94 -27.98
N GLN C 996 19.94 15.21 -27.21
CA GLN C 996 19.93 14.88 -25.79
C GLN C 996 19.02 15.82 -25.01
N ALA C 997 19.11 17.12 -25.27
CA ALA C 997 18.32 18.08 -24.51
C ALA C 997 16.83 17.96 -24.83
N PHE C 998 16.50 17.93 -26.13
CA PHE C 998 15.10 17.86 -26.52
C PHE C 998 14.45 16.55 -26.07
N SER C 999 15.22 15.48 -25.98
CA SER C 999 14.68 14.24 -25.44
C SER C 999 14.28 14.40 -23.99
N LYS C 1000 14.94 15.30 -23.26
CA LYS C 1000 14.58 15.54 -21.86
C LYS C 1000 13.41 16.51 -21.72
N VAL C 1001 13.14 17.35 -22.72
CA VAL C 1001 11.95 18.18 -22.67
C VAL C 1001 10.70 17.33 -22.78
N GLN C 1002 10.73 16.32 -23.65
CA GLN C 1002 9.56 15.47 -23.84
C GLN C 1002 9.38 14.49 -22.68
N ASP C 1003 10.46 14.09 -22.03
CA ASP C 1003 10.35 13.20 -20.87
C ASP C 1003 9.73 13.91 -19.68
N ALA C 1004 10.05 15.18 -19.49
CA ALA C 1004 9.41 15.95 -18.42
C ALA C 1004 7.93 16.11 -18.67
N VAL C 1005 7.54 16.34 -19.92
CA VAL C 1005 6.12 16.41 -20.27
C VAL C 1005 5.46 15.06 -20.06
N ASN C 1006 6.12 13.99 -20.49
CA ASN C 1006 5.56 12.65 -20.30
C ASN C 1006 5.41 12.31 -18.82
N ALA C 1007 6.34 12.77 -17.99
CA ALA C 1007 6.22 12.53 -16.56
C ALA C 1007 5.00 13.24 -15.98
N ASN C 1008 4.72 14.45 -16.46
CA ASN C 1008 3.55 15.18 -15.99
C ASN C 1008 2.26 14.44 -16.35
N ALA C 1009 2.17 13.96 -17.59
CA ALA C 1009 0.96 13.26 -18.03
C ALA C 1009 0.82 11.91 -17.34
N GLN C 1010 1.95 11.25 -17.05
CA GLN C 1010 1.90 9.93 -16.44
C GLN C 1010 1.32 9.99 -15.04
N ALA C 1011 1.50 11.10 -14.33
CA ALA C 1011 0.91 11.24 -13.01
C ALA C 1011 -0.61 11.24 -13.08
N LEU C 1012 -1.17 11.97 -14.05
CA LEU C 1012 -2.61 11.99 -14.22
C LEU C 1012 -3.13 10.63 -14.67
N SER C 1013 -2.41 9.96 -15.58
CA SER C 1013 -2.87 8.70 -16.12
C SER C 1013 -2.99 7.64 -15.03
N LYS C 1014 -2.02 7.60 -14.11
CA LYS C 1014 -2.10 6.63 -13.03
C LYS C 1014 -3.22 6.96 -12.05
N LEU C 1015 -3.48 8.25 -11.84
CA LEU C 1015 -4.61 8.65 -10.99
C LEU C 1015 -5.93 8.17 -11.58
N ALA C 1016 -6.13 8.37 -12.89
CA ALA C 1016 -7.38 7.98 -13.51
C ALA C 1016 -7.51 6.46 -13.63
N SER C 1017 -6.40 5.75 -13.80
CA SER C 1017 -6.43 4.31 -13.95
C SER C 1017 -6.51 3.57 -12.62
N GLU C 1018 -6.23 4.25 -11.50
CA GLU C 1018 -6.39 3.64 -10.19
C GLU C 1018 -7.85 3.56 -9.76
N LEU C 1019 -8.75 4.18 -10.50
CA LEU C 1019 -10.18 4.11 -10.23
C LEU C 1019 -10.84 2.89 -10.85
N SER C 1020 -10.13 2.16 -11.71
CA SER C 1020 -10.63 0.94 -12.31
C SER C 1020 -10.05 -0.29 -11.63
N ASN C 1021 -9.70 -0.17 -10.36
CA ASN C 1021 -9.15 -1.27 -9.58
C ASN C 1021 -10.24 -1.82 -8.67
N THR C 1022 -10.43 -3.14 -8.71
CA THR C 1022 -11.50 -3.75 -7.92
C THR C 1022 -11.17 -3.78 -6.44
N PHE C 1023 -9.89 -3.92 -6.10
CA PHE C 1023 -9.45 -4.02 -4.70
C PHE C 1023 -10.09 -5.23 -4.00
N GLY C 1024 -10.40 -6.27 -4.76
CA GLY C 1024 -11.03 -7.44 -4.21
C GLY C 1024 -12.55 -7.45 -4.27
N ALA C 1025 -13.16 -6.30 -4.57
CA ALA C 1025 -14.61 -6.25 -4.67
C ALA C 1025 -15.08 -6.92 -5.96
N ILE C 1026 -16.40 -7.09 -6.08
CA ILE C 1026 -16.93 -7.74 -7.27
C ILE C 1026 -16.74 -6.87 -8.50
N SER C 1027 -16.67 -5.55 -8.31
CA SER C 1027 -16.51 -4.63 -9.44
C SER C 1027 -15.90 -3.34 -8.91
N SER C 1028 -15.35 -2.56 -9.82
CA SER C 1028 -14.80 -1.26 -9.49
C SER C 1028 -15.84 -0.15 -9.52
N SER C 1029 -17.04 -0.44 -10.00
CA SER C 1029 -18.12 0.55 -10.08
C SER C 1029 -19.04 0.39 -8.90
N ILE C 1030 -19.29 1.51 -8.20
CA ILE C 1030 -20.27 1.49 -7.13
C ILE C 1030 -21.68 1.26 -7.67
N SER C 1031 -21.90 1.58 -8.94
CA SER C 1031 -23.21 1.31 -9.54
C SER C 1031 -23.50 -0.17 -9.60
N ASP C 1032 -22.52 -0.99 -9.98
CA ASP C 1032 -22.71 -2.43 -10.04
C ASP C 1032 -22.75 -3.08 -8.67
N ILE C 1033 -22.02 -2.54 -7.70
CA ILE C 1033 -22.07 -3.09 -6.34
C ILE C 1033 -23.47 -2.90 -5.76
N LEU C 1034 -24.06 -1.73 -5.97
CA LEU C 1034 -25.40 -1.48 -5.47
C LEU C 1034 -26.46 -2.26 -6.23
N ALA C 1035 -26.16 -2.70 -7.44
CA ALA C 1035 -27.14 -3.37 -8.30
C ALA C 1035 -27.07 -4.88 -8.22
N ARG C 1036 -26.24 -5.44 -7.36
CA ARG C 1036 -26.07 -6.90 -7.30
C ARG C 1036 -26.12 -7.48 -5.89
N LEU C 1037 -26.02 -6.68 -4.84
CA LEU C 1037 -25.82 -7.20 -3.51
C LEU C 1037 -26.83 -6.61 -2.54
N ASP C 1038 -27.10 -7.36 -1.48
CA ASP C 1038 -28.04 -6.93 -0.47
C ASP C 1038 -27.45 -5.81 0.37
N THR C 1039 -28.31 -5.12 1.12
CA THR C 1039 -27.90 -3.93 1.85
C THR C 1039 -26.83 -4.25 2.88
N ALA C 1040 -26.92 -5.42 3.52
CA ALA C 1040 -25.91 -5.80 4.49
C ALA C 1040 -24.55 -5.96 3.83
N GLU C 1041 -24.50 -6.59 2.65
CA GLU C 1041 -23.25 -6.90 1.99
C GLU C 1041 -22.73 -5.78 1.11
N GLN C 1042 -23.59 -4.84 0.73
CA GLN C 1042 -23.13 -3.70 -0.08
C GLN C 1042 -22.08 -2.90 0.66
N ASP C 1043 -22.34 -2.58 1.93
CA ASP C 1043 -21.41 -1.74 2.68
C ASP C 1043 -20.07 -2.43 2.89
N ALA C 1044 -20.04 -3.76 2.85
CA ALA C 1044 -18.78 -4.48 2.99
C ALA C 1044 -17.94 -4.38 1.72
N GLN C 1045 -18.58 -4.16 0.57
CA GLN C 1045 -17.85 -4.03 -0.69
C GLN C 1045 -17.47 -2.59 -1.01
N ILE C 1046 -18.27 -1.61 -0.57
CA ILE C 1046 -17.86 -0.22 -0.73
C ILE C 1046 -16.62 0.07 0.09
N ASP C 1047 -16.56 -0.47 1.32
CA ASP C 1047 -15.43 -0.21 2.19
C ASP C 1047 -14.12 -0.76 1.64
N ARG C 1048 -14.19 -1.76 0.76
CA ARG C 1048 -12.98 -2.16 0.04
C ARG C 1048 -12.55 -1.08 -0.95
N LEU C 1049 -13.51 -0.44 -1.62
CA LEU C 1049 -13.20 0.65 -2.52
C LEU C 1049 -12.82 1.92 -1.78
N ILE C 1050 -13.21 2.06 -0.52
CA ILE C 1050 -12.88 3.24 0.26
C ILE C 1050 -11.53 3.12 0.94
N ASN C 1051 -11.17 1.92 1.42
CA ASN C 1051 -9.83 1.73 1.97
C ASN C 1051 -8.79 1.73 0.88
N GLY C 1052 -9.09 1.10 -0.27
CA GLY C 1052 -8.41 1.46 -1.48
C GLY C 1052 -8.87 2.84 -1.92
N ARG C 1053 -8.18 3.41 -2.91
CA ARG C 1053 -8.52 4.72 -3.43
C ARG C 1053 -8.16 5.82 -2.43
N LEU C 1054 -7.79 5.43 -1.21
CA LEU C 1054 -7.10 6.30 -0.26
C LEU C 1054 -5.66 5.88 -0.04
N THR C 1055 -5.38 4.58 -0.10
CA THR C 1055 -4.00 4.13 -0.22
C THR C 1055 -3.39 4.60 -1.52
N SER C 1056 -4.18 4.58 -2.60
CA SER C 1056 -3.69 5.06 -3.89
C SER C 1056 -3.55 6.58 -3.91
N LEU C 1057 -4.36 7.30 -3.14
CA LEU C 1057 -4.19 8.74 -3.04
C LEU C 1057 -3.01 9.10 -2.16
N ASN C 1058 -2.73 8.32 -1.12
CA ASN C 1058 -1.54 8.55 -0.32
C ASN C 1058 -0.28 8.29 -1.13
N ALA C 1059 -0.31 7.32 -2.04
CA ALA C 1059 0.80 7.10 -2.94
C ALA C 1059 0.99 8.30 -3.87
N PHE C 1060 -0.11 8.86 -4.37
CA PHE C 1060 -0.02 10.07 -5.18
C PHE C 1060 0.54 11.24 -4.38
N VAL C 1061 0.08 11.41 -3.14
CA VAL C 1061 0.53 12.54 -2.34
C VAL C 1061 2.01 12.45 -2.05
N SER C 1062 2.49 11.25 -1.68
CA SER C 1062 3.91 11.08 -1.40
C SER C 1062 4.75 11.24 -2.67
N GLN C 1063 4.24 10.76 -3.80
CA GLN C 1063 4.98 10.86 -5.05
C GLN C 1063 5.06 12.29 -5.55
N GLN C 1064 4.04 13.10 -5.29
CA GLN C 1064 4.07 14.49 -5.75
C GLN C 1064 4.84 15.40 -4.82
N LEU C 1065 5.23 14.94 -3.64
CA LEU C 1065 6.17 15.68 -2.82
C LEU C 1065 7.61 15.40 -3.20
N VAL C 1066 7.90 14.19 -3.69
CA VAL C 1066 9.24 13.90 -4.19
C VAL C 1066 9.49 14.65 -5.48
N ARG C 1067 8.51 14.63 -6.40
CA ARG C 1067 8.68 15.31 -7.67
C ARG C 1067 8.78 16.82 -7.49
N SER C 1068 8.05 17.38 -6.53
CA SER C 1068 8.01 18.82 -6.37
C SER C 1068 9.32 19.36 -5.79
N GLU C 1069 9.88 18.66 -4.79
CA GLU C 1069 11.17 19.08 -4.25
C GLU C 1069 12.29 18.86 -5.24
N THR C 1070 12.20 17.80 -6.06
CA THR C 1070 13.22 17.59 -7.09
C THR C 1070 13.25 18.74 -8.09
N ALA C 1071 12.07 19.26 -8.45
CA ALA C 1071 12.02 20.41 -9.35
C ALA C 1071 12.37 21.70 -8.63
N ALA C 1072 12.12 21.80 -7.33
CA ALA C 1072 12.51 22.99 -6.58
C ALA C 1072 14.02 23.10 -6.45
N ARG C 1073 14.69 21.97 -6.28
CA ARG C 1073 16.15 21.96 -6.25
C ARG C 1073 16.73 22.18 -7.63
N SER C 1074 16.03 21.72 -8.67
CA SER C 1074 16.49 21.97 -10.04
C SER C 1074 16.28 23.41 -10.46
N ALA C 1075 15.40 24.16 -9.78
CA ALA C 1075 15.25 25.58 -10.06
C ALA C 1075 16.48 26.36 -9.63
N GLN C 1076 17.10 25.97 -8.53
CA GLN C 1076 18.36 26.59 -8.11
C GLN C 1076 19.47 26.31 -9.12
N LEU C 1077 19.47 25.12 -9.72
CA LEU C 1077 20.45 24.82 -10.77
C LEU C 1077 20.25 25.72 -11.97
N ALA C 1078 18.99 25.91 -12.39
CA ALA C 1078 18.72 26.82 -13.49
C ALA C 1078 19.07 28.26 -13.13
N SER C 1079 18.76 28.67 -11.90
CA SER C 1079 19.08 30.03 -11.47
C SER C 1079 20.57 30.26 -11.40
N ASP C 1080 21.33 29.26 -10.93
CA ASP C 1080 22.78 29.39 -10.87
C ASP C 1080 23.38 29.41 -12.27
N LYS C 1081 22.87 28.57 -13.17
CA LYS C 1081 23.45 28.49 -14.51
C LYS C 1081 23.09 29.72 -15.34
N VAL C 1082 21.97 30.37 -15.05
CA VAL C 1082 21.67 31.64 -15.70
C VAL C 1082 22.68 32.70 -15.29
N ASN C 1083 22.96 32.80 -14.00
CA ASN C 1083 23.89 33.80 -13.50
C ASN C 1083 25.32 33.57 -13.96
N GLU C 1084 25.65 32.36 -14.39
CA GLU C 1084 27.01 32.02 -14.81
C GLU C 1084 27.15 31.99 -16.32
N CYS C 1085 26.37 31.15 -17.00
CA CYS C 1085 26.50 31.05 -18.45
C CYS C 1085 25.91 32.27 -19.16
N VAL C 1086 24.75 32.73 -18.72
CA VAL C 1086 24.00 33.71 -19.50
C VAL C 1086 24.47 35.13 -19.21
N LYS C 1087 24.55 35.51 -17.94
CA LYS C 1087 24.88 36.89 -17.62
C LYS C 1087 26.38 37.18 -17.63
N SER C 1088 27.23 36.17 -17.84
CA SER C 1088 28.66 36.41 -17.88
C SER C 1088 29.32 35.26 -18.63
N GLN C 1089 30.62 35.41 -18.88
CA GLN C 1089 31.41 34.37 -19.50
C GLN C 1089 31.98 33.45 -18.44
N SER C 1090 31.88 32.15 -18.68
CA SER C 1090 32.29 31.14 -17.71
C SER C 1090 33.70 30.66 -18.00
N LYS C 1091 34.53 30.60 -16.97
CA LYS C 1091 35.86 30.03 -17.07
C LYS C 1091 35.92 28.59 -16.60
N ARG C 1092 34.80 28.02 -16.16
CA ARG C 1092 34.76 26.61 -15.78
C ARG C 1092 34.91 25.73 -17.00
N ASN C 1093 35.28 24.48 -16.75
CA ASN C 1093 35.46 23.49 -17.79
C ASN C 1093 34.22 22.59 -17.83
N GLY C 1094 33.51 22.62 -18.95
CA GLY C 1094 32.37 21.75 -19.15
C GLY C 1094 31.10 22.17 -18.46
N PHE C 1095 31.10 23.28 -17.72
CA PHE C 1095 29.87 23.74 -17.08
C PHE C 1095 28.88 24.27 -18.11
N CYS C 1096 29.35 25.11 -19.02
CA CYS C 1096 28.49 25.80 -19.97
C CYS C 1096 28.81 25.22 -21.34
N GLY C 1097 28.20 24.07 -21.66
CA GLY C 1097 28.41 23.45 -22.95
C GLY C 1097 29.74 22.72 -23.05
N SER C 1098 30.20 22.57 -24.28
CA SER C 1098 31.46 21.90 -24.59
C SER C 1098 32.36 22.84 -25.36
N GLY C 1099 33.65 22.78 -25.07
CA GLY C 1099 34.59 23.75 -25.60
C GLY C 1099 34.66 24.98 -24.72
N THR C 1100 35.59 25.88 -25.05
CA THR C 1100 35.69 27.11 -24.30
C THR C 1100 34.46 27.98 -24.56
N HIS C 1101 33.97 28.61 -23.49
CA HIS C 1101 32.65 29.22 -23.48
C HIS C 1101 32.73 30.66 -23.98
N ILE C 1102 31.82 31.03 -24.88
CA ILE C 1102 31.75 32.38 -25.43
C ILE C 1102 30.50 33.10 -24.94
N VAL C 1103 29.32 32.57 -25.27
CA VAL C 1103 28.06 33.21 -24.91
C VAL C 1103 26.99 32.14 -24.85
N SER C 1104 25.99 32.37 -24.00
CA SER C 1104 24.85 31.47 -23.86
C SER C 1104 23.56 32.28 -23.89
N PHE C 1105 22.51 31.66 -24.42
CA PHE C 1105 21.20 32.27 -24.48
C PHE C 1105 20.17 31.33 -23.86
N VAL C 1106 19.18 31.90 -23.18
CA VAL C 1106 18.14 31.13 -22.51
C VAL C 1106 16.78 31.51 -23.06
N VAL C 1107 15.94 30.51 -23.28
CA VAL C 1107 14.55 30.71 -23.69
C VAL C 1107 13.68 29.78 -22.87
N ASN C 1108 12.39 30.11 -22.81
CA ASN C 1108 11.45 29.28 -22.07
C ASN C 1108 11.15 27.99 -22.83
N ALA C 1109 11.01 26.91 -22.08
CA ALA C 1109 10.61 25.60 -22.58
C ALA C 1109 9.55 25.06 -21.64
N PRO C 1110 8.78 24.05 -22.07
CA PRO C 1110 7.80 23.45 -21.17
C PRO C 1110 8.41 23.01 -19.84
N ASN C 1111 7.95 23.64 -18.75
CA ASN C 1111 8.34 23.27 -17.39
C ASN C 1111 9.82 23.49 -17.13
N GLY C 1112 10.45 24.46 -17.77
CA GLY C 1112 11.85 24.71 -17.48
C GLY C 1112 12.45 25.76 -18.40
N PHE C 1113 13.77 25.70 -18.53
CA PHE C 1113 14.57 26.65 -19.29
C PHE C 1113 15.37 25.88 -20.32
N TYR C 1114 15.44 26.43 -21.53
CA TYR C 1114 16.25 25.85 -22.60
C TYR C 1114 17.41 26.79 -22.88
N PHE C 1115 18.63 26.27 -22.79
CA PHE C 1115 19.84 27.05 -23.00
C PHE C 1115 20.48 26.69 -24.33
N PHE C 1116 21.16 27.65 -24.93
CA PHE C 1116 21.99 27.44 -26.11
C PHE C 1116 23.39 27.95 -25.79
N HIS C 1117 24.32 27.04 -25.57
CA HIS C 1117 25.69 27.39 -25.20
C HIS C 1117 26.55 27.41 -26.46
N VAL C 1118 26.99 28.60 -26.83
CA VAL C 1118 27.88 28.77 -27.99
C VAL C 1118 29.32 28.67 -27.50
N GLY C 1119 30.08 27.74 -28.08
CA GLY C 1119 31.45 27.53 -27.68
C GLY C 1119 32.39 27.56 -28.88
N TYR C 1120 33.65 27.81 -28.58
CA TYR C 1120 34.71 27.87 -29.58
C TYR C 1120 35.38 26.51 -29.68
N VAL C 1121 35.14 25.81 -30.79
CA VAL C 1121 35.71 24.50 -31.04
C VAL C 1121 36.64 24.60 -32.23
N PRO C 1122 37.94 24.35 -32.08
CA PRO C 1122 38.83 24.27 -33.24
C PRO C 1122 38.57 23.00 -34.04
N THR C 1123 39.03 23.05 -35.29
CA THR C 1123 38.88 21.91 -36.19
C THR C 1123 40.19 21.37 -36.75
N ASN C 1124 41.24 22.17 -36.80
CA ASN C 1124 42.52 21.75 -37.35
C ASN C 1124 43.62 22.25 -36.43
N TYR C 1125 44.76 21.55 -36.43
CA TYR C 1125 45.82 21.81 -35.48
C TYR C 1125 47.18 21.85 -36.18
N THR C 1126 48.14 22.49 -35.51
CA THR C 1126 49.52 22.51 -35.95
C THR C 1126 50.43 22.35 -34.74
N ASN C 1127 51.65 21.89 -34.98
CA ASN C 1127 52.62 21.60 -33.93
C ASN C 1127 53.75 22.62 -33.97
N VAL C 1128 54.16 23.09 -32.79
CA VAL C 1128 55.17 24.13 -32.64
C VAL C 1128 56.15 23.72 -31.55
N THR C 1129 57.23 24.50 -31.41
CA THR C 1129 58.26 24.20 -30.43
C THR C 1129 57.88 24.67 -29.04
N ALA C 1130 57.44 25.93 -28.91
CA ALA C 1130 56.78 26.43 -27.70
C ALA C 1130 57.67 26.30 -26.46
N ALA C 1131 58.72 27.12 -26.44
CA ALA C 1131 59.63 27.16 -25.30
C ALA C 1131 58.95 27.72 -24.06
N TYR C 1132 59.44 27.31 -22.90
CA TYR C 1132 58.89 27.78 -21.63
C TYR C 1132 59.10 29.27 -21.44
N GLY C 1133 60.30 29.77 -21.73
CA GLY C 1133 60.60 31.16 -21.43
C GLY C 1133 61.86 31.61 -22.14
N LEU C 1134 62.23 32.86 -21.90
CA LEU C 1134 63.42 33.39 -22.58
C LEU C 1134 64.25 34.14 -21.53
N CYS C 1135 65.46 33.64 -21.29
CA CYS C 1135 66.34 34.24 -20.24
C CYS C 1135 67.36 35.18 -20.88
N ASN C 1136 67.62 36.32 -20.25
CA ASN C 1136 68.63 37.27 -20.77
C ASN C 1136 70.03 36.66 -20.62
N ASN C 1137 70.90 36.84 -21.60
CA ASN C 1137 72.30 36.36 -21.45
C ASN C 1137 73.05 37.44 -20.66
N ASN C 1138 72.71 37.61 -19.38
CA ASN C 1138 73.31 38.69 -18.57
C ASN C 1138 73.38 38.23 -17.11
N ASN C 1139 74.26 38.85 -16.32
CA ASN C 1139 74.34 38.54 -14.86
C ASN C 1139 73.03 39.02 -14.24
N PRO C 1140 72.55 38.50 -13.09
CA PRO C 1140 71.22 38.81 -12.56
C PRO C 1140 70.21 38.86 -13.72
N PRO C 1141 70.01 37.76 -14.48
CA PRO C 1141 69.15 37.78 -15.66
C PRO C 1141 67.66 38.04 -15.45
N LEU C 1142 67.04 38.82 -16.34
CA LEU C 1142 65.58 39.04 -16.27
C LEU C 1142 64.97 38.03 -17.24
N CYS C 1143 63.91 37.33 -16.84
CA CYS C 1143 63.38 36.28 -17.74
C CYS C 1143 61.94 36.55 -18.10
N ILE C 1144 61.63 36.47 -19.40
CA ILE C 1144 60.26 36.79 -19.86
C ILE C 1144 59.51 35.52 -20.17
N ALA C 1145 58.37 35.33 -19.54
CA ALA C 1145 57.49 34.26 -19.95
C ALA C 1145 56.31 34.84 -20.74
N PRO C 1146 55.76 34.10 -21.68
CA PRO C 1146 54.63 34.64 -22.44
C PRO C 1146 53.43 34.81 -21.53
N ILE C 1147 52.46 35.58 -21.99
CA ILE C 1147 51.19 35.72 -21.29
C ILE C 1147 50.05 35.42 -22.26
N ASP C 1148 49.18 34.49 -21.88
CA ASP C 1148 48.01 34.13 -22.68
C ASP C 1148 48.44 33.74 -24.09
N GLY C 1149 49.51 32.94 -24.18
CA GLY C 1149 50.01 32.56 -25.49
C GLY C 1149 51.20 31.64 -25.36
N TYR C 1150 51.92 31.50 -26.48
CA TYR C 1150 53.09 30.65 -26.56
C TYR C 1150 54.23 31.40 -27.23
N PHE C 1151 55.47 31.11 -26.82
CA PHE C 1151 56.66 31.57 -27.52
C PHE C 1151 57.07 30.50 -28.52
N ILE C 1152 56.83 30.75 -29.81
CA ILE C 1152 57.09 29.76 -30.84
C ILE C 1152 58.22 30.25 -31.74
N THR C 1153 59.01 29.30 -32.25
CA THR C 1153 60.06 29.62 -33.18
C THR C 1153 59.48 30.04 -34.53
N ASN C 1154 60.31 30.67 -35.35
CA ASN C 1154 59.92 30.96 -36.73
C ASN C 1154 59.75 29.69 -37.53
N GLN C 1155 60.32 28.57 -37.08
CA GLN C 1155 60.18 27.28 -37.74
C GLN C 1155 58.71 26.84 -37.80
N THR C 1163 67.97 31.83 -34.57
CA THR C 1163 66.52 31.67 -34.50
C THR C 1163 65.87 32.87 -33.83
N GLU C 1164 64.69 33.24 -34.32
CA GLU C 1164 63.93 34.37 -33.78
C GLU C 1164 62.71 33.83 -33.05
N TRP C 1165 62.58 34.19 -31.77
CA TRP C 1165 61.45 33.74 -30.96
C TRP C 1165 60.28 34.71 -31.16
N TYR C 1166 59.13 34.18 -31.53
CA TYR C 1166 57.92 34.97 -31.74
C TYR C 1166 56.84 34.53 -30.77
N TYR C 1167 55.71 35.22 -30.83
CA TYR C 1167 54.59 34.96 -29.94
C TYR C 1167 53.33 34.72 -30.76
N THR C 1168 52.53 33.75 -30.35
CA THR C 1168 51.23 33.49 -30.96
C THR C 1168 50.19 33.30 -29.86
N GLY C 1169 48.93 33.55 -30.22
CA GLY C 1169 47.86 33.33 -29.29
C GLY C 1169 47.63 31.86 -29.02
N SER C 1170 47.04 31.58 -27.86
CA SER C 1170 46.84 30.19 -27.47
C SER C 1170 45.75 29.52 -28.30
N SER C 1171 44.69 30.26 -28.63
CA SER C 1171 43.56 29.66 -29.32
C SER C 1171 43.64 29.74 -30.84
N PHE C 1172 44.42 30.68 -31.38
CA PHE C 1172 44.60 30.77 -32.82
C PHE C 1172 46.06 30.97 -33.14
N PHE C 1173 46.51 30.38 -34.25
CA PHE C 1173 47.91 30.39 -34.64
C PHE C 1173 48.19 31.63 -35.47
N LYS C 1174 48.93 32.58 -34.90
CA LYS C 1174 49.33 33.79 -35.63
C LYS C 1174 50.60 34.34 -34.96
N PRO C 1175 51.77 34.07 -35.52
CA PRO C 1175 53.00 34.60 -34.93
C PRO C 1175 53.07 36.11 -34.98
N GLU C 1176 53.56 36.71 -33.90
CA GLU C 1176 53.70 38.15 -33.78
C GLU C 1176 55.04 38.47 -33.13
N PRO C 1177 55.54 39.68 -33.34
CA PRO C 1177 56.71 40.13 -32.57
C PRO C 1177 56.42 40.14 -31.08
N ILE C 1178 57.43 39.79 -30.29
CA ILE C 1178 57.32 39.86 -28.84
C ILE C 1178 57.46 41.30 -28.40
N THR C 1179 56.69 41.70 -27.39
CA THR C 1179 56.78 43.03 -26.82
C THR C 1179 56.52 42.93 -25.33
N GLN C 1180 56.50 44.07 -24.66
CA GLN C 1180 56.24 44.06 -23.22
C GLN C 1180 54.79 43.69 -22.93
N ALA C 1181 53.89 43.98 -23.86
CA ALA C 1181 52.47 43.70 -23.65
C ALA C 1181 52.20 42.21 -23.48
N ASN C 1182 52.84 41.37 -24.31
CA ASN C 1182 52.60 39.94 -24.29
C ASN C 1182 53.70 39.17 -23.59
N SER C 1183 54.48 39.83 -22.71
CA SER C 1183 55.53 39.17 -21.96
C SER C 1183 55.37 39.48 -20.48
N ARG C 1184 55.66 38.49 -19.64
CA ARG C 1184 55.56 38.63 -18.20
C ARG C 1184 56.90 38.28 -17.57
N TYR C 1185 57.38 39.15 -16.68
CA TYR C 1185 58.67 38.95 -16.05
C TYR C 1185 58.58 37.86 -14.99
N VAL C 1186 59.42 36.84 -15.12
CA VAL C 1186 59.46 35.70 -14.19
C VAL C 1186 60.91 35.39 -13.86
N SER C 1187 61.09 34.61 -12.79
CA SER C 1187 62.43 34.26 -12.34
C SER C 1187 63.08 33.26 -13.29
N SER C 1188 64.41 33.27 -13.30
CA SER C 1188 65.16 32.45 -14.24
C SER C 1188 65.10 30.97 -13.88
N ASP C 1189 65.19 30.12 -14.90
CA ASP C 1189 65.15 28.68 -14.74
C ASP C 1189 66.21 28.04 -15.62
N VAL C 1190 66.59 26.81 -15.26
CA VAL C 1190 67.50 26.04 -16.09
C VAL C 1190 66.82 25.61 -17.39
N LYS C 1191 65.52 25.32 -17.32
CA LYS C 1191 64.78 24.86 -18.49
C LYS C 1191 64.51 25.96 -19.51
N PHE C 1192 64.75 27.22 -19.15
CA PHE C 1192 64.59 28.31 -20.11
C PHE C 1192 65.70 28.27 -21.15
N GLU C 1193 65.46 28.94 -22.26
CA GLU C 1193 66.44 29.02 -23.35
C GLU C 1193 67.20 30.34 -23.26
N LYS C 1194 68.51 30.25 -23.14
CA LYS C 1194 69.36 31.43 -23.06
C LYS C 1194 69.49 32.07 -24.43
N LEU C 1195 69.39 33.40 -24.46
CA LEU C 1195 69.46 34.16 -25.71
C LEU C 1195 70.81 34.87 -25.77
N GLU C 1196 71.71 34.36 -26.61
CA GLU C 1196 72.99 35.05 -26.81
C GLU C 1196 72.80 36.31 -27.65
N ASN C 1197 71.94 36.25 -28.65
CA ASN C 1197 71.66 37.39 -29.52
C ASN C 1197 70.17 37.38 -29.85
N ASN C 1198 69.76 38.27 -30.75
CA ASN C 1198 68.36 38.36 -31.18
C ASN C 1198 67.42 38.60 -30.00
N LEU C 1199 67.87 39.41 -29.04
CA LEU C 1199 67.07 39.66 -27.86
C LEU C 1199 65.76 40.35 -28.24
N PRO C 1200 64.66 40.02 -27.59
CA PRO C 1200 63.40 40.73 -27.84
C PRO C 1200 63.46 42.13 -27.25
N PRO C 1201 62.61 43.03 -27.73
CA PRO C 1201 62.61 44.41 -27.22
C PRO C 1201 62.46 44.49 -25.70
N PRO C 1202 61.61 43.66 -25.07
CA PRO C 1202 61.51 43.74 -23.60
C PRO C 1202 62.80 43.41 -22.88
N LEU C 1203 63.64 42.56 -23.44
CA LEU C 1203 64.82 42.08 -22.73
C LEU C 1203 66.08 42.91 -22.99
N LEU C 1204 66.03 43.85 -23.93
CA LEU C 1204 67.22 44.62 -24.29
C LEU C 1204 67.60 45.59 -23.17
N GLU C 1205 68.82 45.44 -22.67
CA GLU C 1205 69.39 46.33 -21.65
C GLU C 1205 68.44 46.55 -20.46
C1 NAG D . -55.79 14.82 38.78
C2 NAG D . -55.07 13.67 38.09
C3 NAG D . -55.13 12.43 38.96
C4 NAG D . -54.69 12.72 40.40
C5 NAG D . -55.35 13.99 40.94
C6 NAG D . -54.76 14.45 42.26
C7 NAG D . -55.09 12.59 35.89
C8 NAG D . -55.83 12.41 34.60
N2 NAG D . -55.66 13.40 36.78
O3 NAG D . -54.30 11.41 38.40
O4 NAG D . -55.12 11.64 41.22
O5 NAG D . -55.17 15.08 40.02
O6 NAG D . -54.99 15.83 42.48
O7 NAG D . -54.03 12.02 36.10
C1 NAG D . -54.03 10.93 41.86
C2 NAG D . -53.61 9.75 40.99
C3 NAG D . -52.49 8.97 41.66
C4 NAG D . -51.33 9.90 41.99
C5 NAG D . -51.82 11.12 42.78
C6 NAG D . -50.73 12.15 43.00
C7 NAG D . -55.15 8.60 39.45
C8 NAG D . -56.34 7.68 39.34
N2 NAG D . -54.74 8.87 40.70
O3 NAG D . -52.06 7.92 40.80
O4 NAG D . -50.35 9.21 42.75
O5 NAG D . -52.89 11.78 42.09
O6 NAG D . -50.66 12.54 44.36
O7 NAG D . -54.59 9.05 38.47
C1 NAG E . -36.36 38.29 31.40
C2 NAG E . -35.20 37.55 30.74
C3 NAG E . -34.63 36.50 31.67
C4 NAG E . -34.26 37.11 33.01
C5 NAG E . -35.47 37.85 33.59
C6 NAG E . -35.15 38.59 34.87
C7 NAG E . -35.11 37.26 28.29
C8 NAG E . -34.04 38.31 28.30
N2 NAG E . -35.63 36.94 29.48
O3 NAG E . -33.47 35.91 31.08
O4 NAG E . -33.85 36.10 33.93
O5 NAG E . -35.93 38.83 32.65
O6 NAG E . -36.33 38.98 35.56
O7 NAG E . -35.49 36.73 27.26
C1 NAG E . -32.47 36.30 34.24
C2 NAG E . -32.17 35.59 35.56
C3 NAG E . -30.69 35.73 35.91
C4 NAG E . -29.82 35.27 34.76
C5 NAG E . -30.22 36.00 33.48
C6 NAG E . -29.47 35.50 32.26
C7 NAG E . -33.94 35.39 37.24
C8 NAG E . -34.11 33.98 36.76
N2 NAG E . -33.00 36.11 36.63
O3 NAG E . -30.40 34.97 37.08
O4 NAG E . -28.45 35.52 35.03
O5 NAG E . -31.62 35.80 33.21
O6 NAG E . -28.14 35.12 32.58
O7 NAG E . -34.63 35.85 38.14
C1 NAG F . 31.92 -42.31 31.70
C2 NAG F . 31.34 -41.39 30.63
C3 NAG F . 30.88 -42.21 29.42
C4 NAG F . 31.96 -43.17 28.95
C5 NAG F . 32.53 -43.96 30.12
C6 NAG F . 33.74 -44.79 29.74
C7 NAG F . 30.20 -39.27 31.15
C8 NAG F . 31.37 -38.59 30.51
N2 NAG F . 30.24 -40.61 31.18
O3 NAG F . 30.53 -41.31 28.37
O4 NAG F . 31.35 -44.09 28.04
O5 NAG F . 32.97 -43.06 31.15
O6 NAG F . 33.57 -46.15 30.13
O7 NAG F . 29.26 -38.64 31.62
C1 NAG F . 32.03 -44.19 26.77
C2 NAG F . 31.38 -45.37 26.04
C3 NAG F . 31.97 -45.55 24.64
C4 NAG F . 31.92 -44.24 23.87
C5 NAG F . 32.58 -43.13 24.69
C6 NAG F . 32.48 -41.78 24.02
C7 NAG F . 32.41 -47.37 27.22
C8 NAG F . 33.79 -46.90 26.87
N2 NAG F . 31.36 -46.63 26.81
O3 NAG F . 31.24 -46.56 23.95
O4 NAG F . 32.60 -44.39 22.63
O5 NAG F . 31.93 -43.01 25.96
O6 NAG F . 31.86 -41.88 22.74
O7 NAG F . 32.23 -48.40 27.87
C1 FUC F . 32.69 -41.24 21.73
C2 FUC F . 32.59 -42.10 20.44
C3 FUC F . 31.77 -41.39 19.39
C4 FUC F . 32.42 -40.06 19.04
C5 FUC F . 32.65 -39.23 20.30
C6 FUC F . 34.10 -38.77 20.49
O2 FUC F . 32.07 -43.40 20.68
O3 FUC F . 31.72 -42.18 18.20
O4 FUC F . 33.66 -40.30 18.38
O5 FUC F . 32.26 -39.91 21.53
C1 NAG G . -18.01 -53.34 -33.27
C2 NAG G . -16.83 -53.34 -32.30
C3 NAG G . -16.66 -54.73 -31.68
C4 NAG G . -17.97 -55.25 -31.11
C5 NAG G . -19.11 -55.11 -32.13
C6 NAG G . -20.46 -55.43 -31.54
C7 NAG G . -15.04 -53.53 -33.99
C8 NAG G . -13.77 -52.90 -34.51
N2 NAG G . -15.61 -52.90 -32.95
O3 NAG G . -15.68 -54.64 -30.64
O4 NAG G . -17.89 -56.62 -30.74
O5 NAG G . -19.18 -53.76 -32.59
O6 NAG G . -21.38 -54.36 -31.72
O7 NAG G . -15.52 -54.53 -34.50
C1 NAG G . -16.90 -57.43 -31.44
C2 NAG G . -16.97 -58.84 -30.85
C3 NAG G . -15.93 -59.74 -31.53
C4 NAG G . -16.10 -59.69 -33.04
C5 NAG G . -16.10 -58.25 -33.54
C6 NAG G . -16.38 -58.13 -35.02
C7 NAG G . -17.63 -59.38 -28.56
C8 NAG G . -17.27 -59.26 -27.10
N2 NAG G . -16.77 -58.82 -29.42
O3 NAG G . -16.08 -61.07 -31.06
O4 NAG G . -15.04 -60.40 -33.67
O5 NAG G . -17.10 -57.49 -32.87
O6 NAG G . -16.83 -56.83 -35.35
O7 NAG G . -18.65 -59.95 -28.93
C1 NAG H . -39.82 -30.41 -45.40
C2 NAG H . -41.28 -30.02 -45.63
C3 NAG H . -41.87 -29.45 -44.33
C4 NAG H . -41.66 -30.42 -43.18
C5 NAG H . -40.18 -30.78 -43.06
C6 NAG H . -39.89 -31.81 -42.01
C7 NAG H . -41.73 -29.42 -47.96
C8 NAG H . -41.82 -28.30 -48.95
N2 NAG H . -41.41 -29.06 -46.71
O3 NAG H . -43.26 -29.20 -44.51
O4 NAG H . -42.13 -29.86 -41.97
O5 NAG H . -39.73 -31.32 -44.31
O6 NAG H . -39.15 -31.26 -40.93
O7 NAG H . -41.94 -30.59 -48.26
C1 NAG H . -43.16 -30.71 -41.43
C2 NAG H . -43.99 -29.92 -40.42
C3 NAG H . -45.13 -30.77 -39.87
C4 NAG H . -45.95 -31.36 -41.02
C5 NAG H . -45.04 -32.10 -41.99
C6 NAG H . -45.78 -32.59 -43.22
C7 NAG H . -43.38 -28.25 -38.72
C8 NAG H . -42.42 -27.90 -37.63
N2 NAG H . -43.15 -29.42 -39.34
O3 NAG H . -45.95 -29.99 -39.03
O4 NAG H . -46.92 -32.27 -40.50
O5 NAG H . -44.02 -31.21 -42.46
O6 NAG H . -46.59 -31.57 -43.79
O7 NAG H . -44.31 -27.52 -39.04
C1 NAG I . -16.45 -13.48 -57.00
C2 NAG I . -15.86 -12.36 -56.15
C3 NAG I . -16.97 -11.62 -55.42
C4 NAG I . -18.00 -11.11 -56.42
C5 NAG I . -18.51 -12.26 -57.29
C6 NAG I . -19.43 -11.80 -58.39
C7 NAG I . -15.04 -13.80 -54.31
C8 NAG I . -13.86 -14.15 -53.47
N2 NAG I . -14.85 -12.85 -55.24
O3 NAG I . -16.40 -10.54 -54.70
O4 NAG I . -19.11 -10.54 -55.74
O5 NAG I . -17.41 -12.93 -57.92
O6 NAG I . -19.39 -12.71 -59.50
O7 NAG I . -16.14 -14.34 -54.16
C1 NAG I . -18.97 -9.11 -55.72
C2 NAG I . -20.36 -8.48 -55.62
C3 NAG I . -20.26 -6.97 -55.48
C4 NAG I . -19.35 -6.60 -54.31
C5 NAG I . -18.00 -7.28 -54.50
C6 NAG I . -17.05 -7.05 -53.33
C7 NAG I . -21.94 -9.92 -56.84
C8 NAG I . -22.70 -10.12 -58.12
N2 NAG I . -21.17 -8.83 -56.78
O3 NAG I . -21.56 -6.43 -55.29
O4 NAG I . -19.16 -5.20 -54.24
O5 NAG I . -18.18 -8.71 -54.60
O6 NAG I . -15.77 -7.64 -53.58
O7 NAG I . -22.02 -10.71 -55.91
C1 NAG I . -20.04 -4.67 -53.24
C2 NAG I . -19.32 -3.59 -52.43
C3 NAG I . -20.27 -2.96 -51.43
C4 NAG I . -21.54 -2.46 -52.12
C5 NAG I . -22.17 -3.59 -52.91
C6 NAG I . -23.37 -3.15 -53.73
C7 NAG I . -17.08 -3.40 -51.46
C8 NAG I . -15.96 -4.12 -50.76
N2 NAG I . -18.16 -4.13 -51.76
O3 NAG I . -19.62 -1.87 -50.78
O4 NAG I . -22.47 -1.98 -51.15
O5 NAG I . -21.21 -4.12 -53.85
O6 NAG I . -23.40 -1.74 -53.89
O7 NAG I . -17.01 -2.21 -51.73
C1 NAG J . 18.97 36.17 -40.12
C2 NAG J . 19.09 36.19 -41.64
C3 NAG J . 17.71 36.21 -42.27
C4 NAG J . 16.86 35.06 -41.74
C5 NAG J . 16.87 35.05 -40.21
C6 NAG J . 16.19 33.85 -39.61
C7 NAG J . 20.93 37.21 -42.89
C8 NAG J . 21.62 38.48 -43.26
N2 NAG J . 19.88 37.32 -42.09
O3 NAG J . 17.84 36.11 -43.69
O4 NAG J . 15.54 35.26 -42.22
O5 NAG J . 18.22 35.04 -39.71
O6 NAG J . 14.78 34.02 -39.54
O7 NAG J . 21.32 36.12 -43.30
C1 NAG J . 14.86 34.11 -42.81
C2 NAG J . 15.82 33.01 -43.31
C3 NAG J . 15.05 31.77 -43.74
C4 NAG J . 14.08 31.32 -42.64
C5 NAG J . 13.18 32.48 -42.25
C6 NAG J . 12.25 32.15 -41.11
C7 NAG J . 16.19 33.90 -45.59
C8 NAG J . 17.22 34.35 -46.58
N2 NAG J . 16.66 33.49 -44.40
O3 NAG J . 15.96 30.71 -44.03
O4 NAG J . 13.28 30.24 -43.10
O5 NAG J . 14.00 33.58 -41.81
O6 NAG J . 12.40 33.07 -40.03
O7 NAG J . 14.99 33.93 -45.85
C1 NAG K . -7.64 25.54 25.15
C2 NAG K . -6.66 25.76 26.30
C3 NAG K . -5.67 26.85 25.94
C4 NAG K . -4.98 26.52 24.62
C5 NAG K . -6.02 26.28 23.54
C6 NAG K . -5.41 25.81 22.23
C7 NAG K . -6.97 25.69 28.73
C8 NAG K . -7.81 26.14 29.89
N2 NAG K . -7.37 26.10 27.53
O3 NAG K . -4.70 26.96 26.97
O4 NAG K . -4.14 27.60 24.23
O5 NAG K . -6.93 25.24 23.95
O6 NAG K . -4.94 26.91 21.45
O7 NAG K . -5.97 24.99 28.89
C1 NAG L . -55.36 29.08 8.36
C2 NAG L . -55.85 28.78 6.95
C3 NAG L . -54.85 29.30 5.92
C4 NAG L . -54.55 30.78 6.17
C5 NAG L . -54.11 30.99 7.60
C6 NAG L . -53.92 32.45 7.96
C7 NAG L . -57.27 26.78 6.92
C8 NAG L . -57.30 25.29 6.68
N2 NAG L . -56.08 27.36 6.76
O3 NAG L . -55.38 29.12 4.61
O4 NAG L . -53.53 31.22 5.29
O5 NAG L . -55.12 30.48 8.50
O6 NAG L . -53.40 32.59 9.27
O7 NAG L . -58.26 27.41 7.23
C1 NAG M . -63.46 13.50 4.79
C2 NAG M . -64.66 12.70 5.30
C3 NAG M . -65.43 12.09 4.12
C4 NAG M . -65.79 13.17 3.11
C5 NAG M . -64.55 13.93 2.68
C6 NAG M . -64.84 15.08 1.75
C7 NAG M . -65.06 11.15 7.15
C8 NAG M . -64.47 10.07 8.02
N2 NAG M . -64.25 11.66 6.22
O3 NAG M . -66.61 11.46 4.60
O4 NAG M . -66.39 12.58 1.96
O5 NAG M . -63.90 14.48 3.84
O6 NAG M . -65.83 14.73 0.80
O7 NAG M . -66.22 11.54 7.30
C1 NAG N . -57.71 2.53 14.66
C2 NAG N . -58.70 3.24 13.72
C3 NAG N . -59.75 2.26 13.21
C4 NAG N . -59.10 1.01 12.63
C5 NAG N . -58.15 0.40 13.65
C6 NAG N . -57.40 -0.79 13.12
C7 NAG N . -60.02 5.32 13.74
C8 NAG N . -60.61 6.39 14.60
N2 NAG N . -59.32 4.37 14.38
O3 NAG N . -60.55 2.88 12.20
O4 NAG N . -60.11 0.05 12.30
O5 NAG N . -57.16 1.37 14.01
O6 NAG N . -56.28 -1.11 13.95
O7 NAG N . -60.16 5.31 12.52
C1 NAG O . -59.31 -1.12 23.60
C2 NAG O . -59.79 -1.29 22.15
C3 NAG O . -60.96 -2.28 22.11
C4 NAG O . -60.56 -3.59 22.77
C5 NAG O . -60.04 -3.33 24.18
C6 NAG O . -59.51 -4.57 24.86
C7 NAG O . -61.10 0.81 22.08
C8 NAG O . -61.33 2.08 21.32
N2 NAG O . -60.18 -0.01 21.57
O3 NAG O . -61.31 -2.52 20.74
O4 NAG O . -61.68 -4.47 22.84
O5 NAG O . -58.95 -2.40 24.14
O6 NAG O . -58.82 -4.24 26.05
O7 NAG O . -61.73 0.54 23.10
C1 NAG P . -48.14 -11.15 -10.08
C2 NAG P . -48.20 -10.00 -11.09
C3 NAG P . -49.64 -9.74 -11.53
C4 NAG P . -50.30 -11.03 -12.00
C5 NAG P . -50.16 -12.11 -10.94
C6 NAG P . -50.71 -13.45 -11.38
C7 NAG P . -47.09 -7.83 -11.35
C8 NAG P . -46.51 -6.64 -10.64
N2 NAG P . -47.59 -8.78 -10.56
O3 NAG P . -49.64 -8.80 -12.60
O4 NAG P . -51.68 -10.81 -12.26
O5 NAG P . -48.79 -12.31 -10.62
O6 NAG P . -51.90 -13.78 -10.68
O7 NAG P . -47.11 -7.91 -12.57
C1 NAG Q . -55.54 -27.96 -3.04
C2 NAG Q . -55.67 -26.97 -1.89
C3 NAG Q . -56.76 -27.42 -0.92
C4 NAG Q . -58.07 -27.63 -1.67
C5 NAG Q . -57.86 -28.60 -2.84
C6 NAG Q . -59.09 -28.75 -3.70
C7 NAG Q . -53.56 -25.82 -1.41
C8 NAG Q . -52.29 -25.83 -0.60
N2 NAG Q . -54.40 -26.83 -1.19
O3 NAG Q . -56.94 -26.43 0.09
O4 NAG Q . -59.05 -28.17 -0.80
O5 NAG Q . -56.81 -28.10 -3.69
O6 NAG Q . -59.85 -27.55 -3.74
O7 NAG Q . -53.81 -24.92 -2.21
C1 NAG R . -11.89 44.43 -17.06
C2 NAG R . -11.90 43.28 -18.07
C3 NAG R . -10.99 43.59 -19.25
C4 NAG R . -11.36 44.94 -19.87
C5 NAG R . -11.36 46.02 -18.79
C6 NAG R . -11.83 47.36 -19.29
C7 NAG R . -10.34 41.79 -16.87
C8 NAG R . -10.14 40.41 -16.29
N2 NAG R . -11.52 42.01 -17.45
O3 NAG R . -11.10 42.57 -20.24
O4 NAG R . -10.44 45.28 -20.89
O5 NAG R . -12.25 45.64 -17.72
O6 NAG R . -12.57 48.06 -18.30
O7 NAG R . -9.45 42.63 -16.81
C1 NAG S . 1.10 48.19 -15.92
C2 NAG S . 1.40 49.63 -15.51
C3 NAG S . 0.40 50.57 -16.16
C4 NAG S . 0.41 50.38 -17.68
C5 NAG S . 0.15 48.91 -18.01
C6 NAG S . 0.27 48.62 -19.49
C7 NAG S . 2.49 50.01 -13.34
C8 NAG S . 2.29 50.14 -11.87
N2 NAG S . 1.38 49.78 -14.07
O3 NAG S . 0.75 51.91 -15.85
O4 NAG S . -0.60 51.17 -18.28
O5 NAG S . 1.11 48.08 -17.35
O6 NAG S . 1.57 48.15 -19.83
O7 NAG S . 3.59 50.12 -13.87
C1 NAG T . 22.73 58.03 0.12
C2 NAG T . 22.78 59.53 0.38
C3 NAG T . 22.36 59.84 1.82
C4 NAG T . 21.02 59.20 2.14
C5 NAG T . 21.06 57.71 1.81
C6 NAG T . 19.71 57.03 1.99
C7 NAG T . 24.35 60.87 -0.94
C8 NAG T . 25.76 61.34 -1.08
N2 NAG T . 24.09 60.07 0.09
O3 NAG T . 22.28 61.24 2.00
O4 NAG T . 20.72 59.36 3.51
O5 NAG T . 21.43 57.52 0.43
O6 NAG T . 19.73 55.70 1.48
O7 NAG T . 23.48 61.19 -1.75
C1 NAG U . 25.98 46.89 18.61
C2 NAG U . 25.89 48.24 19.36
C3 NAG U . 25.14 48.06 20.67
C4 NAG U . 23.78 47.43 20.42
C5 NAG U . 23.96 46.11 19.67
C6 NAG U . 22.64 45.46 19.29
C7 NAG U . 27.52 50.07 19.38
C8 NAG U . 26.41 50.94 18.85
N2 NAG U . 27.21 48.78 19.60
O3 NAG U . 24.97 49.32 21.30
O4 NAG U . 23.11 47.18 21.65
O5 NAG U . 24.66 46.35 18.45
O6 NAG U . 22.26 45.79 17.96
O7 NAG U . 28.64 50.51 19.61
C1 NAG V . 28.34 -23.47 6.66
C2 NAG V . 29.07 -23.65 5.33
C3 NAG V . 30.30 -22.76 5.27
C4 NAG V . 29.91 -21.31 5.54
C5 NAG V . 29.14 -21.20 6.86
C6 NAG V . 28.59 -19.82 7.09
C7 NAG V . 28.96 -25.78 4.11
C8 NAG V . 29.45 -27.19 4.05
N2 NAG V . 29.44 -25.04 5.12
O3 NAG V . 30.90 -22.87 3.99
O4 NAG V . 31.08 -20.49 5.61
O5 NAG V . 28.01 -22.08 6.84
O6 NAG V . 27.91 -19.33 5.95
O7 NAG V . 28.17 -25.32 3.29
C1 NAG W . 9.93 -33.47 52.74
C2 NAG W . 9.08 -32.45 53.50
C3 NAG W . 9.61 -31.05 53.28
C4 NAG W . 11.08 -30.98 53.64
C5 NAG W . 11.87 -32.06 52.90
C6 NAG W . 13.32 -32.14 53.32
C7 NAG W . 6.79 -33.31 53.75
C8 NAG W . 5.39 -33.28 53.22
N2 NAG W . 7.68 -32.54 53.12
O3 NAG W . 8.86 -30.13 54.05
O4 NAG W . 11.62 -29.71 53.32
O5 NAG W . 11.29 -33.35 53.16
O6 NAG W . 13.44 -32.29 54.73
O7 NAG W . 7.11 -34.00 54.71
C1 NAG X . -8.47 -36.54 53.87
C2 NAG X . -8.52 -35.29 54.75
C3 NAG X . -9.68 -35.37 55.72
C4 NAG X . -10.97 -35.69 54.99
C5 NAG X . -10.80 -36.92 54.10
C6 NAG X . -12.02 -37.23 53.26
C7 NAG X . -6.85 -33.94 55.94
C8 NAG X . -5.52 -33.94 56.65
N2 NAG X . -7.26 -35.11 55.46
O3 NAG X . -9.82 -34.14 56.42
O4 NAG X . -12.02 -35.94 55.92
O5 NAG X . -9.70 -36.70 53.19
O6 NAG X . -11.94 -38.54 52.72
O7 NAG X . -7.51 -32.91 55.81
C1 NAG Y . -12.77 -42.07 40.70
C2 NAG Y . -14.03 -42.90 40.46
C3 NAG Y . -15.14 -42.43 41.38
C4 NAG Y . -14.69 -42.46 42.83
C5 NAG Y . -13.40 -41.65 42.98
C6 NAG Y . -12.82 -41.75 44.38
C7 NAG Y . -14.87 -41.76 38.43
C8 NAG Y . -15.26 -41.95 36.99
N2 NAG Y . -14.45 -42.86 39.07
O3 NAG Y . -16.29 -43.27 41.21
O4 NAG Y . -15.70 -41.90 43.67
O5 NAG Y . -12.40 -42.14 42.09
O6 NAG Y . -13.75 -42.33 45.29
O7 NAG Y . -14.92 -40.67 38.98
C1 NAG Z . -13.21 -51.54 35.36
C2 NAG Z . -14.03 -50.70 36.33
C3 NAG Z . -15.33 -51.39 36.69
C4 NAG Z . -16.11 -51.75 35.43
C5 NAG Z . -15.22 -52.57 34.49
C6 NAG Z . -15.88 -52.87 33.17
C7 NAG Z . -13.35 -49.25 38.20
C8 NAG Z . -12.51 -49.14 39.43
N2 NAG Z . -13.26 -50.41 37.54
O3 NAG Z . -16.11 -50.55 37.52
O4 NAG Z . -17.28 -52.49 35.76
O5 NAG Z . -14.02 -51.85 34.20
O6 NAG Z . -15.17 -53.87 32.45
O7 NAG Z . -14.09 -48.34 37.83
C1 NAG AA . -31.42 -16.57 37.98
C2 NAG AA . -31.70 -16.33 39.46
C3 NAG AA . -31.43 -17.58 40.28
C4 NAG AA . -32.18 -18.77 39.70
C5 NAG AA . -31.85 -18.92 38.22
C6 NAG AA . -32.65 -20.02 37.56
C7 NAG AA . -29.59 -15.15 40.00
C8 NAG AA . -28.99 -13.91 40.57
N2 NAG AA . -30.92 -15.20 39.97
O3 NAG AA . -31.84 -17.37 41.62
O4 NAG AA . -31.85 -19.96 40.39
O5 NAG AA . -32.15 -17.71 37.52
O6 NAG AA . -32.81 -21.14 38.41
O7 NAG AA . -28.89 -16.06 39.57
C1 NAG BA . -8.31 14.56 43.71
C2 NAG BA . -8.35 14.27 45.22
C3 NAG BA . -9.29 15.25 45.91
C4 NAG BA . -8.90 16.69 45.58
C5 NAG BA . -8.83 16.88 44.08
C6 NAG BA . -8.35 18.25 43.67
C7 NAG BA . -8.04 12.04 46.17
C8 NAG BA . -8.61 10.66 46.33
N2 NAG BA . -8.76 12.91 45.46
O3 NAG BA . -9.22 15.05 47.32
O4 NAG BA . -9.86 17.59 46.13
O5 NAG BA . -7.93 15.93 43.50
O6 NAG BA . -6.93 18.33 43.62
O7 NAG BA . -6.96 12.35 46.67
C1 NAG CA . 30.56 12.46 36.63
C2 NAG CA . 29.26 13.22 36.41
C3 NAG CA . 29.53 14.72 36.32
C4 NAG CA . 30.32 15.19 37.54
C5 NAG CA . 31.58 14.35 37.71
C6 NAG CA . 32.34 14.68 38.98
C7 NAG CA . 27.38 12.15 35.24
C8 NAG CA . 26.82 11.74 33.91
N2 NAG CA . 28.57 12.76 35.21
O3 NAG CA . 28.30 15.42 36.23
O4 NAG CA . 30.68 16.56 37.39
O5 NAG CA . 31.22 12.96 37.80
O6 NAG CA . 31.76 14.05 40.11
O7 NAG CA . 26.78 11.96 36.28
C1 NAG DA . 37.92 19.70 27.36
C2 NAG DA . 39.44 19.87 27.15
C3 NAG DA . 39.98 20.93 28.10
C4 NAG DA . 39.19 22.22 27.96
C5 NAG DA . 37.69 21.95 28.13
C6 NAG DA . 36.84 23.17 27.90
C7 NAG DA . 41.03 18.12 26.49
C8 NAG DA . 41.64 16.80 26.85
N2 NAG DA . 40.13 18.61 27.35
O3 NAG DA . 41.36 21.16 27.81
O4 NAG DA . 39.61 23.16 28.94
O5 NAG DA . 37.27 20.96 27.19
O6 NAG DA . 35.74 23.20 28.80
O7 NAG DA . 41.35 18.73 25.47
C1 NAG EA . 58.62 17.37 8.21
C2 NAG EA . 60.05 16.99 8.58
C3 NAG EA . 60.33 15.53 8.23
C4 NAG EA . 59.28 14.63 8.86
C5 NAG EA . 57.87 15.11 8.49
C6 NAG EA . 56.78 14.33 9.20
C7 NAG EA . 61.74 18.78 8.55
C8 NAG EA . 62.67 19.59 7.69
N2 NAG EA . 61.01 17.86 7.91
O3 NAG EA . 61.62 15.17 8.71
O4 NAG EA . 59.45 13.30 8.40
O5 NAG EA . 57.72 16.48 8.87
O6 NAG EA . 55.51 14.56 8.59
O7 NAG EA . 61.65 18.94 9.76
C1 NAG FA . 57.11 2.48 -7.35
C2 NAG FA . 58.51 1.95 -7.08
C3 NAG FA . 58.56 0.42 -7.25
C4 NAG FA . 57.46 -0.24 -6.42
C5 NAG FA . 56.11 0.37 -6.74
C6 NAG FA . 55.00 -0.16 -5.86
C7 NAG FA . 60.76 2.76 -7.62
C8 NAG FA . 61.62 3.43 -8.65
N2 NAG FA . 59.48 2.58 -7.96
O3 NAG FA . 59.83 -0.06 -6.87
O4 NAG FA . 57.43 -1.64 -6.69
O5 NAG FA . 56.17 1.79 -6.52
O6 NAG FA . 55.29 -1.46 -5.38
O7 NAG FA . 61.20 2.41 -6.53
C1 NAG GA . 69.73 37.99 9.16
C2 NAG GA . 69.70 36.78 10.09
C3 NAG GA . 71.02 36.00 9.99
C4 NAG GA . 71.32 35.66 8.53
C5 NAG GA . 71.27 36.90 7.66
C6 NAG GA . 71.44 36.62 6.19
C7 NAG GA . 68.32 36.96 12.10
C8 NAG GA . 68.25 37.45 13.51
N2 NAG GA . 69.47 37.19 11.46
O3 NAG GA . 70.94 34.82 10.77
O4 NAG GA . 72.61 35.06 8.43
O5 NAG GA . 70.01 37.55 7.81
O6 NAG GA . 71.40 37.81 5.42
O7 NAG GA . 67.38 36.38 11.58
C1 NAG HA . -8.69 7.01 -34.84
C2 NAG HA . -8.99 8.50 -35.06
C3 NAG HA . -7.72 9.24 -35.46
C4 NAG HA . -6.60 8.96 -34.47
C5 NAG HA . -6.41 7.46 -34.30
C6 NAG HA . -5.38 7.12 -33.24
C7 NAG HA . -9.97 8.31 -37.32
C8 NAG HA . -11.17 8.61 -38.16
N2 NAG HA . -10.04 8.70 -36.03
O3 NAG HA . -7.99 10.64 -35.50
O4 NAG HA . -5.39 9.55 -34.94
O5 NAG HA . -7.64 6.86 -33.89
O6 NAG HA . -4.99 8.26 -32.49
O7 NAG HA . -8.98 7.74 -37.77
C1 NAG IA . -10.09 -42.52 -45.35
C2 NAG IA . -9.39 -43.67 -44.63
C3 NAG IA . -7.97 -43.27 -44.26
C4 NAG IA . -7.21 -42.76 -45.48
C5 NAG IA . -8.01 -41.64 -46.15
C6 NAG IA . -7.37 -41.18 -47.45
C7 NAG IA . -10.97 -45.11 -43.43
C8 NAG IA . -11.65 -45.38 -42.12
N2 NAG IA . -10.13 -44.07 -43.45
O3 NAG IA . -7.29 -44.39 -43.70
O4 NAG IA . -5.93 -42.26 -45.10
O5 NAG IA . -9.32 -42.11 -46.49
O6 NAG IA . -6.77 -42.26 -48.15
O7 NAG IA . -11.19 -45.79 -44.43
C1 NAG JA . -28.36 -44.90 -26.84
C2 NAG JA . -29.34 -45.42 -25.78
C3 NAG JA . -28.88 -46.77 -25.26
C4 NAG JA . -28.69 -47.75 -26.41
C5 NAG JA . -27.72 -47.15 -27.44
C6 NAG JA . -27.57 -48.03 -28.65
C7 NAG JA . -30.65 -44.18 -24.11
C8 NAG JA . -30.60 -43.18 -23.00
N2 NAG JA . -29.47 -44.47 -24.68
O3 NAG JA . -29.85 -47.28 -24.34
O4 NAG JA . -28.17 -48.98 -25.94
O5 NAG JA . -28.22 -45.89 -27.88
O6 NAG JA . -27.87 -49.38 -28.36
O7 NAG JA . -31.70 -44.69 -24.48
C1 NAG KA . -39.59 -41.79 -27.97
C2 NAG KA . -38.65 -42.83 -27.36
C3 NAG KA . -39.46 -44.03 -26.85
C4 NAG KA . -40.56 -43.57 -25.91
C5 NAG KA . -41.42 -42.51 -26.59
C6 NAG KA . -42.47 -41.93 -25.66
C7 NAG KA . -36.46 -43.76 -27.96
C8 NAG KA . -35.55 -44.16 -29.07
N2 NAG KA . -37.65 -43.26 -28.32
O3 NAG KA . -38.59 -44.93 -26.18
O4 NAG KA . -41.37 -44.68 -25.53
O5 NAG KA . -40.60 -41.42 -27.02
O6 NAG KA . -42.02 -40.71 -25.08
O7 NAG KA . -36.15 -43.88 -26.77
C1 NAG LA . -13.19 -49.83 0.36
C2 NAG LA . -12.21 -50.68 -0.44
C3 NAG LA . -12.89 -51.21 -1.70
C4 NAG LA . -14.18 -51.94 -1.34
C5 NAG LA . -15.08 -51.06 -0.49
C6 NAG LA . -16.30 -51.77 0.02
C7 NAG LA . -9.78 -50.40 -0.64
C8 NAG LA . -9.66 -51.78 -0.07
N2 NAG LA . -11.02 -49.92 -0.78
O3 NAG LA . -12.01 -52.09 -2.39
O4 NAG LA . -14.88 -52.30 -2.52
O5 NAG LA . -14.35 -50.60 0.67
O6 NAG LA . -16.52 -52.98 -0.69
O7 NAG LA . -8.79 -49.74 -0.94
C1 NAG MA . 23.14 -40.26 -6.26
C2 NAG MA . 23.50 -41.35 -7.27
C3 NAG MA . 24.79 -40.99 -8.01
C4 NAG MA . 25.93 -40.74 -7.03
C5 NAG MA . 25.56 -39.76 -5.91
C6 NAG MA . 25.59 -38.31 -6.34
C7 NAG MA . 22.88 -43.70 -6.94
C8 NAG MA . 23.15 -44.96 -6.17
N2 NAG MA . 23.63 -42.64 -6.61
O3 NAG MA . 24.56 -39.85 -8.83
O4 NAG MA . 26.34 -41.97 -6.45
O5 NAG MA . 24.26 -40.02 -5.36
O6 NAG MA . 26.49 -37.55 -5.56
O7 NAG MA . 22.02 -43.65 -7.82
C1 NAG NA . 33.13 -13.94 -34.35
C2 NAG NA . 33.31 -13.86 -32.83
C3 NAG NA . 34.78 -13.68 -32.49
C4 NAG NA . 35.63 -14.76 -33.14
C5 NAG NA . 35.36 -14.79 -34.64
C6 NAG NA . 36.08 -15.91 -35.35
C7 NAG NA . 31.56 -12.96 -31.36
C8 NAG NA . 30.86 -11.73 -30.88
N2 NAG NA . 32.52 -12.78 -32.27
O3 NAG NA . 34.94 -13.72 -31.08
O4 NAG NA . 37.01 -14.52 -32.91
O5 NAG NA . 33.96 -14.98 -34.88
O6 NAG NA . 35.20 -16.99 -35.66
O7 NAG NA . 31.27 -14.08 -30.94
#